data_7R07
#
_entry.id   7R07
#
_cell.length_a   200.990
_cell.length_b   200.990
_cell.length_c   570.720
_cell.angle_alpha   90.000
_cell.angle_beta   90.000
_cell.angle_gamma   120.000
#
_symmetry.space_group_name_H-M   'P 62 2 2'
#
loop_
_entity.id
_entity.type
_entity.pdbx_description
1 polymer AbiK
2 polymer "DNA (5'-D(*CP*CP*CP*CP*CP*CP*CP*CP*CP*CP*C)-3')"
3 non-polymer 'MAGNESIUM ION'
4 water water
#
loop_
_entity_poly.entity_id
_entity_poly.type
_entity_poly.pdbx_seq_one_letter_code
_entity_poly.pdbx_strand_id
1 'polypeptide(L)'
;GSMKKEFTELYDFIFDPIFLVRYGYYDRSIKNKKMNTAKVELDNE(PTR)GKSDSFYFKVFNMESFADYLRSHDLKTHFN
GKKPLSTDPVYFNIPKNIEARRQYKMPNLYSYMALNYYICDNKKEFIEVFIDNKFSTSKFFNQLNFDYPKTQEITQTLLY
GGIKKLHLDLSNFYHTLYTHSIPWMIDGKSASKQNRKKGFSNTLDTLITACQYDETHGIPTGNLLSRIITELYMCHFDKQ
MEYKKFVYSRYVDDFIFPFTFENEKQEFLNEFNLICRENNLIINDNKTKVDNFPFVDKSSKSDIFSFFENITSTNSNDKW
IKEISNFIDYCVNEEHLGNKGAIKCIFPVITNTLKQKKVDTKNIDNIFSKRNMVTNFNVFEKILDLSLKDSRLTNKFLTF
FENINEFGFSSLSASNIVKKYFSNNSKGLKEKIDHYRKNNFNQELYQILLYMVVFEIDDLLNQEELLNLIDLNIDDYSLI
LGTILYLKNSSYKLEKLLKKIDQLFINTHANYDVKTSRMAEKLWLFRYFFYFLNCKNIFSQKEINSYCQSQNYNSGQNGY
QTELNWNYIKGQGKDLRANNFFNELIVKEVWLISCGENEDFKYLN
;
A,B,C,D,E,F
2 'polydeoxyribonucleotide' (DC)(DC)(DC)(DC)(DC)(DC)(DC)(DC)(DC)(DC)(DC) G,H,I,J,K,L
#
# COMPACT_ATOMS: atom_id res chain seq x y z
N SER A 2 51.45 11.05 -10.35
CA SER A 2 50.46 11.11 -9.29
C SER A 2 49.06 11.29 -9.86
N MET A 3 48.15 11.82 -9.03
CA MET A 3 46.78 12.05 -9.49
C MET A 3 46.73 13.18 -10.51
N LYS A 4 47.40 14.30 -10.22
CA LYS A 4 47.44 15.41 -11.16
C LYS A 4 48.07 14.98 -12.49
N LYS A 5 49.06 14.10 -12.43
CA LYS A 5 49.76 13.67 -13.65
C LYS A 5 48.84 12.88 -14.56
N GLU A 6 48.29 11.77 -14.06
CA GLU A 6 47.50 10.87 -14.90
C GLU A 6 46.18 11.48 -15.32
N PHE A 7 45.71 12.52 -14.62
CA PHE A 7 44.52 13.25 -15.07
C PHE A 7 44.80 13.94 -16.41
N THR A 8 45.91 14.68 -16.49
CA THR A 8 46.21 15.47 -17.67
C THR A 8 46.53 14.61 -18.88
N GLU A 9 47.10 13.42 -18.66
CA GLU A 9 47.32 12.48 -19.75
C GLU A 9 46.01 12.17 -20.46
N LEU A 10 44.93 11.96 -19.70
CA LEU A 10 43.64 11.65 -20.30
C LEU A 10 43.09 12.83 -21.08
N TYR A 11 43.26 14.06 -20.56
CA TYR A 11 42.61 15.21 -21.16
C TYR A 11 43.39 15.75 -22.36
N ASP A 12 44.72 15.78 -22.27
CA ASP A 12 45.53 16.12 -23.44
C ASP A 12 45.25 15.17 -24.60
N PHE A 13 44.85 13.94 -24.28
CA PHE A 13 44.48 12.97 -25.30
C PHE A 13 43.12 13.29 -25.92
N ILE A 14 42.10 13.45 -25.07
CA ILE A 14 40.72 13.59 -25.55
C ILE A 14 40.58 14.87 -26.39
N PHE A 15 41.14 15.97 -25.92
CA PHE A 15 40.98 17.26 -26.59
C PHE A 15 41.92 17.32 -27.79
N ASP A 16 41.49 16.64 -28.84
CA ASP A 16 42.16 16.60 -30.14
C ASP A 16 41.07 16.53 -31.20
N PRO A 17 41.05 17.47 -32.16
CA PRO A 17 39.93 17.52 -33.12
C PRO A 17 39.65 16.21 -33.84
N ILE A 18 40.70 15.47 -34.22
CA ILE A 18 40.49 14.20 -34.90
C ILE A 18 39.90 13.16 -33.96
N PHE A 19 40.32 13.17 -32.70
CA PHE A 19 39.76 12.22 -31.73
C PHE A 19 38.29 12.51 -31.46
N LEU A 20 37.92 13.79 -31.41
CA LEU A 20 36.56 14.17 -31.06
C LEU A 20 35.56 13.96 -32.20
N VAL A 21 36.04 13.61 -33.40
CA VAL A 21 35.17 13.19 -34.48
C VAL A 21 35.34 11.71 -34.81
N ARG A 22 36.56 11.16 -34.67
CA ARG A 22 36.75 9.73 -34.91
C ARG A 22 36.01 8.89 -33.88
N TYR A 23 35.97 9.35 -32.62
CA TYR A 23 35.24 8.67 -31.58
C TYR A 23 34.17 9.53 -30.91
N GLY A 24 34.21 10.84 -31.07
CA GLY A 24 33.30 11.72 -30.36
C GLY A 24 31.93 11.88 -31.00
N TYR A 25 31.88 11.88 -32.33
CA TYR A 25 30.61 12.09 -33.02
C TYR A 25 29.58 11.02 -32.64
N TYR A 26 30.02 9.78 -32.48
CA TYR A 26 29.14 8.69 -32.11
C TYR A 26 29.33 8.22 -30.68
N ASP A 27 30.03 9.01 -29.86
CA ASP A 27 30.21 8.73 -28.43
C ASP A 27 30.85 7.36 -28.20
N ARG A 28 31.86 7.05 -29.00
CA ARG A 28 32.61 5.82 -28.83
C ARG A 28 33.68 6.01 -27.76
N SER A 29 34.22 4.88 -27.28
CA SER A 29 35.19 4.90 -26.19
C SER A 29 36.26 3.86 -26.45
N ILE A 30 37.52 4.27 -26.34
CA ILE A 30 38.67 3.37 -26.49
C ILE A 30 39.31 3.16 -25.12
N LYS A 31 39.71 1.92 -24.85
CA LYS A 31 40.31 1.59 -23.57
C LYS A 31 41.80 1.95 -23.53
N ASN A 32 42.51 1.77 -24.64
CA ASN A 32 43.94 2.05 -24.71
C ASN A 32 44.22 3.08 -25.79
N LYS A 33 45.23 3.92 -25.53
CA LYS A 33 45.58 4.98 -26.49
C LYS A 33 46.12 4.41 -27.80
N LYS A 34 46.80 3.26 -27.75
CA LYS A 34 47.36 2.65 -28.95
C LYS A 34 46.31 2.19 -29.94
N MET A 35 45.01 2.27 -29.59
CA MET A 35 43.94 1.96 -30.52
C MET A 35 43.65 3.11 -31.49
N ASN A 36 44.35 4.23 -31.37
CA ASN A 36 44.18 5.35 -32.30
C ASN A 36 45.15 5.21 -33.47
N THR A 37 44.94 4.14 -34.23
CA THR A 37 45.81 3.81 -35.35
C THR A 37 45.61 4.80 -36.49
N ALA A 38 46.69 5.02 -37.26
CA ALA A 38 46.60 5.85 -38.45
C ALA A 38 45.83 5.16 -39.57
N LYS A 39 45.64 3.84 -39.49
CA LYS A 39 44.86 3.11 -40.47
C LYS A 39 43.36 3.34 -40.25
N VAL A 40 42.57 2.99 -41.25
CA VAL A 40 41.11 3.16 -41.14
C VAL A 40 40.53 2.19 -40.13
N GLU A 41 41.03 0.95 -40.13
CA GLU A 41 40.58 -0.09 -39.19
C GLU A 41 39.06 -0.22 -39.19
N LEU A 42 38.47 -0.14 -40.38
CA LEU A 42 37.01 -0.06 -40.48
C LEU A 42 36.34 -1.39 -40.14
N ASP A 43 37.00 -2.50 -40.42
CA ASP A 43 36.41 -3.81 -40.24
C ASP A 43 36.16 -4.11 -38.77
N ASN A 44 37.23 -4.26 -38.00
CA ASN A 44 37.11 -4.66 -36.60
C ASN A 44 36.76 -3.45 -35.73
N GLU A 45 36.26 -3.75 -34.54
CA GLU A 45 35.97 -2.72 -33.56
C GLU A 45 36.94 -2.79 -32.39
N GLY A 47 36.97 0.27 -30.10
CA GLY A 47 36.03 0.93 -29.22
C GLY A 47 34.59 0.49 -29.40
N LYS A 48 33.74 0.91 -28.48
CA LYS A 48 32.33 0.55 -28.49
C LYS A 48 31.47 1.79 -28.29
N SER A 49 30.21 1.68 -28.69
CA SER A 49 29.25 2.75 -28.52
C SER A 49 27.85 2.15 -28.50
N ASP A 50 26.95 2.81 -27.77
CA ASP A 50 25.58 2.36 -27.63
C ASP A 50 24.64 2.98 -28.67
N SER A 51 25.18 3.65 -29.68
CA SER A 51 24.36 4.45 -30.58
C SER A 51 24.17 3.80 -31.94
N PHE A 52 25.15 3.96 -32.83
CA PHE A 52 25.00 3.56 -34.23
C PHE A 52 26.06 2.53 -34.60
N TYR A 53 25.68 1.62 -35.49
CA TYR A 53 26.58 0.53 -35.89
C TYR A 53 27.84 1.08 -36.55
N PHE A 54 28.99 0.72 -35.99
CA PHE A 54 30.27 1.19 -36.52
C PHE A 54 30.48 0.73 -37.95
N LYS A 55 29.99 -0.47 -38.29
CA LYS A 55 30.30 -1.04 -39.60
C LYS A 55 29.62 -0.28 -40.72
N VAL A 56 28.46 0.32 -40.47
CA VAL A 56 27.71 0.99 -41.52
C VAL A 56 27.84 2.50 -41.39
N PHE A 57 27.96 3.00 -40.16
CA PHE A 57 28.03 4.43 -39.90
C PHE A 57 29.23 4.71 -39.01
N ASN A 58 30.24 5.39 -39.53
CA ASN A 58 31.39 5.76 -38.73
C ASN A 58 32.08 6.96 -39.38
N MET A 59 33.24 7.33 -38.83
CA MET A 59 34.00 8.47 -39.29
C MET A 59 35.42 8.10 -39.72
N GLU A 60 35.74 6.81 -39.82
CA GLU A 60 37.11 6.39 -40.08
C GLU A 60 37.63 6.95 -41.41
N SER A 61 36.76 7.09 -42.40
CA SER A 61 37.17 7.71 -43.64
C SER A 61 37.42 9.20 -43.46
N PHE A 62 36.50 9.89 -42.79
CA PHE A 62 36.69 11.32 -42.54
C PHE A 62 37.89 11.57 -41.63
N ALA A 63 38.17 10.64 -40.71
CA ALA A 63 39.31 10.81 -39.81
C ALA A 63 40.63 10.68 -40.56
N ASP A 64 40.75 9.67 -41.43
CA ASP A 64 41.96 9.50 -42.21
C ASP A 64 42.24 10.71 -43.09
N TYR A 65 41.20 11.42 -43.52
CA TYR A 65 41.39 12.66 -44.25
C TYR A 65 42.00 13.75 -43.36
N LEU A 66 41.57 13.79 -42.09
CA LEU A 66 41.94 14.91 -41.23
C LEU A 66 43.41 14.87 -40.84
N ARG A 67 43.98 13.68 -40.65
CA ARG A 67 45.39 13.61 -40.31
C ARG A 67 46.29 13.72 -41.53
N SER A 68 45.72 13.84 -42.72
CA SER A 68 46.48 14.13 -43.93
C SER A 68 46.15 15.49 -44.52
N HIS A 69 45.12 16.16 -44.03
CA HIS A 69 44.72 17.48 -44.52
C HIS A 69 44.31 18.34 -43.33
N ASP A 70 44.73 19.60 -43.34
CA ASP A 70 44.28 20.57 -42.35
C ASP A 70 43.01 21.23 -42.86
N LEU A 71 41.91 21.08 -42.12
CA LEU A 71 40.62 21.65 -42.50
C LEU A 71 40.26 22.89 -41.73
N LYS A 72 40.99 23.24 -40.67
CA LYS A 72 40.72 24.45 -39.91
C LYS A 72 40.65 25.70 -40.79
N THR A 73 41.28 25.67 -41.97
CA THR A 73 41.14 26.75 -42.94
C THR A 73 39.67 27.07 -43.22
N HIS A 74 38.85 26.03 -43.38
CA HIS A 74 37.44 26.23 -43.69
C HIS A 74 36.66 26.83 -42.51
N PHE A 75 37.19 26.77 -41.29
CA PHE A 75 36.49 27.22 -40.10
C PHE A 75 37.15 28.41 -39.40
N ASN A 76 38.28 28.91 -39.91
CA ASN A 76 39.01 29.95 -39.19
C ASN A 76 38.20 31.23 -39.04
N GLY A 77 37.24 31.48 -39.91
CA GLY A 77 36.41 32.66 -39.80
C GLY A 77 35.39 32.55 -38.68
N LYS A 78 34.69 33.65 -38.47
CA LYS A 78 33.65 33.74 -37.46
C LYS A 78 32.28 33.70 -38.14
N LYS A 79 31.23 34.00 -37.37
CA LYS A 79 29.85 33.96 -37.82
C LYS A 79 29.53 32.59 -38.42
N PRO A 80 29.35 31.57 -37.59
CA PRO A 80 29.19 30.21 -38.13
C PRO A 80 27.83 30.03 -38.79
N LEU A 81 27.72 28.94 -39.56
CA LEU A 81 26.52 28.67 -40.33
C LEU A 81 25.52 27.90 -39.48
N SER A 82 24.26 28.33 -39.52
CA SER A 82 23.18 27.66 -38.80
C SER A 82 22.73 26.45 -39.61
N THR A 83 23.16 25.27 -39.20
CA THR A 83 22.80 24.04 -39.87
C THR A 83 21.76 23.27 -39.07
N ASP A 84 21.06 22.36 -39.76
CA ASP A 84 20.01 21.53 -39.18
C ASP A 84 20.55 20.14 -38.89
N PRO A 85 20.36 19.61 -37.69
CA PRO A 85 20.90 18.30 -37.34
C PRO A 85 19.99 17.17 -37.82
N VAL A 86 20.40 15.95 -37.53
CA VAL A 86 19.62 14.75 -37.84
C VAL A 86 18.85 14.40 -36.57
N TYR A 87 17.57 14.74 -36.54
CA TYR A 87 16.73 14.45 -35.39
C TYR A 87 16.49 12.95 -35.29
N PHE A 88 16.95 12.35 -34.19
CA PHE A 88 16.94 10.90 -34.04
C PHE A 88 16.45 10.56 -32.63
N ASN A 89 15.26 9.97 -32.53
CA ASN A 89 14.58 9.79 -31.26
C ASN A 89 14.63 8.33 -30.83
N ILE A 90 15.11 8.10 -29.60
CA ILE A 90 15.33 6.75 -29.07
C ILE A 90 14.48 6.60 -27.80
N PRO A 91 14.34 5.41 -27.23
CA PRO A 91 13.49 5.25 -26.05
C PRO A 91 14.21 5.51 -24.74
N LYS A 92 13.41 5.77 -23.71
CA LYS A 92 13.85 5.93 -22.34
C LYS A 92 13.35 4.81 -21.44
N ASN A 93 12.03 4.55 -21.48
CA ASN A 93 11.45 3.37 -20.85
C ASN A 93 10.66 2.63 -21.93
N ILE A 94 9.77 1.73 -21.51
CA ILE A 94 8.78 1.17 -22.41
C ILE A 94 7.80 2.25 -22.85
N GLU A 95 7.66 3.32 -22.07
CA GLU A 95 6.63 4.33 -22.28
C GLU A 95 7.19 5.74 -22.12
N ALA A 96 8.42 5.95 -22.59
CA ALA A 96 9.06 7.27 -22.56
C ALA A 96 10.20 7.28 -23.56
N ARG A 97 10.60 8.49 -23.97
CA ARG A 97 11.55 8.65 -25.07
C ARG A 97 12.59 9.71 -24.72
N ARG A 98 13.64 9.76 -25.54
CA ARG A 98 14.76 10.68 -25.36
C ARG A 98 15.30 11.06 -26.74
N GLN A 99 15.45 12.36 -26.98
CA GLN A 99 15.68 12.89 -28.32
C GLN A 99 17.15 13.21 -28.55
N TYR A 100 17.79 12.43 -29.43
CA TYR A 100 19.12 12.76 -29.91
C TYR A 100 19.03 13.69 -31.12
N LYS A 101 20.03 14.55 -31.26
CA LYS A 101 20.20 15.40 -32.44
C LYS A 101 21.63 15.23 -32.92
N MET A 102 21.80 14.59 -34.08
CA MET A 102 23.12 14.39 -34.66
C MET A 102 23.47 15.60 -35.51
N PRO A 103 24.36 16.48 -35.07
CA PRO A 103 24.58 17.74 -35.77
C PRO A 103 25.23 17.55 -37.13
N ASN A 104 24.90 18.46 -38.04
CA ASN A 104 25.55 18.53 -39.34
C ASN A 104 27.06 18.54 -39.18
N LEU A 105 27.74 17.73 -39.98
CA LEU A 105 29.18 17.52 -39.79
C LEU A 105 29.96 18.82 -39.85
N TYR A 106 29.50 19.78 -40.67
CA TYR A 106 30.22 21.04 -40.78
C TYR A 106 30.20 21.82 -39.47
N SER A 107 29.00 22.25 -39.04
CA SER A 107 28.88 23.01 -37.80
C SER A 107 29.35 22.21 -36.59
N TYR A 108 29.41 20.88 -36.69
CA TYR A 108 30.04 20.08 -35.66
C TYR A 108 31.53 20.39 -35.59
N MET A 109 32.23 20.28 -36.71
CA MET A 109 33.66 20.55 -36.74
C MET A 109 33.95 22.00 -36.35
N ALA A 110 33.07 22.92 -36.72
CA ALA A 110 33.20 24.31 -36.28
C ALA A 110 33.23 24.39 -34.76
N LEU A 111 32.28 23.72 -34.11
CA LEU A 111 32.29 23.65 -32.66
C LEU A 111 33.47 22.85 -32.14
N ASN A 112 33.81 21.75 -32.82
CA ASN A 112 34.92 20.91 -32.40
C ASN A 112 36.22 21.71 -32.30
N TYR A 113 36.55 22.46 -33.36
CA TYR A 113 37.79 23.22 -33.37
C TYR A 113 37.81 24.30 -32.30
N TYR A 114 36.65 24.88 -31.99
CA TYR A 114 36.59 25.91 -30.96
C TYR A 114 36.90 25.33 -29.58
N ILE A 115 36.29 24.19 -29.26
CA ILE A 115 36.53 23.55 -27.97
C ILE A 115 38.00 23.18 -27.81
N CYS A 116 38.65 22.83 -28.92
CA CYS A 116 40.07 22.45 -28.86
C CYS A 116 40.98 23.66 -28.79
N ASP A 117 40.69 24.70 -29.59
CA ASP A 117 41.44 25.95 -29.47
C ASP A 117 41.36 26.55 -28.07
N ASN A 118 40.32 26.20 -27.31
CA ASN A 118 40.18 26.62 -25.92
C ASN A 118 40.13 25.40 -25.01
N LYS A 119 41.06 24.46 -25.17
CA LYS A 119 41.06 23.28 -24.30
C LYS A 119 41.27 23.67 -22.85
N LYS A 120 41.96 24.79 -22.60
CA LYS A 120 42.35 25.13 -21.23
C LYS A 120 41.14 25.45 -20.37
N GLU A 121 40.17 26.20 -20.89
CA GLU A 121 38.98 26.54 -20.11
C GLU A 121 38.19 25.31 -19.70
N PHE A 122 38.38 24.18 -20.38
CA PHE A 122 37.77 22.92 -19.97
C PHE A 122 38.66 22.15 -18.99
N ILE A 123 39.92 21.91 -19.38
CA ILE A 123 40.75 20.93 -18.69
C ILE A 123 41.07 21.40 -17.27
N GLU A 124 41.50 22.65 -17.10
CA GLU A 124 41.91 23.09 -15.77
C GLU A 124 40.76 23.14 -14.78
N VAL A 125 39.53 23.29 -15.26
CA VAL A 125 38.37 23.17 -14.38
C VAL A 125 38.10 21.70 -14.05
N PHE A 126 38.31 20.81 -15.03
CA PHE A 126 38.06 19.38 -14.80
C PHE A 126 39.01 18.80 -13.76
N ILE A 127 40.31 19.12 -13.88
CA ILE A 127 41.28 18.51 -12.98
C ILE A 127 41.15 19.08 -11.56
N ASP A 128 40.76 20.35 -11.44
CA ASP A 128 40.54 20.92 -10.11
C ASP A 128 39.26 20.39 -9.48
N ASN A 129 38.30 19.96 -10.29
CA ASN A 129 37.03 19.46 -9.78
C ASN A 129 37.23 18.18 -8.97
N LYS A 130 36.38 17.98 -7.97
CA LYS A 130 36.53 16.88 -7.04
C LYS A 130 35.26 16.06 -6.80
N PHE A 131 34.12 16.46 -7.38
CA PHE A 131 32.86 15.77 -7.13
C PHE A 131 32.38 14.90 -8.28
N SER A 132 32.83 15.15 -9.51
CA SER A 132 32.21 14.56 -10.68
C SER A 132 32.90 13.25 -11.06
N THR A 133 32.11 12.20 -11.26
CA THR A 133 32.60 10.92 -11.74
C THR A 133 32.18 10.65 -13.18
N SER A 134 31.60 11.63 -13.88
CA SER A 134 31.30 11.53 -15.30
C SER A 134 32.29 12.31 -16.16
N LYS A 135 33.20 13.06 -15.54
CA LYS A 135 34.15 13.89 -16.27
C LYS A 135 35.25 13.07 -16.95
N PHE A 136 35.19 11.75 -16.89
CA PHE A 136 36.11 10.89 -17.62
C PHE A 136 35.50 10.31 -18.88
N PHE A 137 34.18 10.41 -19.03
CA PHE A 137 33.49 10.04 -20.27
C PHE A 137 33.73 8.59 -20.65
N ASN A 138 33.82 7.74 -19.62
CA ASN A 138 34.04 6.30 -19.77
C ASN A 138 35.24 6.00 -20.67
N GLN A 139 36.20 6.92 -20.69
CA GLN A 139 37.32 6.85 -21.61
C GLN A 139 38.53 6.20 -20.95
N LEU A 140 39.41 5.64 -21.80
CA LEU A 140 40.70 5.02 -21.42
C LEU A 140 40.43 4.03 -20.28
N ASN A 141 41.27 3.99 -19.24
CA ASN A 141 41.16 3.05 -18.12
C ASN A 141 40.16 3.50 -17.04
N PHE A 142 39.33 4.49 -17.34
CA PHE A 142 38.38 5.04 -16.36
C PHE A 142 37.04 4.34 -16.50
N ASP A 143 37.03 3.07 -16.12
CA ASP A 143 35.87 2.21 -16.28
C ASP A 143 34.88 2.41 -15.13
N TYR A 144 33.73 1.73 -15.25
CA TYR A 144 32.72 1.74 -14.20
C TYR A 144 33.27 1.42 -12.81
N PRO A 145 34.12 0.40 -12.60
CA PRO A 145 34.64 0.17 -11.25
C PRO A 145 35.41 1.36 -10.70
N LYS A 146 36.06 2.16 -11.54
CA LYS A 146 36.83 3.29 -11.03
C LYS A 146 35.94 4.47 -10.67
N THR A 147 34.91 4.74 -11.49
CA THR A 147 33.96 5.80 -11.14
C THR A 147 33.17 5.44 -9.88
N GLN A 148 32.86 4.15 -9.71
CA GLN A 148 32.25 3.70 -8.46
C GLN A 148 33.20 3.93 -7.28
N GLU A 149 34.49 3.65 -7.49
CA GLU A 149 35.46 3.76 -6.41
C GLU A 149 35.69 5.22 -5.99
N ILE A 150 35.61 6.15 -6.94
CA ILE A 150 35.73 7.56 -6.60
C ILE A 150 34.55 8.01 -5.75
N THR A 151 33.36 7.46 -6.03
CA THR A 151 32.16 7.83 -5.28
C THR A 151 32.25 7.36 -3.84
N GLN A 152 32.80 6.15 -3.61
CA GLN A 152 32.87 5.60 -2.27
C GLN A 152 33.62 6.53 -1.31
N THR A 153 34.72 7.11 -1.77
CA THR A 153 35.50 8.02 -0.94
C THR A 153 34.80 9.35 -0.72
N LEU A 154 33.82 9.69 -1.54
CA LEU A 154 33.06 10.94 -1.41
C LEU A 154 31.86 10.80 -0.48
N LEU A 155 31.54 9.59 -0.02
CA LEU A 155 30.36 9.35 0.80
C LEU A 155 30.72 8.97 2.23
N TYR A 156 31.97 9.15 2.64
CA TYR A 156 32.37 8.80 4.00
C TYR A 156 31.69 9.72 5.02
N GLY A 157 31.44 9.16 6.20
CA GLY A 157 30.80 9.91 7.26
C GLY A 157 29.30 10.07 7.13
N GLY A 158 28.68 9.35 6.19
CA GLY A 158 27.26 9.49 5.92
C GLY A 158 26.39 8.39 6.47
N ILE A 159 25.63 8.69 7.53
CA ILE A 159 24.61 7.77 8.00
C ILE A 159 23.47 7.67 6.99
N LYS A 160 23.29 8.70 6.17
CA LYS A 160 22.21 8.73 5.19
C LYS A 160 22.75 9.25 3.86
N LYS A 161 21.99 9.01 2.80
CA LYS A 161 22.31 9.47 1.45
C LYS A 161 21.09 10.12 0.83
N LEU A 162 21.29 11.27 0.18
CA LEU A 162 20.23 11.97 -0.52
C LEU A 162 20.44 11.88 -2.03
N HIS A 163 19.36 11.58 -2.76
CA HIS A 163 19.41 11.44 -4.21
C HIS A 163 18.59 12.54 -4.86
N LEU A 164 19.16 13.18 -5.89
CA LEU A 164 18.45 14.13 -6.73
C LEU A 164 18.79 13.87 -8.18
N ASP A 165 17.79 13.97 -9.04
CA ASP A 165 17.96 13.88 -10.48
C ASP A 165 17.34 15.10 -11.13
N LEU A 166 18.03 15.66 -12.12
CA LEU A 166 17.50 16.79 -12.86
C LEU A 166 16.63 16.29 -14.00
N SER A 167 15.47 16.92 -14.17
CA SER A 167 14.45 16.45 -15.09
C SER A 167 14.78 16.86 -16.51
N ASN A 168 14.91 15.88 -17.40
CA ASN A 168 15.24 16.08 -18.81
C ASN A 168 16.31 17.15 -18.98
N PHE A 169 17.44 16.93 -18.32
CA PHE A 169 18.46 17.96 -18.21
C PHE A 169 19.01 18.37 -19.57
N TYR A 170 19.31 17.37 -20.42
CA TYR A 170 19.91 17.67 -21.72
C TYR A 170 18.96 18.44 -22.62
N HIS A 171 17.69 18.03 -22.68
CA HIS A 171 16.74 18.56 -23.65
C HIS A 171 15.97 19.79 -23.14
N THR A 172 15.98 20.07 -21.84
CA THR A 172 15.38 21.29 -21.31
C THR A 172 16.40 22.36 -21.02
N LEU A 173 17.68 22.10 -21.25
CA LEU A 173 18.73 23.08 -21.01
C LEU A 173 18.51 24.31 -21.87
N TYR A 174 18.37 25.47 -21.24
CA TYR A 174 18.39 26.73 -21.95
C TYR A 174 19.84 27.03 -22.34
N THR A 175 20.09 27.21 -23.64
CA THR A 175 21.46 27.38 -24.10
C THR A 175 22.13 28.60 -23.50
N HIS A 176 21.37 29.69 -23.34
CA HIS A 176 21.92 30.90 -22.75
C HIS A 176 22.21 30.77 -21.26
N SER A 177 21.85 29.65 -20.63
CA SER A 177 22.24 29.41 -19.25
C SER A 177 23.73 29.18 -19.10
N ILE A 178 24.42 28.82 -20.18
CA ILE A 178 25.83 28.44 -20.13
C ILE A 178 26.70 29.63 -19.77
N PRO A 179 26.54 30.82 -20.39
CA PRO A 179 27.30 31.98 -19.89
C PRO A 179 26.98 32.34 -18.45
N TRP A 180 25.75 32.06 -17.99
CA TRP A 180 25.40 32.32 -16.59
C TRP A 180 26.19 31.43 -15.64
N MET A 181 26.24 30.13 -15.93
CA MET A 181 26.91 29.19 -15.04
C MET A 181 28.43 29.36 -15.07
N ILE A 182 28.99 29.68 -16.24
CA ILE A 182 30.44 29.75 -16.38
C ILE A 182 30.99 31.11 -15.97
N ASP A 183 30.31 32.19 -16.36
CA ASP A 183 30.80 33.55 -16.11
C ASP A 183 30.07 34.28 -14.99
N GLY A 184 28.79 33.97 -14.75
CA GLY A 184 28.02 34.70 -13.74
C GLY A 184 26.86 35.37 -14.43
N LYS A 185 25.66 35.17 -13.89
CA LYS A 185 24.45 35.69 -14.52
C LYS A 185 24.49 37.21 -14.67
N SER A 186 25.07 37.90 -13.69
CA SER A 186 25.18 39.35 -13.77
C SER A 186 26.22 39.77 -14.81
N ALA A 187 27.30 38.99 -14.96
CA ALA A 187 28.35 39.34 -15.90
C ALA A 187 27.88 39.18 -17.35
N SER A 188 26.94 38.27 -17.60
CA SER A 188 26.47 38.03 -18.96
C SER A 188 25.46 39.07 -19.43
N LYS A 189 24.80 39.76 -18.50
CA LYS A 189 23.81 40.75 -18.89
C LYS A 189 24.44 41.95 -19.59
N GLN A 190 25.74 42.12 -19.48
CA GLN A 190 26.43 43.22 -20.13
C GLN A 190 26.64 42.92 -21.61
N LYS A 193 29.48 40.09 -24.16
CA LYS A 193 29.37 39.90 -25.60
C LYS A 193 30.72 39.56 -26.21
N LYS A 194 30.71 38.53 -27.06
CA LYS A 194 31.87 38.07 -27.83
C LYS A 194 32.94 37.44 -26.96
N GLY A 195 32.58 36.90 -25.79
CA GLY A 195 33.50 36.17 -24.95
C GLY A 195 33.57 34.70 -25.32
N PHE A 196 34.24 33.93 -24.46
CA PHE A 196 34.35 32.49 -24.70
C PHE A 196 33.00 31.81 -24.48
N SER A 197 32.31 32.14 -23.38
CA SER A 197 31.02 31.53 -23.10
C SER A 197 29.99 31.92 -24.15
N ASN A 198 29.99 33.20 -24.56
CA ASN A 198 29.02 33.66 -25.55
C ASN A 198 29.26 33.01 -26.91
N THR A 199 30.53 32.87 -27.31
CA THR A 199 30.83 32.28 -28.61
C THR A 199 30.49 30.78 -28.62
N LEU A 200 30.73 30.09 -27.51
CA LEU A 200 30.28 28.71 -27.38
C LEU A 200 28.77 28.62 -27.60
N ASP A 201 28.00 29.46 -26.91
CA ASP A 201 26.55 29.44 -26.99
C ASP A 201 26.06 29.57 -28.43
N THR A 202 26.68 30.45 -29.22
CA THR A 202 26.27 30.63 -30.60
C THR A 202 26.75 29.49 -31.50
N LEU A 203 27.84 28.83 -31.13
CA LEU A 203 28.26 27.65 -31.90
C LEU A 203 27.40 26.44 -31.58
N ILE A 204 26.98 26.32 -30.32
CA ILE A 204 26.13 25.20 -29.91
C ILE A 204 24.78 25.29 -30.63
N THR A 205 24.17 26.48 -30.63
CA THR A 205 22.89 26.66 -31.31
C THR A 205 23.02 26.54 -32.83
N ALA A 206 24.21 26.76 -33.38
CA ALA A 206 24.40 26.59 -34.82
C ALA A 206 24.12 25.16 -35.25
N CYS A 207 24.30 24.19 -34.35
CA CYS A 207 24.07 22.79 -34.66
C CYS A 207 22.60 22.40 -34.62
N GLN A 208 21.72 23.27 -34.15
CA GLN A 208 20.29 22.97 -34.07
C GLN A 208 19.46 24.12 -34.61
N TYR A 209 19.91 24.70 -35.72
CA TYR A 209 19.21 25.78 -36.42
C TYR A 209 18.84 26.92 -35.47
N ASP A 210 19.81 27.34 -34.67
CA ASP A 210 19.73 28.50 -33.78
C ASP A 210 18.68 28.35 -32.68
N GLU A 211 18.05 27.19 -32.54
CA GLU A 211 17.13 26.99 -31.45
C GLU A 211 17.88 26.89 -30.12
N THR A 212 17.17 27.21 -29.03
CA THR A 212 17.78 27.31 -27.71
C THR A 212 17.17 26.38 -26.67
N HIS A 213 16.08 25.68 -26.97
CA HIS A 213 15.47 24.74 -26.03
C HIS A 213 16.19 23.41 -26.17
N GLY A 214 17.16 23.16 -25.29
CA GLY A 214 17.87 21.91 -25.25
C GLY A 214 19.23 21.99 -25.94
N ILE A 215 20.08 21.01 -25.60
CA ILE A 215 21.39 20.85 -26.22
C ILE A 215 21.27 19.71 -27.23
N PRO A 216 22.05 19.70 -28.31
CA PRO A 216 22.05 18.53 -29.20
C PRO A 216 22.80 17.37 -28.58
N THR A 217 22.07 16.42 -28.02
CA THR A 217 22.65 15.30 -27.30
C THR A 217 22.83 14.09 -28.20
N GLY A 218 23.89 13.34 -27.95
CA GLY A 218 24.17 12.14 -28.72
C GLY A 218 25.64 11.99 -29.09
N ASN A 219 26.44 12.99 -28.77
CA ASN A 219 27.86 13.01 -29.11
C ASN A 219 28.68 13.40 -27.90
N LEU A 220 30.01 13.29 -28.04
CA LEU A 220 30.91 13.55 -26.92
C LEU A 220 31.08 15.04 -26.66
N LEU A 221 30.92 15.88 -27.69
CA LEU A 221 31.02 17.32 -27.48
C LEU A 221 29.95 17.83 -26.53
N SER A 222 28.70 17.41 -26.75
CA SER A 222 27.62 17.78 -25.84
C SER A 222 27.91 17.28 -24.43
N ARG A 223 28.37 16.03 -24.32
CA ARG A 223 28.81 15.49 -23.04
C ARG A 223 29.85 16.38 -22.38
N ILE A 224 30.84 16.81 -23.15
CA ILE A 224 31.93 17.61 -22.61
C ILE A 224 31.41 18.99 -22.18
N ILE A 225 30.61 19.63 -23.04
CA ILE A 225 30.04 20.93 -22.68
C ILE A 225 29.13 20.80 -21.47
N THR A 226 28.35 19.71 -21.41
CA THR A 226 27.47 19.49 -20.26
C THR A 226 28.26 19.31 -18.97
N GLU A 227 29.41 18.61 -19.04
CA GLU A 227 30.19 18.36 -17.84
C GLU A 227 30.78 19.66 -17.29
N LEU A 228 31.19 20.58 -18.15
CA LEU A 228 31.71 21.87 -17.69
C LEU A 228 30.62 22.69 -17.01
N TYR A 229 29.43 22.73 -17.61
CA TYR A 229 28.30 23.43 -17.02
C TYR A 229 28.00 22.92 -15.61
N MET A 230 28.04 21.61 -15.42
CA MET A 230 27.80 21.02 -14.11
C MET A 230 29.02 21.07 -13.21
N CYS A 231 30.23 21.19 -13.77
CA CYS A 231 31.41 21.37 -12.94
C CYS A 231 31.48 22.76 -12.34
N HIS A 232 30.82 23.74 -12.96
CA HIS A 232 30.68 25.06 -12.34
C HIS A 232 29.61 25.05 -11.26
N PHE A 233 28.57 24.23 -11.44
CA PHE A 233 27.66 23.88 -10.36
C PHE A 233 28.43 23.35 -9.16
N ASP A 234 29.27 22.34 -9.40
CA ASP A 234 30.05 21.73 -8.32
C ASP A 234 30.93 22.75 -7.62
N LYS A 235 31.46 23.72 -8.38
CA LYS A 235 32.35 24.71 -7.79
C LYS A 235 31.58 25.67 -6.88
N GLN A 236 30.36 26.05 -7.27
CA GLN A 236 29.55 26.90 -6.42
C GLN A 236 29.15 26.20 -5.13
N MET A 237 28.93 24.89 -5.18
CA MET A 237 28.59 24.14 -3.98
C MET A 237 29.82 23.93 -3.09
N GLU A 238 30.99 23.79 -3.70
CA GLU A 238 32.22 23.66 -2.92
C GLU A 238 32.50 24.92 -2.11
N TYR A 239 32.18 26.08 -2.68
CA TYR A 239 32.32 27.34 -1.94
C TYR A 239 31.44 27.35 -0.70
N LYS A 240 30.24 26.76 -0.81
CA LYS A 240 29.33 26.66 0.32
C LYS A 240 29.66 25.47 1.24
N LYS A 241 30.83 24.86 1.07
CA LYS A 241 31.35 23.84 1.97
C LYS A 241 30.45 22.60 2.00
N PHE A 242 30.02 22.17 0.82
CA PHE A 242 29.30 20.92 0.63
C PHE A 242 30.20 19.89 -0.03
N VAL A 243 29.84 18.62 0.13
CA VAL A 243 30.57 17.51 -0.49
C VAL A 243 29.56 16.45 -0.92
N TYR A 244 29.72 15.94 -2.14
CA TYR A 244 28.82 14.93 -2.69
C TYR A 244 29.49 14.29 -3.90
N SER A 245 28.83 13.30 -4.46
CA SER A 245 29.21 12.67 -5.73
C SER A 245 28.17 13.02 -6.79
N ARG A 246 28.60 13.01 -8.05
CA ARG A 246 27.72 13.39 -9.14
C ARG A 246 28.13 12.70 -10.42
N TYR A 247 27.17 12.07 -11.09
CA TYR A 247 27.35 11.56 -12.44
C TYR A 247 26.31 12.27 -13.32
N VAL A 248 26.77 13.24 -14.10
CA VAL A 248 25.93 14.06 -14.98
C VAL A 248 24.91 14.83 -14.15
N ASP A 249 23.65 14.37 -14.16
CA ASP A 249 22.57 15.08 -13.48
C ASP A 249 22.09 14.35 -12.23
N ASP A 250 22.89 13.42 -11.71
CA ASP A 250 22.48 12.56 -10.61
C ASP A 250 23.42 12.78 -9.42
N PHE A 251 22.86 13.24 -8.30
CA PHE A 251 23.63 13.59 -7.12
C PHE A 251 23.41 12.57 -6.01
N ILE A 252 24.45 12.37 -5.19
CA ILE A 252 24.36 11.61 -3.96
C ILE A 252 24.98 12.45 -2.85
N PHE A 253 24.14 13.01 -1.98
CA PHE A 253 24.61 13.80 -0.87
C PHE A 253 24.62 12.97 0.40
N PRO A 254 25.78 12.72 1.01
CA PRO A 254 25.79 12.04 2.30
C PRO A 254 25.69 13.02 3.45
N PHE A 255 24.83 12.69 4.40
CA PHE A 255 24.66 13.51 5.58
C PHE A 255 24.40 12.61 6.77
N THR A 256 24.26 13.24 7.93
CA THR A 256 23.94 12.56 9.18
C THR A 256 22.82 13.19 9.99
N PHE A 257 22.58 14.49 9.88
CA PHE A 257 21.51 15.19 10.60
C PHE A 257 20.57 15.82 9.58
N GLU A 258 19.26 15.81 9.89
CA GLU A 258 18.27 16.29 8.93
C GLU A 258 18.52 17.73 8.49
N ASN A 259 19.13 18.55 9.34
CA ASN A 259 19.37 19.94 9.00
C ASN A 259 20.47 20.07 7.94
N GLU A 260 21.49 19.22 8.01
CA GLU A 260 22.50 19.17 6.95
C GLU A 260 21.85 18.94 5.59
N LYS A 261 20.86 18.05 5.54
CA LYS A 261 20.12 17.81 4.30
C LYS A 261 19.36 19.05 3.86
N GLN A 262 18.54 19.62 4.77
CA GLN A 262 17.70 20.75 4.40
C GLN A 262 18.54 21.96 4.00
N GLU A 263 19.69 22.15 4.65
CA GLU A 263 20.61 23.21 4.25
C GLU A 263 21.09 22.99 2.82
N PHE A 264 21.53 21.78 2.50
CA PHE A 264 22.00 21.48 1.16
C PHE A 264 20.87 21.58 0.14
N LEU A 265 19.65 21.18 0.54
CA LEU A 265 18.51 21.24 -0.37
C LEU A 265 18.20 22.68 -0.77
N ASN A 266 18.31 23.62 0.18
CA ASN A 266 17.95 25.01 -0.10
C ASN A 266 18.96 25.65 -1.04
N GLU A 267 20.26 25.58 -0.70
CA GLU A 267 21.29 26.12 -1.58
C GLU A 267 21.27 25.44 -2.94
N PHE A 268 20.80 24.18 -2.99
CA PHE A 268 20.69 23.48 -4.26
C PHE A 268 19.57 24.07 -5.11
N ASN A 269 18.40 24.32 -4.50
CA ASN A 269 17.28 24.87 -5.25
C ASN A 269 17.59 26.27 -5.76
N LEU A 270 18.36 27.05 -5.02
CA LEU A 270 18.70 28.40 -5.46
C LEU A 270 19.52 28.37 -6.74
N ILE A 271 20.34 27.35 -6.93
CA ILE A 271 21.13 27.26 -8.16
C ILE A 271 20.26 26.78 -9.32
N CYS A 272 19.29 25.90 -9.05
CA CYS A 272 18.39 25.45 -10.09
C CYS A 272 17.41 26.55 -10.49
N ARG A 273 16.88 27.28 -9.51
CA ARG A 273 16.03 28.44 -9.82
C ARG A 273 16.78 29.46 -10.66
N GLU A 274 18.06 29.70 -10.33
CA GLU A 274 18.83 30.71 -11.03
C GLU A 274 19.19 30.32 -12.45
N ASN A 275 19.20 29.03 -12.77
CA ASN A 275 19.66 28.56 -14.07
C ASN A 275 18.61 27.75 -14.82
N ASN A 276 17.34 27.83 -14.39
CA ASN A 276 16.22 27.16 -15.06
C ASN A 276 16.45 25.66 -15.17
N LEU A 277 16.79 25.03 -14.05
CA LEU A 277 16.86 23.59 -13.94
C LEU A 277 15.71 23.09 -13.08
N ILE A 278 15.16 21.93 -13.44
CA ILE A 278 13.98 21.38 -12.78
C ILE A 278 14.36 20.07 -12.11
N ILE A 279 14.15 19.99 -10.81
CA ILE A 279 14.47 18.78 -10.05
C ILE A 279 13.39 17.74 -10.30
N ASN A 280 13.78 16.57 -10.78
CA ASN A 280 12.84 15.47 -10.94
C ASN A 280 12.46 14.95 -9.56
N ASP A 281 11.24 15.26 -9.12
CA ASP A 281 10.84 14.96 -7.76
C ASP A 281 10.43 13.50 -7.55
N ASN A 282 10.07 12.80 -8.63
CA ASN A 282 9.76 11.38 -8.50
C ASN A 282 10.97 10.56 -8.07
N LYS A 283 12.19 11.09 -8.26
CA LYS A 283 13.42 10.36 -7.99
C LYS A 283 14.17 10.87 -6.77
N THR A 284 13.60 11.80 -6.01
CA THR A 284 14.23 12.25 -4.77
C THR A 284 13.99 11.20 -3.70
N LYS A 285 15.07 10.68 -3.13
CA LYS A 285 14.97 9.65 -2.11
C LYS A 285 16.14 9.77 -1.14
N VAL A 286 15.88 9.48 0.14
CA VAL A 286 16.91 9.42 1.15
C VAL A 286 17.09 7.97 1.55
N ASP A 287 18.31 7.46 1.43
CA ASP A 287 18.65 6.10 1.82
C ASP A 287 19.22 6.13 3.24
N ASN A 288 18.58 5.41 4.15
CA ASN A 288 19.07 5.29 5.52
C ASN A 288 19.92 4.03 5.66
N PHE A 289 20.96 4.14 6.48
CA PHE A 289 21.83 3.01 6.74
C PHE A 289 21.12 1.98 7.61
N PRO A 290 21.26 0.67 7.32
CA PRO A 290 22.04 0.00 6.26
C PRO A 290 21.63 0.38 4.84
N PHE A 291 22.62 0.68 4.01
CA PHE A 291 22.38 1.26 2.70
C PHE A 291 21.97 0.18 1.69
N VAL A 292 20.94 0.49 0.91
CA VAL A 292 20.56 -0.36 -0.20
C VAL A 292 21.65 -0.33 -1.26
N ASP A 293 21.85 -1.47 -1.94
CA ASP A 293 22.68 -1.48 -3.14
C ASP A 293 22.24 -2.71 -3.95
N LYS A 294 21.36 -2.48 -4.92
CA LYS A 294 20.79 -3.55 -5.75
C LYS A 294 21.52 -3.67 -7.08
N SER A 295 22.84 -3.50 -7.08
CA SER A 295 23.62 -3.50 -8.31
C SER A 295 24.72 -4.56 -8.31
N SER A 296 24.72 -5.47 -7.34
CA SER A 296 25.72 -6.52 -7.32
C SER A 296 25.60 -7.39 -8.56
N LYS A 297 26.68 -7.46 -9.34
CA LYS A 297 26.75 -8.33 -10.50
C LYS A 297 27.48 -9.63 -10.20
N SER A 298 27.83 -9.86 -8.93
CA SER A 298 28.62 -11.04 -8.57
C SER A 298 27.88 -12.33 -8.90
N ASP A 299 26.59 -12.40 -8.54
CA ASP A 299 25.80 -13.57 -8.90
C ASP A 299 25.66 -13.70 -10.41
N ILE A 300 25.63 -12.58 -11.13
CA ILE A 300 25.51 -12.63 -12.58
C ILE A 300 26.79 -13.15 -13.21
N PHE A 301 27.93 -12.51 -12.89
CA PHE A 301 29.20 -12.86 -13.52
C PHE A 301 29.62 -14.29 -13.20
N SER A 302 29.15 -14.85 -12.09
CA SER A 302 29.48 -16.23 -11.71
C SER A 302 28.37 -17.21 -12.07
N PHE A 303 27.58 -16.90 -13.10
CA PHE A 303 26.49 -17.80 -13.49
C PHE A 303 27.04 -19.11 -14.06
N PHE A 304 28.02 -19.03 -14.95
CA PHE A 304 28.58 -20.19 -15.63
C PHE A 304 29.79 -20.77 -14.93
N GLU A 305 29.83 -20.71 -13.59
CA GLU A 305 31.02 -21.18 -12.87
C GLU A 305 31.19 -22.69 -12.98
N ASN A 306 30.09 -23.44 -12.91
CA ASN A 306 30.14 -24.89 -12.86
C ASN A 306 30.01 -25.54 -14.22
N ILE A 307 30.05 -24.77 -15.30
CA ILE A 307 29.99 -25.31 -16.66
C ILE A 307 31.40 -25.43 -17.21
N THR A 308 31.62 -26.47 -18.01
CA THR A 308 32.93 -26.79 -18.58
C THR A 308 32.79 -26.96 -20.09
N SER A 309 33.94 -26.95 -20.78
CA SER A 309 33.94 -27.31 -22.19
C SER A 309 33.45 -28.74 -22.40
N THR A 310 33.69 -29.62 -21.43
CA THR A 310 33.25 -31.01 -21.48
C THR A 310 31.74 -31.16 -21.34
N ASN A 311 31.00 -30.08 -21.10
CA ASN A 311 29.57 -30.17 -20.92
C ASN A 311 28.85 -30.31 -22.25
N SER A 312 27.71 -31.00 -22.22
CA SER A 312 26.93 -31.22 -23.43
C SER A 312 26.58 -29.91 -24.11
N ASN A 313 26.52 -29.95 -25.44
CA ASN A 313 26.07 -28.79 -26.20
C ASN A 313 24.66 -28.40 -25.79
N ASP A 314 23.80 -29.38 -25.50
CA ASP A 314 22.47 -29.10 -24.98
C ASP A 314 22.55 -28.41 -23.62
N LYS A 315 23.50 -28.82 -22.79
CA LYS A 315 23.70 -28.17 -21.50
C LYS A 315 24.03 -26.69 -21.67
N TRP A 316 24.94 -26.38 -22.58
CA TRP A 316 25.29 -24.99 -22.85
C TRP A 316 24.09 -24.20 -23.37
N ILE A 317 23.31 -24.82 -24.27
CA ILE A 317 22.12 -24.17 -24.81
C ILE A 317 21.15 -23.82 -23.69
N LYS A 318 20.84 -24.80 -22.84
CA LYS A 318 19.90 -24.58 -21.74
C LYS A 318 20.43 -23.52 -20.78
N GLU A 319 21.71 -23.58 -20.43
CA GLU A 319 22.25 -22.66 -19.43
C GLU A 319 22.31 -21.23 -19.96
N ILE A 320 22.63 -21.06 -21.24
CA ILE A 320 22.63 -19.73 -21.83
C ILE A 320 21.21 -19.17 -21.84
N SER A 321 20.25 -19.96 -22.33
CA SER A 321 18.85 -19.55 -22.29
C SER A 321 18.40 -19.28 -20.87
N ASN A 322 18.77 -20.16 -19.94
CA ASN A 322 18.49 -19.92 -18.52
C ASN A 322 19.10 -18.61 -18.06
N PHE A 323 20.34 -18.34 -18.50
CA PHE A 323 21.05 -17.16 -18.02
C PHE A 323 20.37 -15.87 -18.49
N ILE A 324 19.88 -15.85 -19.73
CA ILE A 324 19.23 -14.66 -20.26
C ILE A 324 18.00 -14.31 -19.42
N ASP A 325 17.20 -15.32 -19.06
CA ASP A 325 16.03 -15.10 -18.24
C ASP A 325 16.41 -14.56 -16.86
N TYR A 326 17.54 -15.04 -16.32
CA TYR A 326 17.98 -14.62 -15.00
C TYR A 326 18.30 -13.13 -14.97
N CYS A 327 18.95 -12.62 -16.03
CA CYS A 327 19.33 -11.22 -16.06
C CYS A 327 18.13 -10.32 -16.31
N VAL A 328 17.27 -10.69 -17.26
CA VAL A 328 16.05 -9.92 -17.51
C VAL A 328 15.22 -9.79 -16.24
N ASN A 329 15.17 -10.87 -15.45
CA ASN A 329 14.51 -10.79 -14.15
C ASN A 329 15.26 -9.88 -13.20
N GLU A 330 16.59 -9.89 -13.26
CA GLU A 330 17.39 -9.05 -12.37
C GLU A 330 17.21 -7.56 -12.70
N GLU A 331 17.04 -7.22 -13.98
CA GLU A 331 16.72 -5.85 -14.34
C GLU A 331 15.35 -5.44 -13.79
N HIS A 332 14.38 -6.35 -13.84
CA HIS A 332 13.06 -6.07 -13.27
C HIS A 332 13.16 -5.76 -11.79
N LEU A 333 14.12 -6.34 -11.09
CA LEU A 333 14.33 -6.08 -9.67
C LEU A 333 15.18 -4.85 -9.41
N GLY A 334 15.57 -4.12 -10.45
CA GLY A 334 16.34 -2.89 -10.28
C GLY A 334 17.84 -3.02 -10.39
N ASN A 335 18.36 -4.11 -10.96
CA ASN A 335 19.80 -4.26 -11.19
C ASN A 335 20.14 -3.58 -12.52
N LYS A 336 20.37 -2.27 -12.43
CA LYS A 336 20.63 -1.46 -13.62
C LYS A 336 21.80 -2.02 -14.41
N GLY A 337 21.57 -2.23 -15.70
CA GLY A 337 22.58 -2.73 -16.60
C GLY A 337 22.71 -4.24 -16.65
N ALA A 338 21.84 -4.98 -15.96
CA ALA A 338 21.96 -6.44 -15.93
C ALA A 338 21.74 -7.05 -17.30
N ILE A 339 20.81 -6.50 -18.08
CA ILE A 339 20.57 -7.02 -19.43
C ILE A 339 21.77 -6.76 -20.32
N LYS A 340 22.36 -5.57 -20.22
CA LYS A 340 23.55 -5.25 -21.00
C LYS A 340 24.70 -6.19 -20.72
N CYS A 341 24.69 -6.90 -19.59
CA CYS A 341 25.74 -7.83 -19.23
C CYS A 341 25.56 -9.21 -19.86
N ILE A 342 24.37 -9.51 -20.40
CA ILE A 342 24.14 -10.80 -21.03
C ILE A 342 25.18 -11.05 -22.11
N PHE A 343 25.34 -10.09 -23.03
CA PHE A 343 26.23 -10.30 -24.17
C PHE A 343 27.70 -10.43 -23.76
N PRO A 344 28.27 -9.54 -22.93
CA PRO A 344 29.70 -9.68 -22.62
C PRO A 344 30.06 -10.97 -21.89
N VAL A 345 29.23 -11.44 -20.96
CA VAL A 345 29.65 -12.61 -20.17
C VAL A 345 29.46 -13.91 -20.94
N ILE A 346 28.47 -13.98 -21.85
CA ILE A 346 28.40 -15.14 -22.74
C ILE A 346 29.64 -15.22 -23.60
N THR A 347 30.01 -14.09 -24.22
CA THR A 347 31.24 -14.01 -24.99
C THR A 347 32.44 -14.45 -24.16
N ASN A 348 32.62 -13.83 -22.99
CA ASN A 348 33.80 -14.09 -22.18
C ASN A 348 33.84 -15.53 -21.68
N THR A 349 32.68 -16.10 -21.33
CA THR A 349 32.65 -17.45 -20.78
C THR A 349 33.05 -18.48 -21.83
N LEU A 350 32.52 -18.35 -23.05
CA LEU A 350 32.94 -19.25 -24.13
C LEU A 350 34.45 -19.18 -24.33
N LYS A 351 35.01 -17.97 -24.34
CA LYS A 351 36.45 -17.80 -24.48
C LYS A 351 37.20 -18.41 -23.30
N GLN A 352 36.74 -18.13 -22.08
CA GLN A 352 37.43 -18.62 -20.89
C GLN A 352 37.39 -20.14 -20.80
N LYS A 353 36.22 -20.74 -21.02
CA LYS A 353 36.11 -22.20 -21.02
C LYS A 353 36.67 -22.84 -22.27
N LYS A 354 37.07 -22.05 -23.28
CA LYS A 354 37.68 -22.56 -24.51
C LYS A 354 36.81 -23.63 -25.16
N VAL A 355 35.53 -23.32 -25.34
CA VAL A 355 34.65 -24.21 -26.06
C VAL A 355 35.13 -24.34 -27.49
N ASP A 356 35.12 -25.57 -28.01
CA ASP A 356 35.59 -25.81 -29.36
C ASP A 356 34.79 -24.98 -30.36
N THR A 357 35.50 -24.44 -31.36
CA THR A 357 34.85 -23.58 -32.35
C THR A 357 33.78 -24.33 -33.12
N LYS A 358 33.95 -25.64 -33.32
CA LYS A 358 32.87 -26.44 -33.88
C LYS A 358 31.70 -26.54 -32.92
N ASN A 359 32.00 -26.72 -31.62
CA ASN A 359 30.95 -26.79 -30.62
C ASN A 359 30.21 -25.47 -30.44
N ILE A 360 30.86 -24.34 -30.75
CA ILE A 360 30.17 -23.06 -30.66
C ILE A 360 29.15 -22.92 -31.78
N ASP A 361 29.50 -23.36 -32.99
CA ASP A 361 28.54 -23.36 -34.08
C ASP A 361 27.28 -24.12 -33.70
N ASN A 362 27.44 -25.35 -33.21
CA ASN A 362 26.29 -26.18 -32.85
C ASN A 362 25.43 -25.50 -31.79
N ILE A 363 26.05 -24.89 -30.78
CA ILE A 363 25.30 -24.24 -29.71
C ILE A 363 24.33 -23.21 -30.28
N PHE A 364 24.84 -22.32 -31.14
CA PHE A 364 24.02 -21.24 -31.66
C PHE A 364 23.35 -21.57 -32.99
N SER A 365 23.72 -22.69 -33.64
CA SER A 365 23.02 -23.12 -34.84
C SER A 365 21.90 -24.11 -34.55
N LYS A 366 22.05 -24.91 -33.49
CA LYS A 366 21.10 -25.98 -33.18
C LYS A 366 19.66 -25.49 -33.11
N ARG A 367 18.86 -25.86 -34.11
CA ARG A 367 17.41 -25.76 -34.02
C ARG A 367 16.90 -27.14 -33.63
N ASN A 368 16.35 -27.25 -32.43
CA ASN A 368 15.82 -28.52 -31.96
C ASN A 368 14.55 -28.86 -32.75
N MET A 369 14.58 -29.98 -33.47
CA MET A 369 13.43 -30.39 -34.26
C MET A 369 12.24 -30.79 -33.38
N VAL A 370 12.41 -30.84 -32.07
CA VAL A 370 11.30 -31.11 -31.16
C VAL A 370 10.56 -29.84 -30.80
N THR A 371 11.31 -28.78 -30.46
CA THR A 371 10.72 -27.56 -29.91
C THR A 371 11.04 -26.30 -30.70
N ASN A 372 11.72 -26.42 -31.83
CA ASN A 372 12.08 -25.28 -32.69
C ASN A 372 12.95 -24.25 -31.99
N PHE A 373 13.55 -24.61 -30.85
CA PHE A 373 14.31 -23.63 -30.08
C PHE A 373 15.71 -23.46 -30.65
N ASN A 374 16.04 -22.23 -31.01
CA ASN A 374 17.40 -21.84 -31.33
C ASN A 374 17.79 -20.69 -30.41
N VAL A 375 18.91 -20.84 -29.69
CA VAL A 375 19.26 -19.88 -28.65
C VAL A 375 19.68 -18.55 -29.24
N PHE A 376 20.22 -18.54 -30.46
CA PHE A 376 20.54 -17.28 -31.12
C PHE A 376 19.27 -16.51 -31.47
N GLU A 377 18.24 -17.21 -31.95
CA GLU A 377 16.94 -16.60 -32.18
C GLU A 377 16.41 -15.93 -30.92
N LYS A 378 16.61 -16.57 -29.77
CA LYS A 378 16.16 -16.00 -28.50
C LYS A 378 16.87 -14.70 -28.21
N ILE A 379 18.21 -14.69 -28.33
CA ILE A 379 18.97 -13.46 -28.12
C ILE A 379 18.54 -12.38 -29.09
N LEU A 380 18.30 -12.76 -30.35
CA LEU A 380 17.81 -11.82 -31.35
C LEU A 380 16.48 -11.20 -30.91
N ASP A 381 15.53 -12.05 -30.49
CA ASP A 381 14.23 -11.55 -30.08
C ASP A 381 14.35 -10.68 -28.83
N LEU A 382 15.27 -11.02 -27.94
CA LEU A 382 15.54 -10.17 -26.78
C LEU A 382 15.95 -8.77 -27.20
N SER A 383 16.91 -8.68 -28.13
CA SER A 383 17.40 -7.37 -28.56
C SER A 383 16.30 -6.53 -29.20
N LEU A 384 15.28 -7.16 -29.76
CA LEU A 384 14.16 -6.43 -30.34
C LEU A 384 13.23 -5.83 -29.29
N LYS A 385 13.55 -5.99 -28.00
CA LYS A 385 12.73 -5.47 -26.92
C LYS A 385 13.31 -4.18 -26.33
N ASP A 386 14.49 -3.76 -26.78
CA ASP A 386 15.04 -2.45 -26.43
C ASP A 386 16.04 -2.10 -27.53
N SER A 387 15.59 -1.27 -28.48
CA SER A 387 16.43 -0.91 -29.62
C SER A 387 17.76 -0.29 -29.21
N ARG A 388 17.91 0.12 -27.95
CA ARG A 388 19.20 0.54 -27.43
C ARG A 388 20.18 -0.63 -27.30
N LEU A 389 19.73 -1.85 -27.54
CA LEU A 389 20.59 -3.03 -27.50
C LEU A 389 21.13 -3.41 -28.89
N THR A 390 20.87 -2.58 -29.90
CA THR A 390 21.21 -2.95 -31.28
C THR A 390 22.69 -3.20 -31.43
N ASN A 391 23.52 -2.23 -31.04
CA ASN A 391 24.97 -2.40 -31.17
C ASN A 391 25.48 -3.57 -30.34
N LYS A 392 24.87 -3.78 -29.16
CA LYS A 392 25.32 -4.87 -28.29
C LYS A 392 25.04 -6.22 -28.91
N PHE A 393 23.85 -6.41 -29.49
CA PHE A 393 23.55 -7.67 -30.17
C PHE A 393 24.45 -7.88 -31.37
N LEU A 394 24.71 -6.80 -32.13
CA LEU A 394 25.50 -6.95 -33.35
C LEU A 394 26.96 -7.27 -33.04
N THR A 395 27.53 -6.63 -32.01
CA THR A 395 28.89 -6.99 -31.62
C THR A 395 28.92 -8.36 -30.94
N PHE A 396 27.83 -8.77 -30.32
CA PHE A 396 27.77 -10.14 -29.79
C PHE A 396 27.81 -11.16 -30.92
N PHE A 397 27.04 -10.93 -31.98
CA PHE A 397 27.15 -11.79 -33.16
C PHE A 397 28.56 -11.75 -33.72
N GLU A 398 29.10 -10.54 -33.92
CA GLU A 398 30.48 -10.32 -34.37
C GLU A 398 31.46 -11.20 -33.60
N ASN A 399 31.23 -11.37 -32.31
CA ASN A 399 32.18 -12.10 -31.47
C ASN A 399 32.01 -13.61 -31.62
N ILE A 400 30.77 -14.13 -31.48
CA ILE A 400 30.58 -15.55 -31.70
C ILE A 400 30.74 -15.91 -33.18
N ASN A 401 30.63 -14.93 -34.08
CA ASN A 401 30.96 -15.17 -35.48
C ASN A 401 32.42 -15.56 -35.64
N GLU A 402 33.33 -14.74 -35.13
CA GLU A 402 34.75 -15.04 -35.20
C GLU A 402 35.14 -16.21 -34.29
N PHE A 403 34.22 -16.69 -33.45
CA PHE A 403 34.44 -17.90 -32.67
C PHE A 403 34.01 -19.17 -33.41
N GLY A 404 33.25 -19.05 -34.49
CA GLY A 404 32.88 -20.21 -35.26
C GLY A 404 31.41 -20.35 -35.57
N PHE A 405 30.63 -19.29 -35.32
CA PHE A 405 29.22 -19.29 -35.67
C PHE A 405 29.09 -18.95 -37.15
N SER A 406 28.51 -19.86 -37.93
CA SER A 406 28.40 -19.67 -39.37
C SER A 406 27.60 -18.42 -39.67
N SER A 407 28.22 -17.49 -40.42
CA SER A 407 27.53 -16.29 -40.86
C SER A 407 26.23 -16.63 -41.58
N LEU A 408 26.24 -17.72 -42.35
CA LEU A 408 25.04 -18.16 -43.05
C LEU A 408 24.00 -18.69 -42.08
N SER A 409 24.41 -19.57 -41.16
CA SER A 409 23.48 -20.09 -40.16
C SER A 409 22.79 -18.96 -39.42
N ALA A 410 23.54 -17.93 -39.02
CA ALA A 410 22.94 -16.79 -38.35
C ALA A 410 21.98 -16.05 -39.28
N SER A 411 22.39 -15.84 -40.53
CA SER A 411 21.54 -15.12 -41.48
C SER A 411 20.22 -15.86 -41.69
N ASN A 412 20.27 -17.20 -41.72
CA ASN A 412 19.05 -17.99 -41.90
C ASN A 412 18.12 -17.87 -40.69
N ILE A 413 18.67 -18.05 -39.48
CA ILE A 413 17.87 -17.96 -38.26
C ILE A 413 17.16 -16.60 -38.19
N VAL A 414 17.88 -15.53 -38.51
CA VAL A 414 17.26 -14.20 -38.51
C VAL A 414 16.21 -14.10 -39.61
N LYS A 415 16.50 -14.67 -40.78
CA LYS A 415 15.50 -14.69 -41.86
C LYS A 415 14.23 -15.41 -41.43
N LYS A 416 14.37 -16.59 -40.84
CA LYS A 416 13.21 -17.36 -40.41
C LYS A 416 12.41 -16.62 -39.34
N TYR A 417 13.11 -15.91 -38.44
CA TYR A 417 12.42 -15.14 -37.42
C TYR A 417 11.55 -14.05 -38.04
N PHE A 418 12.10 -13.32 -39.01
CA PHE A 418 11.30 -12.31 -39.72
C PHE A 418 10.16 -12.95 -40.50
N SER A 419 10.39 -14.13 -41.07
CA SER A 419 9.35 -14.81 -41.83
C SER A 419 8.18 -15.19 -40.93
N ASN A 420 8.47 -15.74 -39.75
CA ASN A 420 7.41 -16.13 -38.83
C ASN A 420 6.65 -14.92 -38.30
N ASN A 421 7.39 -13.87 -37.90
CA ASN A 421 6.79 -12.67 -37.33
C ASN A 421 6.60 -11.58 -38.38
N SER A 422 6.29 -11.96 -39.62
CA SER A 422 6.13 -10.97 -40.69
C SER A 422 5.00 -10.00 -40.39
N LYS A 423 3.86 -10.53 -39.96
CA LYS A 423 2.71 -9.67 -39.68
C LYS A 423 3.03 -8.68 -38.56
N GLY A 424 3.61 -9.16 -37.46
CA GLY A 424 3.84 -8.28 -36.32
C GLY A 424 4.86 -7.20 -36.61
N LEU A 425 5.90 -7.52 -37.39
CA LEU A 425 6.92 -6.53 -37.69
C LEU A 425 6.40 -5.45 -38.63
N LYS A 426 5.66 -5.84 -39.67
CA LYS A 426 5.00 -4.85 -40.53
C LYS A 426 4.13 -3.91 -39.71
N GLU A 427 3.34 -4.47 -38.79
CA GLU A 427 2.52 -3.66 -37.90
C GLU A 427 3.38 -2.74 -37.04
N LYS A 428 4.53 -3.23 -36.59
CA LYS A 428 5.40 -2.42 -35.74
C LYS A 428 6.07 -1.32 -36.53
N ILE A 429 6.37 -1.55 -37.81
CA ILE A 429 6.99 -0.51 -38.63
C ILE A 429 6.03 0.65 -38.86
N ASP A 430 4.80 0.35 -39.28
CA ASP A 430 3.79 1.38 -39.47
C ASP A 430 3.61 2.20 -38.20
N HIS A 431 3.74 1.56 -37.04
CA HIS A 431 3.69 2.29 -35.77
C HIS A 431 4.89 3.22 -35.62
N TYR A 432 6.11 2.67 -35.77
CA TYR A 432 7.31 3.48 -35.59
C TYR A 432 7.35 4.65 -36.57
N ARG A 433 6.73 4.50 -37.74
CA ARG A 433 6.69 5.58 -38.71
C ARG A 433 5.70 6.68 -38.30
N LYS A 434 4.50 6.28 -37.87
CA LYS A 434 3.48 7.26 -37.52
C LYS A 434 3.88 8.04 -36.28
N ASN A 435 4.50 7.38 -35.30
CA ASN A 435 4.85 7.99 -34.03
C ASN A 435 6.33 8.37 -33.92
N ASN A 436 7.06 8.31 -35.04
CA ASN A 436 8.43 8.83 -35.12
C ASN A 436 9.36 8.18 -34.09
N PHE A 437 9.21 6.87 -33.90
CA PHE A 437 10.16 6.09 -33.11
C PHE A 437 11.29 5.72 -34.07
N ASN A 438 12.35 6.53 -34.05
CA ASN A 438 13.42 6.39 -35.03
C ASN A 438 14.22 5.11 -34.80
N GLN A 439 14.85 4.99 -33.63
CA GLN A 439 15.78 3.88 -33.39
C GLN A 439 15.11 2.53 -33.56
N GLU A 440 13.81 2.43 -33.25
CA GLU A 440 13.10 1.17 -33.46
C GLU A 440 13.01 0.81 -34.93
N LEU A 441 12.68 1.79 -35.78
CA LEU A 441 12.72 1.56 -37.23
C LEU A 441 14.15 1.31 -37.71
N TYR A 442 15.09 2.11 -37.21
CA TYR A 442 16.50 1.93 -37.55
C TYR A 442 16.96 0.50 -37.28
N GLN A 443 16.61 -0.04 -36.12
CA GLN A 443 17.05 -1.38 -35.74
C GLN A 443 16.59 -2.43 -36.74
N ILE A 444 15.30 -2.40 -37.09
CA ILE A 444 14.77 -3.39 -38.03
C ILE A 444 15.44 -3.24 -39.39
N LEU A 445 15.52 -2.01 -39.89
CA LEU A 445 16.18 -1.77 -41.17
C LEU A 445 17.63 -2.22 -41.14
N LEU A 446 18.34 -1.92 -40.04
CA LEU A 446 19.75 -2.32 -39.94
C LEU A 446 19.88 -3.83 -39.89
N TYR A 447 18.92 -4.52 -39.27
CA TYR A 447 18.98 -5.98 -39.22
C TYR A 447 18.79 -6.58 -40.60
N MET A 448 17.88 -6.00 -41.39
CA MET A 448 17.59 -6.55 -42.71
C MET A 448 18.79 -6.40 -43.65
N VAL A 449 19.44 -5.24 -43.64
CA VAL A 449 20.60 -5.03 -44.51
C VAL A 449 21.76 -5.91 -44.06
N VAL A 450 21.92 -6.09 -42.74
CA VAL A 450 23.06 -6.85 -42.24
C VAL A 450 22.88 -8.34 -42.50
N PHE A 451 21.71 -8.87 -42.15
CA PHE A 451 21.43 -10.30 -42.32
C PHE A 451 20.80 -10.63 -43.66
N GLU A 452 20.90 -9.73 -44.64
CA GLU A 452 20.49 -9.98 -46.02
C GLU A 452 19.05 -10.49 -46.09
N ILE A 453 18.14 -9.75 -45.48
CA ILE A 453 16.73 -10.12 -45.42
C ILE A 453 16.00 -9.45 -46.57
N ASP A 454 15.27 -10.24 -47.37
CA ASP A 454 14.61 -9.71 -48.56
C ASP A 454 13.13 -10.07 -48.67
N ASP A 455 12.58 -10.83 -47.74
CA ASP A 455 11.21 -11.32 -47.88
C ASP A 455 10.17 -10.44 -47.22
N LEU A 456 10.57 -9.50 -46.36
CA LEU A 456 9.62 -8.84 -45.48
C LEU A 456 8.80 -7.80 -46.24
N LEU A 457 9.45 -6.86 -46.93
CA LEU A 457 8.78 -5.76 -47.59
C LEU A 457 8.96 -5.84 -49.11
N ASN A 458 7.92 -5.46 -49.83
CA ASN A 458 7.97 -5.36 -51.28
C ASN A 458 8.45 -3.97 -51.68
N GLN A 459 8.51 -3.71 -52.99
CA GLN A 459 9.05 -2.43 -53.45
C GLN A 459 8.12 -1.27 -53.09
N GLU A 460 6.80 -1.48 -53.16
CA GLU A 460 5.88 -0.43 -52.73
C GLU A 460 6.04 -0.13 -51.25
N GLU A 461 6.17 -1.17 -50.42
CA GLU A 461 6.37 -0.97 -48.99
C GLU A 461 7.72 -0.39 -48.67
N LEU A 462 8.72 -0.64 -49.53
CA LEU A 462 10.05 -0.08 -49.33
C LEU A 462 10.11 1.39 -49.72
N LEU A 463 9.47 1.75 -50.84
CA LEU A 463 9.46 3.15 -51.27
C LEU A 463 8.65 4.03 -50.32
N ASN A 464 7.62 3.46 -49.70
CA ASN A 464 6.84 4.19 -48.71
C ASN A 464 7.67 4.59 -47.49
N LEU A 465 8.85 3.99 -47.32
CA LEU A 465 9.77 4.42 -46.28
C LEU A 465 10.48 5.72 -46.64
N ILE A 466 10.74 5.95 -47.93
CA ILE A 466 11.41 7.16 -48.38
C ILE A 466 10.40 8.30 -48.33
N ASP A 467 10.23 8.88 -47.16
CA ASP A 467 9.17 9.86 -46.92
C ASP A 467 9.61 10.80 -45.82
N LEU A 468 8.80 11.84 -45.60
CA LEU A 468 9.09 12.78 -44.55
C LEU A 468 8.86 12.15 -43.17
N ASN A 469 9.49 12.74 -42.16
CA ASN A 469 9.48 12.22 -40.79
C ASN A 469 10.15 10.84 -40.70
N ILE A 470 11.24 10.67 -41.44
CA ILE A 470 12.12 9.51 -41.32
C ILE A 470 13.53 10.01 -41.13
N ASP A 471 14.22 9.49 -40.12
CA ASP A 471 15.61 9.89 -39.87
C ASP A 471 16.47 9.54 -41.08
N ASP A 472 17.60 10.26 -41.19
CA ASP A 472 18.52 10.01 -42.30
C ASP A 472 19.08 8.59 -42.24
N TYR A 473 19.34 8.09 -41.04
CA TYR A 473 19.93 6.76 -40.89
C TYR A 473 18.99 5.68 -41.42
N SER A 474 17.69 5.82 -41.13
CA SER A 474 16.72 4.85 -41.65
C SER A 474 16.59 4.96 -43.17
N LEU A 475 16.57 6.18 -43.69
CA LEU A 475 16.51 6.37 -45.14
C LEU A 475 17.70 5.72 -45.83
N ILE A 476 18.90 5.96 -45.31
CA ILE A 476 20.10 5.34 -45.87
C ILE A 476 19.97 3.82 -45.87
N LEU A 477 19.56 3.26 -44.73
CA LEU A 477 19.37 1.82 -44.63
C LEU A 477 18.30 1.34 -45.62
N GLY A 478 17.18 2.05 -45.69
CA GLY A 478 16.13 1.66 -46.61
C GLY A 478 16.55 1.81 -48.06
N THR A 479 17.35 2.83 -48.35
CA THR A 479 17.93 2.96 -49.69
C THR A 479 18.83 1.78 -50.00
N ILE A 480 19.72 1.44 -49.07
CA ILE A 480 20.61 0.29 -49.27
C ILE A 480 19.79 -0.98 -49.51
N LEU A 481 18.67 -1.12 -48.82
CA LEU A 481 17.82 -2.29 -49.01
C LEU A 481 17.22 -2.31 -50.42
N TYR A 482 16.82 -1.15 -50.94
CA TYR A 482 16.27 -1.09 -52.29
C TYR A 482 17.34 -1.42 -53.33
N LEU A 483 18.53 -0.85 -53.18
CA LEU A 483 19.59 -1.07 -54.16
C LEU A 483 20.05 -2.53 -54.17
N LYS A 484 19.98 -3.21 -53.03
CA LYS A 484 20.48 -4.59 -52.96
C LYS A 484 19.63 -5.56 -53.78
N ASN A 485 18.39 -5.20 -54.12
CA ASN A 485 17.59 -5.97 -55.05
C ASN A 485 17.87 -5.45 -56.45
N SER A 486 18.58 -6.25 -57.25
CA SER A 486 18.88 -5.83 -58.61
C SER A 486 17.64 -5.79 -59.49
N SER A 487 16.61 -6.55 -59.13
CA SER A 487 15.40 -6.60 -59.96
C SER A 487 14.65 -5.29 -59.90
N TYR A 488 14.61 -4.64 -58.74
CA TYR A 488 13.94 -3.36 -58.63
C TYR A 488 14.65 -2.33 -59.50
N LYS A 489 13.86 -1.47 -60.13
CA LYS A 489 14.36 -0.44 -61.03
C LYS A 489 14.63 0.85 -60.27
N LEU A 490 15.82 1.43 -60.49
CA LEU A 490 16.21 2.65 -59.79
C LEU A 490 15.29 3.81 -60.14
N GLU A 491 14.60 3.75 -61.27
CA GLU A 491 13.73 4.84 -61.71
C GLU A 491 12.71 5.21 -60.65
N LYS A 492 12.02 4.22 -60.08
CA LYS A 492 11.02 4.53 -59.05
C LYS A 492 11.64 5.06 -57.76
N LEU A 493 12.82 4.58 -57.40
CA LEU A 493 13.49 5.07 -56.20
C LEU A 493 13.89 6.54 -56.36
N LEU A 494 14.33 6.92 -57.57
CA LEU A 494 14.74 8.31 -57.80
C LEU A 494 13.58 9.28 -57.66
N LYS A 495 12.37 8.85 -58.02
CA LYS A 495 11.21 9.73 -57.87
C LYS A 495 10.93 10.02 -56.40
N LYS A 496 10.85 8.98 -55.58
CA LYS A 496 10.56 9.17 -54.15
C LYS A 496 11.68 9.91 -53.44
N ILE A 497 12.92 9.77 -53.92
CA ILE A 497 14.03 10.50 -53.29
C ILE A 497 14.02 11.96 -53.70
N ASP A 498 13.93 12.23 -55.02
CA ASP A 498 13.88 13.60 -55.49
C ASP A 498 12.67 14.33 -54.94
N GLN A 499 11.51 13.65 -54.88
CA GLN A 499 10.32 14.25 -54.27
C GLN A 499 10.59 14.66 -52.84
N LEU A 500 11.30 13.81 -52.09
CA LEU A 500 11.67 14.15 -50.72
C LEU A 500 12.59 15.36 -50.68
N PHE A 501 13.59 15.40 -51.57
CA PHE A 501 14.57 16.48 -51.55
C PHE A 501 13.91 17.83 -51.87
N ILE A 502 12.97 17.84 -52.81
CA ILE A 502 12.27 19.08 -53.14
C ILE A 502 11.36 19.49 -52.00
N ASN A 503 10.67 18.53 -51.38
CA ASN A 503 9.71 18.86 -50.34
C ASN A 503 10.38 19.50 -49.13
N THR A 504 11.48 18.91 -48.66
CA THR A 504 12.14 19.46 -47.48
C THR A 504 12.88 20.76 -47.77
N HIS A 505 13.43 20.91 -48.98
CA HIS A 505 14.06 22.18 -49.34
C HIS A 505 13.04 23.32 -49.42
N ALA A 506 11.76 23.00 -49.65
CA ALA A 506 10.74 24.04 -49.81
C ALA A 506 10.49 24.77 -48.50
N ASN A 507 10.54 24.07 -47.37
CA ASN A 507 10.29 24.69 -46.08
C ASN A 507 11.29 25.78 -45.75
N TYR A 508 12.47 25.76 -46.39
CA TYR A 508 13.52 26.72 -46.10
C TYR A 508 13.39 27.93 -47.02
N ASP A 509 14.10 29.00 -46.65
CA ASP A 509 14.22 30.14 -47.54
C ASP A 509 14.94 29.70 -48.80
N VAL A 510 14.50 30.21 -49.96
CA VAL A 510 14.97 29.70 -51.23
C VAL A 510 16.47 29.91 -51.43
N LYS A 511 17.08 30.83 -50.68
CA LYS A 511 18.50 31.09 -50.77
C LYS A 511 19.33 30.24 -49.82
N THR A 512 18.75 29.17 -49.27
CA THR A 512 19.43 28.33 -48.30
C THR A 512 20.18 27.20 -49.00
N SER A 513 21.45 27.02 -48.65
CA SER A 513 22.22 25.90 -49.16
C SER A 513 21.63 24.59 -48.66
N ARG A 514 21.64 23.57 -49.53
CA ARG A 514 20.99 22.31 -49.19
C ARG A 514 21.74 21.56 -48.10
N MET A 515 23.06 21.72 -48.01
CA MET A 515 23.84 21.08 -46.96
C MET A 515 23.73 21.81 -45.64
N ALA A 516 22.96 22.89 -45.57
CA ALA A 516 22.59 23.53 -44.30
C ALA A 516 21.21 23.13 -43.84
N GLU A 517 20.50 22.30 -44.60
CA GLU A 517 19.11 21.94 -44.36
C GLU A 517 19.03 20.61 -43.62
N LYS A 518 17.83 20.01 -43.63
CA LYS A 518 17.63 18.66 -43.15
C LYS A 518 18.14 17.67 -44.19
N LEU A 519 18.14 16.39 -43.82
CA LEU A 519 18.53 15.28 -44.70
C LEU A 519 19.95 15.41 -45.22
N TRP A 520 20.80 16.18 -44.53
CA TRP A 520 22.15 16.44 -45.04
C TRP A 520 22.96 15.16 -45.14
N LEU A 521 22.77 14.23 -44.20
CA LEU A 521 23.52 12.98 -44.23
C LEU A 521 23.02 12.07 -45.35
N PHE A 522 21.70 11.93 -45.46
CA PHE A 522 21.13 11.18 -46.58
C PHE A 522 21.46 11.85 -47.91
N ARG A 523 21.53 13.17 -47.93
CA ARG A 523 21.94 13.88 -49.14
C ARG A 523 23.38 13.54 -49.51
N TYR A 524 24.30 13.65 -48.55
CA TYR A 524 25.69 13.29 -48.81
C TYR A 524 25.81 11.84 -49.24
N PHE A 525 25.05 10.95 -48.60
CA PHE A 525 25.06 9.54 -49.00
C PHE A 525 24.67 9.37 -50.46
N PHE A 526 23.61 10.05 -50.88
CA PHE A 526 23.16 9.94 -52.27
C PHE A 526 24.20 10.53 -53.23
N TYR A 527 24.61 11.78 -53.00
CA TYR A 527 25.57 12.44 -53.88
C TYR A 527 26.85 11.63 -54.00
N PHE A 528 27.27 10.99 -52.90
CA PHE A 528 28.47 10.16 -52.92
C PHE A 528 28.29 8.94 -53.81
N LEU A 529 27.19 8.20 -53.61
CA LEU A 529 26.90 7.06 -54.48
C LEU A 529 26.74 7.49 -55.93
N ASN A 530 26.19 8.69 -56.15
CA ASN A 530 25.98 9.16 -57.51
C ASN A 530 27.30 9.54 -58.19
N CYS A 531 28.19 10.21 -57.47
CA CYS A 531 29.49 10.55 -58.05
C CYS A 531 30.31 9.29 -58.32
N LYS A 532 30.26 8.32 -57.39
CA LYS A 532 30.82 7.00 -57.66
C LYS A 532 30.06 6.26 -58.74
N ASN A 533 28.89 6.77 -59.14
CA ASN A 533 28.09 6.25 -60.26
C ASN A 533 27.48 4.89 -59.94
N ILE A 534 27.20 4.63 -58.66
CA ILE A 534 26.31 3.52 -58.32
C ILE A 534 24.97 3.70 -59.02
N PHE A 535 24.49 4.94 -59.09
CA PHE A 535 23.37 5.29 -59.93
C PHE A 535 23.90 5.53 -61.34
N SER A 536 23.49 4.70 -62.29
CA SER A 536 23.91 4.87 -63.68
C SER A 536 23.59 6.28 -64.14
N GLN A 537 24.64 7.00 -64.58
CA GLN A 537 24.44 8.35 -65.09
C GLN A 537 23.39 8.37 -66.19
N LYS A 538 23.35 7.31 -67.00
CA LYS A 538 22.29 7.17 -67.99
C LYS A 538 20.93 7.00 -67.32
N GLU A 539 20.85 6.13 -66.31
CA GLU A 539 19.58 5.94 -65.61
C GLU A 539 19.17 7.18 -64.82
N ILE A 540 20.09 8.11 -64.59
CA ILE A 540 19.71 9.40 -64.04
C ILE A 540 19.07 10.28 -65.11
N ASN A 541 19.71 10.37 -66.28
CA ASN A 541 19.17 11.21 -67.34
C ASN A 541 17.81 10.72 -67.82
N SER A 542 17.54 9.42 -67.72
CA SER A 542 16.23 8.90 -68.07
C SER A 542 15.16 9.50 -67.17
N TYR A 543 15.41 9.52 -65.86
CA TYR A 543 14.43 10.06 -64.93
C TYR A 543 14.26 11.57 -65.11
N CYS A 544 15.37 12.29 -65.26
CA CYS A 544 15.31 13.74 -65.36
C CYS A 544 14.46 14.19 -66.54
N GLN A 545 14.42 13.40 -67.61
CA GLN A 545 13.64 13.76 -68.78
C GLN A 545 12.17 13.37 -68.65
N SER A 546 11.84 12.50 -67.71
CA SER A 546 10.43 12.23 -67.41
C SER A 546 9.77 13.40 -66.68
N GLN A 547 10.57 14.31 -66.12
CA GLN A 547 10.06 15.51 -65.48
C GLN A 547 10.41 16.78 -66.25
N ASN A 548 11.04 16.64 -67.42
CA ASN A 548 11.34 17.77 -68.31
C ASN A 548 12.16 18.84 -67.59
N TYR A 549 13.19 18.39 -66.86
CA TYR A 549 14.01 19.29 -66.07
C TYR A 549 14.94 20.09 -66.96
N ASN A 550 14.98 21.41 -66.74
CA ASN A 550 15.88 22.27 -67.47
C ASN A 550 17.33 21.88 -67.19
N SER A 551 18.21 22.16 -68.15
CA SER A 551 19.61 21.78 -68.05
C SER A 551 20.52 22.99 -68.29
N GLY A 552 21.66 23.00 -67.61
CA GLY A 552 22.68 24.02 -67.79
C GLY A 552 24.07 23.41 -67.80
N GLN A 553 25.11 24.25 -67.83
CA GLN A 553 26.48 23.72 -67.87
C GLN A 553 26.86 23.00 -66.58
N ASN A 554 26.15 23.25 -65.48
CA ASN A 554 26.36 22.48 -64.26
C ASN A 554 25.85 21.05 -64.38
N GLY A 555 24.90 20.81 -65.28
CA GLY A 555 24.24 19.54 -65.40
C GLY A 555 22.74 19.73 -65.39
N TYR A 556 21.99 18.74 -64.91
CA TYR A 556 20.56 18.90 -64.76
C TYR A 556 20.23 19.73 -63.52
N GLN A 557 19.33 20.68 -63.68
CA GLN A 557 18.90 21.54 -62.57
C GLN A 557 17.90 20.75 -61.73
N THR A 558 18.45 19.84 -60.93
CA THR A 558 17.69 18.98 -60.05
C THR A 558 18.41 18.88 -58.72
N GLU A 559 17.64 18.67 -57.65
CA GLU A 559 18.25 18.39 -56.36
C GLU A 559 19.12 17.14 -56.39
N LEU A 560 18.90 16.27 -57.39
CA LEU A 560 19.68 15.04 -57.49
C LEU A 560 21.10 15.31 -57.95
N ASN A 561 21.31 16.31 -58.80
CA ASN A 561 22.63 16.64 -59.30
C ASN A 561 23.38 17.49 -58.29
N TRP A 562 24.49 16.95 -57.77
CA TRP A 562 25.28 17.70 -56.79
C TRP A 562 25.92 18.94 -57.40
N ASN A 563 26.31 18.88 -58.67
CA ASN A 563 27.02 20.01 -59.28
C ASN A 563 26.14 21.25 -59.36
N TYR A 564 24.86 21.07 -59.70
CA TYR A 564 23.93 22.19 -59.65
C TYR A 564 23.69 22.64 -58.21
N ILE A 565 23.58 21.68 -57.29
CA ILE A 565 23.26 22.01 -55.90
C ILE A 565 24.45 22.67 -55.22
N LYS A 566 25.66 22.25 -55.57
CA LYS A 566 26.88 22.75 -54.95
C LYS A 566 26.97 24.28 -54.95
N GLY A 567 26.28 24.95 -55.88
CA GLY A 567 26.39 26.40 -55.97
C GLY A 567 25.17 27.17 -55.51
N GLN A 568 24.01 26.52 -55.44
CA GLN A 568 22.80 27.21 -55.04
C GLN A 568 22.86 27.62 -53.57
N GLY A 569 22.47 28.85 -53.29
CA GLY A 569 22.44 29.36 -51.95
C GLY A 569 23.48 30.45 -51.74
N LYS A 570 23.17 31.38 -50.84
CA LYS A 570 24.06 32.51 -50.62
C LYS A 570 25.29 32.11 -49.81
N ASP A 571 25.11 31.31 -48.78
CA ASP A 571 26.21 30.84 -47.93
C ASP A 571 26.54 29.41 -48.31
N LEU A 572 27.69 29.23 -48.97
CA LEU A 572 28.12 27.93 -49.46
C LEU A 572 29.19 27.29 -48.59
N ARG A 573 29.47 27.86 -47.41
CA ARG A 573 30.49 27.30 -46.53
C ARG A 573 30.22 25.83 -46.21
N ALA A 574 28.95 25.45 -46.07
CA ALA A 574 28.61 24.04 -45.87
C ALA A 574 28.74 23.24 -47.15
N ASN A 575 28.15 23.74 -48.25
CA ASN A 575 28.23 23.04 -49.53
C ASN A 575 29.68 22.86 -49.95
N ASN A 576 30.50 23.92 -49.83
CA ASN A 576 31.91 23.81 -50.15
C ASN A 576 32.66 22.91 -49.18
N PHE A 577 32.14 22.72 -47.96
CA PHE A 577 32.74 21.77 -47.03
C PHE A 577 32.54 20.34 -47.51
N PHE A 578 31.27 19.91 -47.58
CA PHE A 578 30.96 18.59 -48.11
C PHE A 578 31.41 18.41 -49.56
N ASN A 579 31.73 19.50 -50.25
CA ASN A 579 32.31 19.41 -51.59
C ASN A 579 33.68 18.73 -51.54
N GLU A 580 34.60 19.28 -50.74
CA GLU A 580 35.92 18.70 -50.58
C GLU A 580 35.85 17.23 -50.23
N LEU A 581 34.86 16.84 -49.42
CA LEU A 581 34.72 15.46 -49.01
C LEU A 581 34.32 14.58 -50.18
N ILE A 582 33.42 15.06 -51.04
CA ILE A 582 32.99 14.28 -52.20
C ILE A 582 34.14 14.14 -53.20
N VAL A 583 34.89 15.23 -53.42
CA VAL A 583 35.99 15.20 -54.39
C VAL A 583 37.04 14.19 -53.96
N LYS A 584 37.41 14.20 -52.68
CA LYS A 584 38.40 13.26 -52.15
C LYS A 584 37.80 11.89 -51.84
N GLU A 585 36.56 11.64 -52.29
CA GLU A 585 35.89 10.35 -52.08
C GLU A 585 35.91 9.93 -50.62
N VAL A 586 35.70 10.88 -49.73
CA VAL A 586 35.53 10.61 -48.30
C VAL A 586 34.10 10.11 -48.08
N TRP A 587 33.97 8.93 -47.50
CA TRP A 587 32.64 8.39 -47.23
C TRP A 587 32.29 8.53 -45.76
N LEU A 588 31.00 8.78 -45.50
CA LEU A 588 30.45 8.77 -44.16
C LEU A 588 29.61 7.54 -43.88
N ILE A 589 29.22 6.81 -44.91
CA ILE A 589 28.57 5.51 -44.80
C ILE A 589 29.48 4.49 -45.48
N SER A 590 29.65 3.34 -44.84
CA SER A 590 30.58 2.32 -45.33
C SER A 590 29.87 1.42 -46.32
N CYS A 591 30.41 1.33 -47.54
CA CYS A 591 29.84 0.44 -48.55
C CYS A 591 30.02 -1.02 -48.15
N GLY A 592 31.15 -1.35 -47.53
CA GLY A 592 31.44 -2.72 -47.15
C GLY A 592 32.84 -3.15 -47.53
N GLU A 593 33.21 -4.39 -47.20
CA GLU A 593 34.53 -4.87 -47.54
C GLU A 593 34.70 -4.99 -49.06
N ASN A 594 33.69 -5.53 -49.73
CA ASN A 594 33.70 -5.64 -51.19
C ASN A 594 32.91 -4.53 -51.88
N GLU A 595 32.55 -3.47 -51.14
CA GLU A 595 31.66 -2.42 -51.65
C GLU A 595 30.38 -3.02 -52.21
N ASP A 596 29.88 -4.08 -51.56
CA ASP A 596 28.71 -4.81 -52.00
C ASP A 596 27.50 -4.55 -51.12
N PHE A 597 27.61 -3.69 -50.10
CA PHE A 597 26.58 -3.43 -49.11
C PHE A 597 26.18 -4.70 -48.35
N LYS A 598 27.08 -5.68 -48.29
CA LYS A 598 26.97 -6.82 -47.41
C LYS A 598 27.94 -6.62 -46.26
N TYR A 599 27.53 -7.00 -45.05
CA TYR A 599 28.27 -6.60 -43.86
C TYR A 599 28.69 -7.76 -42.96
N LEU A 600 28.34 -8.99 -43.30
CA LEU A 600 28.88 -10.15 -42.60
C LEU A 600 29.58 -11.08 -43.57
N ASN A 601 30.45 -11.92 -43.02
CA ASN A 601 31.40 -12.68 -43.83
C ASN A 601 30.85 -14.05 -44.22
N SER B 2 -8.95 38.60 35.71
CA SER B 2 -8.69 38.27 34.32
C SER B 2 -8.58 36.77 34.12
N MET B 3 -7.66 36.36 33.25
CA MET B 3 -7.41 34.93 33.03
C MET B 3 -6.89 34.28 34.30
N LYS B 4 -5.87 34.88 34.92
CA LYS B 4 -5.29 34.31 36.13
C LYS B 4 -6.33 34.26 37.25
N LYS B 5 -7.18 35.27 37.34
CA LYS B 5 -8.26 35.25 38.31
C LYS B 5 -9.30 34.19 37.95
N GLU B 6 -9.49 33.92 36.65
CA GLU B 6 -10.47 32.92 36.22
C GLU B 6 -10.03 31.52 36.61
N PHE B 7 -8.73 31.24 36.59
CA PHE B 7 -8.24 29.91 36.94
C PHE B 7 -8.23 29.71 38.46
N THR B 8 -7.76 30.71 39.21
CA THR B 8 -7.74 30.59 40.67
C THR B 8 -9.13 30.34 41.22
N GLU B 9 -10.14 31.01 40.65
CA GLU B 9 -11.53 30.76 41.05
C GLU B 9 -11.90 29.29 40.86
N LEU B 10 -11.39 28.68 39.79
CA LEU B 10 -11.61 27.25 39.59
C LEU B 10 -10.77 26.41 40.55
N TYR B 11 -9.50 26.79 40.74
CA TYR B 11 -8.59 25.97 41.53
C TYR B 11 -8.91 26.05 43.02
N ASP B 12 -9.24 27.25 43.51
CA ASP B 12 -9.69 27.37 44.90
C ASP B 12 -10.97 26.58 45.14
N PHE B 13 -11.83 26.47 44.12
CA PHE B 13 -13.03 25.65 44.24
C PHE B 13 -12.69 24.17 44.16
N ILE B 14 -11.72 23.80 43.32
CA ILE B 14 -11.40 22.40 43.11
C ILE B 14 -10.65 21.83 44.32
N PHE B 15 -9.65 22.57 44.80
CA PHE B 15 -8.76 22.05 45.85
C PHE B 15 -9.40 22.17 47.24
N ASP B 16 -10.60 21.58 47.35
CA ASP B 16 -11.29 21.45 48.62
C ASP B 16 -11.47 19.97 48.92
N PRO B 17 -11.10 19.52 50.12
CA PRO B 17 -11.12 18.07 50.39
C PRO B 17 -12.50 17.44 50.25
N ILE B 18 -13.56 18.16 50.64
CA ILE B 18 -14.91 17.60 50.53
C ILE B 18 -15.31 17.46 49.07
N PHE B 19 -14.99 18.46 48.25
CA PHE B 19 -15.26 18.35 46.82
C PHE B 19 -14.39 17.28 46.18
N LEU B 20 -13.12 17.19 46.59
CA LEU B 20 -12.18 16.30 45.94
C LEU B 20 -12.51 14.83 46.14
N VAL B 21 -13.38 14.50 47.09
CA VAL B 21 -13.81 13.12 47.30
C VAL B 21 -15.23 12.96 46.78
N ARG B 22 -16.03 14.02 46.90
CA ARG B 22 -17.43 13.93 46.51
C ARG B 22 -17.57 13.72 45.00
N TYR B 23 -16.79 14.45 44.21
CA TYR B 23 -16.79 14.28 42.77
C TYR B 23 -15.49 13.71 42.23
N GLY B 24 -14.43 13.63 43.05
CA GLY B 24 -13.14 13.21 42.56
C GLY B 24 -12.90 11.72 42.57
N TYR B 25 -13.46 11.01 43.56
CA TYR B 25 -13.17 9.59 43.70
C TYR B 25 -13.63 8.79 42.50
N TYR B 26 -14.78 9.15 41.92
CA TYR B 26 -15.29 8.51 40.71
C TYR B 26 -15.08 9.36 39.47
N ASP B 27 -14.16 10.32 39.53
CA ASP B 27 -13.84 11.21 38.42
C ASP B 27 -15.10 11.82 37.81
N ARG B 28 -15.97 12.32 38.69
CA ARG B 28 -17.19 12.97 38.27
C ARG B 28 -16.90 14.43 37.91
N SER B 29 -17.90 15.12 37.37
CA SER B 29 -17.69 16.48 36.89
C SER B 29 -18.99 17.26 36.98
N ILE B 30 -18.91 18.49 37.51
CA ILE B 30 -20.03 19.40 37.59
C ILE B 30 -19.72 20.64 36.77
N LYS B 31 -20.77 21.32 36.35
CA LYS B 31 -20.63 22.49 35.47
C LYS B 31 -20.99 23.79 36.18
N ASN B 32 -21.20 23.77 37.48
CA ASN B 32 -21.67 24.97 38.18
C ASN B 32 -21.35 24.84 39.66
N LYS B 33 -20.64 25.83 40.22
CA LYS B 33 -20.24 25.79 41.62
C LYS B 33 -21.43 25.59 42.55
N LYS B 34 -22.60 26.11 42.18
CA LYS B 34 -23.79 25.99 43.02
C LYS B 34 -24.35 24.58 43.06
N MET B 35 -23.81 23.65 42.27
CA MET B 35 -24.21 22.26 42.34
C MET B 35 -23.59 21.53 43.52
N ASN B 36 -22.62 22.15 44.21
CA ASN B 36 -21.98 21.55 45.38
C ASN B 36 -22.87 21.73 46.61
N THR B 37 -24.06 21.13 46.54
CA THR B 37 -25.07 21.29 47.55
C THR B 37 -24.65 20.63 48.86
N ALA B 38 -25.42 20.90 49.91
CA ALA B 38 -25.23 20.27 51.20
C ALA B 38 -26.11 19.04 51.41
N LYS B 39 -27.17 18.89 50.63
CA LYS B 39 -27.95 17.66 50.64
C LYS B 39 -27.13 16.53 50.02
N VAL B 40 -27.71 15.33 50.04
CA VAL B 40 -27.02 14.19 49.44
C VAL B 40 -27.28 14.13 47.94
N GLU B 41 -28.51 14.42 47.51
CA GLU B 41 -28.86 14.53 46.09
C GLU B 41 -28.50 13.25 45.32
N LEU B 42 -28.95 12.11 45.85
CA LEU B 42 -28.70 10.81 45.23
C LEU B 42 -29.90 10.34 44.40
N ASP B 43 -30.61 11.26 43.76
CA ASP B 43 -31.72 10.92 42.89
C ASP B 43 -31.32 10.83 41.43
N ASN B 44 -30.65 11.86 40.92
CA ASN B 44 -30.17 11.89 39.54
C ASN B 44 -28.71 12.36 39.54
N GLU B 45 -28.16 12.50 38.34
CA GLU B 45 -26.83 13.06 38.20
C GLU B 45 -26.89 14.56 37.96
N GLY B 47 -23.97 16.02 38.25
CA GLY B 47 -22.75 15.83 37.48
C GLY B 47 -22.66 14.44 36.87
N LYS B 48 -22.22 14.40 35.61
CA LYS B 48 -22.05 13.14 34.91
C LYS B 48 -20.60 12.68 35.00
N SER B 49 -20.42 11.37 35.09
CA SER B 49 -19.12 10.73 34.94
C SER B 49 -19.23 9.72 33.79
N ASP B 50 -18.23 8.88 33.66
CA ASP B 50 -18.26 7.82 32.66
C ASP B 50 -17.76 6.48 33.17
N SER B 51 -17.27 6.40 34.41
CA SER B 51 -16.74 5.15 34.95
C SER B 51 -17.84 4.37 35.66
N PHE B 52 -18.28 4.87 36.82
CA PHE B 52 -19.11 4.11 37.73
C PHE B 52 -20.50 4.73 37.87
N TYR B 53 -21.48 3.87 38.14
CA TYR B 53 -22.87 4.30 38.23
C TYR B 53 -23.10 5.06 39.54
N PHE B 54 -23.57 6.31 39.41
CA PHE B 54 -23.80 7.13 40.59
C PHE B 54 -24.94 6.60 41.44
N LYS B 55 -25.97 6.02 40.81
CA LYS B 55 -27.14 5.55 41.55
C LYS B 55 -26.85 4.36 42.45
N VAL B 56 -25.67 3.76 42.35
CA VAL B 56 -25.35 2.58 43.15
C VAL B 56 -24.04 2.82 43.92
N PHE B 57 -23.13 3.58 43.32
CA PHE B 57 -21.84 3.87 43.93
C PHE B 57 -21.60 5.38 43.91
N ASN B 58 -21.56 6.00 45.08
CA ASN B 58 -21.26 7.42 45.18
C ASN B 58 -20.77 7.75 46.57
N MET B 59 -20.03 8.86 46.67
CA MET B 59 -19.48 9.35 47.93
C MET B 59 -20.35 10.43 48.56
N GLU B 60 -21.64 10.47 48.22
CA GLU B 60 -22.51 11.53 48.71
C GLU B 60 -22.75 11.39 50.22
N SER B 61 -22.97 10.16 50.69
CA SER B 61 -23.13 9.94 52.12
C SER B 61 -21.85 10.26 52.88
N PHE B 62 -20.69 9.99 52.29
CA PHE B 62 -19.43 10.31 52.93
C PHE B 62 -19.12 11.80 52.87
N ALA B 63 -19.53 12.48 51.80
CA ALA B 63 -19.32 13.93 51.71
C ALA B 63 -20.14 14.66 52.77
N ASP B 64 -21.40 14.25 52.96
CA ASP B 64 -22.24 14.88 53.96
C ASP B 64 -21.63 14.73 55.36
N TYR B 65 -21.07 13.56 55.65
CA TYR B 65 -20.33 13.39 56.91
C TYR B 65 -19.13 14.32 56.96
N LEU B 66 -18.31 14.31 55.91
CA LEU B 66 -17.03 15.03 55.94
C LEU B 66 -17.23 16.51 56.21
N ARG B 67 -18.27 17.10 55.63
CA ARG B 67 -18.51 18.53 55.83
C ARG B 67 -19.16 18.84 57.16
N SER B 68 -19.45 17.84 57.99
CA SER B 68 -19.91 18.05 59.35
C SER B 68 -18.83 17.76 60.39
N HIS B 69 -18.08 16.68 60.20
CA HIS B 69 -17.05 16.26 61.14
C HIS B 69 -15.67 16.36 60.49
N ASP B 70 -14.69 16.79 61.27
CA ASP B 70 -13.31 16.89 60.80
C ASP B 70 -12.62 15.56 61.00
N LEU B 71 -12.10 15.00 59.90
CA LEU B 71 -11.42 13.71 59.95
C LEU B 71 -9.90 13.84 59.89
N LYS B 72 -9.37 15.06 59.74
CA LYS B 72 -7.93 15.25 59.68
C LYS B 72 -7.23 14.86 60.97
N THR B 73 -7.98 14.51 62.03
CA THR B 73 -7.36 13.97 63.23
C THR B 73 -6.75 12.60 62.98
N HIS B 74 -7.27 11.87 61.99
CA HIS B 74 -6.81 10.51 61.72
C HIS B 74 -5.52 10.48 60.90
N PHE B 75 -5.24 11.53 60.13
CA PHE B 75 -4.19 11.46 59.12
C PHE B 75 -2.95 12.28 59.45
N ASN B 76 -2.95 13.02 60.57
CA ASN B 76 -1.77 13.76 61.00
C ASN B 76 -0.72 12.77 61.49
N GLY B 77 0.28 12.53 60.65
CA GLY B 77 1.33 11.60 61.02
C GLY B 77 2.25 11.36 59.85
N LYS B 78 3.06 10.30 59.98
CA LYS B 78 4.01 9.90 58.96
C LYS B 78 3.82 8.43 58.63
N LYS B 79 4.38 8.03 57.50
CA LYS B 79 4.28 6.67 56.98
C LYS B 79 2.82 6.18 57.02
N PRO B 80 1.94 6.78 56.23
CA PRO B 80 0.52 6.39 56.29
C PRO B 80 0.35 4.94 55.90
N LEU B 81 -0.68 4.31 56.47
CA LEU B 81 -0.88 2.88 56.30
C LEU B 81 -0.99 2.51 54.83
N SER B 82 -0.05 1.68 54.37
CA SER B 82 -0.11 1.18 53.01
C SER B 82 -1.29 0.23 52.86
N THR B 83 -1.96 0.32 51.72
CA THR B 83 -3.18 -0.43 51.49
C THR B 83 -3.25 -0.87 50.04
N ASP B 84 -4.09 -1.87 49.78
CA ASP B 84 -4.28 -2.41 48.44
C ASP B 84 -5.58 -1.91 47.84
N PRO B 85 -5.54 -1.33 46.64
CA PRO B 85 -6.73 -0.70 46.08
C PRO B 85 -7.73 -1.68 45.49
N VAL B 86 -8.74 -1.15 44.82
CA VAL B 86 -9.69 -1.95 44.07
C VAL B 86 -9.19 -2.03 42.63
N TYR B 87 -8.83 -3.23 42.18
CA TYR B 87 -8.32 -3.42 40.83
C TYR B 87 -9.50 -3.58 39.86
N PHE B 88 -9.52 -2.75 38.82
CA PHE B 88 -10.65 -2.68 37.89
C PHE B 88 -10.08 -2.52 36.48
N ASN B 89 -10.11 -3.61 35.71
CA ASN B 89 -9.62 -3.60 34.34
C ASN B 89 -10.74 -3.21 33.38
N ILE B 90 -10.41 -2.33 32.44
CA ILE B 90 -11.38 -1.86 31.44
C ILE B 90 -10.73 -1.86 30.07
N PRO B 91 -11.52 -1.87 29.00
CA PRO B 91 -10.95 -1.99 27.65
C PRO B 91 -10.37 -0.69 27.11
N LYS B 92 -9.35 -0.85 26.27
CA LYS B 92 -8.77 0.25 25.49
C LYS B 92 -9.29 0.16 24.06
N ASN B 93 -8.81 -0.83 23.31
CA ASN B 93 -9.33 -1.13 21.99
C ASN B 93 -10.29 -2.31 22.10
N ILE B 94 -10.71 -2.83 20.95
CA ILE B 94 -11.35 -4.14 20.93
C ILE B 94 -10.38 -5.21 21.42
N GLU B 95 -9.08 -4.99 21.19
CA GLU B 95 -8.03 -5.97 21.49
C GLU B 95 -6.93 -5.34 22.34
N ALA B 96 -7.31 -4.66 23.42
CA ALA B 96 -6.36 -4.07 24.36
C ALA B 96 -7.11 -3.69 25.63
N ARG B 97 -6.35 -3.39 26.69
CA ARG B 97 -6.91 -3.09 28.00
C ARG B 97 -6.19 -1.90 28.62
N ARG B 98 -6.71 -1.46 29.76
CA ARG B 98 -6.10 -0.41 30.57
C ARG B 98 -6.52 -0.62 32.02
N GLN B 99 -5.55 -0.57 32.93
CA GLN B 99 -5.79 -0.93 34.34
C GLN B 99 -6.13 0.29 35.17
N TYR B 100 -7.27 0.22 35.87
CA TYR B 100 -7.62 1.17 36.91
C TYR B 100 -7.29 0.59 38.28
N LYS B 101 -6.96 1.48 39.21
CA LYS B 101 -6.81 1.12 40.63
C LYS B 101 -7.57 2.12 41.46
N MET B 102 -8.73 1.72 41.98
CA MET B 102 -9.52 2.55 42.87
C MET B 102 -8.99 2.40 44.29
N PRO B 103 -8.34 3.43 44.84
CA PRO B 103 -7.61 3.27 46.09
C PRO B 103 -8.52 3.26 47.31
N ASN B 104 -7.98 2.69 48.39
CA ASN B 104 -8.67 2.63 49.67
C ASN B 104 -9.05 4.03 50.13
N LEU B 105 -10.24 4.15 50.73
CA LEU B 105 -10.74 5.45 51.15
C LEU B 105 -9.83 6.12 52.17
N TYR B 106 -9.18 5.33 53.02
CA TYR B 106 -8.25 5.90 54.01
C TYR B 106 -7.08 6.60 53.32
N SER B 107 -6.33 5.86 52.49
CA SER B 107 -5.19 6.45 51.82
C SER B 107 -5.58 7.44 50.74
N TYR B 108 -6.78 7.33 50.17
CA TYR B 108 -7.29 8.40 49.32
C TYR B 108 -7.41 9.70 50.10
N MET B 109 -8.09 9.66 51.25
CA MET B 109 -8.30 10.86 52.04
C MET B 109 -6.98 11.44 52.55
N ALA B 110 -6.08 10.57 53.01
CA ALA B 110 -4.77 11.03 53.49
C ALA B 110 -4.04 11.81 52.41
N LEU B 111 -4.13 11.36 51.16
CA LEU B 111 -3.51 12.07 50.06
C LEU B 111 -4.32 13.30 49.66
N ASN B 112 -5.65 13.20 49.75
CA ASN B 112 -6.49 14.36 49.51
C ASN B 112 -6.13 15.51 50.44
N TYR B 113 -6.07 15.23 51.75
CA TYR B 113 -5.73 16.27 52.71
C TYR B 113 -4.34 16.84 52.47
N TYR B 114 -3.39 15.99 52.07
CA TYR B 114 -2.04 16.47 51.81
C TYR B 114 -2.01 17.46 50.66
N ILE B 115 -2.77 17.19 49.60
CA ILE B 115 -2.75 18.06 48.43
C ILE B 115 -3.47 19.37 48.73
N CYS B 116 -4.64 19.31 49.34
CA CYS B 116 -5.35 20.53 49.73
C CYS B 116 -4.57 21.33 50.78
N ASP B 117 -3.65 20.70 51.49
CA ASP B 117 -2.73 21.40 52.39
C ASP B 117 -1.48 21.88 51.66
N ASN B 118 -1.40 21.66 50.35
CA ASN B 118 -0.27 22.11 49.54
C ASN B 118 -0.77 22.62 48.20
N LYS B 119 -1.89 23.35 48.21
CA LYS B 119 -2.47 23.87 46.98
C LYS B 119 -1.45 24.68 46.19
N LYS B 120 -0.74 25.58 46.88
CA LYS B 120 0.18 26.49 46.20
C LYS B 120 1.23 25.74 45.38
N GLU B 121 1.67 24.58 45.88
CA GLU B 121 2.60 23.76 45.11
C GLU B 121 1.99 23.30 43.78
N PHE B 122 0.66 23.39 43.65
CA PHE B 122 -0.04 23.06 42.42
C PHE B 122 -0.55 24.28 41.68
N ILE B 123 -1.21 25.21 42.38
CA ILE B 123 -1.81 26.36 41.72
C ILE B 123 -0.73 27.24 41.11
N GLU B 124 0.31 27.57 41.89
CA GLU B 124 1.40 28.39 41.39
C GLU B 124 2.00 27.82 40.11
N VAL B 125 2.03 26.50 39.99
CA VAL B 125 2.57 25.88 38.78
C VAL B 125 1.53 25.82 37.68
N PHE B 126 0.26 25.56 38.05
CA PHE B 126 -0.82 25.55 37.06
C PHE B 126 -1.05 26.93 36.48
N ILE B 127 -1.10 27.95 37.35
CA ILE B 127 -1.46 29.30 36.93
C ILE B 127 -0.47 29.82 35.89
N ASP B 128 0.82 29.61 36.13
CA ASP B 128 1.87 30.10 35.25
C ASP B 128 2.10 29.20 34.04
N ASN B 129 1.31 28.13 33.89
CA ASN B 129 1.46 27.22 32.77
C ASN B 129 0.69 27.73 31.57
N LYS B 130 1.27 27.55 30.38
CA LYS B 130 0.71 28.10 29.16
C LYS B 130 0.42 27.06 28.07
N PHE B 131 0.78 25.80 28.26
CA PHE B 131 0.61 24.79 27.22
C PHE B 131 -0.52 23.80 27.49
N SER B 132 -0.80 23.48 28.74
CA SER B 132 -1.75 22.41 29.04
C SER B 132 -3.19 22.85 28.76
N THR B 133 -3.94 21.98 28.08
CA THR B 133 -5.38 22.13 27.89
C THR B 133 -6.16 21.15 28.74
N SER B 134 -5.49 20.42 29.63
CA SER B 134 -6.13 19.42 30.47
C SER B 134 -6.11 19.77 31.96
N LYS B 135 -5.57 20.94 32.32
CA LYS B 135 -5.48 21.33 33.72
C LYS B 135 -6.80 21.83 34.28
N PHE B 136 -7.85 21.89 33.48
CA PHE B 136 -9.15 22.34 33.92
C PHE B 136 -10.11 21.20 34.24
N PHE B 137 -9.74 19.97 33.88
CA PHE B 137 -10.38 18.75 34.39
C PHE B 137 -11.86 18.67 34.06
N ASN B 138 -12.26 19.26 32.94
CA ASN B 138 -13.64 19.25 32.45
C ASN B 138 -14.64 19.78 33.46
N GLN B 139 -14.19 20.48 34.50
CA GLN B 139 -15.07 21.01 35.53
C GLN B 139 -15.51 22.43 35.21
N LEU B 140 -16.66 22.81 35.76
CA LEU B 140 -17.20 24.16 35.58
C LEU B 140 -17.31 24.50 34.10
N ASN B 141 -17.08 25.77 33.74
CA ASN B 141 -17.31 26.20 32.37
C ASN B 141 -16.17 25.87 31.42
N PHE B 142 -15.24 25.00 31.82
CA PHE B 142 -14.09 24.64 30.99
C PHE B 142 -14.38 23.31 30.30
N ASP B 143 -14.99 23.39 29.12
CA ASP B 143 -15.42 22.22 28.37
C ASP B 143 -14.54 22.04 27.13
N TYR B 144 -14.87 21.01 26.34
CA TYR B 144 -14.16 20.74 25.09
C TYR B 144 -14.02 21.95 24.19
N PRO B 145 -15.07 22.74 23.91
CA PRO B 145 -14.86 23.89 23.01
C PRO B 145 -13.89 24.92 23.54
N LYS B 146 -13.86 25.16 24.86
CA LYS B 146 -12.96 26.17 25.40
C LYS B 146 -11.51 25.70 25.37
N THR B 147 -11.28 24.39 25.45
CA THR B 147 -9.91 23.88 25.33
C THR B 147 -9.49 23.81 23.87
N GLN B 148 -10.41 23.47 22.97
CA GLN B 148 -10.15 23.59 21.54
C GLN B 148 -9.75 25.02 21.20
N GLU B 149 -10.48 26.00 21.74
CA GLU B 149 -10.14 27.40 21.53
C GLU B 149 -8.71 27.71 21.99
N ILE B 150 -8.30 27.12 23.12
CA ILE B 150 -6.96 27.35 23.65
C ILE B 150 -5.92 26.84 22.66
N THR B 151 -6.00 25.55 22.32
CA THR B 151 -5.02 24.92 21.43
C THR B 151 -4.83 25.70 20.15
N GLN B 152 -5.92 26.20 19.56
CA GLN B 152 -5.82 26.93 18.31
C GLN B 152 -4.87 28.12 18.43
N THR B 153 -4.93 28.85 19.54
CA THR B 153 -4.01 29.95 19.76
C THR B 153 -2.58 29.46 19.98
N LEU B 154 -2.42 28.26 20.54
CA LEU B 154 -1.08 27.70 20.68
C LEU B 154 -0.48 27.31 19.32
N LEU B 155 -1.30 26.88 18.38
CA LEU B 155 -0.82 26.33 17.12
C LEU B 155 -0.58 27.38 16.05
N TYR B 156 -0.55 28.67 16.43
CA TYR B 156 -0.35 29.72 15.44
C TYR B 156 1.07 29.71 14.91
N GLY B 157 1.22 30.15 13.66
CA GLY B 157 2.53 30.17 13.03
C GLY B 157 3.02 28.82 12.55
N GLY B 158 2.12 27.84 12.42
CA GLY B 158 2.51 26.49 12.06
C GLY B 158 2.09 26.06 10.67
N ILE B 159 3.08 25.81 9.81
CA ILE B 159 2.80 25.15 8.54
C ILE B 159 2.65 23.65 8.74
N LYS B 160 3.34 23.10 9.74
CA LYS B 160 3.31 21.67 10.02
C LYS B 160 3.00 21.46 11.50
N LYS B 161 2.51 20.27 11.82
CA LYS B 161 2.13 19.91 13.19
C LYS B 161 2.71 18.55 13.53
N LEU B 162 3.60 18.52 14.51
CA LEU B 162 4.19 17.29 14.98
C LEU B 162 3.36 16.72 16.13
N HIS B 163 3.00 15.44 16.02
CA HIS B 163 2.14 14.78 17.00
C HIS B 163 2.97 13.79 17.81
N LEU B 164 3.01 13.99 19.12
CA LEU B 164 3.71 13.12 20.05
C LEU B 164 2.77 12.60 21.12
N ASP B 165 2.94 11.33 21.46
CA ASP B 165 2.19 10.66 22.51
C ASP B 165 3.17 9.85 23.34
N LEU B 166 2.81 9.62 24.60
CA LEU B 166 3.64 8.87 25.54
C LEU B 166 3.02 7.52 25.81
N SER B 167 3.81 6.46 25.66
CA SER B 167 3.32 5.11 25.80
C SER B 167 3.03 4.77 27.25
N ASN B 168 1.80 4.35 27.52
CA ASN B 168 1.32 3.93 28.85
C ASN B 168 1.87 4.84 29.94
N PHE B 169 1.60 6.14 29.78
CA PHE B 169 2.16 7.14 30.69
C PHE B 169 1.68 6.89 32.12
N TYR B 170 0.39 6.64 32.29
CA TYR B 170 -0.15 6.39 33.63
C TYR B 170 0.42 5.11 34.22
N HIS B 171 0.40 4.02 33.45
CA HIS B 171 0.67 2.69 34.01
C HIS B 171 2.15 2.44 34.23
N THR B 172 3.02 3.02 33.41
CA THR B 172 4.45 2.81 33.52
C THR B 172 5.16 3.92 34.31
N LEU B 173 4.42 4.93 34.78
CA LEU B 173 5.04 6.05 35.46
C LEU B 173 5.83 5.56 36.66
N TYR B 174 7.11 5.90 36.70
CA TYR B 174 7.98 5.54 37.82
C TYR B 174 7.74 6.56 38.93
N THR B 175 7.09 6.12 40.02
CA THR B 175 6.61 7.04 41.04
C THR B 175 7.74 7.85 41.67
N HIS B 176 8.97 7.31 41.65
CA HIS B 176 10.11 8.04 42.20
C HIS B 176 10.64 9.10 41.24
N SER B 177 10.07 9.21 40.03
CA SER B 177 10.42 10.29 39.12
C SER B 177 9.57 11.54 39.34
N ILE B 178 8.52 11.44 40.15
CA ILE B 178 7.77 12.64 40.55
C ILE B 178 8.67 13.65 41.26
N PRO B 179 9.50 13.25 42.24
CA PRO B 179 10.48 14.22 42.78
C PRO B 179 11.47 14.69 41.73
N TRP B 180 11.76 13.87 40.74
CA TRP B 180 12.73 14.24 39.71
C TRP B 180 12.21 15.42 38.88
N MET B 181 10.99 15.31 38.37
CA MET B 181 10.45 16.37 37.52
C MET B 181 10.12 17.61 38.34
N ILE B 182 9.53 17.44 39.52
CA ILE B 182 9.01 18.57 40.27
C ILE B 182 10.15 19.42 40.82
N ASP B 183 11.16 18.76 41.41
CA ASP B 183 12.23 19.47 42.10
C ASP B 183 13.60 19.31 41.46
N GLY B 184 13.75 18.44 40.47
CA GLY B 184 15.07 18.19 39.90
C GLY B 184 15.58 16.80 40.23
N LYS B 185 15.86 16.00 39.20
CA LYS B 185 16.39 14.67 39.43
C LYS B 185 17.76 14.72 40.10
N SER B 186 18.53 15.77 39.83
CA SER B 186 19.86 15.89 40.43
C SER B 186 19.78 16.07 41.94
N ALA B 187 18.99 17.04 42.40
CA ALA B 187 18.91 17.30 43.83
C ALA B 187 18.21 16.19 44.60
N SER B 188 17.46 15.32 43.91
CA SER B 188 16.72 14.28 44.61
C SER B 188 17.64 13.20 45.15
N LYS B 189 18.83 13.05 44.57
CA LYS B 189 19.71 11.93 44.90
C LYS B 189 19.97 11.85 46.39
N GLN B 190 20.11 13.00 47.05
CA GLN B 190 20.19 13.07 48.50
C GLN B 190 20.22 14.53 48.97
N LYS B 193 16.93 13.17 50.69
CA LYS B 193 16.36 12.53 51.87
C LYS B 193 14.84 12.47 51.79
N LYS B 194 14.17 13.48 52.33
CA LYS B 194 12.72 13.51 52.36
C LYS B 194 12.23 14.94 52.54
N GLY B 195 11.36 15.38 51.63
CA GLY B 195 10.81 16.73 51.67
C GLY B 195 9.34 16.79 51.28
N PHE B 196 9.00 17.66 50.33
CA PHE B 196 7.61 17.77 49.88
C PHE B 196 7.29 16.71 48.84
N SER B 197 8.01 16.73 47.72
CA SER B 197 7.72 15.75 46.66
C SER B 197 8.00 14.33 47.12
N ASN B 198 9.00 14.14 47.98
CA ASN B 198 9.23 12.84 48.58
C ASN B 198 8.01 12.39 49.38
N THR B 199 7.48 13.26 50.23
CA THR B 199 6.31 12.92 51.03
C THR B 199 5.10 12.70 50.13
N LEU B 200 4.96 13.50 49.06
CA LEU B 200 3.95 13.22 48.06
C LEU B 200 4.13 11.83 47.48
N ASP B 201 5.38 11.47 47.15
CA ASP B 201 5.66 10.16 46.57
C ASP B 201 5.23 9.03 47.49
N THR B 202 5.71 9.05 48.74
CA THR B 202 5.39 7.99 49.69
C THR B 202 3.89 7.92 49.98
N LEU B 203 3.15 9.01 49.76
CA LEU B 203 1.70 8.95 49.90
C LEU B 203 1.03 8.36 48.68
N ILE B 204 1.64 8.52 47.50
CA ILE B 204 1.11 7.87 46.29
C ILE B 204 1.31 6.37 46.37
N THR B 205 2.56 5.94 46.60
CA THR B 205 2.85 4.52 46.73
C THR B 205 2.05 3.89 47.87
N ALA B 206 1.64 4.70 48.85
CA ALA B 206 0.83 4.19 49.96
C ALA B 206 -0.52 3.66 49.49
N CYS B 207 -1.06 4.23 48.41
CA CYS B 207 -2.36 3.79 47.92
C CYS B 207 -2.31 2.50 47.11
N GLN B 208 -1.11 2.01 46.78
CA GLN B 208 -0.97 0.80 45.98
C GLN B 208 0.01 -0.17 46.63
N TYR B 209 -0.07 -0.30 47.96
CA TYR B 209 0.77 -1.22 48.73
C TYR B 209 2.25 -1.03 48.42
N ASP B 210 2.68 0.23 48.37
CA ASP B 210 4.08 0.59 48.18
C ASP B 210 4.64 0.10 46.86
N GLU B 211 3.79 -0.05 45.85
CA GLU B 211 4.25 -0.37 44.50
C GLU B 211 4.59 0.92 43.78
N THR B 212 5.74 0.94 43.11
CA THR B 212 6.25 2.14 42.47
C THR B 212 6.02 2.16 40.97
N HIS B 213 5.29 1.19 40.42
CA HIS B 213 5.08 1.07 38.99
C HIS B 213 3.67 1.56 38.66
N GLY B 214 3.56 2.84 38.32
CA GLY B 214 2.32 3.37 37.81
C GLY B 214 1.45 4.11 38.80
N ILE B 215 0.88 5.23 38.36
CA ILE B 215 -0.07 5.99 39.16
C ILE B 215 -1.37 5.18 39.26
N PRO B 216 -2.12 5.28 40.37
CA PRO B 216 -3.41 4.60 40.44
C PRO B 216 -4.49 5.36 39.71
N THR B 217 -4.70 5.03 38.43
CA THR B 217 -5.59 5.80 37.58
C THR B 217 -7.05 5.45 37.88
N GLY B 218 -7.91 6.45 37.72
CA GLY B 218 -9.34 6.24 37.86
C GLY B 218 -10.03 7.29 38.70
N ASN B 219 -9.26 8.22 39.25
CA ASN B 219 -9.79 9.27 40.11
C ASN B 219 -9.20 10.61 39.70
N LEU B 220 -9.84 11.69 40.18
CA LEU B 220 -9.38 13.03 39.87
C LEU B 220 -8.06 13.34 40.55
N LEU B 221 -7.80 12.72 41.71
CA LEU B 221 -6.57 12.99 42.45
C LEU B 221 -5.34 12.66 41.62
N SER B 222 -5.38 11.54 40.89
CA SER B 222 -4.24 11.16 40.06
C SER B 222 -4.05 12.10 38.88
N ARG B 223 -5.15 12.58 38.29
CA ARG B 223 -5.06 13.55 37.21
C ARG B 223 -4.37 14.82 37.67
N ILE B 224 -4.68 15.30 38.88
CA ILE B 224 -4.02 16.47 39.43
C ILE B 224 -2.52 16.22 39.59
N ILE B 225 -2.19 15.08 40.21
CA ILE B 225 -0.78 14.69 40.35
C ILE B 225 -0.09 14.64 39.00
N THR B 226 -0.69 13.89 38.07
CA THR B 226 -0.14 13.76 36.72
C THR B 226 0.07 15.12 36.06
N GLU B 227 -0.92 16.01 36.18
CA GLU B 227 -0.84 17.29 35.48
C GLU B 227 0.27 18.18 36.05
N LEU B 228 0.51 18.12 37.36
CA LEU B 228 1.64 18.83 37.94
C LEU B 228 2.96 18.28 37.43
N TYR B 229 3.08 16.95 37.37
CA TYR B 229 4.25 16.31 36.78
C TYR B 229 4.55 16.85 35.39
N MET B 230 3.54 16.86 34.52
CA MET B 230 3.73 17.28 33.14
C MET B 230 3.88 18.80 33.01
N CYS B 231 3.53 19.57 34.04
CA CYS B 231 3.72 21.01 33.95
C CYS B 231 5.15 21.42 34.23
N HIS B 232 5.90 20.61 35.00
CA HIS B 232 7.34 20.81 35.06
C HIS B 232 8.02 20.29 33.80
N PHE B 233 7.43 19.30 33.14
CA PHE B 233 7.80 18.98 31.76
C PHE B 233 7.58 20.20 30.87
N ASP B 234 6.41 20.82 30.98
CA ASP B 234 6.10 22.00 30.17
C ASP B 234 7.05 23.14 30.50
N LYS B 235 7.24 23.43 31.79
CA LYS B 235 8.11 24.53 32.19
C LYS B 235 9.56 24.27 31.76
N GLN B 236 9.93 22.99 31.61
CA GLN B 236 11.25 22.67 31.09
C GLN B 236 11.37 23.07 29.62
N MET B 237 10.37 22.72 28.81
CA MET B 237 10.42 23.03 27.39
C MET B 237 10.17 24.51 27.13
N GLU B 238 9.28 25.13 27.91
CA GLU B 238 9.09 26.57 27.84
C GLU B 238 10.41 27.30 28.04
N TYR B 239 11.23 26.82 28.98
CA TYR B 239 12.52 27.42 29.24
C TYR B 239 13.43 27.37 28.02
N LYS B 240 13.27 26.37 27.17
CA LYS B 240 14.07 26.20 25.96
C LYS B 240 13.43 26.82 24.73
N LYS B 241 12.49 27.75 24.92
CA LYS B 241 11.91 28.55 23.83
C LYS B 241 11.09 27.69 22.86
N PHE B 242 10.38 26.71 23.39
CA PHE B 242 9.42 25.92 22.64
C PHE B 242 8.00 26.33 22.99
N VAL B 243 7.08 26.02 22.08
CA VAL B 243 5.65 26.27 22.28
C VAL B 243 4.89 25.11 21.66
N TYR B 244 3.96 24.52 22.41
CA TYR B 244 3.12 23.44 21.90
C TYR B 244 1.83 23.40 22.71
N SER B 245 0.93 22.53 22.30
CA SER B 245 -0.31 22.26 23.02
C SER B 245 -0.28 20.83 23.54
N ARG B 246 -0.62 20.65 24.80
CA ARG B 246 -0.57 19.35 25.45
C ARG B 246 -1.90 19.05 26.12
N TYR B 247 -2.35 17.81 25.98
CA TYR B 247 -3.50 17.29 26.71
C TYR B 247 -3.06 15.95 27.31
N VAL B 248 -2.80 15.95 28.61
CA VAL B 248 -2.18 14.82 29.32
C VAL B 248 -0.85 14.49 28.66
N ASP B 249 -0.79 13.40 27.91
CA ASP B 249 0.43 12.97 27.25
C ASP B 249 0.47 13.27 25.76
N ASP B 250 -0.56 13.96 25.24
CA ASP B 250 -0.68 14.19 23.80
C ASP B 250 -0.14 15.57 23.47
N PHE B 251 0.98 15.60 22.75
CA PHE B 251 1.61 16.84 22.32
C PHE B 251 1.21 17.18 20.88
N ILE B 252 1.06 18.47 20.61
CA ILE B 252 0.88 18.98 19.26
C ILE B 252 1.87 20.13 19.11
N PHE B 253 2.97 19.89 18.41
CA PHE B 253 4.03 20.88 18.28
C PHE B 253 3.95 21.54 16.91
N PRO B 254 3.68 22.84 16.84
CA PRO B 254 3.61 23.53 15.54
C PRO B 254 4.95 24.11 15.12
N PHE B 255 5.28 23.91 13.84
CA PHE B 255 6.54 24.41 13.31
C PHE B 255 6.38 24.71 11.83
N THR B 256 7.39 25.38 11.27
CA THR B 256 7.46 25.71 9.86
C THR B 256 8.65 25.08 9.15
N PHE B 257 9.76 24.88 9.85
CA PHE B 257 10.98 24.35 9.26
C PHE B 257 11.34 23.03 9.94
N GLU B 258 11.99 22.14 9.18
CA GLU B 258 12.30 20.81 9.69
C GLU B 258 13.36 20.86 10.79
N ASN B 259 14.28 21.84 10.73
CA ASN B 259 15.30 21.94 11.77
C ASN B 259 14.68 22.27 13.12
N GLU B 260 13.60 23.04 13.13
CA GLU B 260 12.87 23.28 14.38
C GLU B 260 12.32 21.98 14.95
N LYS B 261 11.77 21.13 14.09
CA LYS B 261 11.24 19.85 14.53
C LYS B 261 12.35 18.99 15.15
N GLN B 262 13.49 18.87 14.46
CA GLN B 262 14.61 18.11 15.00
C GLN B 262 15.12 18.73 16.29
N GLU B 263 15.25 20.05 16.33
CA GLU B 263 15.60 20.76 17.55
C GLU B 263 14.67 20.39 18.70
N PHE B 264 13.37 20.35 18.43
CA PHE B 264 12.39 20.05 19.46
C PHE B 264 12.47 18.59 19.90
N LEU B 265 12.63 17.67 18.94
CA LEU B 265 12.65 16.24 19.27
C LEU B 265 13.87 15.89 20.12
N ASN B 266 15.02 16.50 19.82
CA ASN B 266 16.23 16.20 20.57
C ASN B 266 16.09 16.61 22.04
N GLU B 267 15.39 17.72 22.29
CA GLU B 267 15.16 18.15 23.67
C GLU B 267 14.07 17.32 24.32
N PHE B 268 12.98 17.06 23.59
CA PHE B 268 11.88 16.24 24.10
C PHE B 268 12.39 14.87 24.54
N ASN B 269 13.19 14.22 23.70
CA ASN B 269 13.63 12.86 24.00
C ASN B 269 14.61 12.82 25.17
N LEU B 270 15.37 13.89 25.38
CA LEU B 270 16.29 13.92 26.51
C LEU B 270 15.54 13.94 27.83
N ILE B 271 14.37 14.58 27.88
CA ILE B 271 13.60 14.63 29.11
C ILE B 271 12.93 13.29 29.38
N CYS B 272 12.39 12.65 28.33
CA CYS B 272 11.78 11.33 28.49
C CYS B 272 12.80 10.31 29.01
N ARG B 273 14.06 10.45 28.63
CA ARG B 273 15.09 9.53 29.11
C ARG B 273 15.34 9.70 30.61
N GLU B 274 15.46 10.95 31.06
CA GLU B 274 15.76 11.21 32.47
C GLU B 274 14.64 10.76 33.39
N ASN B 275 13.39 10.79 32.92
CA ASN B 275 12.23 10.50 33.76
C ASN B 275 11.59 9.17 33.42
N ASN B 276 12.29 8.31 32.68
CA ASN B 276 11.82 6.97 32.35
C ASN B 276 10.45 7.01 31.67
N LEU B 277 10.33 7.88 30.67
CA LEU B 277 9.13 8.01 29.86
C LEU B 277 9.40 7.42 28.47
N ILE B 278 8.41 6.72 27.92
CA ILE B 278 8.55 6.04 26.64
C ILE B 278 7.60 6.69 25.63
N ILE B 279 8.15 7.06 24.48
CA ILE B 279 7.35 7.64 23.40
C ILE B 279 6.67 6.52 22.63
N ASN B 280 5.37 6.68 22.36
CA ASN B 280 4.66 5.76 21.49
C ASN B 280 4.96 6.15 20.05
N ASP B 281 5.81 5.38 19.38
CA ASP B 281 6.30 5.77 18.06
C ASP B 281 5.25 5.67 16.97
N ASN B 282 4.21 4.84 17.16
CA ASN B 282 3.16 4.75 16.16
C ASN B 282 2.42 6.08 16.01
N LYS B 283 2.12 6.74 17.13
CA LYS B 283 1.37 7.99 17.08
C LYS B 283 2.16 9.13 16.44
N THR B 284 3.49 9.00 16.35
CA THR B 284 4.31 10.08 15.83
C THR B 284 3.97 10.39 14.38
N LYS B 285 3.11 11.38 14.17
CA LYS B 285 2.74 11.83 12.84
C LYS B 285 3.09 13.31 12.69
N VAL B 286 3.16 13.74 11.44
CA VAL B 286 3.31 15.15 11.10
C VAL B 286 2.21 15.51 10.11
N ASP B 287 1.39 16.49 10.48
CA ASP B 287 0.34 16.99 9.60
C ASP B 287 0.89 18.17 8.81
N ASN B 288 1.13 17.96 7.52
CA ASN B 288 1.43 19.09 6.64
C ASN B 288 0.15 19.87 6.37
N PHE B 289 0.32 21.15 6.07
CA PHE B 289 -0.85 21.99 5.81
C PHE B 289 -1.22 21.89 4.32
N PRO B 290 -2.52 21.82 3.96
CA PRO B 290 -3.76 21.89 4.73
C PRO B 290 -3.91 20.82 5.82
N PHE B 291 -4.15 21.26 7.05
CA PHE B 291 -4.21 20.36 8.19
C PHE B 291 -5.48 19.51 8.14
N VAL B 292 -5.30 18.19 8.16
CA VAL B 292 -6.45 17.30 8.32
C VAL B 292 -7.09 17.55 9.68
N ASP B 293 -8.42 17.47 9.72
CA ASP B 293 -9.14 17.53 10.98
C ASP B 293 -10.39 16.67 10.84
N LYS B 294 -10.40 15.54 11.53
CA LYS B 294 -11.50 14.59 11.48
C LYS B 294 -12.38 14.64 12.73
N SER B 295 -12.18 15.65 13.57
CA SER B 295 -12.92 15.76 14.83
C SER B 295 -14.26 16.48 14.68
N SER B 296 -14.61 16.90 13.47
CA SER B 296 -15.83 17.69 13.28
C SER B 296 -17.06 16.90 13.73
N LYS B 297 -17.94 17.58 14.46
CA LYS B 297 -19.19 17.01 14.93
C LYS B 297 -20.40 17.74 14.37
N SER B 298 -20.19 18.68 13.44
CA SER B 298 -21.28 19.50 12.94
C SER B 298 -22.36 18.66 12.27
N ASP B 299 -21.97 17.70 11.44
CA ASP B 299 -22.95 16.87 10.75
C ASP B 299 -23.64 15.91 11.71
N ILE B 300 -22.94 15.48 12.77
CA ILE B 300 -23.54 14.62 13.77
C ILE B 300 -24.72 15.32 14.43
N PHE B 301 -24.50 16.53 14.94
CA PHE B 301 -25.53 17.24 15.67
C PHE B 301 -26.69 17.67 14.76
N SER B 302 -26.40 17.92 13.48
CA SER B 302 -27.41 18.37 12.54
C SER B 302 -28.33 17.26 12.06
N PHE B 303 -28.17 16.03 12.58
CA PHE B 303 -28.83 14.87 11.96
C PHE B 303 -30.34 14.96 12.06
N PHE B 304 -30.86 15.45 13.19
CA PHE B 304 -32.31 15.49 13.43
C PHE B 304 -32.92 16.85 13.12
N GLU B 305 -32.20 17.71 12.39
CA GLU B 305 -32.69 19.07 12.17
C GLU B 305 -33.99 19.09 11.40
N ASN B 306 -34.10 18.26 10.36
CA ASN B 306 -35.28 18.28 9.50
C ASN B 306 -36.50 17.61 10.11
N ILE B 307 -36.34 16.90 11.23
CA ILE B 307 -37.44 16.15 11.82
C ILE B 307 -38.07 16.99 12.93
N THR B 308 -39.37 16.79 13.16
CA THR B 308 -40.13 17.57 14.12
C THR B 308 -41.12 16.67 14.84
N SER B 309 -41.88 17.27 15.76
CA SER B 309 -42.84 16.54 16.58
C SER B 309 -43.94 15.88 15.77
N THR B 310 -44.14 16.31 14.52
CA THR B 310 -45.27 15.85 13.72
C THR B 310 -45.03 14.51 13.06
N ASN B 311 -43.78 14.21 12.72
CA ASN B 311 -43.46 13.01 11.94
C ASN B 311 -43.89 11.75 12.69
N SER B 312 -44.13 10.69 11.93
CA SER B 312 -44.61 9.43 12.49
C SER B 312 -43.64 8.88 13.51
N ASN B 313 -44.18 8.17 14.51
CA ASN B 313 -43.32 7.44 15.44
C ASN B 313 -42.46 6.42 14.70
N ASP B 314 -42.97 5.89 13.58
CA ASP B 314 -42.16 5.04 12.73
C ASP B 314 -40.98 5.82 12.15
N LYS B 315 -41.21 7.08 11.77
CA LYS B 315 -40.12 7.91 11.28
C LYS B 315 -39.10 8.21 12.37
N TRP B 316 -39.57 8.37 13.61
CA TRP B 316 -38.64 8.59 14.72
C TRP B 316 -37.84 7.33 15.02
N ILE B 317 -38.53 6.20 15.20
CA ILE B 317 -37.85 4.93 15.44
C ILE B 317 -36.88 4.60 14.30
N LYS B 318 -37.22 4.99 13.07
CA LYS B 318 -36.30 4.79 11.96
C LYS B 318 -35.12 5.75 12.05
N GLU B 319 -35.40 7.04 12.21
CA GLU B 319 -34.33 8.04 12.18
C GLU B 319 -33.35 7.86 13.33
N ILE B 320 -33.83 7.35 14.47
CA ILE B 320 -32.93 7.09 15.58
C ILE B 320 -32.06 5.87 15.29
N SER B 321 -32.64 4.82 14.71
CA SER B 321 -31.87 3.65 14.33
C SER B 321 -30.83 3.98 13.27
N ASN B 322 -31.21 4.77 12.26
CA ASN B 322 -30.26 5.20 11.26
C ASN B 322 -29.19 6.11 11.86
N PHE B 323 -29.58 6.92 12.85
CA PHE B 323 -28.63 7.84 13.45
C PHE B 323 -27.53 7.10 14.22
N ILE B 324 -27.89 5.98 14.85
CA ILE B 324 -26.88 5.20 15.57
C ILE B 324 -25.87 4.62 14.59
N ASP B 325 -26.34 4.15 13.43
CA ASP B 325 -25.43 3.62 12.42
C ASP B 325 -24.54 4.73 11.85
N TYR B 326 -25.11 5.92 11.65
CA TYR B 326 -24.31 7.06 11.22
C TYR B 326 -23.17 7.34 12.18
N CYS B 327 -23.45 7.34 13.48
CA CYS B 327 -22.43 7.69 14.47
C CYS B 327 -21.43 6.55 14.67
N VAL B 328 -21.91 5.30 14.67
CA VAL B 328 -21.00 4.16 14.76
C VAL B 328 -20.02 4.18 13.60
N ASN B 329 -20.52 4.41 12.39
CA ASN B 329 -19.65 4.55 11.23
C ASN B 329 -18.69 5.73 11.40
N GLU B 330 -19.18 6.85 11.94
CA GLU B 330 -18.33 8.01 12.13
C GLU B 330 -17.19 7.70 13.10
N GLU B 331 -17.47 6.95 14.16
CA GLU B 331 -16.41 6.52 15.05
C GLU B 331 -15.42 5.61 14.32
N HIS B 332 -15.91 4.79 13.39
CA HIS B 332 -15.03 3.90 12.64
C HIS B 332 -14.05 4.69 11.78
N LEU B 333 -14.48 5.84 11.23
CA LEU B 333 -13.63 6.61 10.34
C LEU B 333 -12.60 7.45 11.08
N GLY B 334 -12.77 7.67 12.38
CA GLY B 334 -11.78 8.41 13.14
C GLY B 334 -12.33 9.64 13.83
N ASN B 335 -13.64 9.81 13.83
CA ASN B 335 -14.29 10.92 14.55
C ASN B 335 -14.43 10.50 16.01
N LYS B 336 -13.36 10.75 16.77
CA LYS B 336 -13.32 10.32 18.17
C LYS B 336 -14.47 10.92 18.97
N GLY B 337 -15.13 10.07 19.74
CA GLY B 337 -16.26 10.50 20.54
C GLY B 337 -17.59 10.56 19.82
N ALA B 338 -17.65 10.06 18.57
CA ALA B 338 -18.91 10.08 17.83
C ALA B 338 -19.94 9.15 18.45
N ILE B 339 -19.51 8.04 19.06
CA ILE B 339 -20.45 7.14 19.72
C ILE B 339 -20.91 7.72 21.05
N LYS B 340 -19.99 8.33 21.81
CA LYS B 340 -20.38 9.04 23.02
C LYS B 340 -21.42 10.11 22.76
N CYS B 341 -21.51 10.59 21.51
CA CYS B 341 -22.45 11.65 21.13
C CYS B 341 -23.86 11.13 20.87
N ILE B 342 -24.06 9.82 20.73
CA ILE B 342 -25.38 9.29 20.39
C ILE B 342 -26.38 9.64 21.48
N PHE B 343 -26.09 9.24 22.71
CA PHE B 343 -27.05 9.44 23.80
C PHE B 343 -27.33 10.92 24.08
N PRO B 344 -26.33 11.81 24.14
CA PRO B 344 -26.65 13.23 24.35
C PRO B 344 -27.63 13.83 23.34
N VAL B 345 -27.39 13.66 22.04
CA VAL B 345 -28.21 14.36 21.08
C VAL B 345 -29.61 13.74 20.96
N ILE B 346 -29.73 12.43 21.20
CA ILE B 346 -31.05 11.81 21.20
C ILE B 346 -31.89 12.37 22.35
N THR B 347 -31.27 12.46 23.53
CA THR B 347 -31.89 13.15 24.65
C THR B 347 -32.23 14.59 24.29
N ASN B 348 -31.21 15.35 23.84
CA ASN B 348 -31.39 16.77 23.61
C ASN B 348 -32.37 17.06 22.48
N THR B 349 -32.43 16.19 21.46
CA THR B 349 -33.39 16.38 20.39
C THR B 349 -34.82 16.30 20.91
N LEU B 350 -35.10 15.32 21.75
CA LEU B 350 -36.45 15.16 22.30
C LEU B 350 -36.89 16.37 23.10
N LYS B 351 -35.95 17.05 23.76
CA LYS B 351 -36.27 18.30 24.44
C LYS B 351 -36.51 19.41 23.43
N GLN B 352 -35.54 19.65 22.54
CA GLN B 352 -35.63 20.75 21.60
C GLN B 352 -36.78 20.57 20.62
N LYS B 353 -37.11 19.33 20.28
CA LYS B 353 -38.21 19.08 19.35
C LYS B 353 -39.57 18.96 20.03
N LYS B 354 -39.59 18.78 21.36
CA LYS B 354 -40.81 18.87 22.16
C LYS B 354 -41.83 17.80 21.79
N VAL B 355 -41.37 16.56 21.64
CA VAL B 355 -42.28 15.46 21.32
C VAL B 355 -42.96 14.98 22.58
N ASP B 356 -44.17 14.44 22.42
CA ASP B 356 -45.03 14.14 23.56
C ASP B 356 -44.50 12.97 24.38
N THR B 357 -44.88 12.94 25.66
CA THR B 357 -44.42 11.89 26.56
C THR B 357 -45.01 10.54 26.18
N LYS B 358 -46.31 10.51 25.84
CA LYS B 358 -46.91 9.28 25.35
C LYS B 358 -46.23 8.84 24.05
N ASN B 359 -45.86 9.81 23.21
CA ASN B 359 -45.12 9.49 21.99
C ASN B 359 -43.72 8.97 22.30
N ILE B 360 -43.10 9.45 23.38
CA ILE B 360 -41.76 9.00 23.73
C ILE B 360 -41.80 7.57 24.26
N ASP B 361 -42.73 7.29 25.18
CA ASP B 361 -42.96 5.91 25.59
C ASP B 361 -43.30 5.04 24.39
N ASN B 362 -44.12 5.56 23.47
CA ASN B 362 -44.48 4.81 22.28
C ASN B 362 -43.26 4.53 21.41
N ILE B 363 -42.39 5.52 21.25
CA ILE B 363 -41.27 5.38 20.32
C ILE B 363 -40.29 4.31 20.81
N PHE B 364 -40.07 4.23 22.12
CA PHE B 364 -39.08 3.31 22.67
C PHE B 364 -39.67 1.97 23.10
N SER B 365 -40.97 1.90 23.40
CA SER B 365 -41.57 0.63 23.82
C SER B 365 -42.16 -0.16 22.67
N LYS B 366 -42.18 0.39 21.46
CA LYS B 366 -42.79 -0.29 20.33
C LYS B 366 -41.91 -1.43 19.84
N ARG B 367 -42.56 -2.52 19.43
CA ARG B 367 -41.90 -3.63 18.75
C ARG B 367 -42.70 -3.98 17.52
N ASN B 368 -42.08 -3.89 16.34
CA ASN B 368 -42.78 -4.21 15.11
C ASN B 368 -43.05 -5.70 15.04
N MET B 369 -44.35 -6.05 14.97
CA MET B 369 -44.73 -7.46 14.97
C MET B 369 -44.10 -8.22 13.80
N VAL B 370 -43.78 -7.52 12.71
CA VAL B 370 -43.21 -8.19 11.55
C VAL B 370 -41.71 -8.42 11.74
N THR B 371 -41.00 -7.48 12.38
CA THR B 371 -39.55 -7.51 12.43
C THR B 371 -38.97 -7.70 13.83
N ASN B 372 -39.79 -7.71 14.87
CA ASN B 372 -39.33 -7.85 16.26
C ASN B 372 -38.35 -6.76 16.66
N PHE B 373 -38.38 -5.61 15.99
CA PHE B 373 -37.42 -4.54 16.23
C PHE B 373 -37.92 -3.58 17.29
N ASN B 374 -37.06 -3.26 18.25
CA ASN B 374 -37.31 -2.24 19.27
C ASN B 374 -36.10 -1.34 19.33
N VAL B 375 -36.33 -0.02 19.27
CA VAL B 375 -35.22 0.91 19.15
C VAL B 375 -34.43 1.00 20.46
N PHE B 376 -35.09 0.81 21.60
CA PHE B 376 -34.37 0.80 22.87
C PHE B 376 -33.45 -0.41 22.97
N GLU B 377 -33.97 -1.59 22.61
CA GLU B 377 -33.16 -2.79 22.55
C GLU B 377 -31.89 -2.58 21.73
N LYS B 378 -32.02 -1.90 20.59
CA LYS B 378 -30.87 -1.57 19.76
C LYS B 378 -29.83 -0.79 20.56
N ILE B 379 -30.26 0.29 21.23
CA ILE B 379 -29.33 1.09 22.02
C ILE B 379 -28.77 0.27 23.17
N LEU B 380 -29.59 -0.62 23.76
CA LEU B 380 -29.11 -1.53 24.77
C LEU B 380 -27.99 -2.42 24.23
N ASP B 381 -28.23 -3.04 23.07
CA ASP B 381 -27.23 -3.91 22.47
C ASP B 381 -25.99 -3.12 22.06
N LEU B 382 -26.16 -1.85 21.68
CA LEU B 382 -25.02 -1.01 21.38
C LEU B 382 -24.10 -0.88 22.59
N SER B 383 -24.66 -0.52 23.74
CA SER B 383 -23.87 -0.30 24.95
C SER B 383 -23.04 -1.52 25.30
N LEU B 384 -23.59 -2.72 25.10
CA LEU B 384 -22.87 -3.95 25.42
C LEU B 384 -21.70 -4.22 24.48
N LYS B 385 -21.56 -3.45 23.40
CA LYS B 385 -20.39 -3.56 22.55
C LYS B 385 -19.18 -2.80 23.08
N ASP B 386 -19.37 -2.00 24.13
CA ASP B 386 -18.26 -1.31 24.79
C ASP B 386 -18.73 -0.94 26.19
N SER B 387 -18.21 -1.63 27.20
CA SER B 387 -18.68 -1.45 28.57
C SER B 387 -18.41 -0.04 29.10
N ARG B 388 -17.54 0.74 28.43
CA ARG B 388 -17.33 2.12 28.82
C ARG B 388 -18.54 3.01 28.51
N LEU B 389 -19.57 2.46 27.86
CA LEU B 389 -20.82 3.16 27.60
C LEU B 389 -21.83 2.96 28.72
N THR B 390 -21.42 2.36 29.84
CA THR B 390 -22.37 1.96 30.87
C THR B 390 -23.08 3.18 31.48
N ASN B 391 -22.30 4.11 32.02
CA ASN B 391 -22.90 5.32 32.59
C ASN B 391 -23.68 6.09 31.53
N LYS B 392 -23.13 6.18 30.32
CA LYS B 392 -23.81 6.94 29.27
C LYS B 392 -25.12 6.29 28.84
N PHE B 393 -25.19 4.96 28.85
CA PHE B 393 -26.46 4.30 28.51
C PHE B 393 -27.45 4.41 29.66
N LEU B 394 -26.98 4.23 30.90
CA LEU B 394 -27.90 4.27 32.04
C LEU B 394 -28.37 5.69 32.34
N THR B 395 -27.48 6.67 32.27
CA THR B 395 -27.92 8.05 32.39
C THR B 395 -28.80 8.46 31.21
N PHE B 396 -28.62 7.82 30.05
CA PHE B 396 -29.54 8.03 28.94
C PHE B 396 -30.91 7.46 29.26
N PHE B 397 -30.95 6.25 29.80
CA PHE B 397 -32.23 5.68 30.24
C PHE B 397 -32.86 6.55 31.33
N GLU B 398 -32.05 7.05 32.25
CA GLU B 398 -32.54 7.95 33.29
C GLU B 398 -33.31 9.11 32.68
N ASN B 399 -32.78 9.69 31.60
CA ASN B 399 -33.40 10.85 31.00
C ASN B 399 -34.69 10.48 30.26
N ILE B 400 -34.68 9.39 29.49
CA ILE B 400 -35.85 9.09 28.67
C ILE B 400 -37.00 8.59 29.54
N ASN B 401 -36.70 7.93 30.66
CA ASN B 401 -37.76 7.53 31.58
C ASN B 401 -38.45 8.75 32.17
N GLU B 402 -37.68 9.76 32.54
CA GLU B 402 -38.26 11.02 33.00
C GLU B 402 -39.06 11.68 31.88
N PHE B 403 -38.59 11.55 30.64
CA PHE B 403 -39.34 12.07 29.50
C PHE B 403 -40.63 11.30 29.24
N GLY B 404 -40.78 10.10 29.79
CA GLY B 404 -42.04 9.39 29.68
C GLY B 404 -41.95 7.90 29.44
N PHE B 405 -40.75 7.40 29.14
CA PHE B 405 -40.58 5.97 28.87
C PHE B 405 -40.89 5.16 30.12
N SER B 406 -41.71 4.13 29.95
CA SER B 406 -42.13 3.31 31.09
C SER B 406 -40.99 2.44 31.58
N SER B 407 -40.72 2.51 32.89
CA SER B 407 -39.72 1.64 33.49
C SER B 407 -40.12 0.18 33.36
N LEU B 408 -41.42 -0.12 33.51
CA LEU B 408 -41.91 -1.47 33.29
C LEU B 408 -41.58 -1.96 31.88
N SER B 409 -41.97 -1.17 30.87
CA SER B 409 -41.65 -1.51 29.50
C SER B 409 -40.15 -1.69 29.31
N ALA B 410 -39.34 -0.84 29.93
CA ALA B 410 -37.89 -0.91 29.78
C ALA B 410 -37.35 -2.22 30.35
N SER B 411 -37.66 -2.52 31.62
CA SER B 411 -37.22 -3.78 32.21
C SER B 411 -37.83 -4.98 31.50
N ASN B 412 -38.89 -4.78 30.70
CA ASN B 412 -39.41 -5.86 29.88
C ASN B 412 -38.54 -6.07 28.63
N ILE B 413 -38.11 -4.98 27.99
CA ILE B 413 -37.26 -5.11 26.80
C ILE B 413 -35.91 -5.71 27.16
N VAL B 414 -35.36 -5.31 28.31
CA VAL B 414 -34.03 -5.80 28.70
C VAL B 414 -34.10 -7.26 29.12
N LYS B 415 -35.07 -7.61 29.97
CA LYS B 415 -35.25 -9.00 30.36
C LYS B 415 -35.49 -9.89 29.16
N LYS B 416 -36.28 -9.42 28.19
CA LYS B 416 -36.47 -10.17 26.95
C LYS B 416 -35.15 -10.32 26.20
N TYR B 417 -34.30 -9.28 26.23
CA TYR B 417 -33.03 -9.36 25.54
C TYR B 417 -32.12 -10.41 26.15
N PHE B 418 -32.04 -10.47 27.48
CA PHE B 418 -31.24 -11.48 28.13
C PHE B 418 -31.78 -12.89 27.89
N SER B 419 -33.11 -13.01 27.73
CA SER B 419 -33.73 -14.32 27.62
C SER B 419 -33.25 -15.05 26.36
N ASN B 420 -33.49 -14.47 25.19
CA ASN B 420 -33.07 -15.09 23.94
C ASN B 420 -31.59 -14.85 23.64
N ASN B 421 -30.85 -14.24 24.57
CA ASN B 421 -29.39 -14.17 24.49
C ASN B 421 -28.76 -14.92 25.67
N SER B 422 -29.52 -15.82 26.31
CA SER B 422 -29.02 -16.52 27.49
C SER B 422 -27.68 -17.19 27.22
N LYS B 423 -27.60 -17.92 26.11
CA LYS B 423 -26.40 -18.69 25.77
C LYS B 423 -25.17 -17.80 25.70
N GLY B 424 -25.09 -16.95 24.67
CA GLY B 424 -23.90 -16.12 24.49
C GLY B 424 -23.59 -15.23 25.68
N LEU B 425 -24.63 -14.75 26.37
CA LEU B 425 -24.41 -13.89 27.52
C LEU B 425 -23.73 -14.66 28.65
N LYS B 426 -24.23 -15.86 28.94
CA LYS B 426 -23.59 -16.71 29.94
C LYS B 426 -22.15 -17.02 29.56
N GLU B 427 -21.92 -17.29 28.27
CA GLU B 427 -20.57 -17.60 27.80
C GLU B 427 -19.62 -16.43 28.03
N LYS B 428 -20.06 -15.22 27.68
CA LYS B 428 -19.19 -14.05 27.83
C LYS B 428 -18.84 -13.79 29.29
N ILE B 429 -19.68 -14.21 30.22
CA ILE B 429 -19.40 -13.99 31.65
C ILE B 429 -18.18 -14.79 32.08
N ASP B 430 -18.18 -16.10 31.78
CA ASP B 430 -17.03 -16.93 32.15
C ASP B 430 -15.76 -16.47 31.46
N HIS B 431 -15.89 -15.86 30.27
CA HIS B 431 -14.70 -15.33 29.59
C HIS B 431 -14.15 -14.11 30.32
N TYR B 432 -15.04 -13.24 30.82
CA TYR B 432 -14.58 -12.06 31.54
C TYR B 432 -13.91 -12.43 32.86
N ARG B 433 -14.47 -13.41 33.57
CA ARG B 433 -13.85 -13.88 34.81
C ARG B 433 -12.52 -14.55 34.52
N LYS B 434 -12.47 -15.39 33.49
CA LYS B 434 -11.23 -16.10 33.16
C LYS B 434 -10.09 -15.13 32.87
N ASN B 435 -10.39 -14.02 32.19
CA ASN B 435 -9.37 -13.08 31.75
C ASN B 435 -9.36 -11.80 32.56
N ASN B 436 -10.09 -11.74 33.68
CA ASN B 436 -10.11 -10.58 34.56
C ASN B 436 -10.50 -9.30 33.80
N PHE B 437 -11.53 -9.41 32.97
CA PHE B 437 -12.14 -8.24 32.34
C PHE B 437 -13.21 -7.75 33.31
N ASN B 438 -12.86 -6.73 34.10
CA ASN B 438 -13.68 -6.37 35.25
C ASN B 438 -14.88 -5.52 34.87
N GLN B 439 -14.72 -4.61 33.91
CA GLN B 439 -15.83 -3.73 33.55
C GLN B 439 -16.90 -4.48 32.76
N GLU B 440 -16.48 -5.36 31.85
CA GLU B 440 -17.45 -6.13 31.08
C GLU B 440 -18.32 -6.98 32.00
N LEU B 441 -17.73 -7.51 33.07
CA LEU B 441 -18.51 -8.19 34.10
C LEU B 441 -19.35 -7.20 34.90
N TYR B 442 -18.74 -6.08 35.29
CA TYR B 442 -19.46 -5.01 35.99
C TYR B 442 -20.73 -4.62 35.25
N GLN B 443 -20.67 -4.54 33.92
CA GLN B 443 -21.80 -4.05 33.15
C GLN B 443 -22.94 -5.06 33.12
N ILE B 444 -22.61 -6.35 32.99
CA ILE B 444 -23.64 -7.38 32.91
C ILE B 444 -24.50 -7.37 34.17
N LEU B 445 -23.86 -7.38 35.33
CA LEU B 445 -24.58 -7.47 36.59
C LEU B 445 -25.33 -6.18 36.88
N LEU B 446 -24.69 -5.02 36.64
CA LEU B 446 -25.35 -3.74 36.90
C LEU B 446 -26.65 -3.62 36.11
N TYR B 447 -26.66 -4.10 34.86
CA TYR B 447 -27.90 -4.14 34.10
C TYR B 447 -28.90 -5.08 34.74
N MET B 448 -28.44 -6.26 35.18
CA MET B 448 -29.31 -7.21 35.86
C MET B 448 -29.91 -6.60 37.12
N VAL B 449 -29.07 -5.97 37.94
CA VAL B 449 -29.55 -5.34 39.17
C VAL B 449 -30.57 -4.25 38.84
N VAL B 450 -30.24 -3.39 37.88
CA VAL B 450 -31.07 -2.22 37.62
C VAL B 450 -32.38 -2.63 36.96
N PHE B 451 -32.34 -3.58 36.04
CA PHE B 451 -33.52 -3.94 35.26
C PHE B 451 -34.22 -5.19 35.79
N GLU B 452 -33.91 -5.61 37.02
CA GLU B 452 -34.64 -6.68 37.72
C GLU B 452 -34.67 -7.96 36.90
N ILE B 453 -33.49 -8.45 36.55
CA ILE B 453 -33.35 -9.70 35.81
C ILE B 453 -33.06 -10.83 36.79
N ASP B 454 -33.80 -11.93 36.64
CA ASP B 454 -33.69 -13.06 37.55
C ASP B 454 -33.54 -14.40 36.84
N ASP B 455 -33.73 -14.47 35.52
CA ASP B 455 -33.70 -15.73 34.79
C ASP B 455 -32.33 -16.05 34.21
N LEU B 456 -31.43 -15.07 34.11
CA LEU B 456 -30.13 -15.31 33.50
C LEU B 456 -29.31 -16.29 34.33
N LEU B 457 -29.01 -15.93 35.58
CA LEU B 457 -28.17 -16.75 36.43
C LEU B 457 -29.04 -17.47 37.46
N ASN B 458 -29.02 -18.80 37.43
CA ASN B 458 -29.66 -19.59 38.48
C ASN B 458 -28.85 -19.46 39.76
N GLN B 459 -29.29 -20.15 40.81
CA GLN B 459 -28.77 -19.89 42.15
C GLN B 459 -27.27 -20.22 42.23
N GLU B 460 -26.89 -21.44 41.86
CA GLU B 460 -25.50 -21.86 42.00
C GLU B 460 -24.58 -21.02 41.13
N GLU B 461 -25.05 -20.62 39.93
CA GLU B 461 -24.26 -19.74 39.09
C GLU B 461 -24.01 -18.40 39.79
N LEU B 462 -25.03 -17.87 40.47
CA LEU B 462 -24.90 -16.57 41.12
C LEU B 462 -23.85 -16.63 42.22
N LEU B 463 -23.78 -17.73 42.95
CA LEU B 463 -22.80 -17.87 44.03
C LEU B 463 -21.40 -18.13 43.50
N ASN B 464 -21.27 -18.66 42.28
CA ASN B 464 -19.95 -18.84 41.68
C ASN B 464 -19.28 -17.51 41.39
N LEU B 465 -20.05 -16.42 41.32
CA LEU B 465 -19.46 -15.10 41.15
C LEU B 465 -18.70 -14.65 42.38
N ILE B 466 -19.05 -15.17 43.56
CA ILE B 466 -18.39 -14.80 44.81
C ILE B 466 -17.10 -15.59 44.91
N ASP B 467 -16.19 -15.36 43.96
CA ASP B 467 -14.91 -16.04 43.90
C ASP B 467 -13.79 -15.01 43.90
N LEU B 468 -12.56 -15.51 44.04
CA LEU B 468 -11.40 -14.64 43.92
C LEU B 468 -11.26 -14.15 42.48
N ASN B 469 -10.39 -13.16 42.29
CA ASN B 469 -10.16 -12.52 41.00
C ASN B 469 -11.40 -11.82 40.46
N ILE B 470 -12.37 -11.53 41.31
CA ILE B 470 -13.55 -10.75 40.95
C ILE B 470 -13.47 -9.40 41.65
N ASP B 471 -13.61 -8.33 40.88
CA ASP B 471 -13.51 -6.99 41.42
C ASP B 471 -14.58 -6.76 42.50
N ASP B 472 -14.31 -5.79 43.38
CA ASP B 472 -15.22 -5.51 44.49
C ASP B 472 -16.57 -5.00 44.01
N TYR B 473 -16.59 -4.26 42.89
CA TYR B 473 -17.85 -3.71 42.41
C TYR B 473 -18.76 -4.80 41.86
N SER B 474 -18.19 -5.77 41.13
CA SER B 474 -18.98 -6.90 40.66
C SER B 474 -19.41 -7.79 41.83
N LEU B 475 -18.53 -7.96 42.83
CA LEU B 475 -18.89 -8.73 44.02
C LEU B 475 -20.14 -8.16 44.69
N ILE B 476 -20.26 -6.83 44.71
CA ILE B 476 -21.41 -6.19 45.34
C ILE B 476 -22.68 -6.49 44.55
N LEU B 477 -22.63 -6.31 43.23
CA LEU B 477 -23.82 -6.51 42.40
C LEU B 477 -24.31 -7.95 42.47
N GLY B 478 -23.39 -8.92 42.45
CA GLY B 478 -23.79 -10.31 42.60
C GLY B 478 -24.44 -10.57 43.95
N THR B 479 -23.88 -9.98 45.01
CA THR B 479 -24.52 -10.06 46.33
C THR B 479 -25.90 -9.44 46.30
N ILE B 480 -26.04 -8.28 45.66
CA ILE B 480 -27.34 -7.62 45.57
C ILE B 480 -28.32 -8.50 44.80
N LEU B 481 -27.91 -8.99 43.62
CA LEU B 481 -28.76 -9.87 42.84
C LEU B 481 -29.23 -11.08 43.64
N TYR B 482 -28.40 -11.55 44.57
CA TYR B 482 -28.78 -12.67 45.42
C TYR B 482 -29.78 -12.23 46.49
N LEU B 483 -29.47 -11.15 47.20
CA LEU B 483 -30.36 -10.68 48.26
C LEU B 483 -31.71 -10.24 47.72
N LYS B 484 -31.77 -9.82 46.45
CA LYS B 484 -33.03 -9.45 45.82
C LYS B 484 -33.91 -10.65 45.50
N ASN B 485 -33.47 -11.87 45.83
CA ASN B 485 -34.29 -13.07 45.69
C ASN B 485 -34.51 -13.66 47.08
N SER B 486 -35.72 -13.47 47.61
CA SER B 486 -36.07 -14.04 48.91
C SER B 486 -36.29 -15.55 48.85
N SER B 487 -36.19 -16.16 47.68
CA SER B 487 -36.28 -17.61 47.56
C SER B 487 -34.97 -18.31 47.85
N TYR B 488 -33.86 -17.58 47.89
CA TYR B 488 -32.54 -18.14 48.12
C TYR B 488 -32.21 -18.01 49.60
N LYS B 489 -32.00 -19.14 50.26
CA LYS B 489 -31.61 -19.14 51.67
C LYS B 489 -30.30 -18.40 51.84
N LEU B 490 -30.30 -17.37 52.69
CA LEU B 490 -29.11 -16.57 52.92
C LEU B 490 -27.99 -17.35 53.60
N GLU B 491 -28.26 -18.57 54.05
CA GLU B 491 -27.23 -19.36 54.71
C GLU B 491 -26.12 -19.74 53.73
N LYS B 492 -26.48 -20.01 52.48
CA LYS B 492 -25.49 -20.45 51.50
C LYS B 492 -24.58 -19.31 51.06
N LEU B 493 -25.15 -18.11 50.88
CA LEU B 493 -24.35 -16.97 50.44
C LEU B 493 -23.30 -16.57 51.47
N LEU B 494 -23.59 -16.79 52.76
CA LEU B 494 -22.63 -16.43 53.80
C LEU B 494 -21.39 -17.30 53.76
N LYS B 495 -21.51 -18.53 53.26
CA LYS B 495 -20.35 -19.40 53.13
C LYS B 495 -19.37 -18.84 52.09
N LYS B 496 -19.88 -18.50 50.91
CA LYS B 496 -19.02 -17.97 49.84
C LYS B 496 -18.29 -16.71 50.29
N ILE B 497 -18.99 -15.80 50.96
CA ILE B 497 -18.36 -14.56 51.43
C ILE B 497 -17.29 -14.87 52.46
N ASP B 498 -17.57 -15.79 53.39
CA ASP B 498 -16.61 -16.13 54.43
C ASP B 498 -15.35 -16.75 53.84
N GLN B 499 -15.51 -17.63 52.86
CA GLN B 499 -14.34 -18.28 52.25
C GLN B 499 -13.43 -17.25 51.58
N LEU B 500 -14.01 -16.32 50.83
CA LEU B 500 -13.21 -15.31 50.14
C LEU B 500 -12.42 -14.45 51.12
N PHE B 501 -13.06 -14.03 52.22
CA PHE B 501 -12.39 -13.20 53.20
C PHE B 501 -11.18 -13.90 53.79
N ILE B 502 -11.33 -15.19 54.15
CA ILE B 502 -10.22 -15.94 54.72
C ILE B 502 -9.12 -16.14 53.68
N ASN B 503 -9.49 -16.51 52.45
CA ASN B 503 -8.50 -16.75 51.41
C ASN B 503 -7.75 -15.47 51.06
N THR B 504 -8.46 -14.34 51.01
CA THR B 504 -7.80 -13.07 50.68
C THR B 504 -6.83 -12.65 51.77
N HIS B 505 -7.23 -12.79 53.04
CA HIS B 505 -6.33 -12.44 54.14
C HIS B 505 -5.14 -13.38 54.24
N ALA B 506 -5.26 -14.61 53.74
CA ALA B 506 -4.14 -15.55 53.83
C ALA B 506 -2.92 -15.04 53.09
N ASN B 507 -3.11 -14.27 52.02
CA ASN B 507 -1.98 -13.75 51.26
C ASN B 507 -1.14 -12.80 52.11
N TYR B 508 -1.79 -11.85 52.78
CA TYR B 508 -1.08 -10.88 53.60
C TYR B 508 -0.57 -11.51 54.89
N ASP B 509 0.38 -10.82 55.52
CA ASP B 509 0.87 -11.24 56.83
C ASP B 509 -0.28 -11.21 57.84
N VAL B 510 -0.15 -12.04 58.87
CA VAL B 510 -1.24 -12.17 59.85
C VAL B 510 -1.45 -10.87 60.61
N LYS B 511 -0.40 -10.09 60.83
CA LYS B 511 -0.50 -8.83 61.56
C LYS B 511 -1.02 -7.68 60.70
N THR B 512 -1.54 -7.96 59.51
CA THR B 512 -2.02 -6.92 58.61
C THR B 512 -3.47 -6.57 58.93
N SER B 513 -3.76 -5.27 58.92
CA SER B 513 -5.12 -4.81 59.16
C SER B 513 -6.03 -5.24 58.02
N ARG B 514 -7.15 -5.88 58.38
CA ARG B 514 -8.05 -6.41 57.36
C ARG B 514 -8.59 -5.33 56.44
N MET B 515 -8.66 -4.08 56.91
CA MET B 515 -9.11 -2.97 56.09
C MET B 515 -7.98 -2.31 55.32
N ALA B 516 -6.78 -2.88 55.35
CA ALA B 516 -5.68 -2.45 54.51
C ALA B 516 -5.40 -3.45 53.38
N GLU B 517 -6.32 -4.36 53.12
CA GLU B 517 -6.13 -5.46 52.19
C GLU B 517 -7.07 -5.30 51.00
N LYS B 518 -6.95 -6.22 50.04
CA LYS B 518 -7.88 -6.26 48.92
C LYS B 518 -9.29 -6.54 49.42
N LEU B 519 -10.28 -6.21 48.59
CA LEU B 519 -11.70 -6.41 48.85
C LEU B 519 -12.25 -5.48 49.92
N TRP B 520 -11.61 -4.32 50.13
CA TRP B 520 -12.01 -3.47 51.25
C TRP B 520 -13.41 -2.89 51.03
N LEU B 521 -13.75 -2.54 49.80
CA LEU B 521 -15.06 -1.94 49.56
C LEU B 521 -16.17 -2.97 49.69
N PHE B 522 -15.91 -4.20 49.25
CA PHE B 522 -16.91 -5.26 49.44
C PHE B 522 -17.08 -5.60 50.91
N ARG B 523 -15.98 -5.55 51.67
CA ARG B 523 -16.07 -5.77 53.11
C ARG B 523 -16.92 -4.71 53.79
N TYR B 524 -16.79 -3.45 53.34
CA TYR B 524 -17.60 -2.39 53.93
C TYR B 524 -19.08 -2.56 53.59
N PHE B 525 -19.38 -3.01 52.37
CA PHE B 525 -20.76 -3.24 51.98
C PHE B 525 -21.42 -4.29 52.88
N PHE B 526 -20.72 -5.38 53.14
CA PHE B 526 -21.29 -6.46 53.94
C PHE B 526 -21.38 -6.07 55.41
N TYR B 527 -20.29 -5.52 55.96
CA TYR B 527 -20.29 -5.08 57.36
C TYR B 527 -21.41 -4.08 57.62
N PHE B 528 -21.62 -3.15 56.69
CA PHE B 528 -22.70 -2.18 56.81
C PHE B 528 -24.05 -2.88 56.88
N LEU B 529 -24.26 -3.89 56.04
CA LEU B 529 -25.56 -4.57 55.99
C LEU B 529 -25.82 -5.35 57.27
N ASN B 530 -24.80 -6.01 57.82
CA ASN B 530 -25.00 -6.77 59.05
C ASN B 530 -25.25 -5.86 60.24
N CYS B 531 -24.55 -4.71 60.29
CA CYS B 531 -24.78 -3.76 61.37
C CYS B 531 -26.17 -3.15 61.30
N LYS B 532 -26.63 -2.85 60.08
CA LYS B 532 -28.02 -2.44 59.87
C LYS B 532 -29.00 -3.60 60.03
N ASN B 533 -28.49 -4.81 60.26
CA ASN B 533 -29.30 -6.02 60.43
C ASN B 533 -30.10 -6.38 59.19
N ILE B 534 -29.65 -5.94 58.01
CA ILE B 534 -30.15 -6.53 56.77
C ILE B 534 -29.92 -8.03 56.79
N PHE B 535 -28.73 -8.44 57.22
CA PHE B 535 -28.47 -9.84 57.58
C PHE B 535 -28.95 -10.06 59.00
N SER B 536 -30.03 -10.83 59.14
CA SER B 536 -30.61 -11.09 60.46
C SER B 536 -29.56 -11.67 61.40
N GLN B 537 -29.48 -11.10 62.60
CA GLN B 537 -28.51 -11.59 63.58
C GLN B 537 -28.82 -13.02 63.99
N LYS B 538 -30.09 -13.43 63.92
CA LYS B 538 -30.42 -14.84 64.13
C LYS B 538 -29.87 -15.70 63.02
N GLU B 539 -29.88 -15.19 61.78
CA GLU B 539 -29.35 -15.93 60.63
C GLU B 539 -27.83 -15.91 60.58
N ILE B 540 -27.19 -14.92 61.21
CA ILE B 540 -25.73 -14.89 61.27
C ILE B 540 -25.20 -15.95 62.23
N ASN B 541 -25.74 -15.98 63.44
CA ASN B 541 -25.27 -16.92 64.45
C ASN B 541 -25.49 -18.37 64.03
N SER B 542 -26.52 -18.62 63.22
CA SER B 542 -26.78 -19.98 62.75
C SER B 542 -25.63 -20.50 61.89
N TYR B 543 -25.06 -19.63 61.05
CA TYR B 543 -23.97 -20.05 60.18
C TYR B 543 -22.70 -20.34 60.98
N CYS B 544 -22.40 -19.51 61.98
CA CYS B 544 -21.19 -19.71 62.78
C CYS B 544 -21.22 -21.01 63.56
N GLN B 545 -22.40 -21.44 64.02
CA GLN B 545 -22.51 -22.73 64.69
C GLN B 545 -22.13 -23.87 63.75
N SER B 546 -22.44 -23.73 62.46
CA SER B 546 -22.08 -24.76 61.49
C SER B 546 -20.56 -24.89 61.37
N GLN B 547 -19.85 -23.77 61.38
CA GLN B 547 -18.39 -23.77 61.34
C GLN B 547 -17.76 -23.79 62.73
N ASN B 548 -18.57 -23.73 63.79
CA ASN B 548 -18.10 -23.86 65.18
C ASN B 548 -17.01 -22.84 65.50
N TYR B 549 -17.28 -21.58 65.16
CA TYR B 549 -16.38 -20.52 65.55
C TYR B 549 -16.51 -20.24 67.05
N ASN B 550 -15.46 -19.64 67.61
CA ASN B 550 -15.40 -19.38 69.04
C ASN B 550 -15.90 -17.97 69.34
N SER B 551 -16.86 -17.89 70.25
CA SER B 551 -17.43 -16.60 70.63
C SER B 551 -16.54 -15.88 71.64
N GLY B 552 -16.75 -14.58 71.76
CA GLY B 552 -15.98 -13.77 72.69
C GLY B 552 -16.71 -12.52 73.17
N GLN B 553 -15.96 -11.58 73.76
CA GLN B 553 -16.58 -10.36 74.26
C GLN B 553 -17.09 -9.47 73.14
N ASN B 554 -16.46 -9.52 71.97
CA ASN B 554 -16.92 -8.78 70.80
C ASN B 554 -17.66 -9.65 69.80
N GLY B 555 -18.08 -10.84 70.21
CA GLY B 555 -18.85 -11.73 69.37
C GLY B 555 -18.03 -12.90 68.85
N TYR B 556 -18.57 -13.54 67.82
CA TYR B 556 -17.88 -14.66 67.18
C TYR B 556 -16.64 -14.16 66.45
N GLN B 557 -15.58 -14.96 66.50
CA GLN B 557 -14.31 -14.61 65.85
C GLN B 557 -14.32 -15.18 64.42
N THR B 558 -15.01 -14.46 63.54
CA THR B 558 -15.06 -14.77 62.12
C THR B 558 -14.75 -13.50 61.34
N GLU B 559 -14.30 -13.66 60.11
CA GLU B 559 -14.04 -12.52 59.24
C GLU B 559 -15.33 -11.78 58.90
N LEU B 560 -16.46 -12.31 59.34
CA LEU B 560 -17.77 -11.74 59.06
C LEU B 560 -18.31 -10.85 60.18
N ASN B 561 -17.53 -10.63 61.24
CA ASN B 561 -17.94 -9.78 62.35
C ASN B 561 -16.97 -8.60 62.44
N TRP B 562 -17.51 -7.38 62.27
CA TRP B 562 -16.66 -6.20 62.29
C TRP B 562 -16.08 -5.93 63.67
N ASN B 563 -16.82 -6.26 64.73
CA ASN B 563 -16.36 -5.97 66.09
C ASN B 563 -15.08 -6.74 66.41
N TYR B 564 -14.99 -7.98 65.94
CA TYR B 564 -13.77 -8.76 66.15
C TYR B 564 -12.64 -8.25 65.26
N ILE B 565 -12.95 -7.85 64.03
CA ILE B 565 -11.91 -7.49 63.09
C ILE B 565 -11.25 -6.17 63.48
N LYS B 566 -12.03 -5.25 64.03
CA LYS B 566 -11.56 -3.88 64.25
C LYS B 566 -10.32 -3.80 65.12
N GLY B 567 -9.93 -4.88 65.81
CA GLY B 567 -8.78 -4.83 66.68
C GLY B 567 -7.68 -5.81 66.32
N GLN B 568 -7.67 -6.27 65.06
CA GLN B 568 -6.66 -7.21 64.58
C GLN B 568 -5.65 -6.49 63.70
N GLY B 569 -4.38 -6.65 64.03
CA GLY B 569 -3.31 -5.99 63.32
C GLY B 569 -2.64 -4.94 64.17
N LYS B 570 -1.39 -4.63 63.82
CA LYS B 570 -0.58 -3.69 64.59
C LYS B 570 -0.80 -2.25 64.17
N ASP B 571 -1.47 -2.00 63.04
CA ASP B 571 -1.69 -0.64 62.53
C ASP B 571 -3.17 -0.52 62.15
N LEU B 572 -4.01 -0.27 63.15
CA LEU B 572 -5.45 -0.19 62.97
C LEU B 572 -5.91 1.17 62.44
N ARG B 573 -4.99 2.02 61.96
CA ARG B 573 -5.34 3.37 61.55
C ARG B 573 -6.47 3.38 60.52
N ALA B 574 -6.48 2.42 59.59
CA ALA B 574 -7.57 2.35 58.63
C ALA B 574 -8.85 1.81 59.25
N ASN B 575 -8.74 0.78 60.09
CA ASN B 575 -9.93 0.20 60.71
C ASN B 575 -10.64 1.20 61.59
N ASN B 576 -9.89 2.03 62.33
CA ASN B 576 -10.51 3.08 63.12
C ASN B 576 -11.24 4.08 62.24
N PHE B 577 -10.62 4.46 61.11
CA PHE B 577 -11.27 5.38 60.18
C PHE B 577 -12.58 4.81 59.65
N PHE B 578 -12.58 3.53 59.29
CA PHE B 578 -13.81 2.91 58.80
C PHE B 578 -14.81 2.67 59.92
N ASN B 579 -14.33 2.47 61.15
CA ASN B 579 -15.23 2.28 62.28
C ASN B 579 -16.12 3.50 62.50
N GLU B 580 -15.52 4.69 62.46
CA GLU B 580 -16.31 5.92 62.60
C GLU B 580 -17.39 6.00 61.54
N LEU B 581 -17.08 5.62 60.29
CA LEU B 581 -18.09 5.59 59.25
C LEU B 581 -19.15 4.54 59.52
N ILE B 582 -18.74 3.35 60.00
CA ILE B 582 -19.70 2.31 60.35
C ILE B 582 -20.59 2.77 61.50
N VAL B 583 -20.00 3.47 62.48
CA VAL B 583 -20.78 3.96 63.61
C VAL B 583 -21.80 4.98 63.14
N LYS B 584 -21.37 5.94 62.33
CA LYS B 584 -22.23 7.04 61.88
C LYS B 584 -23.10 6.69 60.68
N GLU B 585 -23.30 5.40 60.40
CA GLU B 585 -24.16 4.91 59.31
C GLU B 585 -23.93 5.69 58.02
N VAL B 586 -22.70 5.60 57.52
CA VAL B 586 -22.31 6.19 56.25
C VAL B 586 -22.26 5.08 55.22
N TRP B 587 -23.07 5.22 54.17
CA TRP B 587 -23.12 4.20 53.12
C TRP B 587 -22.27 4.63 51.94
N LEU B 588 -21.34 3.77 51.55
CA LEU B 588 -20.58 3.94 50.32
C LEU B 588 -21.24 3.27 49.13
N ILE B 589 -22.21 2.39 49.38
CA ILE B 589 -23.06 1.81 48.35
C ILE B 589 -24.50 2.21 48.65
N SER B 590 -25.20 2.71 47.64
CA SER B 590 -26.59 3.11 47.82
C SER B 590 -27.50 1.88 47.83
N CYS B 591 -28.28 1.74 48.89
CA CYS B 591 -29.22 0.63 49.03
C CYS B 591 -30.51 0.84 48.26
N GLY B 592 -30.61 1.91 47.47
CA GLY B 592 -31.84 2.22 46.78
C GLY B 592 -32.69 3.21 47.55
N GLU B 593 -33.69 3.75 46.84
CA GLU B 593 -34.55 4.78 47.43
C GLU B 593 -35.40 4.20 48.56
N ASN B 594 -35.93 2.99 48.38
CA ASN B 594 -36.73 2.33 49.40
C ASN B 594 -35.95 1.28 50.17
N GLU B 595 -34.62 1.30 50.06
CA GLU B 595 -33.76 0.25 50.63
C GLU B 595 -34.19 -1.14 50.12
N ASP B 596 -34.78 -1.18 48.93
CA ASP B 596 -35.18 -2.41 48.28
C ASP B 596 -34.23 -2.83 47.17
N PHE B 597 -33.12 -2.10 47.00
CA PHE B 597 -32.12 -2.39 45.96
C PHE B 597 -32.73 -2.34 44.56
N LYS B 598 -33.80 -1.58 44.39
CA LYS B 598 -34.41 -1.32 43.09
C LYS B 598 -34.11 0.12 42.68
N TYR B 599 -34.12 0.35 41.36
CA TYR B 599 -33.54 1.58 40.84
C TYR B 599 -34.31 2.08 39.62
N LEU B 600 -35.64 2.05 39.67
CA LEU B 600 -36.45 2.55 38.56
C LEU B 600 -37.52 3.50 39.08
N ASN B 601 -38.13 4.22 38.14
CA ASN B 601 -39.18 5.18 38.46
C ASN B 601 -40.50 4.77 37.83
N SER C 2 10.21 -35.77 -38.61
CA SER C 2 10.18 -34.35 -38.28
C SER C 2 9.64 -34.13 -36.87
N MET C 3 9.07 -32.95 -36.63
CA MET C 3 8.38 -32.70 -35.38
C MET C 3 7.09 -33.52 -35.30
N LYS C 4 6.40 -33.65 -36.43
CA LYS C 4 5.20 -34.49 -36.50
C LYS C 4 5.53 -35.95 -36.20
N LYS C 5 6.70 -36.41 -36.65
CA LYS C 5 7.08 -37.81 -36.43
C LYS C 5 7.40 -38.07 -34.96
N GLU C 6 8.06 -37.11 -34.30
CA GLU C 6 8.35 -37.26 -32.87
C GLU C 6 7.06 -37.31 -32.06
N PHE C 7 6.12 -36.42 -32.36
CA PHE C 7 4.86 -36.39 -31.62
C PHE C 7 4.07 -37.67 -31.84
N THR C 8 4.04 -38.17 -33.09
CA THR C 8 3.26 -39.37 -33.39
C THR C 8 3.78 -40.57 -32.62
N GLU C 9 5.12 -40.70 -32.53
CA GLU C 9 5.71 -41.74 -31.70
C GLU C 9 5.19 -41.67 -30.27
N LEU C 10 5.19 -40.47 -29.70
CA LEU C 10 4.75 -40.28 -28.32
C LEU C 10 3.30 -40.70 -28.13
N TYR C 11 2.42 -40.28 -29.03
CA TYR C 11 1.00 -40.57 -28.86
C TYR C 11 0.66 -42.02 -29.17
N ASP C 12 1.33 -42.61 -30.15
CA ASP C 12 1.17 -44.04 -30.41
C ASP C 12 1.48 -44.85 -29.16
N PHE C 13 2.55 -44.48 -28.47
CA PHE C 13 2.90 -45.13 -27.20
C PHE C 13 1.82 -44.91 -26.15
N ILE C 14 1.26 -43.69 -26.08
CA ILE C 14 0.41 -43.33 -24.95
C ILE C 14 -0.99 -43.91 -25.13
N PHE C 15 -1.61 -43.68 -26.29
CA PHE C 15 -2.97 -44.16 -26.53
C PHE C 15 -2.96 -45.67 -26.70
N ASP C 16 -2.65 -46.36 -25.60
CA ASP C 16 -2.60 -47.81 -25.54
C ASP C 16 -3.41 -48.20 -24.29
N PRO C 17 -4.44 -49.03 -24.42
CA PRO C 17 -5.34 -49.26 -23.28
C PRO C 17 -4.66 -49.78 -22.04
N ILE C 18 -3.59 -50.55 -22.17
CA ILE C 18 -2.87 -51.03 -20.99
C ILE C 18 -2.05 -49.90 -20.37
N PHE C 19 -1.42 -49.07 -21.20
CA PHE C 19 -0.64 -47.96 -20.67
C PHE C 19 -1.50 -46.99 -19.89
N LEU C 20 -2.73 -46.76 -20.33
CA LEU C 20 -3.59 -45.77 -19.70
C LEU C 20 -4.16 -46.23 -18.36
N VAL C 21 -4.00 -47.51 -18.01
CA VAL C 21 -4.36 -48.00 -16.69
C VAL C 21 -3.13 -48.31 -15.84
N ARG C 22 -2.10 -48.93 -16.43
CA ARG C 22 -0.90 -49.25 -15.67
C ARG C 22 -0.21 -48.00 -15.19
N TYR C 23 -0.21 -46.94 -16.01
CA TYR C 23 0.45 -45.70 -15.69
C TYR C 23 -0.50 -44.52 -15.58
N GLY C 24 -1.73 -44.63 -16.09
CA GLY C 24 -2.60 -43.48 -16.19
C GLY C 24 -3.66 -43.35 -15.11
N TYR C 25 -4.06 -44.48 -14.50
CA TYR C 25 -5.10 -44.40 -13.47
C TYR C 25 -4.64 -43.59 -12.28
N TYR C 26 -3.38 -43.75 -11.87
CA TYR C 26 -2.81 -43.00 -10.76
C TYR C 26 -1.91 -41.87 -11.23
N ASP C 27 -1.93 -41.56 -12.52
CA ASP C 27 -1.22 -40.41 -13.09
C ASP C 27 0.28 -40.49 -12.85
N ARG C 28 0.84 -41.66 -13.14
CA ARG C 28 2.29 -41.80 -13.13
C ARG C 28 2.86 -41.47 -14.50
N SER C 29 4.18 -41.28 -14.55
CA SER C 29 4.87 -41.00 -15.80
C SER C 29 6.15 -41.80 -15.86
N ILE C 30 6.50 -42.26 -17.05
CA ILE C 30 7.74 -42.99 -17.30
C ILE C 30 8.61 -42.15 -18.23
N LYS C 31 9.90 -42.03 -17.89
CA LYS C 31 10.83 -41.26 -18.68
C LYS C 31 11.38 -42.02 -19.88
N ASN C 32 11.03 -43.29 -20.06
CA ASN C 32 11.61 -44.09 -21.13
C ASN C 32 10.63 -45.18 -21.55
N LYS C 33 10.60 -45.44 -22.86
CA LYS C 33 9.68 -46.45 -23.39
C LYS C 33 9.96 -47.84 -22.83
N LYS C 34 11.23 -48.19 -22.68
CA LYS C 34 11.60 -49.54 -22.25
C LYS C 34 11.12 -49.89 -20.85
N MET C 35 10.70 -48.90 -20.05
CA MET C 35 10.22 -49.16 -18.71
C MET C 35 8.88 -49.88 -18.67
N ASN C 36 8.18 -49.97 -19.81
CA ASN C 36 6.86 -50.60 -19.87
C ASN C 36 7.03 -52.08 -20.17
N THR C 37 7.56 -52.80 -19.18
CA THR C 37 7.92 -54.20 -19.33
C THR C 37 6.67 -55.08 -19.35
N ALA C 38 6.89 -56.39 -19.41
CA ALA C 38 5.83 -57.39 -19.40
C ALA C 38 5.75 -58.11 -18.07
N LYS C 39 6.44 -57.63 -17.04
CA LYS C 39 6.44 -58.25 -15.72
C LYS C 39 5.89 -57.28 -14.69
N VAL C 40 5.22 -57.83 -13.68
CA VAL C 40 4.82 -57.02 -12.54
C VAL C 40 6.07 -56.53 -11.82
N GLU C 41 6.21 -55.21 -11.72
CA GLU C 41 7.33 -54.59 -11.03
C GLU C 41 6.81 -54.01 -9.72
N LEU C 42 7.30 -54.53 -8.60
CA LEU C 42 7.03 -53.94 -7.29
C LEU C 42 8.28 -53.74 -6.45
N ASP C 43 9.45 -54.21 -6.90
CA ASP C 43 10.69 -54.02 -6.16
C ASP C 43 11.18 -52.58 -6.23
N ASN C 44 10.74 -51.80 -7.22
CA ASN C 44 11.19 -50.43 -7.34
C ASN C 44 10.13 -49.62 -8.07
N GLU C 45 10.19 -48.30 -7.87
CA GLU C 45 9.34 -47.37 -8.59
C GLU C 45 10.04 -46.91 -9.87
N GLY C 47 8.49 -45.55 -12.60
CA GLY C 47 7.89 -44.24 -12.74
C GLY C 47 7.47 -43.68 -11.39
N LYS C 48 6.95 -42.46 -11.41
CA LYS C 48 6.53 -41.78 -10.19
C LYS C 48 5.25 -40.99 -10.46
N SER C 49 4.54 -40.69 -9.38
CA SER C 49 3.36 -39.84 -9.45
C SER C 49 3.37 -38.91 -8.25
N ASP C 50 2.45 -37.94 -8.26
CA ASP C 50 2.35 -36.96 -7.19
C ASP C 50 1.28 -37.31 -6.16
N SER C 51 0.57 -38.42 -6.34
CA SER C 51 -0.64 -38.68 -5.55
C SER C 51 -0.51 -39.92 -4.68
N PHE C 52 -0.57 -41.12 -5.25
CA PHE C 52 -0.71 -42.33 -4.46
C PHE C 52 0.56 -43.18 -4.46
N TYR C 53 0.77 -43.86 -3.33
CA TYR C 53 1.98 -44.64 -3.12
C TYR C 53 1.93 -45.91 -3.97
N PHE C 54 2.95 -46.08 -4.81
CA PHE C 54 2.99 -47.24 -5.71
C PHE C 54 3.06 -48.55 -4.94
N LYS C 55 3.76 -48.55 -3.79
CA LYS C 55 4.03 -49.81 -3.10
C LYS C 55 2.76 -50.46 -2.58
N VAL C 56 1.78 -49.66 -2.17
CA VAL C 56 0.54 -50.17 -1.62
C VAL C 56 -0.59 -50.11 -2.63
N PHE C 57 -0.66 -49.05 -3.44
CA PHE C 57 -1.70 -48.90 -4.44
C PHE C 57 -1.06 -48.78 -5.82
N ASN C 58 -1.42 -49.69 -6.72
CA ASN C 58 -0.89 -49.67 -8.08
C ASN C 58 -1.81 -50.52 -8.96
N MET C 59 -1.49 -50.54 -10.26
CA MET C 59 -2.25 -51.29 -11.24
C MET C 59 -1.42 -52.38 -11.92
N GLU C 60 -0.23 -52.68 -11.40
CA GLU C 60 0.67 -53.62 -12.07
C GLU C 60 0.04 -55.01 -12.20
N SER C 61 -0.64 -55.47 -11.15
CA SER C 61 -1.28 -56.77 -11.22
C SER C 61 -2.41 -56.77 -12.24
N PHE C 62 -3.19 -55.70 -12.30
CA PHE C 62 -4.27 -55.62 -13.28
C PHE C 62 -3.71 -55.46 -14.69
N ALA C 63 -2.63 -54.70 -14.84
CA ALA C 63 -2.04 -54.53 -16.16
C ALA C 63 -1.46 -55.83 -16.68
N ASP C 64 -0.80 -56.60 -15.82
CA ASP C 64 -0.29 -57.91 -16.23
C ASP C 64 -1.44 -58.84 -16.62
N TYR C 65 -2.63 -58.62 -16.06
CA TYR C 65 -3.79 -59.41 -16.47
C TYR C 65 -4.22 -59.05 -17.89
N LEU C 66 -4.25 -57.76 -18.21
CA LEU C 66 -4.67 -57.34 -19.55
C LEU C 66 -3.71 -57.83 -20.63
N ARG C 67 -2.48 -58.18 -20.27
CA ARG C 67 -1.53 -58.66 -21.26
C ARG C 67 -1.78 -60.11 -21.65
N SER C 68 -2.29 -60.92 -20.72
CA SER C 68 -2.55 -62.34 -20.97
C SER C 68 -4.03 -62.66 -21.18
N HIS C 69 -4.91 -61.69 -20.98
CA HIS C 69 -6.35 -61.90 -21.17
C HIS C 69 -6.94 -60.65 -21.81
N ASP C 70 -7.59 -60.83 -22.96
CA ASP C 70 -8.25 -59.70 -23.63
C ASP C 70 -9.56 -59.40 -22.91
N LEU C 71 -9.78 -58.13 -22.59
CA LEU C 71 -10.92 -57.72 -21.78
C LEU C 71 -11.94 -56.87 -22.51
N LYS C 72 -11.67 -56.47 -23.75
CA LYS C 72 -12.65 -55.69 -24.52
C LYS C 72 -13.99 -56.40 -24.64
N THR C 73 -14.04 -57.71 -24.41
CA THR C 73 -15.30 -58.44 -24.53
C THR C 73 -16.34 -57.95 -23.55
N HIS C 74 -15.95 -57.69 -22.30
CA HIS C 74 -16.89 -57.23 -21.28
C HIS C 74 -17.48 -55.86 -21.61
N PHE C 75 -16.91 -55.12 -22.55
CA PHE C 75 -17.34 -53.76 -22.86
C PHE C 75 -17.98 -53.66 -24.23
N ASN C 76 -18.52 -54.76 -24.76
CA ASN C 76 -19.17 -54.71 -26.06
C ASN C 76 -20.47 -53.93 -26.01
N GLY C 77 -21.17 -53.97 -24.89
CA GLY C 77 -22.43 -53.27 -24.73
C GLY C 77 -22.32 -51.78 -24.94
N LYS C 78 -23.22 -51.22 -25.74
CA LYS C 78 -23.12 -49.79 -26.08
C LYS C 78 -23.48 -48.92 -24.87
N LYS C 79 -24.54 -49.27 -24.16
CA LYS C 79 -24.98 -48.48 -23.03
C LYS C 79 -24.11 -48.77 -21.82
N PRO C 80 -23.48 -47.77 -21.20
CA PRO C 80 -22.59 -48.02 -20.08
C PRO C 80 -23.32 -47.97 -18.74
N LEU C 81 -22.70 -48.62 -17.76
CA LEU C 81 -23.23 -48.62 -16.40
C LEU C 81 -22.72 -47.40 -15.64
N SER C 82 -23.60 -46.82 -14.83
CA SER C 82 -23.30 -45.62 -14.06
C SER C 82 -22.81 -46.03 -12.67
N THR C 83 -21.63 -45.57 -12.30
CA THR C 83 -20.98 -45.94 -11.06
C THR C 83 -20.62 -44.70 -10.25
N ASP C 84 -20.52 -44.89 -8.93
CA ASP C 84 -19.97 -43.88 -8.04
C ASP C 84 -18.46 -44.04 -7.92
N PRO C 85 -17.71 -42.95 -7.86
CA PRO C 85 -16.26 -43.05 -7.79
C PRO C 85 -15.73 -43.00 -6.36
N VAL C 86 -14.41 -42.98 -6.22
CA VAL C 86 -13.77 -42.72 -4.94
C VAL C 86 -13.56 -41.22 -4.80
N TYR C 87 -14.03 -40.65 -3.69
CA TYR C 87 -13.94 -39.22 -3.44
C TYR C 87 -12.71 -38.95 -2.59
N PHE C 88 -11.76 -38.18 -3.12
CA PHE C 88 -10.49 -37.93 -2.46
C PHE C 88 -10.19 -36.44 -2.51
N ASN C 89 -10.42 -35.75 -1.39
CA ASN C 89 -10.24 -34.31 -1.30
C ASN C 89 -8.81 -34.02 -0.83
N ILE C 90 -8.08 -33.24 -1.61
CA ILE C 90 -6.68 -32.93 -1.31
C ILE C 90 -6.55 -31.41 -1.22
N PRO C 91 -5.51 -30.92 -0.55
CA PRO C 91 -5.36 -29.46 -0.40
C PRO C 91 -4.97 -28.77 -1.70
N LYS C 92 -5.59 -27.63 -1.96
CA LYS C 92 -5.12 -26.72 -3.00
C LYS C 92 -3.93 -25.92 -2.50
N ASN C 93 -4.14 -25.12 -1.47
CA ASN C 93 -3.07 -24.43 -0.75
C ASN C 93 -3.32 -24.63 0.74
N ILE C 94 -2.74 -23.76 1.56
CA ILE C 94 -2.86 -23.88 3.01
C ILE C 94 -4.29 -23.68 3.51
N GLU C 95 -5.20 -23.18 2.65
CA GLU C 95 -6.57 -22.95 3.09
C GLU C 95 -7.57 -23.06 1.94
N ALA C 96 -7.33 -23.95 0.99
CA ALA C 96 -8.28 -24.30 -0.05
C ALA C 96 -8.16 -25.79 -0.34
N ARG C 97 -9.11 -26.32 -1.12
CA ARG C 97 -9.16 -27.75 -1.39
C ARG C 97 -9.30 -28.00 -2.88
N ARG C 98 -9.00 -29.25 -3.27
CA ARG C 98 -9.08 -29.70 -4.65
C ARG C 98 -9.68 -31.09 -4.67
N GLN C 99 -10.68 -31.32 -5.51
CA GLN C 99 -11.54 -32.50 -5.43
C GLN C 99 -11.15 -33.52 -6.51
N TYR C 100 -10.42 -34.55 -6.09
CA TYR C 100 -10.16 -35.69 -6.97
C TYR C 100 -11.34 -36.66 -6.91
N LYS C 101 -11.63 -37.31 -8.04
CA LYS C 101 -12.63 -38.35 -8.11
C LYS C 101 -12.03 -39.54 -8.86
N MET C 102 -11.74 -40.62 -8.13
CA MET C 102 -11.10 -41.79 -8.72
C MET C 102 -12.18 -42.73 -9.25
N PRO C 103 -12.28 -42.91 -10.57
CA PRO C 103 -13.42 -43.64 -11.13
C PRO C 103 -13.41 -45.12 -10.79
N ASN C 104 -14.60 -45.71 -10.82
CA ASN C 104 -14.73 -47.15 -10.72
C ASN C 104 -13.98 -47.81 -11.86
N LEU C 105 -13.18 -48.83 -11.53
CA LEU C 105 -12.28 -49.42 -12.52
C LEU C 105 -13.04 -49.96 -13.72
N TYR C 106 -14.28 -50.40 -13.54
CA TYR C 106 -15.10 -50.81 -14.67
C TYR C 106 -15.38 -49.63 -15.60
N SER C 107 -15.95 -48.56 -15.03
CA SER C 107 -16.25 -47.37 -15.84
C SER C 107 -14.98 -46.76 -16.42
N TYR C 108 -13.88 -46.80 -15.66
CA TYR C 108 -12.61 -46.28 -16.15
C TYR C 108 -12.16 -47.00 -17.42
N MET C 109 -12.18 -48.33 -17.38
CA MET C 109 -11.76 -49.11 -18.54
C MET C 109 -12.72 -48.92 -19.71
N ALA C 110 -14.02 -48.80 -19.43
CA ALA C 110 -14.99 -48.54 -20.48
C ALA C 110 -14.67 -47.25 -21.22
N LEU C 111 -14.40 -46.17 -20.48
CA LEU C 111 -13.93 -44.94 -21.10
C LEU C 111 -12.58 -45.16 -21.78
N ASN C 112 -11.67 -45.86 -21.11
CA ASN C 112 -10.33 -46.12 -21.65
C ASN C 112 -10.40 -46.77 -23.03
N TYR C 113 -11.11 -47.90 -23.13
CA TYR C 113 -11.21 -48.61 -24.40
C TYR C 113 -11.84 -47.75 -25.48
N TYR C 114 -12.68 -46.78 -25.09
CA TYR C 114 -13.32 -45.92 -26.08
C TYR C 114 -12.36 -44.85 -26.60
N ILE C 115 -11.58 -44.23 -25.71
CA ILE C 115 -10.59 -43.24 -26.12
C ILE C 115 -9.64 -43.84 -27.14
N CYS C 116 -9.16 -45.06 -26.87
CA CYS C 116 -8.17 -45.68 -27.74
C CYS C 116 -8.79 -46.10 -29.07
N ASP C 117 -10.02 -46.62 -29.05
CA ASP C 117 -10.70 -46.96 -30.29
C ASP C 117 -10.94 -45.72 -31.16
N ASN C 118 -10.93 -44.53 -30.56
CA ASN C 118 -11.09 -43.27 -31.27
C ASN C 118 -9.89 -42.36 -31.04
N LYS C 119 -8.68 -42.94 -31.01
CA LYS C 119 -7.50 -42.13 -30.74
C LYS C 119 -7.19 -41.16 -31.87
N LYS C 120 -7.68 -41.42 -33.09
CA LYS C 120 -7.47 -40.48 -34.18
C LYS C 120 -8.11 -39.13 -33.89
N GLU C 121 -9.25 -39.13 -33.22
CA GLU C 121 -9.92 -37.88 -32.88
C GLU C 121 -9.08 -37.02 -31.94
N PHE C 122 -8.24 -37.66 -31.11
CA PHE C 122 -7.37 -36.92 -30.20
C PHE C 122 -6.03 -36.58 -30.84
N ILE C 123 -5.43 -37.51 -31.57
CA ILE C 123 -4.06 -37.33 -32.05
C ILE C 123 -4.00 -36.31 -33.18
N GLU C 124 -4.97 -36.35 -34.11
CA GLU C 124 -5.01 -35.36 -35.18
C GLU C 124 -5.05 -33.96 -34.63
N VAL C 125 -5.87 -33.73 -33.60
CA VAL C 125 -5.99 -32.40 -33.00
C VAL C 125 -4.68 -32.02 -32.31
N PHE C 126 -4.03 -32.98 -31.65
CA PHE C 126 -2.85 -32.67 -30.85
C PHE C 126 -1.67 -32.27 -31.72
N ILE C 127 -1.41 -33.01 -32.80
CA ILE C 127 -0.28 -32.70 -33.66
C ILE C 127 -0.50 -31.37 -34.38
N ASP C 128 -1.75 -31.08 -34.75
CA ASP C 128 -2.08 -29.81 -35.38
C ASP C 128 -1.93 -28.63 -34.43
N ASN C 129 -1.94 -28.89 -33.12
CA ASN C 129 -1.93 -27.83 -32.12
C ASN C 129 -0.51 -27.31 -31.90
N LYS C 130 -0.38 -25.99 -31.75
CA LYS C 130 0.92 -25.37 -31.53
C LYS C 130 0.99 -24.51 -30.27
N PHE C 131 -0.12 -24.32 -29.55
CA PHE C 131 -0.10 -23.45 -28.37
C PHE C 131 0.08 -24.22 -27.06
N SER C 132 -0.36 -25.48 -27.01
CA SER C 132 -0.37 -26.22 -25.75
C SER C 132 1.01 -26.78 -25.44
N THR C 133 1.45 -26.61 -24.19
CA THR C 133 2.66 -27.25 -23.68
C THR C 133 2.34 -28.30 -22.63
N SER C 134 1.07 -28.50 -22.29
CA SER C 134 0.64 -29.55 -21.38
C SER C 134 0.14 -30.79 -22.10
N LYS C 135 0.16 -30.79 -23.44
CA LYS C 135 -0.40 -31.87 -24.23
C LYS C 135 0.53 -33.07 -24.36
N PHE C 136 1.69 -33.04 -23.71
CA PHE C 136 2.57 -34.19 -23.67
C PHE C 136 2.47 -34.97 -22.35
N PHE C 137 1.75 -34.41 -21.37
CA PHE C 137 1.40 -35.12 -20.15
C PHE C 137 2.63 -35.55 -19.36
N ASN C 138 3.74 -34.83 -19.53
CA ASN C 138 4.99 -35.06 -18.80
C ASN C 138 5.45 -36.50 -18.94
N GLN C 139 5.24 -37.08 -20.12
CA GLN C 139 5.64 -38.45 -20.40
C GLN C 139 6.87 -38.47 -21.29
N LEU C 140 7.67 -39.50 -21.11
CA LEU C 140 8.84 -39.80 -21.97
C LEU C 140 9.83 -38.64 -21.84
N ASN C 141 10.39 -38.15 -22.95
CA ASN C 141 11.44 -37.14 -22.92
C ASN C 141 10.89 -35.71 -22.82
N PHE C 142 9.58 -35.54 -22.70
CA PHE C 142 8.96 -34.21 -22.70
C PHE C 142 8.91 -33.67 -21.27
N ASP C 143 10.10 -33.35 -20.77
CA ASP C 143 10.27 -32.87 -19.42
C ASP C 143 9.96 -31.38 -19.34
N TYR C 144 9.96 -30.86 -18.11
CA TYR C 144 9.75 -29.43 -17.89
C TYR C 144 10.73 -28.56 -18.67
N PRO C 145 12.03 -28.85 -18.74
CA PRO C 145 12.90 -28.04 -19.62
C PRO C 145 12.43 -27.96 -21.06
N LYS C 146 11.89 -29.05 -21.61
CA LYS C 146 11.46 -29.05 -23.01
C LYS C 146 10.20 -28.22 -23.20
N THR C 147 9.22 -28.38 -22.31
CA THR C 147 7.99 -27.58 -22.40
C THR C 147 8.30 -26.10 -22.31
N GLN C 148 9.26 -25.72 -21.46
CA GLN C 148 9.63 -24.32 -21.34
C GLN C 148 10.28 -23.81 -22.62
N GLU C 149 11.06 -24.66 -23.30
CA GLU C 149 11.65 -24.28 -24.57
C GLU C 149 10.59 -23.97 -25.61
N ILE C 150 9.45 -24.67 -25.56
CA ILE C 150 8.36 -24.39 -26.48
C ILE C 150 7.74 -23.03 -26.19
N THR C 151 7.48 -22.75 -24.91
CA THR C 151 6.88 -21.47 -24.54
C THR C 151 7.79 -20.30 -24.88
N GLN C 152 9.11 -20.51 -24.84
CA GLN C 152 10.05 -19.44 -25.19
C GLN C 152 9.79 -18.93 -26.60
N THR C 153 9.63 -19.83 -27.56
CA THR C 153 9.43 -19.44 -28.96
C THR C 153 8.03 -18.90 -29.22
N LEU C 154 7.05 -19.25 -28.39
CA LEU C 154 5.70 -18.74 -28.59
C LEU C 154 5.58 -17.27 -28.17
N LEU C 155 6.40 -16.84 -27.22
CA LEU C 155 6.30 -15.50 -26.64
C LEU C 155 7.10 -14.46 -27.40
N TYR C 156 7.68 -14.80 -28.54
CA TYR C 156 8.53 -13.88 -29.27
C TYR C 156 7.75 -12.67 -29.75
N GLY C 157 8.45 -11.55 -29.93
CA GLY C 157 7.85 -10.31 -30.34
C GLY C 157 7.05 -9.60 -29.29
N GLY C 158 7.04 -10.09 -28.05
CA GLY C 158 6.24 -9.49 -27.00
C GLY C 158 6.99 -8.58 -26.06
N ILE C 159 6.66 -7.29 -26.08
CA ILE C 159 7.18 -6.37 -25.06
C ILE C 159 6.39 -6.47 -23.77
N LYS C 160 5.24 -7.13 -23.80
CA LYS C 160 4.43 -7.40 -22.63
C LYS C 160 3.84 -8.80 -22.79
N LYS C 161 3.37 -9.38 -21.68
CA LYS C 161 2.70 -10.67 -21.76
C LYS C 161 1.57 -10.74 -20.74
N LEU C 162 0.39 -11.14 -21.21
CA LEU C 162 -0.83 -11.14 -20.41
C LEU C 162 -1.08 -12.54 -19.85
N HIS C 163 -1.42 -12.59 -18.57
CA HIS C 163 -1.70 -13.86 -17.90
C HIS C 163 -3.19 -14.04 -17.69
N LEU C 164 -3.66 -15.26 -17.87
CA LEU C 164 -5.09 -15.55 -17.92
C LEU C 164 -5.29 -16.99 -17.48
N ASP C 165 -5.94 -17.18 -16.34
CA ASP C 165 -6.14 -18.49 -15.75
C ASP C 165 -7.62 -18.73 -15.52
N LEU C 166 -8.12 -19.87 -16.00
CA LEU C 166 -9.50 -20.24 -15.76
C LEU C 166 -9.67 -20.70 -14.31
N SER C 167 -10.87 -20.47 -13.79
CA SER C 167 -11.18 -20.71 -12.38
C SER C 167 -11.86 -22.06 -12.23
N ASN C 168 -11.27 -22.93 -11.42
CA ASN C 168 -11.81 -24.26 -11.10
C ASN C 168 -12.24 -24.99 -12.37
N PHE C 169 -11.38 -24.91 -13.39
CA PHE C 169 -11.72 -25.44 -14.71
C PHE C 169 -12.10 -26.91 -14.64
N TYR C 170 -11.32 -27.70 -13.91
CA TYR C 170 -11.56 -29.14 -13.84
C TYR C 170 -12.87 -29.47 -13.13
N HIS C 171 -13.16 -28.78 -12.03
CA HIS C 171 -14.27 -29.15 -11.17
C HIS C 171 -15.58 -28.45 -11.51
N THR C 172 -15.54 -27.35 -12.27
CA THR C 172 -16.74 -26.66 -12.69
C THR C 172 -17.08 -26.91 -14.16
N LEU C 173 -16.26 -27.68 -14.86
CA LEU C 173 -16.47 -27.91 -16.28
C LEU C 173 -17.79 -28.62 -16.53
N TYR C 174 -18.65 -28.00 -17.32
CA TYR C 174 -19.90 -28.62 -17.74
C TYR C 174 -19.59 -29.69 -18.78
N THR C 175 -19.93 -30.94 -18.46
CA THR C 175 -19.61 -32.04 -19.37
C THR C 175 -20.30 -31.86 -20.72
N HIS C 176 -21.52 -31.36 -20.71
CA HIS C 176 -22.26 -31.15 -21.95
C HIS C 176 -21.66 -30.06 -22.82
N SER C 177 -20.73 -29.26 -22.29
CA SER C 177 -20.00 -28.31 -23.12
C SER C 177 -18.90 -28.99 -23.93
N ILE C 178 -18.51 -30.21 -23.56
CA ILE C 178 -17.48 -30.92 -24.34
C ILE C 178 -17.92 -31.15 -25.78
N PRO C 179 -19.15 -31.59 -26.07
CA PRO C 179 -19.57 -31.64 -27.48
C PRO C 179 -19.57 -30.28 -28.15
N TRP C 180 -19.91 -29.22 -27.41
CA TRP C 180 -19.96 -27.89 -28.00
C TRP C 180 -18.59 -27.47 -28.53
N MET C 181 -17.55 -27.68 -27.74
CA MET C 181 -16.21 -27.26 -28.15
C MET C 181 -15.73 -28.05 -29.36
N ILE C 182 -15.94 -29.36 -29.35
CA ILE C 182 -15.46 -30.20 -30.44
C ILE C 182 -16.26 -29.96 -31.71
N ASP C 183 -17.59 -29.86 -31.58
CA ASP C 183 -18.48 -29.78 -32.73
C ASP C 183 -19.06 -28.38 -32.92
N GLY C 184 -19.69 -27.83 -31.89
CA GLY C 184 -20.36 -26.54 -32.01
C GLY C 184 -21.62 -26.49 -31.17
N LYS C 185 -21.80 -25.43 -30.39
CA LYS C 185 -23.01 -25.29 -29.59
C LYS C 185 -24.26 -25.32 -30.46
N SER C 186 -24.24 -24.65 -31.60
CA SER C 186 -25.37 -24.67 -32.50
C SER C 186 -25.62 -26.07 -33.05
N ALA C 187 -24.54 -26.78 -33.42
CA ALA C 187 -24.69 -28.12 -33.96
C ALA C 187 -25.15 -29.11 -32.90
N SER C 188 -24.80 -28.86 -31.64
CA SER C 188 -25.14 -29.81 -30.58
C SER C 188 -26.64 -29.89 -30.34
N LYS C 189 -27.36 -28.81 -30.61
CA LYS C 189 -28.81 -28.79 -30.41
C LYS C 189 -29.49 -29.85 -31.28
N GLN C 190 -28.98 -30.07 -32.48
CA GLN C 190 -29.49 -31.12 -33.36
C GLN C 190 -29.29 -32.53 -32.77
N ARG C 192 -29.26 -36.20 -31.64
CA ARG C 192 -28.36 -35.58 -30.68
C ARG C 192 -27.62 -36.65 -29.88
N LYS C 193 -27.25 -37.75 -30.52
CA LYS C 193 -26.56 -38.84 -29.84
C LYS C 193 -25.71 -39.63 -30.83
N LYS C 194 -24.91 -40.55 -30.29
CA LYS C 194 -24.18 -41.54 -31.08
C LYS C 194 -22.92 -40.93 -31.69
N GLY C 195 -22.82 -39.60 -31.73
CA GLY C 195 -21.60 -38.97 -32.18
C GLY C 195 -20.44 -39.25 -31.25
N PHE C 196 -19.21 -39.05 -31.76
CA PHE C 196 -18.04 -39.22 -30.92
C PHE C 196 -18.08 -38.27 -29.74
N SER C 197 -18.38 -36.99 -30.00
CA SER C 197 -18.42 -36.00 -28.94
C SER C 197 -19.45 -36.35 -27.87
N ASN C 198 -20.67 -36.66 -28.29
CA ASN C 198 -21.74 -36.94 -27.34
C ASN C 198 -21.48 -38.24 -26.58
N THR C 199 -20.95 -39.25 -27.26
CA THR C 199 -20.68 -40.53 -26.58
C THR C 199 -19.56 -40.38 -25.57
N LEU C 200 -18.52 -39.61 -25.91
CA LEU C 200 -17.47 -39.31 -24.93
C LEU C 200 -18.06 -38.69 -23.68
N ASP C 201 -18.99 -37.74 -23.86
CA ASP C 201 -19.69 -37.13 -22.72
C ASP C 201 -20.35 -38.19 -21.85
N THR C 202 -21.04 -39.15 -22.47
CA THR C 202 -21.80 -40.13 -21.71
C THR C 202 -20.87 -41.11 -20.99
N LEU C 203 -19.76 -41.50 -21.63
CA LEU C 203 -18.76 -42.31 -20.95
C LEU C 203 -18.12 -41.56 -19.78
N ILE C 204 -18.10 -40.22 -19.82
CA ILE C 204 -17.54 -39.44 -18.73
C ILE C 204 -18.51 -39.36 -17.56
N THR C 205 -19.74 -38.92 -17.83
CA THR C 205 -20.76 -38.82 -16.79
C THR C 205 -20.98 -40.16 -16.10
N ALA C 206 -20.81 -41.27 -16.83
CA ALA C 206 -21.00 -42.59 -16.26
C ALA C 206 -19.98 -42.90 -15.17
N CYS C 207 -18.83 -42.22 -15.17
CA CYS C 207 -17.84 -42.41 -14.12
C CYS C 207 -18.23 -41.74 -12.81
N GLN C 208 -19.10 -40.73 -12.87
CA GLN C 208 -19.47 -39.98 -11.67
C GLN C 208 -20.99 -39.99 -11.46
N TYR C 209 -21.60 -41.17 -11.58
CA TYR C 209 -23.03 -41.37 -11.31
C TYR C 209 -23.90 -40.42 -12.14
N ASP C 210 -23.52 -40.24 -13.41
CA ASP C 210 -24.29 -39.44 -14.36
C ASP C 210 -24.46 -37.99 -13.91
N GLU C 211 -23.41 -37.45 -13.30
CA GLU C 211 -23.37 -36.04 -12.92
C GLU C 211 -22.54 -35.27 -13.95
N THR C 212 -22.92 -34.01 -14.17
CA THR C 212 -22.31 -33.20 -15.22
C THR C 212 -21.52 -32.01 -14.69
N HIS C 213 -21.46 -31.82 -13.37
CA HIS C 213 -20.68 -30.73 -12.80
C HIS C 213 -19.24 -31.21 -12.62
N GLY C 214 -18.37 -30.78 -13.51
CA GLY C 214 -16.96 -31.10 -13.42
C GLY C 214 -16.61 -32.44 -14.06
N ILE C 215 -15.32 -32.62 -14.31
CA ILE C 215 -14.78 -33.88 -14.80
C ILE C 215 -14.08 -34.54 -13.60
N PRO C 216 -14.13 -35.87 -13.46
CA PRO C 216 -13.39 -36.51 -12.37
C PRO C 216 -11.88 -36.41 -12.54
N THR C 217 -11.27 -35.47 -11.82
CA THR C 217 -9.84 -35.25 -11.96
C THR C 217 -9.06 -36.28 -11.14
N GLY C 218 -7.78 -36.42 -11.47
CA GLY C 218 -6.87 -37.30 -10.77
C GLY C 218 -6.25 -38.38 -11.63
N ASN C 219 -6.80 -38.62 -12.81
CA ASN C 219 -6.28 -39.64 -13.72
C ASN C 219 -5.86 -38.98 -15.02
N LEU C 220 -5.25 -39.78 -15.89
CA LEU C 220 -4.72 -39.28 -17.14
C LEU C 220 -5.79 -39.16 -18.21
N LEU C 221 -6.83 -40.00 -18.16
CA LEU C 221 -7.92 -39.90 -19.12
C LEU C 221 -8.59 -38.52 -19.05
N SER C 222 -8.77 -38.00 -17.83
CA SER C 222 -9.35 -36.68 -17.69
C SER C 222 -8.41 -35.59 -18.20
N ARG C 223 -7.10 -35.78 -18.03
CA ARG C 223 -6.14 -34.84 -18.61
C ARG C 223 -6.23 -34.82 -20.13
N ILE C 224 -6.37 -35.99 -20.75
CA ILE C 224 -6.40 -36.08 -22.20
C ILE C 224 -7.66 -35.43 -22.76
N ILE C 225 -8.82 -35.76 -22.17
CA ILE C 225 -10.08 -35.15 -22.59
C ILE C 225 -10.02 -33.64 -22.38
N THR C 226 -9.42 -33.20 -21.28
CA THR C 226 -9.26 -31.77 -21.01
C THR C 226 -8.40 -31.11 -22.08
N GLU C 227 -7.35 -31.79 -22.53
CA GLU C 227 -6.50 -31.23 -23.59
C GLU C 227 -7.27 -31.11 -24.91
N LEU C 228 -8.01 -32.16 -25.29
CA LEU C 228 -8.80 -32.10 -26.52
C LEU C 228 -9.77 -30.94 -26.50
N TYR C 229 -10.55 -30.83 -25.43
CA TYR C 229 -11.42 -29.68 -25.21
C TYR C 229 -10.66 -28.37 -25.38
N MET C 230 -9.57 -28.21 -24.62
CA MET C 230 -8.81 -26.97 -24.62
C MET C 230 -8.05 -26.73 -25.92
N CYS C 231 -7.81 -27.78 -26.72
CA CYS C 231 -7.18 -27.60 -28.02
C CYS C 231 -8.16 -27.11 -29.07
N HIS C 232 -9.43 -27.50 -28.97
CA HIS C 232 -10.45 -26.91 -29.82
C HIS C 232 -10.68 -25.44 -29.47
N PHE C 233 -10.56 -25.11 -28.19
CA PHE C 233 -10.42 -23.71 -27.77
C PHE C 233 -9.28 -23.03 -28.53
N ASP C 234 -8.10 -23.65 -28.51
CA ASP C 234 -6.93 -23.07 -29.16
C ASP C 234 -7.16 -22.85 -30.64
N LYS C 235 -7.84 -23.79 -31.31
CA LYS C 235 -8.07 -23.67 -32.74
C LYS C 235 -9.01 -22.51 -33.05
N GLN C 236 -10.09 -22.35 -32.28
CA GLN C 236 -10.94 -21.18 -32.44
C GLN C 236 -10.15 -19.89 -32.27
N MET C 237 -9.22 -19.87 -31.30
CA MET C 237 -8.41 -18.68 -31.10
C MET C 237 -7.36 -18.54 -32.19
N GLU C 238 -6.79 -19.66 -32.65
CA GLU C 238 -5.83 -19.61 -33.75
C GLU C 238 -6.47 -19.04 -35.01
N TYR C 239 -7.73 -19.41 -35.28
CA TYR C 239 -8.44 -18.93 -36.45
C TYR C 239 -8.51 -17.41 -36.50
N LYS C 240 -8.50 -16.77 -35.33
CA LYS C 240 -8.61 -15.33 -35.24
C LYS C 240 -7.25 -14.63 -35.17
N LYS C 241 -6.20 -15.30 -35.66
CA LYS C 241 -4.87 -14.70 -35.78
C LYS C 241 -4.33 -14.25 -34.42
N PHE C 242 -4.57 -15.07 -33.40
CA PHE C 242 -4.02 -14.88 -32.07
C PHE C 242 -2.98 -15.96 -31.80
N VAL C 243 -1.97 -15.60 -31.01
CA VAL C 243 -0.87 -16.52 -30.69
C VAL C 243 -0.56 -16.41 -29.20
N TYR C 244 -0.39 -17.55 -28.54
CA TYR C 244 -0.16 -17.59 -27.11
C TYR C 244 0.31 -18.99 -26.71
N SER C 245 0.67 -19.14 -25.45
CA SER C 245 1.09 -20.40 -24.87
C SER C 245 0.20 -20.72 -23.68
N ARG C 246 -0.32 -21.94 -23.62
CA ARG C 246 -1.17 -22.35 -22.51
C ARG C 246 -0.74 -23.71 -21.98
N TYR C 247 -0.77 -23.84 -20.66
CA TYR C 247 -0.59 -25.08 -19.93
C TYR C 247 -1.90 -25.34 -19.19
N VAL C 248 -2.70 -26.27 -19.71
CA VAL C 248 -4.04 -26.57 -19.20
C VAL C 248 -4.90 -25.30 -19.29
N ASP C 249 -5.14 -24.64 -18.16
CA ASP C 249 -6.01 -23.49 -18.09
C ASP C 249 -5.27 -22.17 -17.91
N ASP C 250 -3.94 -22.17 -18.04
CA ASP C 250 -3.11 -21.00 -17.77
C ASP C 250 -2.55 -20.47 -19.08
N PHE C 251 -2.98 -19.26 -19.45
CA PHE C 251 -2.61 -18.65 -20.72
C PHE C 251 -1.54 -17.60 -20.53
N ILE C 252 -0.65 -17.48 -21.51
CA ILE C 252 0.32 -16.39 -21.59
C ILE C 252 0.20 -15.76 -22.97
N PHE C 253 -0.27 -14.52 -23.03
CA PHE C 253 -0.48 -13.82 -24.29
C PHE C 253 0.57 -12.72 -24.48
N PRO C 254 1.55 -12.91 -25.35
CA PRO C 254 2.50 -11.82 -25.63
C PRO C 254 1.90 -10.81 -26.58
N PHE C 255 2.20 -9.54 -26.35
CA PHE C 255 1.66 -8.47 -27.17
C PHE C 255 2.55 -7.24 -27.01
N THR C 256 2.21 -6.18 -27.74
CA THR C 256 2.95 -4.93 -27.70
C THR C 256 2.06 -3.70 -27.61
N PHE C 257 0.84 -3.72 -28.16
CA PHE C 257 -0.08 -2.60 -28.11
C PHE C 257 -1.33 -3.01 -27.35
N GLU C 258 -1.83 -2.11 -26.50
CA GLU C 258 -3.04 -2.40 -25.73
C GLU C 258 -4.22 -2.75 -26.64
N ASN C 259 -4.19 -2.27 -27.88
CA ASN C 259 -5.22 -2.65 -28.84
C ASN C 259 -5.28 -4.17 -29.02
N GLU C 260 -4.11 -4.82 -28.94
CA GLU C 260 -4.05 -6.28 -29.10
C GLU C 260 -4.57 -6.98 -27.86
N LYS C 261 -4.10 -6.57 -26.67
CA LYS C 261 -4.60 -7.12 -25.42
C LYS C 261 -6.12 -7.02 -25.34
N GLN C 262 -6.69 -5.93 -25.87
CA GLN C 262 -8.13 -5.77 -25.84
C GLN C 262 -8.82 -6.70 -26.83
N GLU C 263 -8.35 -6.70 -28.08
CA GLU C 263 -8.86 -7.63 -29.08
C GLU C 263 -8.85 -9.06 -28.55
N PHE C 264 -7.75 -9.42 -27.89
CA PHE C 264 -7.58 -10.79 -27.39
C PHE C 264 -8.56 -11.08 -26.27
N LEU C 265 -8.68 -10.18 -25.29
CA LEU C 265 -9.59 -10.39 -24.17
C LEU C 265 -11.03 -10.49 -24.64
N ASN C 266 -11.42 -9.65 -25.60
CA ASN C 266 -12.80 -9.63 -26.07
C ASN C 266 -13.21 -10.98 -26.65
N GLU C 267 -12.34 -11.59 -27.45
CA GLU C 267 -12.67 -12.89 -28.03
C GLU C 267 -12.51 -14.01 -27.03
N PHE C 268 -11.51 -13.91 -26.15
CA PHE C 268 -11.33 -14.90 -25.09
C PHE C 268 -12.59 -15.00 -24.22
N ASN C 269 -13.11 -13.84 -23.78
CA ASN C 269 -14.33 -13.84 -22.98
C ASN C 269 -15.52 -14.38 -23.76
N LEU C 270 -15.52 -14.24 -25.08
CA LEU C 270 -16.63 -14.74 -25.88
C LEU C 270 -16.68 -16.26 -25.88
N ILE C 271 -15.53 -16.91 -26.06
CA ILE C 271 -15.50 -18.37 -26.00
C ILE C 271 -15.84 -18.84 -24.59
N CYS C 272 -15.39 -18.10 -23.58
CA CYS C 272 -15.61 -18.50 -22.19
C CYS C 272 -17.09 -18.48 -21.83
N ARG C 273 -17.82 -17.44 -22.27
CA ARG C 273 -19.25 -17.37 -21.98
C ARG C 273 -20.04 -18.40 -22.79
N GLU C 274 -19.59 -18.69 -24.01
CA GLU C 274 -20.26 -19.68 -24.85
C GLU C 274 -20.23 -21.06 -24.22
N ASN C 275 -19.13 -21.40 -23.55
CA ASN C 275 -18.92 -22.75 -23.03
C ASN C 275 -18.96 -22.80 -21.51
N ASN C 276 -19.53 -21.77 -20.87
CA ASN C 276 -19.72 -21.74 -19.42
C ASN C 276 -18.39 -21.86 -18.67
N LEU C 277 -17.36 -21.20 -19.18
CA LEU C 277 -16.07 -21.16 -18.53
C LEU C 277 -15.91 -19.81 -17.79
N ILE C 278 -15.17 -19.85 -16.68
CA ILE C 278 -15.01 -18.69 -15.82
C ILE C 278 -13.55 -18.28 -15.80
N ILE C 279 -13.28 -16.99 -15.98
CA ILE C 279 -11.94 -16.45 -15.82
C ILE C 279 -11.70 -16.17 -14.34
N ASN C 280 -10.55 -16.61 -13.83
CA ASN C 280 -10.14 -16.27 -12.47
C ASN C 280 -9.48 -14.89 -12.51
N ASP C 281 -10.25 -13.85 -12.19
CA ASP C 281 -9.76 -12.49 -12.32
C ASP C 281 -8.70 -12.12 -11.28
N ASN C 282 -8.53 -12.93 -10.24
CA ASN C 282 -7.45 -12.65 -9.29
C ASN C 282 -6.08 -12.90 -9.89
N LYS C 283 -5.98 -13.85 -10.83
CA LYS C 283 -4.72 -14.22 -11.45
C LYS C 283 -4.48 -13.52 -12.78
N THR C 284 -5.27 -12.49 -13.09
CA THR C 284 -5.05 -11.72 -14.31
C THR C 284 -3.98 -10.67 -14.07
N LYS C 285 -2.95 -10.68 -14.90
CA LYS C 285 -1.79 -9.80 -14.72
C LYS C 285 -1.07 -9.66 -16.05
N VAL C 286 -0.57 -8.47 -16.33
CA VAL C 286 0.35 -8.23 -17.44
C VAL C 286 1.74 -8.00 -16.88
N ASP C 287 2.74 -8.55 -17.56
CA ASP C 287 4.13 -8.35 -17.22
C ASP C 287 4.76 -7.44 -18.26
N ASN C 288 5.33 -6.33 -17.83
CA ASN C 288 6.01 -5.41 -18.73
C ASN C 288 7.50 -5.73 -18.76
N PHE C 289 8.08 -5.69 -19.95
CA PHE C 289 9.50 -5.89 -20.09
C PHE C 289 10.25 -4.76 -19.38
N PRO C 290 11.32 -5.06 -18.63
CA PRO C 290 11.93 -6.36 -18.35
C PRO C 290 11.03 -7.32 -17.56
N PHE C 291 10.91 -8.54 -18.05
CA PHE C 291 9.96 -9.50 -17.48
C PHE C 291 10.49 -10.11 -16.20
N VAL C 292 9.63 -10.16 -15.18
CA VAL C 292 9.94 -10.87 -13.95
C VAL C 292 9.94 -12.37 -14.22
N ASP C 293 10.82 -13.09 -13.53
CA ASP C 293 10.77 -14.55 -13.51
C ASP C 293 11.36 -15.00 -12.19
N LYS C 294 10.52 -15.54 -11.31
CA LYS C 294 10.94 -16.05 -10.02
C LYS C 294 11.08 -17.57 -10.01
N SER C 295 10.81 -18.23 -11.13
CA SER C 295 10.83 -19.68 -11.22
C SER C 295 12.24 -20.26 -11.33
N SER C 296 13.28 -19.44 -11.22
CA SER C 296 14.64 -19.93 -11.34
C SER C 296 14.98 -20.87 -10.19
N LYS C 297 15.62 -22.00 -10.54
CA LYS C 297 16.09 -22.98 -9.57
C LYS C 297 17.61 -23.12 -9.60
N SER C 298 18.32 -22.15 -10.19
CA SER C 298 19.76 -22.29 -10.38
C SER C 298 20.49 -22.35 -9.05
N ASP C 299 20.17 -21.44 -8.14
CA ASP C 299 20.84 -21.44 -6.84
C ASP C 299 20.39 -22.61 -5.98
N ILE C 300 19.18 -23.12 -6.20
CA ILE C 300 18.71 -24.28 -5.45
C ILE C 300 19.51 -25.52 -5.85
N PHE C 301 19.56 -25.82 -7.15
CA PHE C 301 20.20 -27.03 -7.62
C PHE C 301 21.69 -27.08 -7.31
N SER C 302 22.32 -25.91 -7.10
CA SER C 302 23.75 -25.84 -6.83
C SER C 302 24.06 -25.52 -5.38
N PHE C 303 23.13 -25.82 -4.46
CA PHE C 303 23.35 -25.54 -3.04
C PHE C 303 24.55 -26.30 -2.50
N PHE C 304 24.83 -27.49 -3.03
CA PHE C 304 25.85 -28.36 -2.46
C PHE C 304 27.12 -28.43 -3.30
N GLU C 305 27.33 -27.48 -4.21
CA GLU C 305 28.48 -27.53 -5.11
C GLU C 305 29.81 -27.35 -4.39
N ASN C 306 29.80 -27.07 -3.09
CA ASN C 306 31.02 -26.86 -2.32
C ASN C 306 31.18 -27.87 -1.18
N ILE C 307 30.39 -28.94 -1.16
CA ILE C 307 30.46 -29.94 -0.10
C ILE C 307 30.92 -31.26 -0.71
N THR C 308 31.76 -31.98 0.03
CA THR C 308 32.39 -33.20 -0.47
C THR C 308 32.13 -34.35 0.49
N SER C 309 32.46 -35.56 0.03
CA SER C 309 32.37 -36.73 0.89
C SER C 309 33.40 -36.68 2.02
N THR C 310 34.47 -35.90 1.86
CA THR C 310 35.45 -35.75 2.93
C THR C 310 34.92 -34.91 4.08
N ASN C 311 33.85 -34.15 3.86
CA ASN C 311 33.32 -33.28 4.90
C ASN C 311 32.67 -34.09 6.01
N SER C 312 32.79 -33.59 7.24
CA SER C 312 32.21 -34.26 8.39
C SER C 312 30.71 -34.46 8.20
N ASN C 313 30.20 -35.54 8.79
CA ASN C 313 28.77 -35.81 8.71
C ASN C 313 27.94 -34.70 9.34
N ASP C 314 28.46 -34.06 10.40
CA ASP C 314 27.78 -32.91 10.98
C ASP C 314 27.64 -31.79 9.96
N LYS C 315 28.68 -31.55 9.16
CA LYS C 315 28.60 -30.55 8.10
C LYS C 315 27.52 -30.91 7.10
N TRP C 316 27.36 -32.19 6.79
CA TRP C 316 26.28 -32.62 5.90
C TRP C 316 24.91 -32.36 6.53
N ILE C 317 24.75 -32.75 7.80
CA ILE C 317 23.48 -32.51 8.49
C ILE C 317 23.14 -31.02 8.52
N LYS C 318 24.15 -30.18 8.77
CA LYS C 318 23.91 -28.74 8.83
C LYS C 318 23.44 -28.20 7.48
N GLU C 319 24.19 -28.48 6.41
CA GLU C 319 23.82 -27.97 5.10
C GLU C 319 22.48 -28.54 4.64
N ILE C 320 22.18 -29.79 4.98
CA ILE C 320 20.93 -30.40 4.53
C ILE C 320 19.75 -29.69 5.15
N SER C 321 19.76 -29.49 6.46
CA SER C 321 18.68 -28.79 7.13
C SER C 321 18.65 -27.31 6.73
N ASN C 322 19.83 -26.69 6.61
CA ASN C 322 19.91 -25.33 6.06
C ASN C 322 19.31 -25.29 4.66
N PHE C 323 19.58 -26.31 3.85
CA PHE C 323 19.04 -26.36 2.51
C PHE C 323 17.52 -26.48 2.53
N ILE C 324 17.00 -27.32 3.42
CA ILE C 324 15.54 -27.46 3.56
C ILE C 324 14.92 -26.11 3.88
N ASP C 325 15.58 -25.32 4.73
CA ASP C 325 15.06 -24.00 5.08
C ASP C 325 15.17 -23.05 3.89
N TYR C 326 16.28 -23.13 3.15
CA TYR C 326 16.46 -22.28 1.96
C TYR C 326 15.33 -22.49 0.96
N CYS C 327 15.00 -23.75 0.68
CA CYS C 327 13.99 -24.03 -0.35
C CYS C 327 12.59 -23.62 0.08
N VAL C 328 12.27 -23.75 1.36
CA VAL C 328 10.93 -23.38 1.82
C VAL C 328 10.74 -21.87 1.71
N ASN C 329 11.74 -21.09 2.14
CA ASN C 329 11.70 -19.66 1.93
C ASN C 329 11.55 -19.30 0.46
N GLU C 330 12.27 -20.02 -0.40
CA GLU C 330 12.16 -19.80 -1.85
C GLU C 330 10.71 -20.01 -2.32
N GLU C 331 10.07 -21.08 -1.82
CA GLU C 331 8.66 -21.30 -2.15
C GLU C 331 7.77 -20.19 -1.62
N HIS C 332 8.12 -19.62 -0.47
CA HIS C 332 7.38 -18.47 0.05
C HIS C 332 7.54 -17.25 -0.85
N LEU C 333 8.69 -17.14 -1.53
CA LEU C 333 8.99 -15.96 -2.35
C LEU C 333 8.34 -16.00 -3.73
N GLY C 334 7.74 -17.13 -4.12
CA GLY C 334 7.17 -17.28 -5.43
C GLY C 334 7.90 -18.24 -6.35
N ASN C 335 8.84 -19.02 -5.83
CA ASN C 335 9.57 -20.01 -6.64
C ASN C 335 8.77 -21.31 -6.61
N LYS C 336 7.74 -21.35 -7.45
CA LYS C 336 6.81 -22.48 -7.47
C LYS C 336 7.55 -23.80 -7.66
N GLY C 337 7.27 -24.75 -6.77
CA GLY C 337 7.88 -26.06 -6.84
C GLY C 337 9.25 -26.17 -6.22
N ALA C 338 9.66 -25.20 -5.40
CA ALA C 338 10.97 -25.26 -4.78
C ALA C 338 11.01 -26.29 -3.65
N ILE C 339 9.88 -26.53 -2.99
CA ILE C 339 9.84 -27.53 -1.94
C ILE C 339 9.88 -28.93 -2.54
N LYS C 340 9.20 -29.14 -3.67
CA LYS C 340 9.26 -30.41 -4.36
C LYS C 340 10.67 -30.75 -4.82
N CYS C 341 11.54 -29.75 -4.93
CA CYS C 341 12.92 -29.96 -5.37
C CYS C 341 13.83 -30.44 -4.25
N ILE C 342 13.40 -30.33 -2.99
CA ILE C 342 14.27 -30.67 -1.86
C ILE C 342 14.73 -32.12 -1.96
N PHE C 343 13.77 -33.04 -2.03
CA PHE C 343 14.09 -34.46 -2.01
C PHE C 343 14.97 -34.88 -3.18
N PRO C 344 14.69 -34.47 -4.44
CA PRO C 344 15.57 -34.92 -5.53
C PRO C 344 17.01 -34.51 -5.37
N VAL C 345 17.29 -33.23 -5.11
CA VAL C 345 18.67 -32.78 -5.13
C VAL C 345 19.42 -33.32 -3.92
N ILE C 346 18.72 -33.61 -2.82
CA ILE C 346 19.37 -34.28 -1.69
C ILE C 346 19.71 -35.73 -2.07
N THR C 347 18.74 -36.45 -2.62
CA THR C 347 18.99 -37.80 -3.13
C THR C 347 20.12 -37.78 -4.15
N ASN C 348 20.09 -36.83 -5.07
CA ASN C 348 21.07 -36.82 -6.15
C ASN C 348 22.44 -36.33 -5.68
N THR C 349 22.48 -35.41 -4.71
CA THR C 349 23.77 -34.95 -4.20
C THR C 349 24.51 -36.06 -3.49
N LEU C 350 23.81 -36.84 -2.66
CA LEU C 350 24.45 -37.96 -1.97
C LEU C 350 24.98 -38.98 -2.96
N LYS C 351 24.18 -39.29 -3.99
CA LYS C 351 24.62 -40.23 -5.03
C LYS C 351 25.85 -39.68 -5.77
N GLN C 352 25.78 -38.41 -6.18
CA GLN C 352 26.83 -37.86 -7.03
C GLN C 352 28.12 -37.59 -6.24
N LYS C 353 28.00 -37.06 -5.02
CA LYS C 353 29.18 -36.90 -4.18
C LYS C 353 29.69 -38.23 -3.62
N LYS C 354 28.95 -39.33 -3.84
CA LYS C 354 29.39 -40.68 -3.53
C LYS C 354 29.73 -40.83 -2.05
N VAL C 355 28.72 -40.61 -1.22
CA VAL C 355 28.88 -40.71 0.22
C VAL C 355 28.84 -42.18 0.63
N ASP C 356 29.76 -42.57 1.51
CA ASP C 356 29.80 -43.93 2.04
C ASP C 356 28.43 -44.34 2.57
N THR C 357 28.12 -45.63 2.46
CA THR C 357 26.85 -46.14 2.96
C THR C 357 26.75 -45.98 4.47
N LYS C 358 27.82 -46.30 5.20
CA LYS C 358 27.83 -46.09 6.64
C LYS C 358 27.71 -44.61 6.97
N ASN C 359 28.34 -43.75 6.16
CA ASN C 359 28.20 -42.31 6.36
C ASN C 359 26.78 -41.82 6.09
N ILE C 360 25.99 -42.55 5.33
CA ILE C 360 24.62 -42.12 5.07
C ILE C 360 23.70 -42.54 6.20
N ASP C 361 23.89 -43.76 6.72
CA ASP C 361 23.17 -44.17 7.92
C ASP C 361 23.42 -43.17 9.04
N ASN C 362 24.68 -42.78 9.25
CA ASN C 362 25.01 -41.88 10.35
C ASN C 362 24.34 -40.52 10.18
N ILE C 363 24.27 -40.01 8.95
CA ILE C 363 23.76 -38.66 8.73
C ILE C 363 22.27 -38.59 9.09
N PHE C 364 21.49 -39.58 8.68
CA PHE C 364 20.05 -39.55 8.89
C PHE C 364 19.61 -40.27 10.16
N SER C 365 20.49 -41.02 10.82
CA SER C 365 20.16 -41.65 12.09
C SER C 365 20.61 -40.83 13.29
N LYS C 366 21.59 -39.95 13.12
CA LYS C 366 22.19 -39.25 14.25
C LYS C 366 21.18 -38.38 14.96
N ARG C 367 21.23 -38.40 16.30
CA ARG C 367 20.44 -37.51 17.13
C ARG C 367 21.37 -36.84 18.14
N ASN C 368 21.49 -35.52 18.03
CA ASN C 368 22.33 -34.77 18.95
C ASN C 368 21.80 -34.90 20.37
N MET C 369 22.58 -35.52 21.25
CA MET C 369 22.13 -35.75 22.61
C MET C 369 21.86 -34.44 23.37
N VAL C 370 22.39 -33.32 22.89
CA VAL C 370 22.12 -32.02 23.49
C VAL C 370 20.87 -31.38 22.92
N THR C 371 20.76 -31.30 21.59
CA THR C 371 19.65 -30.60 20.95
C THR C 371 18.53 -31.53 20.51
N ASN C 372 18.74 -32.85 20.53
CA ASN C 372 17.76 -33.84 20.10
C ASN C 372 17.34 -33.66 18.65
N PHE C 373 18.19 -33.02 17.84
CA PHE C 373 17.86 -32.83 16.44
C PHE C 373 18.27 -34.05 15.61
N ASN C 374 17.42 -34.40 14.65
CA ASN C 374 17.69 -35.51 13.75
C ASN C 374 17.07 -35.15 12.40
N VAL C 375 17.91 -35.07 11.36
CA VAL C 375 17.49 -34.45 10.11
C VAL C 375 16.37 -35.22 9.44
N PHE C 376 16.33 -36.55 9.60
CA PHE C 376 15.25 -37.32 9.01
C PHE C 376 13.91 -36.96 9.64
N GLU C 377 13.92 -36.69 10.94
CA GLU C 377 12.71 -36.21 11.60
C GLU C 377 12.26 -34.87 11.01
N LYS C 378 13.21 -33.96 10.82
CA LYS C 378 12.90 -32.66 10.23
C LYS C 378 12.25 -32.83 8.87
N ILE C 379 12.83 -33.66 8.00
CA ILE C 379 12.23 -33.93 6.70
C ILE C 379 10.85 -34.55 6.86
N LEU C 380 10.74 -35.51 7.79
CA LEU C 380 9.44 -36.12 8.09
C LEU C 380 8.41 -35.06 8.44
N ASP C 381 8.73 -34.22 9.43
CA ASP C 381 7.83 -33.16 9.85
C ASP C 381 7.48 -32.23 8.70
N LEU C 382 8.45 -31.96 7.81
CA LEU C 382 8.17 -31.12 6.65
C LEU C 382 7.09 -31.74 5.78
N SER C 383 7.15 -33.06 5.56
CA SER C 383 6.17 -33.72 4.70
C SER C 383 4.76 -33.64 5.29
N LEU C 384 4.64 -33.57 6.61
CA LEU C 384 3.32 -33.43 7.23
C LEU C 384 2.70 -32.05 7.03
N LYS C 385 3.43 -31.09 6.47
CA LYS C 385 2.87 -29.75 6.28
C LYS C 385 2.17 -29.59 4.94
N ASP C 386 2.48 -30.45 3.97
CA ASP C 386 1.75 -30.52 2.70
C ASP C 386 1.49 -31.99 2.41
N SER C 387 0.20 -32.37 2.39
CA SER C 387 -0.15 -33.77 2.21
C SER C 387 0.31 -34.31 0.86
N ARG C 388 0.46 -33.44 -0.13
CA ARG C 388 0.88 -33.90 -1.46
C ARG C 388 2.31 -34.40 -1.45
N LEU C 389 3.14 -33.93 -0.51
CA LEU C 389 4.51 -34.37 -0.39
C LEU C 389 4.64 -35.80 0.10
N THR C 390 3.52 -36.48 0.37
CA THR C 390 3.57 -37.85 0.89
C THR C 390 4.39 -38.76 -0.01
N ASN C 391 4.09 -38.77 -1.31
CA ASN C 391 4.83 -39.64 -2.22
C ASN C 391 6.28 -39.19 -2.34
N LYS C 392 6.53 -37.88 -2.34
CA LYS C 392 7.91 -37.39 -2.40
C LYS C 392 8.71 -37.85 -1.18
N PHE C 393 8.11 -37.76 0.01
CA PHE C 393 8.81 -38.19 1.22
C PHE C 393 9.03 -39.69 1.22
N LEU C 394 8.03 -40.47 0.82
CA LEU C 394 8.13 -41.92 0.93
C LEU C 394 9.14 -42.48 -0.06
N THR C 395 9.18 -41.95 -1.29
CA THR C 395 10.23 -42.36 -2.20
C THR C 395 11.58 -41.77 -1.82
N PHE C 396 11.60 -40.58 -1.21
CA PHE C 396 12.86 -40.07 -0.67
C PHE C 396 13.43 -41.04 0.35
N PHE C 397 12.60 -41.55 1.25
CA PHE C 397 13.04 -42.56 2.19
C PHE C 397 13.56 -43.79 1.47
N GLU C 398 12.78 -44.32 0.53
CA GLU C 398 13.16 -45.48 -0.27
C GLU C 398 14.58 -45.35 -0.81
N ASN C 399 14.95 -44.15 -1.25
CA ASN C 399 16.24 -43.95 -1.90
C ASN C 399 17.38 -43.92 -0.88
N ILE C 400 17.22 -43.15 0.21
CA ILE C 400 18.29 -43.13 1.21
C ILE C 400 18.32 -44.45 1.97
N ASN C 401 17.18 -45.15 2.04
CA ASN C 401 17.16 -46.49 2.62
C ASN C 401 18.09 -47.42 1.84
N GLU C 402 17.87 -47.53 0.54
CA GLU C 402 18.72 -48.37 -0.29
C GLU C 402 20.12 -47.79 -0.46
N PHE C 403 20.35 -46.55 -0.03
CA PHE C 403 21.70 -46.00 0.03
C PHE C 403 22.44 -46.37 1.30
N GLY C 404 21.73 -46.78 2.35
CA GLY C 404 22.38 -47.22 3.57
C GLY C 404 21.66 -46.88 4.86
N PHE C 405 20.61 -46.06 4.77
CA PHE C 405 19.89 -45.62 5.95
C PHE C 405 19.06 -46.78 6.50
N SER C 406 19.26 -47.10 7.77
CA SER C 406 18.66 -48.30 8.36
C SER C 406 17.14 -48.21 8.35
N SER C 407 16.49 -49.23 7.79
CA SER C 407 15.03 -49.33 7.86
C SER C 407 14.55 -49.32 9.30
N LEU C 408 15.25 -50.05 10.17
CA LEU C 408 14.90 -50.08 11.59
C LEU C 408 15.05 -48.70 12.22
N SER C 409 16.19 -48.04 12.01
CA SER C 409 16.42 -46.73 12.62
C SER C 409 15.43 -45.70 12.08
N ALA C 410 15.06 -45.82 10.80
CA ALA C 410 14.05 -44.94 10.23
C ALA C 410 12.73 -45.08 10.95
N SER C 411 12.29 -46.32 11.19
CA SER C 411 11.03 -46.56 11.88
C SER C 411 11.04 -45.98 13.28
N ASN C 412 12.13 -46.20 14.03
CA ASN C 412 12.23 -45.68 15.39
C ASN C 412 12.14 -44.16 15.41
N ILE C 413 12.75 -43.50 14.43
CA ILE C 413 12.70 -42.04 14.37
C ILE C 413 11.27 -41.57 14.12
N VAL C 414 10.55 -42.23 13.21
CA VAL C 414 9.17 -41.84 12.95
C VAL C 414 8.28 -42.23 14.14
N LYS C 415 8.52 -43.40 14.73
CA LYS C 415 7.75 -43.81 15.90
C LYS C 415 7.93 -42.83 17.05
N LYS C 416 9.14 -42.26 17.20
CA LYS C 416 9.37 -41.22 18.19
C LYS C 416 8.51 -40.00 17.91
N TYR C 417 8.61 -39.45 16.70
CA TYR C 417 7.84 -38.26 16.33
C TYR C 417 6.35 -38.46 16.62
N PHE C 418 5.80 -39.61 16.22
CA PHE C 418 4.40 -39.88 16.48
C PHE C 418 4.10 -39.98 17.97
N SER C 419 5.08 -40.43 18.76
CA SER C 419 4.88 -40.52 20.20
C SER C 419 4.91 -39.16 20.85
N ASN C 420 5.93 -38.35 20.54
CA ASN C 420 6.05 -37.03 21.13
C ASN C 420 4.93 -36.08 20.70
N ASN C 421 4.32 -36.33 19.54
CA ASN C 421 3.19 -35.54 19.07
C ASN C 421 1.90 -36.36 19.06
N SER C 422 1.76 -37.28 20.02
CA SER C 422 0.58 -38.12 20.09
C SER C 422 -0.69 -37.28 20.23
N LYS C 423 -0.66 -36.30 21.12
CA LYS C 423 -1.84 -35.48 21.37
C LYS C 423 -2.25 -34.71 20.12
N GLY C 424 -1.30 -33.98 19.52
CA GLY C 424 -1.64 -33.14 18.38
C GLY C 424 -2.09 -33.93 17.17
N LEU C 425 -1.42 -35.05 16.88
CA LEU C 425 -1.78 -35.86 15.72
C LEU C 425 -3.18 -36.44 15.85
N LYS C 426 -3.55 -36.89 17.06
CA LYS C 426 -4.92 -37.35 17.29
C LYS C 426 -5.92 -36.21 17.08
N GLU C 427 -5.57 -35.01 17.55
CA GLU C 427 -6.42 -33.85 17.30
C GLU C 427 -6.56 -33.60 15.81
N LYS C 428 -5.46 -33.67 15.05
CA LYS C 428 -5.50 -33.42 13.62
C LYS C 428 -6.32 -34.48 12.90
N ILE C 429 -6.20 -35.75 13.33
CA ILE C 429 -7.00 -36.81 12.73
C ILE C 429 -8.48 -36.52 12.90
N ASP C 430 -8.90 -36.19 14.13
CA ASP C 430 -10.29 -35.83 14.36
C ASP C 430 -10.73 -34.66 13.48
N HIS C 431 -9.81 -33.73 13.21
CA HIS C 431 -10.14 -32.59 12.35
C HIS C 431 -10.34 -33.03 10.91
N TYR C 432 -9.45 -33.86 10.39
CA TYR C 432 -9.55 -34.29 9.00
C TYR C 432 -10.81 -35.13 8.77
N ARG C 433 -11.26 -35.87 9.79
CA ARG C 433 -12.50 -36.63 9.66
C ARG C 433 -13.70 -35.71 9.60
N LYS C 434 -13.77 -34.74 10.50
CA LYS C 434 -14.92 -33.84 10.56
C LYS C 434 -15.11 -33.09 9.24
N ASN C 435 -14.03 -32.54 8.69
CA ASN C 435 -14.08 -31.69 7.51
C ASN C 435 -13.77 -32.45 6.23
N ASN C 436 -13.78 -33.79 6.28
CA ASN C 436 -13.53 -34.64 5.11
C ASN C 436 -12.31 -34.19 4.33
N PHE C 437 -11.21 -33.99 5.05
CA PHE C 437 -9.90 -33.74 4.44
C PHE C 437 -9.24 -35.10 4.25
N ASN C 438 -9.39 -35.67 3.05
CA ASN C 438 -9.08 -37.09 2.86
C ASN C 438 -7.57 -37.36 2.83
N GLN C 439 -6.82 -36.55 2.07
CA GLN C 439 -5.40 -36.88 1.89
C GLN C 439 -4.62 -36.72 3.19
N GLU C 440 -4.97 -35.73 4.01
CA GLU C 440 -4.25 -35.53 5.28
C GLU C 440 -4.39 -36.74 6.19
N LEU C 441 -5.55 -37.40 6.18
CA LEU C 441 -5.72 -38.61 6.97
C LEU C 441 -5.00 -39.79 6.31
N TYR C 442 -5.12 -39.93 4.99
CA TYR C 442 -4.40 -40.98 4.27
C TYR C 442 -2.90 -40.90 4.52
N GLN C 443 -2.35 -39.70 4.69
CA GLN C 443 -0.91 -39.57 4.90
C GLN C 443 -0.49 -40.11 6.25
N ILE C 444 -1.21 -39.74 7.31
CA ILE C 444 -0.89 -40.23 8.66
C ILE C 444 -1.02 -41.75 8.70
N LEU C 445 -2.13 -42.27 8.17
CA LEU C 445 -2.35 -43.71 8.20
C LEU C 445 -1.30 -44.44 7.36
N LEU C 446 -0.94 -43.87 6.21
CA LEU C 446 0.06 -44.49 5.35
C LEU C 446 1.42 -44.55 6.05
N TYR C 447 1.83 -43.44 6.67
CA TYR C 447 3.10 -43.44 7.40
C TYR C 447 3.11 -44.52 8.47
N MET C 448 1.96 -44.79 9.09
CA MET C 448 1.91 -45.78 10.15
C MET C 448 2.13 -47.19 9.63
N VAL C 449 1.55 -47.51 8.47
CA VAL C 449 1.71 -48.87 7.94
C VAL C 449 3.10 -49.07 7.36
N VAL C 450 3.70 -48.01 6.80
CA VAL C 450 5.02 -48.15 6.19
C VAL C 450 6.09 -48.27 7.28
N PHE C 451 6.00 -47.44 8.32
CA PHE C 451 7.02 -47.38 9.36
C PHE C 451 6.66 -48.19 10.60
N GLU C 452 5.66 -49.07 10.50
CA GLU C 452 5.34 -50.05 11.55
C GLU C 452 5.05 -49.36 12.89
N ILE C 453 3.98 -48.56 12.90
CA ILE C 453 3.62 -47.72 14.04
C ILE C 453 2.32 -48.24 14.64
N ASP C 454 2.27 -48.30 15.98
CA ASP C 454 1.06 -48.72 16.67
C ASP C 454 0.73 -47.90 17.91
N ASP C 455 1.70 -47.22 18.52
CA ASP C 455 1.44 -46.52 19.77
C ASP C 455 0.42 -45.41 19.63
N LEU C 456 0.15 -44.94 18.42
CA LEU C 456 -0.70 -43.76 18.26
C LEU C 456 -2.17 -44.11 18.39
N LEU C 457 -2.65 -45.09 17.62
CA LEU C 457 -4.06 -45.45 17.58
C LEU C 457 -4.24 -46.85 18.16
N ASN C 458 -5.08 -46.95 19.20
CA ASN C 458 -5.44 -48.25 19.76
C ASN C 458 -6.55 -48.87 18.92
N GLN C 459 -7.20 -49.90 19.46
CA GLN C 459 -8.15 -50.69 18.67
C GLN C 459 -9.39 -49.87 18.31
N GLU C 460 -10.09 -49.34 19.31
CA GLU C 460 -11.33 -48.62 19.03
C GLU C 460 -11.08 -47.38 18.19
N GLU C 461 -9.96 -46.69 18.44
CA GLU C 461 -9.59 -45.54 17.61
C GLU C 461 -9.44 -45.94 16.14
N LEU C 462 -8.98 -47.17 15.89
CA LEU C 462 -8.91 -47.67 14.51
C LEU C 462 -10.31 -47.98 13.97
N LEU C 463 -11.05 -48.84 14.69
CA LEU C 463 -12.42 -49.17 14.29
C LEU C 463 -13.25 -47.93 14.08
N ASN C 464 -12.97 -46.87 14.85
CA ASN C 464 -13.67 -45.59 14.69
C ASN C 464 -13.46 -44.99 13.31
N LEU C 465 -12.45 -45.44 12.57
CA LEU C 465 -12.17 -44.90 11.24
C LEU C 465 -13.05 -45.54 10.17
N ILE C 466 -13.46 -46.80 10.36
CA ILE C 466 -14.34 -47.48 9.42
C ILE C 466 -15.71 -46.84 9.53
N ASP C 467 -15.95 -45.79 8.73
CA ASP C 467 -17.11 -44.93 8.93
C ASP C 467 -17.47 -44.28 7.61
N LEU C 468 -18.65 -43.66 7.60
CA LEU C 468 -19.07 -42.90 6.43
C LEU C 468 -18.26 -41.62 6.31
N ASN C 469 -18.14 -41.13 5.07
CA ASN C 469 -17.34 -39.96 4.73
C ASN C 469 -15.85 -40.17 5.02
N ILE C 470 -15.43 -41.42 5.13
CA ILE C 470 -14.02 -41.79 5.05
C ILE C 470 -13.79 -42.38 3.66
N ASP C 471 -12.76 -41.91 2.97
CA ASP C 471 -12.51 -42.34 1.60
C ASP C 471 -12.12 -43.81 1.57
N ASP C 472 -12.08 -44.35 0.35
CA ASP C 472 -11.75 -45.77 0.17
C ASP C 472 -10.34 -46.06 0.63
N TYR C 473 -9.39 -45.18 0.31
CA TYR C 473 -7.98 -45.45 0.59
C TYR C 473 -7.70 -45.41 2.08
N SER C 474 -8.29 -44.45 2.80
CA SER C 474 -8.12 -44.41 4.25
C SER C 474 -8.75 -45.62 4.91
N LEU C 475 -9.90 -46.07 4.41
CA LEU C 475 -10.53 -47.28 4.93
C LEU C 475 -9.60 -48.48 4.80
N ILE C 476 -8.87 -48.57 3.70
CA ILE C 476 -7.96 -49.69 3.48
C ILE C 476 -6.77 -49.61 4.44
N LEU C 477 -6.14 -48.44 4.50
CA LEU C 477 -4.97 -48.27 5.38
C LEU C 477 -5.34 -48.53 6.83
N GLY C 478 -6.50 -48.03 7.27
CA GLY C 478 -6.94 -48.32 8.63
C GLY C 478 -7.21 -49.80 8.84
N THR C 479 -7.82 -50.44 7.85
CA THR C 479 -8.05 -51.88 7.94
C THR C 479 -6.73 -52.64 8.03
N ILE C 480 -5.74 -52.24 7.23
CA ILE C 480 -4.42 -52.87 7.31
C ILE C 480 -3.82 -52.68 8.69
N LEU C 481 -3.84 -51.44 9.20
CA LEU C 481 -3.39 -51.17 10.57
C LEU C 481 -4.04 -52.12 11.57
N TYR C 482 -5.35 -52.34 11.42
CA TYR C 482 -6.05 -53.25 12.32
C TYR C 482 -5.55 -54.67 12.16
N LEU C 483 -5.37 -55.12 10.91
CA LEU C 483 -4.92 -56.49 10.66
C LEU C 483 -3.49 -56.70 11.10
N LYS C 484 -2.66 -55.66 11.06
CA LYS C 484 -1.25 -55.81 11.44
C LYS C 484 -1.07 -56.15 12.91
N ASN C 485 -2.12 -56.03 13.73
CA ASN C 485 -2.08 -56.42 15.13
C ASN C 485 -2.98 -57.64 15.31
N SER C 486 -2.36 -58.78 15.60
CA SER C 486 -3.12 -60.02 15.77
C SER C 486 -4.02 -59.98 16.99
N SER C 487 -3.66 -59.17 17.99
CA SER C 487 -4.43 -59.13 19.23
C SER C 487 -5.84 -58.59 19.00
N TYR C 488 -5.97 -57.61 18.10
CA TYR C 488 -7.27 -57.05 17.80
C TYR C 488 -8.17 -58.10 17.17
N LYS C 489 -9.45 -58.09 17.56
CA LYS C 489 -10.39 -59.12 17.14
C LYS C 489 -11.04 -58.76 15.82
N LEU C 490 -11.06 -59.73 14.90
CA LEU C 490 -11.74 -59.52 13.62
C LEU C 490 -13.24 -59.42 13.80
N GLU C 491 -13.79 -60.09 14.82
CA GLU C 491 -15.21 -60.03 15.13
C GLU C 491 -15.72 -58.60 15.15
N LYS C 492 -14.96 -57.69 15.77
CA LYS C 492 -15.35 -56.29 15.83
C LYS C 492 -15.16 -55.59 14.49
N LEU C 493 -14.07 -55.93 13.78
CA LEU C 493 -13.80 -55.27 12.50
C LEU C 493 -14.81 -55.67 11.45
N LEU C 494 -15.22 -56.94 11.44
CA LEU C 494 -16.24 -57.39 10.49
C LEU C 494 -17.55 -56.65 10.72
N LYS C 495 -17.91 -56.43 11.98
CA LYS C 495 -19.15 -55.71 12.30
C LYS C 495 -19.10 -54.28 11.76
N LYS C 496 -17.99 -53.57 12.03
CA LYS C 496 -17.87 -52.19 11.55
C LYS C 496 -17.90 -52.12 10.02
N ILE C 497 -17.40 -53.16 9.34
CA ILE C 497 -17.41 -53.17 7.89
C ILE C 497 -18.78 -53.58 7.36
N ASP C 498 -19.34 -54.67 7.90
CA ASP C 498 -20.67 -55.10 7.47
C ASP C 498 -21.69 -53.98 7.67
N GLN C 499 -21.58 -53.24 8.77
CA GLN C 499 -22.43 -52.06 8.95
C GLN C 499 -22.18 -51.03 7.87
N LEU C 500 -20.92 -50.82 7.49
CA LEU C 500 -20.62 -49.77 6.53
C LEU C 500 -21.21 -50.12 5.16
N PHE C 501 -21.00 -51.37 4.71
CA PHE C 501 -21.59 -51.82 3.45
C PHE C 501 -23.10 -51.72 3.49
N ILE C 502 -23.71 -52.10 4.61
CA ILE C 502 -25.17 -52.06 4.74
C ILE C 502 -25.67 -50.63 4.63
N ASN C 503 -24.92 -49.66 5.16
CA ASN C 503 -25.38 -48.28 5.17
C ASN C 503 -25.28 -47.66 3.78
N THR C 504 -24.12 -47.79 3.13
CA THR C 504 -23.95 -47.13 1.83
C THR C 504 -24.86 -47.75 0.77
N HIS C 505 -25.12 -49.06 0.84
CA HIS C 505 -26.06 -49.66 -0.10
C HIS C 505 -27.48 -49.16 0.12
N ALA C 506 -27.81 -48.75 1.34
CA ALA C 506 -29.19 -48.36 1.65
C ALA C 506 -29.63 -47.15 0.85
N ASN C 507 -28.70 -46.25 0.50
CA ASN C 507 -29.08 -45.04 -0.22
C ASN C 507 -29.62 -45.37 -1.61
N TYR C 508 -29.00 -46.33 -2.29
CA TYR C 508 -29.39 -46.69 -3.64
C TYR C 508 -30.68 -47.49 -3.65
N ASP C 509 -31.21 -47.72 -4.84
CA ASP C 509 -32.33 -48.64 -4.98
C ASP C 509 -31.86 -50.07 -4.78
N VAL C 510 -32.81 -50.96 -4.45
CA VAL C 510 -32.44 -52.34 -4.17
C VAL C 510 -31.92 -53.03 -5.43
N LYS C 511 -32.35 -52.59 -6.61
CA LYS C 511 -31.89 -53.19 -7.85
C LYS C 511 -30.45 -52.82 -8.19
N THR C 512 -29.78 -52.05 -7.34
CA THR C 512 -28.42 -51.58 -7.64
C THR C 512 -27.39 -52.64 -7.28
N SER C 513 -26.43 -52.85 -8.17
CA SER C 513 -25.33 -53.74 -7.88
C SER C 513 -24.35 -53.08 -6.92
N ARG C 514 -23.77 -53.89 -6.04
CA ARG C 514 -22.89 -53.34 -5.00
C ARG C 514 -21.59 -52.82 -5.60
N MET C 515 -21.07 -53.47 -6.64
CA MET C 515 -19.82 -53.02 -7.27
C MET C 515 -20.02 -51.83 -8.20
N ALA C 516 -21.19 -51.20 -8.18
CA ALA C 516 -21.38 -49.90 -8.84
C ALA C 516 -21.46 -48.75 -7.86
N GLU C 517 -21.72 -49.02 -6.58
CA GLU C 517 -21.97 -47.99 -5.58
C GLU C 517 -20.66 -47.34 -5.15
N LYS C 518 -20.74 -46.47 -4.14
CA LYS C 518 -19.55 -45.98 -3.45
C LYS C 518 -18.86 -47.15 -2.74
N LEU C 519 -17.63 -46.90 -2.30
CA LEU C 519 -16.82 -47.87 -1.55
C LEU C 519 -16.42 -49.10 -2.38
N TRP C 520 -16.44 -49.01 -3.71
CA TRP C 520 -16.16 -50.21 -4.52
C TRP C 520 -14.75 -50.73 -4.27
N LEU C 521 -13.77 -49.83 -4.09
CA LEU C 521 -12.40 -50.28 -3.88
C LEU C 521 -12.23 -50.95 -2.53
N PHE C 522 -12.80 -50.36 -1.48
CA PHE C 522 -12.78 -51.03 -0.18
C PHE C 522 -13.54 -52.35 -0.23
N ARG C 523 -14.63 -52.39 -1.01
CA ARG C 523 -15.34 -53.64 -1.22
C ARG C 523 -14.45 -54.67 -1.91
N TYR C 524 -13.75 -54.25 -2.97
CA TYR C 524 -12.84 -55.17 -3.65
C TYR C 524 -11.68 -55.58 -2.74
N PHE C 525 -11.26 -54.70 -1.84
CA PHE C 525 -10.21 -55.06 -0.89
C PHE C 525 -10.69 -56.15 0.06
N PHE C 526 -11.86 -55.95 0.67
CA PHE C 526 -12.38 -56.93 1.62
C PHE C 526 -12.70 -58.26 0.92
N TYR C 527 -13.28 -58.19 -0.27
CA TYR C 527 -13.64 -59.41 -0.99
C TYR C 527 -12.39 -60.18 -1.41
N PHE C 528 -11.32 -59.47 -1.78
CA PHE C 528 -10.07 -60.15 -2.13
C PHE C 528 -9.47 -60.90 -0.95
N LEU C 529 -9.82 -60.52 0.27
CA LEU C 529 -9.29 -61.18 1.47
C LEU C 529 -10.16 -62.35 1.92
N ASN C 530 -11.48 -62.14 1.98
CA ASN C 530 -12.38 -63.25 2.30
C ASN C 530 -12.23 -64.39 1.30
N CYS C 531 -11.94 -64.07 0.03
CA CYS C 531 -11.71 -65.10 -0.96
C CYS C 531 -10.31 -65.69 -0.86
N LYS C 532 -9.34 -64.93 -0.35
CA LYS C 532 -8.01 -65.44 -0.07
C LYS C 532 -7.89 -65.93 1.36
N ASN C 533 -9.02 -66.17 2.04
CA ASN C 533 -9.09 -66.60 3.42
C ASN C 533 -8.09 -65.90 4.33
N ILE C 534 -7.93 -64.58 4.17
CA ILE C 534 -7.28 -63.77 5.18
C ILE C 534 -8.25 -63.49 6.32
N PHE C 535 -9.53 -63.30 5.98
CA PHE C 535 -10.62 -63.44 6.93
C PHE C 535 -11.03 -64.91 6.90
N SER C 536 -10.74 -65.61 8.00
CA SER C 536 -11.01 -67.04 8.06
C SER C 536 -12.45 -67.33 7.72
N GLN C 537 -12.67 -68.35 6.89
CA GLN C 537 -14.03 -68.78 6.62
C GLN C 537 -14.73 -69.22 7.89
N LYS C 538 -13.97 -69.81 8.83
CA LYS C 538 -14.52 -70.07 10.15
C LYS C 538 -14.91 -68.79 10.86
N GLU C 539 -14.10 -67.73 10.70
CA GLU C 539 -14.37 -66.47 11.38
C GLU C 539 -15.53 -65.70 10.76
N ILE C 540 -15.72 -65.82 9.44
CA ILE C 540 -16.82 -65.10 8.80
C ILE C 540 -18.16 -65.80 9.06
N ASN C 541 -18.15 -67.12 9.26
CA ASN C 541 -19.40 -67.80 9.62
C ASN C 541 -19.83 -67.48 11.05
N SER C 542 -18.88 -67.48 11.99
CA SER C 542 -19.23 -67.19 13.37
C SER C 542 -19.81 -65.80 13.54
N TYR C 543 -19.34 -64.84 12.73
CA TYR C 543 -19.94 -63.51 12.75
C TYR C 543 -21.35 -63.55 12.17
N CYS C 544 -21.52 -64.21 11.03
CA CYS C 544 -22.84 -64.24 10.38
C CYS C 544 -23.86 -64.97 11.24
N GLN C 545 -23.42 -65.92 12.05
CA GLN C 545 -24.34 -66.60 12.95
C GLN C 545 -24.77 -65.70 14.10
N SER C 546 -23.91 -64.75 14.50
CA SER C 546 -24.24 -63.84 15.59
C SER C 546 -25.27 -62.80 15.17
N GLN C 547 -25.38 -62.51 13.87
CA GLN C 547 -26.38 -61.58 13.37
C GLN C 547 -27.60 -62.30 12.81
N ASN C 548 -27.62 -63.63 12.84
CA ASN C 548 -28.75 -64.44 12.39
C ASN C 548 -29.05 -64.20 10.91
N TYR C 549 -28.00 -64.00 10.12
CA TYR C 549 -28.17 -63.93 8.68
C TYR C 549 -28.60 -65.28 8.14
N ASN C 550 -29.50 -65.27 7.16
CA ASN C 550 -29.99 -66.52 6.59
C ASN C 550 -28.91 -67.14 5.73
N SER C 551 -28.68 -68.45 5.91
CA SER C 551 -27.83 -69.17 4.98
C SER C 551 -28.49 -69.22 3.62
N GLY C 552 -27.68 -69.46 2.59
CA GLY C 552 -28.17 -69.52 1.23
C GLY C 552 -27.42 -70.57 0.43
N GLN C 553 -27.78 -70.66 -0.85
CA GLN C 553 -27.11 -71.59 -1.76
C GLN C 553 -25.66 -71.19 -1.97
N ASN C 554 -25.43 -69.98 -2.47
CA ASN C 554 -24.07 -69.54 -2.77
C ASN C 554 -23.31 -69.21 -1.50
N GLY C 555 -23.93 -68.52 -0.57
CA GLY C 555 -23.25 -68.07 0.63
C GLY C 555 -24.17 -67.85 1.80
N TYR C 556 -23.79 -66.93 2.67
CA TYR C 556 -24.52 -66.66 3.90
C TYR C 556 -25.46 -65.46 3.79
N GLN C 557 -25.74 -65.00 2.57
CA GLN C 557 -26.70 -63.92 2.32
C GLN C 557 -26.39 -62.67 3.14
N THR C 558 -25.12 -62.28 3.15
CA THR C 558 -24.70 -61.06 3.80
C THR C 558 -23.88 -60.23 2.83
N GLU C 559 -23.78 -58.94 3.12
CA GLU C 559 -22.99 -58.05 2.28
C GLU C 559 -21.53 -58.48 2.23
N LEU C 560 -21.06 -59.18 3.27
CA LEU C 560 -19.65 -59.58 3.31
C LEU C 560 -19.35 -60.70 2.33
N ASN C 561 -20.32 -61.56 2.06
CA ASN C 561 -20.11 -62.70 1.18
C ASN C 561 -20.20 -62.26 -0.28
N TRP C 562 -19.10 -62.43 -1.02
CA TRP C 562 -19.05 -62.00 -2.41
C TRP C 562 -19.94 -62.87 -3.29
N ASN C 563 -20.03 -64.17 -3.00
CA ASN C 563 -20.80 -65.08 -3.84
C ASN C 563 -22.28 -64.72 -3.83
N TYR C 564 -22.82 -64.38 -2.65
CA TYR C 564 -24.19 -63.87 -2.61
C TYR C 564 -24.30 -62.50 -3.25
N ILE C 565 -23.28 -61.66 -3.06
CA ILE C 565 -23.39 -60.26 -3.48
C ILE C 565 -23.27 -60.13 -4.99
N LYS C 566 -22.41 -60.94 -5.61
CA LYS C 566 -22.15 -60.79 -7.04
C LYS C 566 -23.39 -61.03 -7.90
N GLY C 567 -24.39 -61.72 -7.37
CA GLY C 567 -25.59 -62.00 -8.13
C GLY C 567 -26.79 -61.19 -7.70
N GLN C 568 -26.56 -60.01 -7.13
CA GLN C 568 -27.62 -59.14 -6.65
C GLN C 568 -27.66 -57.86 -7.47
N GLY C 569 -28.82 -57.56 -8.05
CA GLY C 569 -28.99 -56.37 -8.84
C GLY C 569 -29.39 -56.69 -10.27
N LYS C 570 -30.14 -55.78 -10.90
CA LYS C 570 -30.60 -56.02 -12.26
C LYS C 570 -29.45 -55.97 -13.26
N ASP C 571 -28.54 -55.01 -13.10
CA ASP C 571 -27.37 -54.89 -13.96
C ASP C 571 -26.16 -55.41 -13.20
N LEU C 572 -25.56 -56.50 -13.71
CA LEU C 572 -24.44 -57.15 -13.05
C LEU C 572 -23.14 -57.05 -13.84
N ARG C 573 -23.12 -56.23 -14.90
CA ARG C 573 -21.90 -56.11 -15.70
C ARG C 573 -20.71 -55.67 -14.85
N ALA C 574 -20.94 -54.73 -13.93
CA ALA C 574 -19.87 -54.30 -13.04
C ALA C 574 -19.46 -55.43 -12.10
N ASN C 575 -20.44 -56.12 -11.50
CA ASN C 575 -20.13 -57.23 -10.60
C ASN C 575 -19.35 -58.31 -11.31
N ASN C 576 -19.73 -58.64 -12.55
CA ASN C 576 -19.02 -59.67 -13.31
C ASN C 576 -17.63 -59.22 -13.72
N PHE C 577 -17.44 -57.92 -13.91
CA PHE C 577 -16.10 -57.40 -14.20
C PHE C 577 -15.14 -57.72 -13.06
N PHE C 578 -15.51 -57.36 -11.84
CA PHE C 578 -14.64 -57.64 -10.69
C PHE C 578 -14.61 -59.12 -10.34
N ASN C 579 -15.67 -59.86 -10.68
CA ASN C 579 -15.68 -61.30 -10.40
C ASN C 579 -14.55 -62.00 -11.13
N GLU C 580 -14.32 -61.64 -12.40
CA GLU C 580 -13.19 -62.19 -13.13
C GLU C 580 -11.87 -61.83 -12.47
N LEU C 581 -11.75 -60.60 -12.00
CA LEU C 581 -10.51 -60.16 -11.34
C LEU C 581 -10.29 -60.90 -10.03
N ILE C 582 -11.37 -61.18 -9.29
CA ILE C 582 -11.26 -61.98 -8.08
C ILE C 582 -10.78 -63.38 -8.40
N VAL C 583 -11.40 -64.01 -9.41
CA VAL C 583 -11.12 -65.41 -9.72
C VAL C 583 -9.68 -65.57 -10.21
N LYS C 584 -9.24 -64.68 -11.11
CA LYS C 584 -7.86 -64.70 -11.58
C LYS C 584 -6.89 -64.11 -10.55
N GLU C 585 -7.37 -63.84 -9.34
CA GLU C 585 -6.54 -63.35 -8.23
C GLU C 585 -5.74 -62.11 -8.63
N VAL C 586 -6.42 -61.20 -9.33
CA VAL C 586 -5.82 -59.93 -9.72
C VAL C 586 -6.01 -58.96 -8.57
N TRP C 587 -4.91 -58.59 -7.91
CA TRP C 587 -4.99 -57.71 -6.75
C TRP C 587 -4.89 -56.25 -7.19
N LEU C 588 -5.77 -55.41 -6.65
CA LEU C 588 -5.73 -53.97 -6.85
C LEU C 588 -5.01 -53.25 -5.72
N ILE C 589 -4.68 -53.96 -4.65
CA ILE C 589 -3.94 -53.41 -3.51
C ILE C 589 -2.88 -54.42 -3.12
N SER C 590 -1.63 -53.97 -3.00
CA SER C 590 -0.52 -54.87 -2.73
C SER C 590 -0.49 -55.24 -1.25
N CYS C 591 -0.42 -56.55 -0.98
CA CYS C 591 -0.31 -57.05 0.38
C CYS C 591 1.12 -57.06 0.89
N GLY C 592 2.10 -56.73 0.06
CA GLY C 592 3.50 -56.72 0.46
C GLY C 592 4.30 -57.78 -0.26
N GLU C 593 5.62 -57.63 -0.17
CA GLU C 593 6.53 -58.58 -0.79
C GLU C 593 6.36 -59.98 -0.21
N ASN C 594 6.26 -60.08 1.12
CA ASN C 594 5.95 -61.33 1.79
C ASN C 594 4.48 -61.46 2.14
N GLU C 595 3.64 -60.62 1.53
CA GLU C 595 2.20 -60.58 1.82
C GLU C 595 1.94 -60.47 3.32
N ASP C 596 2.74 -59.64 3.98
CA ASP C 596 2.62 -59.41 5.42
C ASP C 596 2.33 -57.95 5.75
N PHE C 597 2.01 -57.14 4.75
CA PHE C 597 1.70 -55.71 4.93
C PHE C 597 2.88 -54.94 5.51
N LYS C 598 4.10 -55.37 5.19
CA LYS C 598 5.32 -54.68 5.59
C LYS C 598 6.00 -54.15 4.33
N TYR C 599 6.40 -52.88 4.35
CA TYR C 599 6.75 -52.16 3.14
C TYR C 599 8.09 -51.44 3.25
N LEU C 600 9.08 -52.04 3.92
CA LEU C 600 10.40 -51.44 3.99
C LEU C 600 11.45 -52.54 3.92
N ASN C 601 12.28 -52.48 2.88
CA ASN C 601 13.30 -53.49 2.64
C ASN C 601 14.54 -53.24 3.50
N SER D 2 -49.38 -9.74 13.81
CA SER D 2 -48.68 -11.01 14.00
C SER D 2 -47.69 -11.28 12.88
N MET D 3 -46.49 -11.74 13.23
CA MET D 3 -45.49 -12.05 12.22
C MET D 3 -45.93 -13.21 11.34
N LYS D 4 -46.44 -14.29 11.96
CA LYS D 4 -46.90 -15.44 11.21
C LYS D 4 -48.10 -15.09 10.32
N LYS D 5 -48.91 -14.12 10.75
CA LYS D 5 -50.11 -13.77 9.99
C LYS D 5 -49.75 -13.07 8.68
N GLU D 6 -49.00 -11.97 8.77
CA GLU D 6 -48.67 -11.20 7.57
C GLU D 6 -47.85 -12.02 6.59
N PHE D 7 -47.07 -12.99 7.07
CA PHE D 7 -46.29 -13.85 6.18
C PHE D 7 -47.21 -14.62 5.25
N THR D 8 -48.12 -15.43 5.81
CA THR D 8 -49.06 -16.20 5.00
C THR D 8 -49.86 -15.30 4.07
N GLU D 9 -50.33 -14.15 4.59
CA GLU D 9 -51.04 -13.20 3.75
C GLU D 9 -50.22 -12.80 2.54
N LEU D 10 -48.91 -12.62 2.73
CA LEU D 10 -48.04 -12.25 1.62
C LEU D 10 -47.90 -13.40 0.62
N TYR D 11 -47.61 -14.61 1.13
CA TYR D 11 -47.30 -15.71 0.23
C TYR D 11 -48.56 -16.26 -0.46
N ASP D 12 -49.72 -16.17 0.20
CA ASP D 12 -50.96 -16.53 -0.48
C ASP D 12 -51.19 -15.66 -1.71
N PHE D 13 -50.89 -14.36 -1.58
CA PHE D 13 -50.96 -13.46 -2.73
C PHE D 13 -49.88 -13.78 -3.75
N ILE D 14 -48.67 -14.11 -3.29
CA ILE D 14 -47.55 -14.34 -4.19
C ILE D 14 -47.76 -15.61 -5.00
N PHE D 15 -48.18 -16.69 -4.34
CA PHE D 15 -48.31 -17.99 -4.98
C PHE D 15 -49.67 -18.14 -5.66
N ASP D 16 -49.87 -17.29 -6.67
CA ASP D 16 -51.03 -17.34 -7.55
C ASP D 16 -50.54 -17.46 -8.98
N PRO D 17 -51.05 -18.43 -9.76
CA PRO D 17 -50.52 -18.64 -11.11
C PRO D 17 -50.63 -17.41 -12.00
N ILE D 18 -51.63 -16.56 -11.80
CA ILE D 18 -51.76 -15.37 -12.63
C ILE D 18 -50.88 -14.22 -12.10
N PHE D 19 -50.71 -14.12 -10.79
CA PHE D 19 -49.80 -13.10 -10.25
C PHE D 19 -48.38 -13.30 -10.76
N LEU D 20 -47.91 -14.55 -10.75
CA LEU D 20 -46.52 -14.81 -11.09
C LEU D 20 -46.25 -14.59 -12.57
N VAL D 21 -47.25 -14.78 -13.43
CA VAL D 21 -47.00 -14.49 -14.84
C VAL D 21 -47.16 -13.00 -15.12
N ARG D 22 -48.03 -12.31 -14.38
CA ARG D 22 -48.29 -10.91 -14.65
C ARG D 22 -47.09 -10.04 -14.28
N TYR D 23 -46.45 -10.34 -13.15
CA TYR D 23 -45.32 -9.56 -12.66
C TYR D 23 -44.02 -10.34 -12.57
N GLY D 24 -44.08 -11.66 -12.40
CA GLY D 24 -42.87 -12.41 -12.11
C GLY D 24 -42.00 -12.63 -13.33
N TYR D 25 -42.63 -12.80 -14.51
CA TYR D 25 -41.86 -13.02 -15.73
C TYR D 25 -40.88 -11.88 -15.97
N TYR D 26 -41.31 -10.64 -15.75
CA TYR D 26 -40.43 -9.48 -15.88
C TYR D 26 -40.00 -8.94 -14.52
N ASP D 27 -40.20 -9.71 -13.45
CA ASP D 27 -39.68 -9.41 -12.11
C ASP D 27 -40.15 -8.04 -11.63
N ARG D 28 -41.47 -7.90 -11.58
CA ARG D 28 -42.13 -6.66 -11.18
C ARG D 28 -42.53 -6.71 -9.71
N SER D 29 -42.70 -5.53 -9.12
CA SER D 29 -43.01 -5.40 -7.70
C SER D 29 -44.14 -4.40 -7.50
N ILE D 30 -45.18 -4.83 -6.79
CA ILE D 30 -46.31 -3.98 -6.44
C ILE D 30 -46.29 -3.75 -4.93
N LYS D 31 -46.65 -2.54 -4.52
CA LYS D 31 -46.58 -2.14 -3.12
C LYS D 31 -47.90 -2.31 -2.37
N ASN D 32 -48.97 -2.69 -3.06
CA ASN D 32 -50.27 -2.84 -2.42
C ASN D 32 -51.09 -3.86 -3.19
N LYS D 33 -51.78 -4.74 -2.44
CA LYS D 33 -52.53 -5.82 -3.07
C LYS D 33 -53.60 -5.29 -4.03
N LYS D 34 -54.09 -4.08 -3.80
CA LYS D 34 -55.13 -3.53 -4.67
C LYS D 34 -54.65 -3.28 -6.09
N MET D 35 -53.33 -3.22 -6.32
CA MET D 35 -52.81 -2.93 -7.66
C MET D 35 -53.21 -4.01 -8.66
N ASN D 36 -53.31 -5.26 -8.21
CA ASN D 36 -53.87 -6.31 -9.05
C ASN D 36 -55.30 -5.98 -9.42
N THR D 37 -55.55 -5.79 -10.72
CA THR D 37 -56.84 -5.36 -11.21
C THR D 37 -57.30 -6.25 -12.35
N ALA D 38 -58.61 -6.47 -12.41
CA ALA D 38 -59.17 -7.23 -13.52
C ALA D 38 -58.97 -6.51 -14.84
N LYS D 39 -58.94 -5.18 -14.82
CA LYS D 39 -58.72 -4.42 -16.03
C LYS D 39 -57.26 -4.46 -16.44
N VAL D 40 -57.01 -4.63 -17.74
CA VAL D 40 -55.66 -4.47 -18.26
C VAL D 40 -55.22 -3.02 -18.07
N GLU D 41 -54.00 -2.85 -17.56
CA GLU D 41 -53.49 -1.52 -17.22
C GLU D 41 -52.16 -1.31 -17.94
N LEU D 42 -52.21 -1.24 -19.28
CA LEU D 42 -50.99 -1.03 -20.06
C LEU D 42 -50.46 0.38 -19.88
N ASP D 43 -51.35 1.36 -19.72
CA ASP D 43 -50.92 2.76 -19.65
C ASP D 43 -50.31 3.08 -18.29
N ASN D 44 -51.10 2.97 -17.23
CA ASN D 44 -50.62 3.30 -15.90
C ASN D 44 -49.47 2.39 -15.48
N GLU D 45 -48.53 2.95 -14.73
CA GLU D 45 -47.39 2.18 -14.24
C GLU D 45 -47.56 1.91 -12.75
N GLY D 47 -45.75 -1.35 -11.31
CA GLY D 47 -44.72 -2.28 -10.90
C GLY D 47 -43.30 -1.84 -11.14
N LYS D 48 -42.57 -1.63 -10.04
CA LYS D 48 -41.15 -1.30 -10.14
C LYS D 48 -40.38 -2.47 -10.73
N SER D 49 -39.70 -2.23 -11.84
CA SER D 49 -38.90 -3.25 -12.50
C SER D 49 -37.62 -2.61 -13.02
N ASP D 50 -36.50 -3.32 -12.81
CA ASP D 50 -35.21 -2.90 -13.31
C ASP D 50 -34.79 -3.64 -14.57
N SER D 51 -35.75 -4.29 -15.25
CA SER D 51 -35.44 -5.14 -16.39
C SER D 51 -35.99 -4.54 -17.66
N PHE D 52 -37.23 -4.84 -18.04
CA PHE D 52 -37.77 -4.48 -19.33
C PHE D 52 -38.84 -3.40 -19.19
N TYR D 53 -39.01 -2.61 -20.25
CA TYR D 53 -39.92 -1.47 -20.21
C TYR D 53 -41.36 -1.96 -20.31
N PHE D 54 -42.15 -1.60 -19.30
CA PHE D 54 -43.53 -2.08 -19.19
C PHE D 54 -44.36 -1.67 -20.39
N LYS D 55 -44.20 -0.43 -20.85
CA LYS D 55 -45.04 0.10 -21.92
C LYS D 55 -44.83 -0.61 -23.25
N VAL D 56 -43.83 -1.49 -23.37
CA VAL D 56 -43.57 -2.21 -24.61
C VAL D 56 -43.61 -3.71 -24.41
N PHE D 57 -43.03 -4.21 -23.32
CA PHE D 57 -43.04 -5.64 -23.01
C PHE D 57 -43.71 -5.84 -21.66
N ASN D 58 -44.80 -6.60 -21.66
CA ASN D 58 -45.55 -6.87 -20.44
C ASN D 58 -46.41 -8.11 -20.66
N MET D 59 -47.10 -8.52 -19.60
CA MET D 59 -47.97 -9.70 -19.62
C MET D 59 -49.42 -9.34 -19.29
N GLU D 60 -49.80 -8.08 -19.43
CA GLU D 60 -51.16 -7.67 -19.06
C GLU D 60 -52.20 -8.32 -19.97
N SER D 61 -51.92 -8.38 -21.27
CA SER D 61 -52.84 -9.07 -22.17
C SER D 61 -52.94 -10.56 -21.85
N PHE D 62 -51.84 -11.16 -21.39
CA PHE D 62 -51.84 -12.60 -21.11
C PHE D 62 -52.61 -12.92 -19.84
N ALA D 63 -52.43 -12.11 -18.79
CA ALA D 63 -53.15 -12.34 -17.54
C ALA D 63 -54.65 -12.12 -17.71
N ASP D 64 -55.05 -11.25 -18.65
CA ASP D 64 -56.47 -11.06 -18.92
C ASP D 64 -57.11 -12.31 -19.46
N TYR D 65 -56.34 -13.18 -20.11
CA TYR D 65 -56.92 -14.43 -20.60
C TYR D 65 -57.04 -15.46 -19.49
N LEU D 66 -56.04 -15.53 -18.60
CA LEU D 66 -56.03 -16.55 -17.57
C LEU D 66 -57.21 -16.38 -16.61
N ARG D 67 -57.46 -15.14 -16.18
CA ARG D 67 -58.54 -14.90 -15.22
C ARG D 67 -59.92 -15.11 -15.82
N SER D 68 -60.03 -15.13 -17.15
CA SER D 68 -61.30 -15.36 -17.82
C SER D 68 -61.45 -16.80 -18.27
N HIS D 69 -60.57 -17.26 -19.16
CA HIS D 69 -60.55 -18.64 -19.63
C HIS D 69 -59.33 -19.34 -19.05
N ASP D 70 -59.57 -20.33 -18.19
CA ASP D 70 -58.48 -21.01 -17.50
C ASP D 70 -57.76 -21.96 -18.45
N LEU D 71 -56.43 -21.94 -18.40
CA LEU D 71 -55.61 -22.69 -19.34
C LEU D 71 -54.74 -23.76 -18.69
N LYS D 72 -54.89 -24.00 -17.39
CA LYS D 72 -54.11 -25.05 -16.73
C LYS D 72 -54.48 -26.44 -17.20
N THR D 73 -55.59 -26.59 -17.93
CA THR D 73 -55.97 -27.89 -18.48
C THR D 73 -54.95 -28.36 -19.51
N HIS D 74 -54.40 -27.43 -20.29
CA HIS D 74 -53.47 -27.79 -21.36
C HIS D 74 -52.14 -28.30 -20.82
N PHE D 75 -51.78 -27.96 -19.60
CA PHE D 75 -50.43 -28.23 -19.10
C PHE D 75 -50.32 -29.50 -18.27
N ASN D 76 -51.42 -29.94 -17.63
CA ASN D 76 -51.38 -31.16 -16.81
C ASN D 76 -50.92 -32.35 -17.63
N GLY D 77 -49.74 -32.87 -17.31
CA GLY D 77 -49.19 -33.99 -18.06
C GLY D 77 -47.81 -34.33 -17.56
N LYS D 78 -47.18 -35.29 -18.23
CA LYS D 78 -45.86 -35.77 -17.88
C LYS D 78 -44.88 -35.53 -19.02
N LYS D 79 -43.59 -35.59 -18.70
CA LYS D 79 -42.50 -35.35 -19.65
C LYS D 79 -42.69 -34.01 -20.35
N PRO D 80 -42.56 -32.90 -19.63
CA PRO D 80 -42.82 -31.59 -20.25
C PRO D 80 -41.82 -31.27 -21.35
N LEU D 81 -42.22 -30.36 -22.22
CA LEU D 81 -41.42 -30.05 -23.41
C LEU D 81 -40.19 -29.23 -23.03
N SER D 82 -39.06 -29.61 -23.60
CA SER D 82 -37.80 -28.90 -23.40
C SER D 82 -37.67 -27.83 -24.47
N THR D 83 -37.71 -26.56 -24.06
CA THR D 83 -37.64 -25.43 -24.97
C THR D 83 -36.37 -24.63 -24.72
N ASP D 84 -36.03 -23.78 -25.71
CA ASP D 84 -34.90 -22.87 -25.63
C ASP D 84 -35.39 -21.49 -25.19
N PRO D 85 -34.72 -20.84 -24.23
CA PRO D 85 -35.18 -19.52 -23.79
C PRO D 85 -34.54 -18.39 -24.59
N VAL D 86 -34.84 -17.15 -24.19
CA VAL D 86 -34.22 -15.98 -24.80
C VAL D 86 -32.99 -15.62 -23.98
N TYR D 87 -31.82 -15.70 -24.60
CA TYR D 87 -30.57 -15.36 -23.93
C TYR D 87 -30.36 -13.85 -23.98
N PHE D 88 -30.18 -13.25 -22.80
CA PHE D 88 -30.14 -11.79 -22.66
C PHE D 88 -29.02 -11.45 -21.69
N ASN D 89 -27.97 -10.79 -22.19
CA ASN D 89 -26.73 -10.59 -21.44
C ASN D 89 -26.66 -9.14 -20.97
N ILE D 90 -26.76 -8.95 -19.66
CA ILE D 90 -26.73 -7.62 -19.03
C ILE D 90 -25.35 -7.39 -18.44
N PRO D 91 -24.99 -6.15 -18.10
CA PRO D 91 -23.70 -5.91 -17.45
C PRO D 91 -23.77 -6.06 -15.92
N LYS D 92 -22.61 -6.36 -15.34
CA LYS D 92 -22.42 -6.42 -13.90
C LYS D 92 -21.60 -5.26 -13.38
N ASN D 93 -20.57 -4.86 -14.12
CA ASN D 93 -19.84 -3.63 -13.88
C ASN D 93 -19.28 -3.16 -15.22
N ILE D 94 -18.40 -2.16 -15.17
CA ILE D 94 -17.78 -1.66 -16.39
C ILE D 94 -16.93 -2.73 -17.07
N GLU D 95 -16.54 -3.78 -16.33
CA GLU D 95 -15.62 -4.78 -16.85
C GLU D 95 -16.12 -6.22 -16.71
N ALA D 96 -17.39 -6.45 -16.37
CA ALA D 96 -17.88 -7.81 -16.19
C ALA D 96 -19.37 -7.86 -16.55
N ARG D 97 -19.89 -9.08 -16.66
CA ARG D 97 -21.23 -9.29 -17.21
C ARG D 97 -21.98 -10.36 -16.43
N ARG D 98 -23.29 -10.43 -16.72
CA ARG D 98 -24.23 -11.34 -16.05
C ARG D 98 -25.27 -11.75 -17.08
N GLN D 99 -25.65 -13.03 -17.07
CA GLN D 99 -26.46 -13.62 -18.13
C GLN D 99 -27.86 -13.97 -17.62
N TYR D 100 -28.88 -13.32 -18.20
CA TYR D 100 -30.27 -13.70 -17.97
C TYR D 100 -30.74 -14.63 -19.09
N LYS D 101 -31.61 -15.56 -18.72
CA LYS D 101 -32.30 -16.42 -19.69
C LYS D 101 -33.80 -16.23 -19.51
N MET D 102 -34.45 -15.74 -20.57
CA MET D 102 -35.88 -15.47 -20.52
C MET D 102 -36.64 -16.65 -21.08
N PRO D 103 -37.29 -17.45 -20.23
CA PRO D 103 -37.79 -18.76 -20.68
C PRO D 103 -39.00 -18.67 -21.60
N ASN D 104 -39.12 -19.68 -22.45
CA ASN D 104 -40.30 -19.87 -23.29
C ASN D 104 -41.56 -19.82 -22.44
N LEU D 105 -42.59 -19.15 -22.96
CA LEU D 105 -43.83 -18.99 -22.20
C LEU D 105 -44.46 -20.33 -21.84
N TYR D 106 -44.42 -21.28 -22.78
CA TYR D 106 -44.93 -22.63 -22.49
C TYR D 106 -44.24 -23.23 -21.29
N SER D 107 -42.91 -23.29 -21.32
CA SER D 107 -42.17 -23.91 -20.22
C SER D 107 -42.28 -23.09 -18.94
N TYR D 108 -42.38 -21.77 -19.05
CA TYR D 108 -42.57 -20.94 -17.86
C TYR D 108 -43.88 -21.25 -17.18
N MET D 109 -44.97 -21.30 -17.95
CA MET D 109 -46.28 -21.59 -17.38
C MET D 109 -46.34 -22.98 -16.78
N ALA D 110 -45.58 -23.92 -17.32
CA ALA D 110 -45.54 -25.27 -16.75
C ALA D 110 -44.96 -25.25 -15.34
N LEU D 111 -43.88 -24.49 -15.13
CA LEU D 111 -43.28 -24.42 -13.81
C LEU D 111 -44.11 -23.59 -12.86
N ASN D 112 -44.66 -22.47 -13.33
CA ASN D 112 -45.52 -21.61 -12.52
C ASN D 112 -46.65 -22.41 -11.90
N TYR D 113 -47.41 -23.12 -12.74
CA TYR D 113 -48.53 -23.93 -12.24
C TYR D 113 -48.05 -24.97 -11.24
N TYR D 114 -46.92 -25.61 -11.52
CA TYR D 114 -46.42 -26.67 -10.64
C TYR D 114 -46.09 -26.11 -9.26
N ILE D 115 -45.46 -24.93 -9.21
CA ILE D 115 -45.09 -24.34 -7.92
C ILE D 115 -46.34 -24.02 -7.10
N CYS D 116 -47.41 -23.59 -7.77
CA CYS D 116 -48.62 -23.16 -7.07
C CYS D 116 -49.40 -24.33 -6.49
N ASP D 117 -49.43 -25.49 -7.16
CA ASP D 117 -50.03 -26.66 -6.55
C ASP D 117 -49.20 -27.16 -5.37
N ASN D 118 -47.88 -26.99 -5.43
CA ASN D 118 -46.96 -27.40 -4.39
C ASN D 118 -46.50 -26.22 -3.54
N LYS D 119 -47.34 -25.19 -3.40
CA LYS D 119 -46.95 -23.99 -2.66
C LYS D 119 -46.63 -24.31 -1.21
N LYS D 120 -47.18 -25.40 -0.67
CA LYS D 120 -46.93 -25.77 0.72
C LYS D 120 -45.45 -25.98 0.99
N GLU D 121 -44.74 -26.65 0.08
CA GLU D 121 -43.31 -26.90 0.28
C GLU D 121 -42.52 -25.60 0.38
N PHE D 122 -42.93 -24.57 -0.35
CA PHE D 122 -42.23 -23.29 -0.28
C PHE D 122 -42.65 -22.49 0.94
N ILE D 123 -43.98 -22.32 1.13
CA ILE D 123 -44.47 -21.38 2.14
C ILE D 123 -44.13 -21.86 3.55
N GLU D 124 -44.27 -23.16 3.81
CA GLU D 124 -43.96 -23.69 5.14
C GLU D 124 -42.51 -23.44 5.51
N VAL D 125 -41.59 -23.64 4.55
CA VAL D 125 -40.17 -23.42 4.82
C VAL D 125 -39.88 -21.94 5.01
N PHE D 126 -40.60 -21.06 4.31
CA PHE D 126 -40.33 -19.63 4.42
C PHE D 126 -40.71 -19.08 5.78
N ILE D 127 -41.86 -19.51 6.32
CA ILE D 127 -42.32 -18.96 7.60
C ILE D 127 -41.49 -19.49 8.75
N ASP D 128 -41.14 -20.78 8.71
CA ASP D 128 -40.27 -21.32 9.73
C ASP D 128 -38.83 -20.80 9.62
N ASN D 129 -38.49 -20.16 8.51
CA ASN D 129 -37.18 -19.55 8.37
C ASN D 129 -37.05 -18.35 9.29
N LYS D 130 -35.81 -18.05 9.67
CA LYS D 130 -35.52 -16.92 10.54
C LYS D 130 -34.35 -16.06 10.09
N PHE D 131 -33.59 -16.49 9.08
CA PHE D 131 -32.37 -15.80 8.70
C PHE D 131 -32.50 -14.96 7.43
N SER D 132 -33.32 -15.39 6.48
CA SER D 132 -33.41 -14.73 5.19
C SER D 132 -34.18 -13.41 5.30
N THR D 133 -33.59 -12.34 4.79
CA THR D 133 -34.29 -11.08 4.56
C THR D 133 -34.67 -10.91 3.10
N SER D 134 -34.45 -11.94 2.28
CA SER D 134 -34.84 -11.94 0.88
C SER D 134 -36.08 -12.78 0.62
N LYS D 135 -36.58 -13.52 1.62
CA LYS D 135 -37.74 -14.39 1.45
C LYS D 135 -39.02 -13.60 1.23
N PHE D 136 -38.96 -12.27 1.16
CA PHE D 136 -40.12 -11.45 0.90
C PHE D 136 -40.17 -10.90 -0.52
N PHE D 137 -39.07 -10.99 -1.27
CA PHE D 137 -39.01 -10.64 -2.68
C PHE D 137 -39.38 -9.18 -2.96
N ASN D 138 -39.24 -8.32 -1.95
CA ASN D 138 -39.53 -6.89 -2.09
C ASN D 138 -40.94 -6.66 -2.62
N GLN D 139 -41.90 -7.38 -2.06
CA GLN D 139 -43.29 -7.30 -2.46
C GLN D 139 -44.12 -6.67 -1.34
N LEU D 140 -45.08 -5.85 -1.73
CA LEU D 140 -46.07 -5.25 -0.82
C LEU D 140 -45.32 -4.37 0.19
N ASN D 141 -45.66 -4.45 1.48
CA ASN D 141 -45.10 -3.57 2.50
C ASN D 141 -43.67 -3.92 2.88
N PHE D 142 -43.11 -5.00 2.34
CA PHE D 142 -41.76 -5.45 2.71
C PHE D 142 -40.76 -4.72 1.83
N ASP D 143 -40.14 -3.69 2.38
CA ASP D 143 -39.20 -2.84 1.65
C ASP D 143 -37.82 -2.91 2.27
N TYR D 144 -36.92 -2.08 1.74
CA TYR D 144 -35.55 -2.02 2.24
C TYR D 144 -35.46 -1.69 3.73
N PRO D 145 -36.13 -0.66 4.27
CA PRO D 145 -35.99 -0.38 5.70
C PRO D 145 -36.49 -1.50 6.60
N LYS D 146 -37.51 -2.25 6.17
CA LYS D 146 -37.99 -3.37 6.98
C LYS D 146 -36.96 -4.50 7.03
N THR D 147 -36.36 -4.82 5.88
CA THR D 147 -35.39 -5.91 5.84
C THR D 147 -34.10 -5.54 6.57
N GLN D 148 -33.69 -4.27 6.52
CA GLN D 148 -32.56 -3.85 7.33
C GLN D 148 -32.88 -3.94 8.81
N GLU D 149 -34.13 -3.67 9.20
CA GLU D 149 -34.52 -3.78 10.60
C GLU D 149 -34.45 -5.23 11.07
N ILE D 150 -34.84 -6.18 10.23
CA ILE D 150 -34.71 -7.59 10.57
C ILE D 150 -33.24 -7.92 10.83
N THR D 151 -32.38 -7.59 9.88
CA THR D 151 -30.94 -7.83 10.02
C THR D 151 -30.39 -7.22 11.30
N GLN D 152 -30.95 -6.09 11.74
CA GLN D 152 -30.52 -5.48 12.99
C GLN D 152 -30.62 -6.46 14.15
N THR D 153 -31.73 -7.20 14.22
CA THR D 153 -31.94 -8.10 15.36
C THR D 153 -31.11 -9.38 15.25
N LEU D 154 -30.77 -9.81 14.03
CA LEU D 154 -29.92 -10.98 13.90
C LEU D 154 -28.49 -10.71 14.36
N LEU D 155 -28.05 -9.46 14.29
CA LEU D 155 -26.65 -9.11 14.54
C LEU D 155 -26.40 -8.67 15.98
N TYR D 156 -27.32 -8.95 16.89
CA TYR D 156 -27.17 -8.52 18.27
C TYR D 156 -26.08 -9.31 18.99
N GLY D 157 -25.51 -8.70 20.02
CA GLY D 157 -24.45 -9.32 20.78
C GLY D 157 -23.14 -9.51 20.04
N GLY D 158 -23.05 -9.08 18.79
CA GLY D 158 -21.85 -9.29 18.00
C GLY D 158 -20.84 -8.17 18.09
N ILE D 159 -19.60 -8.52 18.48
CA ILE D 159 -18.51 -7.55 18.45
C ILE D 159 -17.91 -7.42 17.06
N LYS D 160 -18.04 -8.45 16.23
CA LYS D 160 -17.48 -8.45 14.88
C LYS D 160 -18.51 -9.03 13.93
N LYS D 161 -18.35 -8.72 12.64
CA LYS D 161 -19.25 -9.18 11.59
C LYS D 161 -18.44 -9.82 10.47
N LEU D 162 -18.74 -11.07 10.15
CA LEU D 162 -18.09 -11.76 9.04
C LEU D 162 -19.02 -11.76 7.83
N HIS D 163 -18.46 -11.43 6.67
CA HIS D 163 -19.21 -11.36 5.42
C HIS D 163 -18.76 -12.48 4.49
N LEU D 164 -19.72 -13.19 3.91
CA LEU D 164 -19.44 -14.25 2.94
C LEU D 164 -20.41 -14.12 1.78
N ASP D 165 -19.87 -14.02 0.57
CA ASP D 165 -20.66 -14.05 -0.65
C ASP D 165 -20.42 -15.38 -1.36
N LEU D 166 -21.43 -15.84 -2.10
CA LEU D 166 -21.31 -17.01 -2.95
C LEU D 166 -21.01 -16.57 -4.38
N SER D 167 -20.08 -17.27 -5.02
CA SER D 167 -19.57 -16.86 -6.33
C SER D 167 -20.46 -17.37 -7.45
N ASN D 168 -20.94 -16.44 -8.29
CA ASN D 168 -21.69 -16.77 -9.50
C ASN D 168 -22.85 -17.69 -9.19
N PHE D 169 -23.58 -17.37 -8.12
CA PHE D 169 -24.51 -18.31 -7.51
C PHE D 169 -25.58 -18.78 -8.50
N TYR D 170 -26.28 -17.83 -9.13
CA TYR D 170 -27.38 -18.20 -10.02
C TYR D 170 -26.89 -18.96 -11.24
N HIS D 171 -25.69 -18.63 -11.74
CA HIS D 171 -25.25 -19.11 -13.05
C HIS D 171 -24.45 -20.40 -13.00
N THR D 172 -23.78 -20.69 -11.89
CA THR D 172 -23.05 -21.94 -11.72
C THR D 172 -23.79 -22.93 -10.84
N LEU D 173 -25.03 -22.62 -10.47
CA LEU D 173 -25.82 -23.55 -9.67
C LEU D 173 -26.08 -24.82 -10.45
N TYR D 174 -25.71 -25.95 -9.87
CA TYR D 174 -26.01 -27.25 -10.45
C TYR D 174 -27.44 -27.62 -10.10
N THR D 175 -28.30 -27.74 -11.13
CA THR D 175 -29.73 -27.97 -10.90
C THR D 175 -29.96 -29.25 -10.10
N HIS D 176 -29.16 -30.29 -10.36
CA HIS D 176 -29.34 -31.56 -9.66
C HIS D 176 -29.06 -31.45 -8.16
N SER D 177 -28.44 -30.36 -7.70
CA SER D 177 -28.21 -30.16 -6.28
C SER D 177 -29.45 -29.67 -5.55
N ILE D 178 -30.49 -29.27 -6.28
CA ILE D 178 -31.74 -28.85 -5.62
C ILE D 178 -32.35 -29.98 -4.79
N PRO D 179 -32.47 -31.21 -5.30
CA PRO D 179 -32.91 -32.32 -4.42
C PRO D 179 -31.95 -32.57 -3.26
N TRP D 180 -30.65 -32.38 -3.47
CA TRP D 180 -29.68 -32.61 -2.40
C TRP D 180 -29.93 -31.67 -1.23
N MET D 181 -30.43 -30.47 -1.49
CA MET D 181 -30.64 -29.48 -0.43
C MET D 181 -32.00 -29.63 0.25
N ILE D 182 -33.06 -29.86 -0.54
CA ILE D 182 -34.40 -29.99 0.02
C ILE D 182 -34.50 -31.28 0.82
N ASP D 183 -34.45 -32.42 0.12
CA ASP D 183 -34.59 -33.72 0.79
C ASP D 183 -33.29 -34.14 1.46
N GLY D 184 -32.22 -34.25 0.69
CA GLY D 184 -30.95 -34.77 1.17
C GLY D 184 -30.17 -35.44 0.06
N LYS D 185 -28.85 -35.29 0.07
CA LYS D 185 -28.05 -35.78 -1.05
C LYS D 185 -28.12 -37.30 -1.16
N SER D 186 -28.06 -38.01 -0.04
CA SER D 186 -28.10 -39.46 -0.08
C SER D 186 -29.43 -39.99 -0.59
N ALA D 187 -30.52 -39.24 -0.38
CA ALA D 187 -31.82 -39.66 -0.88
C ALA D 187 -31.87 -39.68 -2.39
N SER D 188 -31.17 -38.76 -3.05
CA SER D 188 -31.24 -38.65 -4.51
C SER D 188 -30.52 -39.78 -5.23
N LYS D 189 -29.74 -40.59 -4.53
CA LYS D 189 -29.14 -41.76 -5.15
C LYS D 189 -30.19 -42.76 -5.62
N GLN D 190 -31.42 -42.62 -5.13
CA GLN D 190 -32.53 -43.43 -5.60
C GLN D 190 -33.50 -42.56 -6.40
N LYS D 194 -39.66 -38.85 -9.32
CA LYS D 194 -41.08 -38.57 -9.15
C LYS D 194 -41.33 -37.66 -7.96
N GLY D 195 -40.30 -37.45 -7.15
CA GLY D 195 -40.42 -36.58 -6.01
C GLY D 195 -40.60 -35.13 -6.41
N PHE D 196 -41.11 -34.34 -5.46
CA PHE D 196 -41.35 -32.92 -5.71
C PHE D 196 -40.08 -32.20 -6.15
N SER D 197 -38.97 -32.46 -5.46
CA SER D 197 -37.71 -31.84 -5.83
C SER D 197 -37.19 -32.39 -7.16
N ASN D 198 -37.22 -33.71 -7.32
CA ASN D 198 -36.75 -34.31 -8.57
C ASN D 198 -37.61 -33.90 -9.76
N THR D 199 -38.89 -33.63 -9.53
CA THR D 199 -39.76 -33.15 -10.60
C THR D 199 -39.47 -31.69 -10.92
N LEU D 200 -39.47 -30.84 -9.88
CA LEU D 200 -39.13 -29.42 -10.03
C LEU D 200 -37.84 -29.23 -10.83
N ASP D 201 -36.88 -30.15 -10.67
CA ASP D 201 -35.65 -30.09 -11.46
C ASP D 201 -35.96 -30.20 -12.96
N THR D 202 -36.69 -31.25 -13.35
CA THR D 202 -36.92 -31.50 -14.77
C THR D 202 -37.76 -30.40 -15.41
N LEU D 203 -38.58 -29.70 -14.63
CA LEU D 203 -39.24 -28.50 -15.15
C LEU D 203 -38.23 -27.41 -15.48
N ILE D 204 -37.32 -27.12 -14.55
CA ILE D 204 -36.36 -26.03 -14.74
C ILE D 204 -35.51 -26.29 -15.98
N THR D 205 -34.90 -27.48 -16.05
CA THR D 205 -34.04 -27.81 -17.17
C THR D 205 -34.78 -27.70 -18.50
N ALA D 206 -36.09 -27.98 -18.50
CA ALA D 206 -36.90 -27.84 -19.71
C ALA D 206 -37.02 -26.40 -20.17
N CYS D 207 -36.62 -25.42 -19.36
CA CYS D 207 -36.62 -24.03 -19.79
C CYS D 207 -35.33 -23.65 -20.51
N GLN D 208 -34.19 -24.23 -20.11
CA GLN D 208 -32.91 -23.98 -20.75
C GLN D 208 -32.50 -25.11 -21.69
N TYR D 209 -33.48 -25.78 -22.31
CA TYR D 209 -33.25 -26.84 -23.28
C TYR D 209 -32.49 -28.01 -22.64
N ASP D 210 -33.06 -28.52 -21.54
CA ASP D 210 -32.49 -29.66 -20.81
C ASP D 210 -31.04 -29.41 -20.42
N GLU D 211 -30.77 -28.20 -19.92
CA GLU D 211 -29.44 -27.82 -19.45
C GLU D 211 -29.44 -27.79 -17.92
N THR D 212 -28.43 -28.41 -17.31
CA THR D 212 -28.34 -28.50 -15.86
C THR D 212 -27.38 -27.49 -15.26
N HIS D 213 -26.80 -26.60 -16.07
CA HIS D 213 -25.82 -25.63 -15.60
C HIS D 213 -26.52 -24.31 -15.34
N GLY D 214 -26.66 -23.95 -14.07
CA GLY D 214 -27.22 -22.66 -13.70
C GLY D 214 -28.73 -22.66 -13.70
N ILE D 215 -29.29 -21.64 -13.06
CA ILE D 215 -30.74 -21.43 -13.06
C ILE D 215 -31.03 -20.36 -14.10
N PRO D 216 -32.16 -20.44 -14.81
CA PRO D 216 -32.51 -19.35 -15.73
C PRO D 216 -32.89 -18.08 -14.98
N THR D 217 -31.90 -17.28 -14.61
CA THR D 217 -32.15 -16.09 -13.80
C THR D 217 -32.80 -15.00 -14.62
N GLY D 218 -33.69 -14.24 -13.97
CA GLY D 218 -34.34 -13.12 -14.62
C GLY D 218 -35.83 -13.02 -14.37
N ASN D 219 -36.35 -13.84 -13.46
CA ASN D 219 -37.77 -13.86 -13.17
C ASN D 219 -37.98 -14.18 -11.69
N LEU D 220 -39.24 -14.12 -11.25
CA LEU D 220 -39.55 -14.30 -9.84
C LEU D 220 -39.47 -15.77 -9.42
N LEU D 221 -39.90 -16.69 -10.30
CA LEU D 221 -39.85 -18.11 -9.95
C LEU D 221 -38.44 -18.55 -9.64
N SER D 222 -37.44 -18.02 -10.38
CA SER D 222 -36.06 -18.38 -10.11
C SER D 222 -35.62 -17.92 -8.73
N ARG D 223 -36.15 -16.80 -8.24
CA ARG D 223 -35.83 -16.36 -6.89
C ARG D 223 -36.58 -17.17 -5.84
N ILE D 224 -37.83 -17.54 -6.13
CA ILE D 224 -38.59 -18.40 -5.22
C ILE D 224 -37.90 -19.75 -5.08
N ILE D 225 -37.49 -20.33 -6.20
CA ILE D 225 -36.78 -21.61 -6.17
C ILE D 225 -35.46 -21.46 -5.43
N THR D 226 -34.70 -20.40 -5.74
CA THR D 226 -33.45 -20.15 -5.05
C THR D 226 -33.67 -19.95 -3.55
N GLU D 227 -34.73 -19.22 -3.18
CA GLU D 227 -34.99 -18.98 -1.77
C GLU D 227 -35.26 -20.29 -1.02
N LEU D 228 -36.09 -21.17 -1.60
CA LEU D 228 -36.30 -22.49 -1.01
C LEU D 228 -34.98 -23.24 -0.86
N TYR D 229 -34.07 -23.05 -1.83
CA TYR D 229 -32.77 -23.72 -1.79
C TYR D 229 -31.93 -23.20 -0.64
N MET D 230 -31.75 -21.87 -0.55
CA MET D 230 -30.95 -21.30 0.52
C MET D 230 -31.68 -21.33 1.86
N CYS D 231 -33.01 -21.42 1.86
CA CYS D 231 -33.72 -21.59 3.13
C CYS D 231 -33.52 -22.99 3.71
N HIS D 232 -33.31 -23.99 2.85
CA HIS D 232 -32.88 -25.29 3.33
C HIS D 232 -31.42 -25.26 3.75
N PHE D 233 -30.60 -24.45 3.07
CA PHE D 233 -29.26 -24.13 3.55
C PHE D 233 -29.33 -23.58 4.97
N ASP D 234 -30.24 -22.63 5.22
CA ASP D 234 -30.35 -22.01 6.53
C ASP D 234 -30.75 -23.04 7.59
N LYS D 235 -31.71 -23.90 7.28
CA LYS D 235 -32.16 -24.91 8.24
C LYS D 235 -31.03 -25.81 8.70
N GLN D 236 -30.04 -26.05 7.83
CA GLN D 236 -28.92 -26.90 8.21
C GLN D 236 -27.96 -26.20 9.18
N MET D 237 -27.79 -24.88 9.05
CA MET D 237 -27.03 -24.13 10.05
C MET D 237 -27.84 -23.89 11.31
N GLU D 238 -29.17 -23.77 11.17
CA GLU D 238 -30.04 -23.64 12.34
C GLU D 238 -29.95 -24.87 13.23
N TYR D 239 -29.96 -26.07 12.63
CA TYR D 239 -29.77 -27.29 13.40
C TYR D 239 -28.39 -27.31 14.08
N LYS D 240 -27.40 -26.66 13.48
CA LYS D 240 -26.10 -26.47 14.10
C LYS D 240 -26.09 -25.33 15.10
N LYS D 241 -27.26 -24.77 15.43
CA LYS D 241 -27.40 -23.68 16.38
C LYS D 241 -26.52 -22.49 16.01
N PHE D 242 -26.46 -22.20 14.72
CA PHE D 242 -25.84 -21.00 14.20
C PHE D 242 -26.89 -19.92 13.96
N VAL D 243 -26.46 -18.66 13.96
CA VAL D 243 -27.34 -17.54 13.71
C VAL D 243 -26.61 -16.51 12.85
N TYR D 244 -27.24 -16.11 11.74
CA TYR D 244 -26.69 -15.10 10.85
C TYR D 244 -27.84 -14.44 10.11
N SER D 245 -27.51 -13.44 9.29
CA SER D 245 -28.47 -12.80 8.41
C SER D 245 -28.04 -13.04 6.97
N ARG D 246 -28.97 -13.51 6.15
CA ARG D 246 -28.71 -13.82 4.75
C ARG D 246 -29.62 -12.99 3.86
N TYR D 247 -29.05 -12.42 2.80
CA TYR D 247 -29.81 -11.86 1.70
C TYR D 247 -29.37 -12.58 0.43
N VAL D 248 -30.31 -13.29 -0.20
CA VAL D 248 -30.07 -14.28 -1.26
C VAL D 248 -28.77 -15.05 -0.99
N ASP D 249 -27.65 -14.62 -1.57
CA ASP D 249 -26.40 -15.36 -1.43
C ASP D 249 -25.36 -14.64 -0.59
N ASP D 250 -25.75 -13.57 0.12
CA ASP D 250 -24.83 -12.77 0.91
C ASP D 250 -25.13 -12.97 2.38
N PHE D 251 -24.11 -13.36 3.14
CA PHE D 251 -24.26 -13.69 4.56
C PHE D 251 -23.57 -12.64 5.41
N ILE D 252 -24.19 -12.33 6.56
CA ILE D 252 -23.55 -11.58 7.63
C ILE D 252 -23.65 -12.41 8.89
N PHE D 253 -22.50 -12.82 9.42
CA PHE D 253 -22.46 -13.68 10.61
C PHE D 253 -21.83 -12.91 11.77
N PRO D 254 -22.59 -12.53 12.79
CA PRO D 254 -21.99 -11.79 13.90
C PRO D 254 -21.39 -12.73 14.93
N PHE D 255 -20.22 -12.35 15.44
CA PHE D 255 -19.53 -13.16 16.44
C PHE D 255 -18.74 -12.24 17.36
N THR D 256 -18.30 -12.81 18.48
CA THR D 256 -17.49 -12.11 19.46
C THR D 256 -16.09 -12.70 19.61
N PHE D 257 -15.98 -14.03 19.62
CA PHE D 257 -14.71 -14.71 19.81
C PHE D 257 -14.26 -15.35 18.50
N GLU D 258 -12.93 -15.41 18.32
CA GLU D 258 -12.38 -15.97 17.09
C GLU D 258 -12.75 -17.45 16.92
N ASN D 259 -13.06 -18.15 18.01
CA ASN D 259 -13.46 -19.55 17.90
C ASN D 259 -14.75 -19.70 17.10
N GLU D 260 -15.69 -18.78 17.30
CA GLU D 260 -16.97 -18.86 16.59
C GLU D 260 -16.79 -18.63 15.10
N LYS D 261 -15.78 -17.82 14.72
CA LYS D 261 -15.51 -17.57 13.31
C LYS D 261 -15.08 -18.84 12.59
N GLN D 262 -14.09 -19.55 13.14
CA GLN D 262 -13.58 -20.75 12.49
C GLN D 262 -14.62 -21.86 12.47
N GLU D 263 -15.35 -22.06 13.58
CA GLU D 263 -16.38 -23.09 13.62
C GLU D 263 -17.44 -22.83 12.55
N PHE D 264 -17.82 -21.57 12.35
CA PHE D 264 -18.84 -21.24 11.36
C PHE D 264 -18.31 -21.43 9.94
N LEU D 265 -17.06 -21.03 9.69
CA LEU D 265 -16.46 -21.22 8.38
C LEU D 265 -16.34 -22.70 8.03
N ASN D 266 -15.94 -23.53 9.00
CA ASN D 266 -15.74 -24.95 8.75
C ASN D 266 -17.03 -25.62 8.29
N GLU D 267 -18.11 -25.43 9.06
CA GLU D 267 -19.38 -26.05 8.71
C GLU D 267 -20.02 -25.39 7.49
N PHE D 268 -19.69 -24.13 7.21
CA PHE D 268 -20.19 -23.49 5.99
C PHE D 268 -19.55 -24.10 4.75
N ASN D 269 -18.25 -24.35 4.80
CA ASN D 269 -17.56 -24.93 3.65
C ASN D 269 -18.01 -26.35 3.37
N LEU D 270 -18.41 -27.10 4.41
CA LEU D 270 -18.87 -28.46 4.20
C LEU D 270 -20.18 -28.50 3.43
N ILE D 271 -21.02 -27.48 3.57
CA ILE D 271 -22.27 -27.44 2.80
C ILE D 271 -21.98 -27.04 1.35
N CYS D 272 -21.09 -26.06 1.15
CA CYS D 272 -20.77 -25.61 -0.20
C CYS D 272 -20.13 -26.72 -1.02
N ARG D 273 -19.20 -27.46 -0.42
CA ARG D 273 -18.60 -28.59 -1.11
C ARG D 273 -19.64 -29.66 -1.43
N GLU D 274 -20.56 -29.91 -0.51
CA GLU D 274 -21.55 -30.96 -0.71
C GLU D 274 -22.53 -30.63 -1.82
N ASN D 275 -22.84 -29.34 -2.02
CA ASN D 275 -23.85 -28.92 -2.98
C ASN D 275 -23.24 -28.14 -4.15
N ASN D 276 -21.92 -28.24 -4.35
CA ASN D 276 -21.23 -27.61 -5.46
C ASN D 276 -21.50 -26.10 -5.51
N LEU D 277 -21.13 -25.44 -4.42
CA LEU D 277 -21.19 -23.99 -4.31
C LEU D 277 -19.79 -23.46 -4.03
N ILE D 278 -19.40 -22.40 -4.73
CA ILE D 278 -18.08 -21.81 -4.58
C ILE D 278 -18.23 -20.49 -3.84
N ILE D 279 -17.39 -20.29 -2.83
CA ILE D 279 -17.35 -19.02 -2.11
C ILE D 279 -16.54 -18.03 -2.92
N ASN D 280 -17.04 -16.79 -2.99
CA ASN D 280 -16.24 -15.69 -3.53
C ASN D 280 -15.33 -15.19 -2.42
N ASP D 281 -14.05 -15.57 -2.48
CA ASP D 281 -13.11 -15.29 -1.40
C ASP D 281 -12.68 -13.82 -1.34
N ASN D 282 -12.89 -13.06 -2.41
CA ASN D 282 -12.55 -11.64 -2.38
C ASN D 282 -13.51 -10.86 -1.50
N LYS D 283 -14.79 -11.23 -1.51
CA LYS D 283 -15.78 -10.54 -0.68
C LYS D 283 -15.76 -11.02 0.77
N THR D 284 -15.04 -12.10 1.07
CA THR D 284 -14.84 -12.49 2.47
C THR D 284 -14.11 -11.38 3.21
N LYS D 285 -14.69 -10.97 4.34
CA LYS D 285 -14.23 -9.79 5.06
C LYS D 285 -14.90 -9.78 6.43
N VAL D 286 -14.13 -9.46 7.46
CA VAL D 286 -14.63 -9.42 8.83
C VAL D 286 -14.58 -7.97 9.32
N ASP D 287 -15.76 -7.41 9.59
CA ASP D 287 -15.86 -6.05 10.09
C ASP D 287 -15.70 -6.04 11.61
N ASN D 288 -14.79 -5.21 12.11
CA ASN D 288 -14.60 -5.03 13.54
C ASN D 288 -15.36 -3.80 14.02
N PHE D 289 -15.80 -3.85 15.27
CA PHE D 289 -16.50 -2.73 15.87
C PHE D 289 -15.49 -1.67 16.30
N PRO D 290 -15.76 -0.38 16.02
CA PRO D 290 -16.95 0.23 15.41
C PRO D 290 -17.23 -0.22 13.97
N PHE D 291 -18.45 -0.68 13.73
CA PHE D 291 -18.82 -1.19 12.41
C PHE D 291 -18.88 -0.05 11.38
N VAL D 292 -19.19 -0.43 10.14
CA VAL D 292 -19.19 0.48 9.02
C VAL D 292 -20.57 0.45 8.38
N ASP D 293 -20.95 1.59 7.76
CA ASP D 293 -22.18 1.66 6.97
C ASP D 293 -21.90 2.59 5.79
N LYS D 294 -21.29 2.03 4.74
CA LYS D 294 -21.06 2.78 3.52
C LYS D 294 -22.35 3.07 2.76
N SER D 295 -23.48 2.52 3.20
CA SER D 295 -24.75 2.62 2.48
C SER D 295 -25.78 3.44 3.25
N SER D 296 -25.35 4.57 3.81
CA SER D 296 -26.27 5.51 4.42
C SER D 296 -26.72 6.50 3.35
N LYS D 297 -28.03 6.76 3.30
CA LYS D 297 -28.62 7.64 2.31
C LYS D 297 -29.20 8.91 2.92
N SER D 298 -28.77 9.27 4.13
CA SER D 298 -29.37 10.41 4.82
C SER D 298 -28.98 11.72 4.16
N ASP D 299 -27.72 11.88 3.76
CA ASP D 299 -27.31 13.09 3.05
C ASP D 299 -27.85 13.14 1.64
N ILE D 300 -28.17 12.00 1.03
CA ILE D 300 -28.69 11.99 -0.32
C ILE D 300 -30.15 12.42 -0.35
N PHE D 301 -30.97 11.90 0.57
CA PHE D 301 -32.39 12.26 0.59
C PHE D 301 -32.60 13.69 1.09
N SER D 302 -31.68 14.20 1.90
CA SER D 302 -31.76 15.58 2.41
C SER D 302 -30.90 16.53 1.59
N PHE D 303 -30.84 16.35 0.28
CA PHE D 303 -30.04 17.22 -0.58
C PHE D 303 -30.80 18.45 -1.05
N PHE D 304 -32.09 18.31 -1.37
CA PHE D 304 -32.90 19.39 -1.89
C PHE D 304 -33.76 20.06 -0.83
N GLU D 305 -33.54 19.75 0.46
CA GLU D 305 -34.43 20.22 1.51
C GLU D 305 -34.48 21.75 1.56
N ASN D 306 -33.33 22.40 1.36
CA ASN D 306 -33.29 23.86 1.50
C ASN D 306 -34.02 24.57 0.36
N ILE D 307 -34.01 23.99 -0.84
CA ILE D 307 -34.59 24.66 -2.00
C ILE D 307 -36.10 24.44 -2.02
N THR D 308 -36.82 25.40 -2.59
CA THR D 308 -38.26 25.38 -2.68
C THR D 308 -38.67 25.93 -4.04
N SER D 309 -39.98 26.17 -4.20
CA SER D 309 -40.50 26.64 -5.49
C SER D 309 -40.03 28.05 -5.80
N THR D 310 -39.74 28.85 -4.78
CA THR D 310 -39.38 30.25 -5.01
C THR D 310 -38.11 30.39 -5.83
N ASN D 311 -37.21 29.40 -5.75
CA ASN D 311 -35.91 29.51 -6.39
C ASN D 311 -36.04 29.46 -7.91
N SER D 312 -35.10 30.12 -8.58
CA SER D 312 -35.13 30.20 -10.03
C SER D 312 -34.94 28.82 -10.65
N ASN D 313 -35.49 28.65 -11.86
CA ASN D 313 -35.30 27.40 -12.60
C ASN D 313 -33.81 27.11 -12.77
N ASP D 314 -33.00 28.15 -12.99
CA ASP D 314 -31.56 27.97 -13.10
C ASP D 314 -31.01 27.34 -11.83
N LYS D 315 -31.41 27.86 -10.67
CA LYS D 315 -31.01 27.25 -9.39
C LYS D 315 -31.42 25.79 -9.33
N TRP D 316 -32.68 25.49 -9.70
CA TRP D 316 -33.15 24.11 -9.71
C TRP D 316 -32.35 23.27 -10.68
N ILE D 317 -32.11 23.79 -11.89
CA ILE D 317 -31.32 23.08 -12.88
C ILE D 317 -29.91 22.83 -12.35
N LYS D 318 -29.30 23.86 -11.78
CA LYS D 318 -27.96 23.72 -11.19
C LYS D 318 -27.95 22.68 -10.08
N GLU D 319 -28.93 22.75 -9.18
CA GLU D 319 -28.93 21.86 -8.03
C GLU D 319 -29.17 20.41 -8.44
N ILE D 320 -30.04 20.17 -9.43
CA ILE D 320 -30.26 18.82 -9.93
C ILE D 320 -28.99 18.31 -10.60
N SER D 321 -28.37 19.14 -11.44
CA SER D 321 -27.10 18.77 -12.05
C SER D 321 -26.04 18.47 -11.01
N ASN D 322 -25.97 19.28 -9.95
CA ASN D 322 -25.05 19.01 -8.86
C ASN D 322 -25.41 17.74 -8.12
N PHE D 323 -26.69 17.37 -8.12
CA PHE D 323 -27.13 16.20 -7.37
C PHE D 323 -26.71 14.90 -8.05
N ILE D 324 -26.83 14.85 -9.37
CA ILE D 324 -26.40 13.66 -10.12
C ILE D 324 -24.94 13.36 -9.84
N ASP D 325 -24.10 14.40 -9.79
CA ASP D 325 -22.69 14.21 -9.49
C ASP D 325 -22.50 13.72 -8.06
N TYR D 326 -23.33 14.19 -7.14
CA TYR D 326 -23.18 13.81 -5.73
C TYR D 326 -23.46 12.32 -5.55
N CYS D 327 -24.53 11.82 -6.15
CA CYS D 327 -24.86 10.40 -6.02
C CYS D 327 -23.85 9.53 -6.77
N VAL D 328 -23.43 9.97 -7.96
CA VAL D 328 -22.45 9.21 -8.74
C VAL D 328 -21.16 9.05 -7.93
N ASN D 329 -20.69 10.15 -7.33
CA ASN D 329 -19.52 10.06 -6.45
C ASN D 329 -19.81 9.17 -5.25
N GLU D 330 -21.04 9.22 -4.73
CA GLU D 330 -21.41 8.35 -3.61
C GLU D 330 -21.29 6.89 -4.00
N GLU D 331 -21.83 6.52 -5.16
CA GLU D 331 -21.70 5.14 -5.65
C GLU D 331 -20.23 4.76 -5.81
N HIS D 332 -19.40 5.66 -6.35
CA HIS D 332 -17.98 5.41 -6.46
C HIS D 332 -17.35 5.11 -5.10
N LEU D 333 -17.94 5.59 -4.02
CA LEU D 333 -17.40 5.38 -2.68
C LEU D 333 -17.89 4.10 -2.04
N GLY D 334 -18.70 3.31 -2.73
CA GLY D 334 -19.28 2.11 -2.15
C GLY D 334 -20.67 2.29 -1.59
N ASN D 335 -21.32 3.43 -1.82
CA ASN D 335 -22.68 3.67 -1.35
C ASN D 335 -23.63 2.96 -2.30
N LYS D 336 -23.75 1.65 -2.11
CA LYS D 336 -24.49 0.80 -3.03
C LYS D 336 -25.93 1.27 -3.17
N GLY D 337 -26.32 1.62 -4.40
CA GLY D 337 -27.66 2.07 -4.72
C GLY D 337 -27.80 3.57 -4.90
N ALA D 338 -26.75 4.34 -4.62
CA ALA D 338 -26.85 5.81 -4.65
C ALA D 338 -27.27 6.32 -6.02
N ILE D 339 -26.84 5.67 -7.10
CA ILE D 339 -27.18 6.14 -8.43
C ILE D 339 -28.64 5.82 -8.75
N LYS D 340 -29.14 4.67 -8.30
CA LYS D 340 -30.56 4.37 -8.48
C LYS D 340 -31.47 5.28 -7.67
N CYS D 341 -30.94 6.03 -6.71
CA CYS D 341 -31.76 6.97 -5.95
C CYS D 341 -31.93 8.31 -6.65
N ILE D 342 -31.09 8.60 -7.65
CA ILE D 342 -31.19 9.86 -8.40
C ILE D 342 -32.60 10.06 -8.90
N PHE D 343 -33.16 9.03 -9.55
CA PHE D 343 -34.41 9.20 -10.27
C PHE D 343 -35.61 9.37 -9.34
N PRO D 344 -35.79 8.54 -8.31
CA PRO D 344 -36.96 8.77 -7.43
C PRO D 344 -36.94 10.10 -6.70
N VAL D 345 -35.83 10.42 -6.03
CA VAL D 345 -35.81 11.60 -5.17
C VAL D 345 -35.85 12.90 -5.96
N ILE D 346 -35.49 12.88 -7.25
CA ILE D 346 -35.73 14.05 -8.08
C ILE D 346 -37.23 14.17 -8.38
N THR D 347 -37.86 13.05 -8.71
CA THR D 347 -39.30 13.03 -8.90
C THR D 347 -40.03 13.44 -7.63
N ASN D 348 -39.66 12.83 -6.50
CA ASN D 348 -40.41 13.06 -5.26
C ASN D 348 -40.12 14.42 -4.65
N THR D 349 -38.92 14.97 -4.86
CA THR D 349 -38.65 16.33 -4.41
C THR D 349 -39.56 17.33 -5.11
N LEU D 350 -39.83 17.09 -6.40
CA LEU D 350 -40.72 17.98 -7.14
C LEU D 350 -42.12 17.99 -6.55
N LYS D 351 -42.64 16.80 -6.21
CA LYS D 351 -43.95 16.72 -5.59
C LYS D 351 -43.98 17.44 -4.25
N GLN D 352 -43.02 17.12 -3.37
CA GLN D 352 -43.00 17.72 -2.04
C GLN D 352 -42.83 19.23 -2.09
N LYS D 353 -42.06 19.74 -3.05
CA LYS D 353 -41.89 21.18 -3.20
C LYS D 353 -42.98 21.83 -4.04
N LYS D 354 -43.78 21.03 -4.75
CA LYS D 354 -44.92 21.52 -5.52
C LYS D 354 -44.50 22.62 -6.49
N VAL D 355 -43.61 22.27 -7.41
CA VAL D 355 -43.16 23.20 -8.44
C VAL D 355 -44.20 23.23 -9.55
N ASP D 356 -44.44 24.43 -10.09
CA ASP D 356 -45.47 24.61 -11.11
C ASP D 356 -45.15 23.81 -12.36
N THR D 357 -46.20 23.49 -13.13
CA THR D 357 -46.04 22.63 -14.30
C THR D 357 -45.13 23.28 -15.34
N LYS D 358 -45.33 24.57 -15.62
CA LYS D 358 -44.50 25.25 -16.61
C LYS D 358 -43.05 25.31 -16.17
N ASN D 359 -42.80 25.38 -14.86
CA ASN D 359 -41.43 25.35 -14.37
C ASN D 359 -40.78 24.00 -14.64
N ILE D 360 -41.55 22.91 -14.51
CA ILE D 360 -41.02 21.58 -14.81
C ILE D 360 -40.56 21.50 -16.25
N ASP D 361 -41.36 22.05 -17.18
CA ASP D 361 -40.98 22.06 -18.58
C ASP D 361 -39.67 22.83 -18.77
N ASN D 362 -39.64 24.08 -18.34
CA ASN D 362 -38.47 24.92 -18.59
C ASN D 362 -37.23 24.41 -17.87
N ILE D 363 -37.38 23.84 -16.67
CA ILE D 363 -36.24 23.24 -15.99
C ILE D 363 -35.63 22.14 -16.84
N PHE D 364 -36.47 21.27 -17.38
CA PHE D 364 -36.00 20.14 -18.18
C PHE D 364 -35.96 20.44 -19.67
N SER D 365 -36.33 21.64 -20.10
CA SER D 365 -36.20 22.04 -21.50
C SER D 365 -35.22 23.17 -21.74
N LYS D 366 -34.90 24.00 -20.73
CA LYS D 366 -33.99 25.12 -20.92
C LYS D 366 -32.67 24.64 -21.49
N ARG D 367 -32.31 25.20 -22.64
CA ARG D 367 -31.01 25.01 -23.25
C ARG D 367 -30.26 26.32 -23.03
N ASN D 368 -29.44 26.36 -21.98
CA ASN D 368 -28.75 27.58 -21.59
C ASN D 368 -27.95 28.14 -22.77
N MET D 369 -28.36 29.31 -23.27
CA MET D 369 -27.78 29.84 -24.50
C MET D 369 -26.26 29.95 -24.42
N VAL D 370 -25.71 30.12 -23.22
CA VAL D 370 -24.26 30.28 -23.08
C VAL D 370 -23.56 28.93 -23.12
N THR D 371 -24.10 27.93 -22.42
CA THR D 371 -23.45 26.63 -22.33
C THR D 371 -24.12 25.56 -23.19
N ASN D 372 -25.34 25.80 -23.70
CA ASN D 372 -26.13 24.80 -24.39
C ASN D 372 -26.30 23.55 -23.54
N PHE D 373 -26.33 23.73 -22.22
CA PHE D 373 -26.55 22.62 -21.31
C PHE D 373 -28.05 22.38 -21.14
N ASN D 374 -28.40 21.10 -20.99
CA ASN D 374 -29.77 20.72 -20.66
C ASN D 374 -29.71 19.60 -19.64
N VAL D 375 -30.41 19.78 -18.52
CA VAL D 375 -30.30 18.83 -17.42
C VAL D 375 -30.91 17.49 -17.78
N PHE D 376 -31.95 17.48 -18.62
CA PHE D 376 -32.52 16.21 -19.05
C PHE D 376 -31.56 15.45 -19.96
N GLU D 377 -30.86 16.18 -20.83
CA GLU D 377 -29.83 15.56 -21.66
C GLU D 377 -28.73 14.94 -20.80
N LYS D 378 -28.39 15.59 -19.68
CA LYS D 378 -27.42 15.01 -18.77
C LYS D 378 -27.94 13.71 -18.15
N ILE D 379 -29.21 13.71 -17.72
CA ILE D 379 -29.82 12.49 -17.20
C ILE D 379 -29.77 11.39 -18.25
N LEU D 380 -30.09 11.72 -19.50
CA LEU D 380 -30.07 10.74 -20.58
C LEU D 380 -28.66 10.16 -20.77
N ASP D 381 -27.65 11.03 -20.79
CA ASP D 381 -26.28 10.56 -20.91
C ASP D 381 -25.87 9.71 -19.73
N LEU D 382 -26.38 10.00 -18.54
CA LEU D 382 -26.10 9.18 -17.37
C LEU D 382 -26.62 7.76 -17.55
N SER D 383 -27.87 7.63 -18.04
CA SER D 383 -28.46 6.31 -18.22
C SER D 383 -27.74 5.48 -19.28
N LEU D 384 -27.05 6.11 -20.23
CA LEU D 384 -26.27 5.40 -21.21
C LEU D 384 -24.90 4.98 -20.69
N LYS D 385 -24.68 5.09 -19.38
CA LYS D 385 -23.47 4.60 -18.75
C LYS D 385 -23.69 3.29 -18.00
N ASP D 386 -24.95 2.88 -17.82
CA ASP D 386 -25.27 1.58 -17.22
C ASP D 386 -26.64 1.19 -17.75
N SER D 387 -26.68 0.11 -18.53
CA SER D 387 -27.90 -0.27 -19.23
C SER D 387 -29.03 -0.61 -18.25
N ARG D 388 -28.68 -1.07 -17.05
CA ARG D 388 -29.69 -1.40 -16.04
C ARG D 388 -30.47 -0.18 -15.56
N LEU D 389 -30.07 1.02 -15.95
CA LEU D 389 -30.82 2.24 -15.69
C LEU D 389 -31.84 2.55 -16.78
N THR D 390 -32.03 1.63 -17.73
CA THR D 390 -32.95 1.90 -18.84
C THR D 390 -34.36 2.13 -18.34
N ASN D 391 -34.84 1.31 -17.42
CA ASN D 391 -36.20 1.43 -16.93
C ASN D 391 -36.35 2.60 -15.96
N LYS D 392 -35.35 2.79 -15.08
CA LYS D 392 -35.44 3.87 -14.11
C LYS D 392 -35.31 5.24 -14.77
N PHE D 393 -34.66 5.32 -15.94
CA PHE D 393 -34.65 6.56 -16.70
C PHE D 393 -35.96 6.77 -17.45
N LEU D 394 -36.56 5.70 -17.97
CA LEU D 394 -37.77 5.84 -18.77
C LEU D 394 -38.99 6.11 -17.91
N THR D 395 -39.10 5.43 -16.76
CA THR D 395 -40.15 5.79 -15.80
C THR D 395 -39.96 7.21 -15.28
N PHE D 396 -38.70 7.64 -15.13
CA PHE D 396 -38.42 9.02 -14.73
C PHE D 396 -39.03 10.01 -15.73
N PHE D 397 -38.70 9.84 -17.02
CA PHE D 397 -39.33 10.65 -18.05
C PHE D 397 -40.85 10.47 -18.03
N GLU D 398 -41.31 9.23 -18.07
CA GLU D 398 -42.74 8.93 -18.02
C GLU D 398 -43.41 9.57 -16.81
N ASN D 399 -42.65 9.81 -15.74
CA ASN D 399 -43.19 10.49 -14.58
C ASN D 399 -43.22 12.00 -14.80
N ILE D 400 -42.08 12.61 -15.14
CA ILE D 400 -42.04 14.05 -15.37
C ILE D 400 -42.79 14.43 -16.64
N ASN D 401 -42.98 13.49 -17.57
CA ASN D 401 -43.86 13.74 -18.70
C ASN D 401 -45.27 14.07 -18.22
N GLU D 402 -45.76 13.31 -17.22
CA GLU D 402 -47.01 13.64 -16.57
C GLU D 402 -46.90 14.85 -15.65
N PHE D 403 -45.68 15.28 -15.30
CA PHE D 403 -45.49 16.47 -14.48
C PHE D 403 -45.54 17.76 -15.28
N GLY D 404 -45.47 17.67 -16.61
CA GLY D 404 -45.55 18.87 -17.42
C GLY D 404 -44.43 19.02 -18.43
N PHE D 405 -43.57 18.01 -18.53
CA PHE D 405 -42.50 18.02 -19.51
C PHE D 405 -43.06 17.62 -20.88
N SER D 406 -42.85 18.48 -21.87
CA SER D 406 -43.39 18.23 -23.20
C SER D 406 -42.63 17.08 -23.85
N SER D 407 -43.37 16.04 -24.25
CA SER D 407 -42.75 14.91 -24.94
C SER D 407 -42.09 15.34 -26.24
N LEU D 408 -42.67 16.35 -26.91
CA LEU D 408 -42.08 16.86 -28.13
C LEU D 408 -40.69 17.44 -27.87
N SER D 409 -40.48 18.02 -26.69
CA SER D 409 -39.14 18.47 -26.31
C SER D 409 -38.27 17.31 -25.88
N ALA D 410 -38.82 16.36 -25.11
CA ALA D 410 -38.07 15.16 -24.73
C ALA D 410 -37.53 14.45 -25.96
N SER D 411 -38.40 14.24 -26.95
CA SER D 411 -37.96 13.62 -28.20
C SER D 411 -36.90 14.46 -28.89
N ASN D 412 -37.09 15.78 -28.92
CA ASN D 412 -36.15 16.65 -29.61
C ASN D 412 -34.78 16.66 -28.93
N ILE D 413 -34.77 16.62 -27.60
CA ILE D 413 -33.50 16.65 -26.88
C ILE D 413 -32.73 15.35 -27.10
N VAL D 414 -33.42 14.21 -26.99
CA VAL D 414 -32.78 12.92 -27.22
C VAL D 414 -32.28 12.82 -28.65
N LYS D 415 -33.08 13.31 -29.61
CA LYS D 415 -32.68 13.25 -31.01
C LYS D 415 -31.41 14.07 -31.25
N LYS D 416 -31.27 15.20 -30.57
CA LYS D 416 -30.05 16.00 -30.67
C LYS D 416 -28.85 15.21 -30.15
N TYR D 417 -29.03 14.52 -29.03
CA TYR D 417 -27.94 13.70 -28.48
C TYR D 417 -27.49 12.65 -29.48
N PHE D 418 -28.43 11.99 -30.14
CA PHE D 418 -28.06 10.97 -31.13
C PHE D 418 -27.40 11.58 -32.35
N SER D 419 -27.91 12.73 -32.81
CA SER D 419 -27.25 13.46 -33.88
C SER D 419 -25.83 13.85 -33.49
N ASN D 420 -25.65 14.31 -32.25
CA ASN D 420 -24.35 14.76 -31.79
C ASN D 420 -23.35 13.61 -31.73
N ASN D 421 -23.74 12.52 -31.07
CA ASN D 421 -22.87 11.36 -30.89
C ASN D 421 -23.24 10.22 -31.83
N SER D 422 -23.56 10.54 -33.10
CA SER D 422 -23.90 9.51 -34.07
C SER D 422 -22.72 8.59 -34.34
N LYS D 423 -21.53 9.18 -34.52
CA LYS D 423 -20.33 8.38 -34.74
C LYS D 423 -20.06 7.46 -33.55
N GLY D 424 -20.09 8.03 -32.34
CA GLY D 424 -19.85 7.21 -31.15
C GLY D 424 -20.90 6.14 -30.96
N LEU D 425 -22.17 6.49 -31.17
CA LEU D 425 -23.25 5.54 -30.91
C LEU D 425 -23.21 4.36 -31.88
N LYS D 426 -23.00 4.63 -33.17
CA LYS D 426 -22.86 3.54 -34.13
C LYS D 426 -21.65 2.67 -33.79
N GLU D 427 -20.53 3.30 -33.44
CA GLU D 427 -19.35 2.56 -33.00
C GLU D 427 -19.69 1.64 -31.84
N LYS D 428 -20.49 2.12 -30.89
CA LYS D 428 -20.86 1.31 -29.74
C LYS D 428 -21.84 0.20 -30.13
N ILE D 429 -22.73 0.47 -31.08
CA ILE D 429 -23.69 -0.55 -31.51
C ILE D 429 -22.97 -1.73 -32.14
N ASP D 430 -22.07 -1.44 -33.09
CA ASP D 430 -21.29 -2.50 -33.72
C ASP D 430 -20.47 -3.28 -32.70
N HIS D 431 -20.06 -2.62 -31.61
CA HIS D 431 -19.30 -3.32 -30.58
C HIS D 431 -20.20 -4.23 -29.74
N TYR D 432 -21.48 -3.87 -29.60
CA TYR D 432 -22.38 -4.71 -28.80
C TYR D 432 -22.80 -5.97 -29.56
N ARG D 433 -23.01 -5.86 -30.87
CA ARG D 433 -23.35 -7.05 -31.65
C ARG D 433 -22.18 -8.02 -31.71
N LYS D 434 -20.96 -7.51 -31.87
CA LYS D 434 -19.79 -8.38 -32.01
C LYS D 434 -19.47 -9.11 -30.70
N ASN D 435 -19.84 -8.53 -29.56
CA ASN D 435 -19.53 -9.11 -28.27
C ASN D 435 -20.76 -9.64 -27.54
N ASN D 436 -21.92 -9.65 -28.21
CA ASN D 436 -23.16 -10.19 -27.65
C ASN D 436 -23.52 -9.51 -26.33
N PHE D 437 -23.35 -8.19 -26.27
CA PHE D 437 -23.84 -7.39 -25.15
C PHE D 437 -25.28 -7.04 -25.47
N ASN D 438 -26.22 -7.80 -24.88
CA ASN D 438 -27.60 -7.72 -25.35
C ASN D 438 -28.34 -6.51 -24.81
N GLN D 439 -28.15 -6.17 -23.53
CA GLN D 439 -28.93 -5.08 -22.96
C GLN D 439 -28.47 -3.72 -23.48
N GLU D 440 -27.15 -3.54 -23.63
CA GLU D 440 -26.64 -2.27 -24.17
C GLU D 440 -27.28 -1.92 -25.49
N LEU D 441 -27.41 -2.90 -26.39
CA LEU D 441 -28.07 -2.67 -27.67
C LEU D 441 -29.56 -2.41 -27.49
N TYR D 442 -30.21 -3.18 -26.62
CA TYR D 442 -31.64 -3.01 -26.36
C TYR D 442 -31.94 -1.58 -25.91
N GLN D 443 -31.06 -1.01 -25.09
CA GLN D 443 -31.24 0.37 -24.61
C GLN D 443 -31.31 1.36 -25.77
N ILE D 444 -30.29 1.36 -26.63
CA ILE D 444 -30.23 2.32 -27.73
C ILE D 444 -31.43 2.13 -28.65
N LEU D 445 -31.73 0.88 -29.00
CA LEU D 445 -32.89 0.61 -29.86
C LEU D 445 -34.18 1.03 -29.18
N LEU D 446 -34.32 0.77 -27.89
CA LEU D 446 -35.54 1.14 -27.17
C LEU D 446 -35.69 2.65 -27.10
N TYR D 447 -34.59 3.38 -26.86
CA TYR D 447 -34.66 4.83 -26.86
C TYR D 447 -35.07 5.36 -28.22
N MET D 448 -34.62 4.69 -29.30
CA MET D 448 -34.97 5.13 -30.64
C MET D 448 -36.47 5.02 -30.89
N VAL D 449 -37.09 3.91 -30.47
CA VAL D 449 -38.51 3.73 -30.72
C VAL D 449 -39.34 4.56 -29.75
N VAL D 450 -38.86 4.74 -28.52
CA VAL D 450 -39.61 5.55 -27.54
C VAL D 450 -39.60 7.02 -27.96
N PHE D 451 -38.47 7.51 -28.46
CA PHE D 451 -38.29 8.93 -28.71
C PHE D 451 -38.30 9.29 -30.20
N GLU D 452 -38.85 8.41 -31.05
CA GLU D 452 -39.10 8.72 -32.46
C GLU D 452 -37.81 9.10 -33.20
N ILE D 453 -36.81 8.24 -33.12
CA ILE D 453 -35.51 8.51 -33.70
C ILE D 453 -35.43 7.79 -35.04
N ASP D 454 -35.33 8.58 -36.12
CA ASP D 454 -35.17 8.05 -37.47
C ASP D 454 -33.85 8.42 -38.12
N ASP D 455 -33.04 9.26 -37.48
CA ASP D 455 -31.87 9.85 -38.14
C ASP D 455 -30.62 8.98 -38.05
N LEU D 456 -30.59 8.00 -37.16
CA LEU D 456 -29.32 7.38 -36.80
C LEU D 456 -28.95 6.26 -37.77
N LEU D 457 -29.83 5.29 -37.97
CA LEU D 457 -29.53 4.12 -38.79
C LEU D 457 -30.33 4.16 -40.09
N ASN D 458 -29.66 3.82 -41.19
CA ASN D 458 -30.29 3.79 -42.50
C ASN D 458 -30.88 2.40 -42.77
N GLN D 459 -31.43 2.23 -43.97
CA GLN D 459 -32.16 1.00 -44.30
C GLN D 459 -31.24 -0.22 -44.22
N GLU D 460 -30.11 -0.17 -44.91
CA GLU D 460 -29.16 -1.29 -44.86
C GLU D 460 -28.68 -1.53 -43.43
N GLU D 461 -28.55 -0.46 -42.64
CA GLU D 461 -28.04 -0.60 -41.28
C GLU D 461 -29.09 -1.23 -40.36
N LEU D 462 -30.37 -0.93 -40.59
CA LEU D 462 -31.42 -1.60 -39.82
C LEU D 462 -31.53 -3.07 -40.20
N LEU D 463 -31.38 -3.39 -41.48
CA LEU D 463 -31.46 -4.77 -41.92
C LEU D 463 -30.28 -5.60 -41.43
N ASN D 464 -29.15 -4.95 -41.11
CA ASN D 464 -28.03 -5.66 -40.50
C ASN D 464 -28.31 -6.05 -39.06
N LEU D 465 -29.39 -5.54 -38.47
CA LEU D 465 -29.79 -5.94 -37.12
C LEU D 465 -30.57 -7.24 -37.10
N ILE D 466 -31.03 -7.72 -38.26
CA ILE D 466 -31.78 -8.97 -38.34
C ILE D 466 -30.78 -10.09 -38.60
N ASP D 467 -29.84 -10.25 -37.69
CA ASP D 467 -28.74 -11.21 -37.80
C ASP D 467 -28.83 -12.20 -36.65
N LEU D 468 -27.81 -13.04 -36.53
CA LEU D 468 -27.70 -13.95 -35.40
C LEU D 468 -26.97 -13.26 -34.25
N ASN D 469 -27.00 -13.91 -33.09
CA ASN D 469 -26.49 -13.38 -31.83
C ASN D 469 -27.27 -12.15 -31.35
N ILE D 470 -28.36 -11.80 -32.01
CA ILE D 470 -29.23 -10.71 -31.59
C ILE D 470 -30.43 -11.30 -30.86
N ASP D 471 -30.72 -10.77 -29.68
CA ASP D 471 -31.77 -11.31 -28.84
C ASP D 471 -33.15 -10.96 -29.41
N ASP D 472 -34.15 -11.71 -28.96
CA ASP D 472 -35.53 -11.49 -29.42
C ASP D 472 -36.00 -10.07 -29.14
N TYR D 473 -35.54 -9.47 -28.04
CA TYR D 473 -36.03 -8.16 -27.64
C TYR D 473 -35.48 -7.07 -28.56
N SER D 474 -34.18 -7.11 -28.84
CA SER D 474 -33.60 -6.16 -29.80
C SER D 474 -34.16 -6.38 -31.19
N LEU D 475 -34.35 -7.64 -31.58
CA LEU D 475 -34.97 -7.93 -32.88
C LEU D 475 -36.37 -7.32 -32.97
N ILE D 476 -37.16 -7.47 -31.91
CA ILE D 476 -38.50 -6.89 -31.91
C ILE D 476 -38.42 -5.37 -32.08
N LEU D 477 -37.49 -4.74 -31.38
CA LEU D 477 -37.34 -3.29 -31.49
C LEU D 477 -36.79 -2.89 -32.86
N GLY D 478 -35.72 -3.56 -33.30
CA GLY D 478 -35.17 -3.27 -34.61
C GLY D 478 -36.14 -3.49 -35.75
N THR D 479 -37.10 -4.40 -35.56
CA THR D 479 -38.18 -4.56 -36.54
C THR D 479 -39.17 -3.39 -36.45
N ILE D 480 -39.52 -2.98 -35.23
CA ILE D 480 -40.44 -1.86 -35.05
C ILE D 480 -39.92 -0.62 -35.77
N LEU D 481 -38.62 -0.35 -35.65
CA LEU D 481 -38.03 0.82 -36.31
C LEU D 481 -38.24 0.76 -37.82
N TYR D 482 -37.93 -0.38 -38.43
CA TYR D 482 -38.10 -0.51 -39.88
C TYR D 482 -39.55 -0.31 -40.30
N LEU D 483 -40.50 -0.65 -39.44
CA LEU D 483 -41.91 -0.51 -39.79
C LEU D 483 -42.40 0.93 -39.64
N LYS D 484 -41.91 1.64 -38.62
CA LYS D 484 -42.37 3.01 -38.38
C LYS D 484 -42.01 3.95 -39.52
N ASN D 485 -41.01 3.60 -40.32
CA ASN D 485 -40.63 4.41 -41.48
C ASN D 485 -41.32 3.80 -42.70
N SER D 486 -42.51 4.33 -43.02
CA SER D 486 -43.29 3.85 -44.16
C SER D 486 -42.58 4.03 -45.49
N SER D 487 -41.52 4.84 -45.55
CA SER D 487 -40.70 4.96 -46.76
C SER D 487 -39.84 3.72 -47.03
N TYR D 488 -39.95 2.68 -46.22
CA TYR D 488 -39.16 1.46 -46.38
C TYR D 488 -40.07 0.33 -46.85
N LYS D 489 -39.59 -0.43 -47.84
CA LYS D 489 -40.36 -1.53 -48.39
C LYS D 489 -40.29 -2.73 -47.44
N LEU D 490 -41.46 -3.30 -47.13
CA LEU D 490 -41.50 -4.44 -46.20
C LEU D 490 -40.87 -5.69 -46.78
N GLU D 491 -40.74 -5.78 -48.10
CA GLU D 491 -40.23 -6.99 -48.73
C GLU D 491 -38.79 -7.27 -48.32
N LYS D 492 -37.94 -6.24 -48.30
CA LYS D 492 -36.55 -6.43 -47.94
C LYS D 492 -36.41 -6.96 -46.51
N LEU D 493 -37.25 -6.47 -45.59
CA LEU D 493 -37.24 -6.98 -44.23
C LEU D 493 -37.68 -8.43 -44.18
N LEU D 494 -38.69 -8.79 -45.00
CA LEU D 494 -39.18 -10.16 -45.02
C LEU D 494 -38.07 -11.14 -45.39
N LYS D 495 -37.20 -10.75 -46.33
CA LYS D 495 -36.09 -11.63 -46.70
C LYS D 495 -35.16 -11.86 -45.52
N LYS D 496 -34.91 -10.82 -44.72
CA LYS D 496 -34.02 -10.97 -43.57
C LYS D 496 -34.65 -11.83 -42.49
N ILE D 497 -35.96 -11.76 -42.32
CA ILE D 497 -36.63 -12.56 -41.29
C ILE D 497 -36.80 -14.00 -41.76
N ASP D 498 -37.14 -14.20 -43.04
CA ASP D 498 -37.23 -15.56 -43.57
C ASP D 498 -35.88 -16.28 -43.46
N GLN D 499 -34.81 -15.61 -43.89
CA GLN D 499 -33.49 -16.20 -43.76
C GLN D 499 -33.09 -16.40 -42.30
N LEU D 500 -33.66 -15.62 -41.38
CA LEU D 500 -33.42 -15.84 -39.97
C LEU D 500 -34.09 -17.13 -39.50
N PHE D 501 -35.37 -17.30 -39.84
CA PHE D 501 -36.10 -18.50 -39.41
C PHE D 501 -35.63 -19.75 -40.14
N ILE D 502 -35.18 -19.60 -41.39
CA ILE D 502 -34.58 -20.72 -42.11
C ILE D 502 -33.30 -21.16 -41.43
N ASN D 503 -32.51 -20.20 -40.93
CA ASN D 503 -31.19 -20.52 -40.41
C ASN D 503 -31.24 -21.07 -38.99
N THR D 504 -32.06 -20.48 -38.12
CA THR D 504 -32.11 -20.95 -36.74
C THR D 504 -32.78 -22.32 -36.64
N HIS D 505 -33.83 -22.55 -37.43
CA HIS D 505 -34.47 -23.87 -37.46
C HIS D 505 -33.53 -24.95 -37.97
N ALA D 506 -32.53 -24.57 -38.76
CA ALA D 506 -31.59 -25.55 -39.28
C ALA D 506 -30.78 -26.21 -38.16
N ASN D 507 -30.45 -25.45 -37.11
CA ASN D 507 -29.64 -25.98 -36.02
C ASN D 507 -30.39 -26.99 -35.16
N TYR D 508 -31.71 -27.10 -35.33
CA TYR D 508 -32.50 -28.09 -34.61
C TYR D 508 -32.78 -29.27 -35.53
N ASP D 509 -33.45 -30.28 -34.99
CA ASP D 509 -33.88 -31.40 -35.81
C ASP D 509 -35.09 -30.98 -36.65
N VAL D 510 -35.28 -31.68 -37.77
CA VAL D 510 -36.37 -31.33 -38.69
C VAL D 510 -37.72 -31.51 -38.02
N LYS D 511 -37.85 -32.50 -37.14
CA LYS D 511 -39.11 -32.77 -36.45
C LYS D 511 -39.36 -31.85 -35.27
N THR D 512 -38.52 -30.83 -35.07
CA THR D 512 -38.68 -29.93 -33.94
C THR D 512 -39.73 -28.88 -34.21
N SER D 513 -40.60 -28.65 -33.24
CA SER D 513 -41.58 -27.58 -33.33
C SER D 513 -40.86 -26.24 -33.32
N ARG D 514 -41.16 -25.39 -34.32
CA ARG D 514 -40.52 -24.10 -34.42
C ARG D 514 -40.74 -23.24 -33.17
N MET D 515 -41.82 -23.49 -32.42
CA MET D 515 -42.16 -22.69 -31.25
C MET D 515 -41.51 -23.18 -29.98
N ALA D 516 -40.76 -24.28 -30.03
CA ALA D 516 -39.95 -24.73 -28.92
C ALA D 516 -38.49 -24.32 -29.07
N GLU D 517 -38.17 -23.55 -30.11
CA GLU D 517 -36.81 -23.23 -30.48
C GLU D 517 -36.40 -21.88 -29.89
N LYS D 518 -35.15 -21.50 -30.17
CA LYS D 518 -34.73 -20.12 -29.96
C LYS D 518 -35.49 -19.21 -30.92
N LEU D 519 -35.31 -17.91 -30.74
CA LEU D 519 -36.03 -16.90 -31.53
C LEU D 519 -37.54 -17.06 -31.38
N TRP D 520 -38.00 -17.55 -30.24
CA TRP D 520 -39.42 -17.91 -30.10
C TRP D 520 -40.30 -16.68 -29.92
N LEU D 521 -39.86 -15.70 -29.13
CA LEU D 521 -40.70 -14.53 -28.89
C LEU D 521 -40.77 -13.65 -30.12
N PHE D 522 -39.65 -13.47 -30.82
CA PHE D 522 -39.67 -12.74 -32.07
C PHE D 522 -40.52 -13.46 -33.11
N ARG D 523 -40.59 -14.79 -33.04
CA ARG D 523 -41.50 -15.54 -33.90
C ARG D 523 -42.95 -15.21 -33.57
N TYR D 524 -43.31 -15.23 -32.29
CA TYR D 524 -44.65 -14.85 -31.88
C TYR D 524 -44.97 -13.42 -32.30
N PHE D 525 -43.98 -12.53 -32.29
CA PHE D 525 -44.22 -11.15 -32.68
C PHE D 525 -44.55 -11.05 -34.16
N PHE D 526 -43.73 -11.70 -35.01
CA PHE D 526 -43.99 -11.65 -36.45
C PHE D 526 -45.33 -12.28 -36.78
N TYR D 527 -45.65 -13.42 -36.15
CA TYR D 527 -46.89 -14.11 -36.48
C TYR D 527 -48.12 -13.33 -36.01
N PHE D 528 -47.98 -12.56 -34.93
CA PHE D 528 -49.08 -11.68 -34.52
C PHE D 528 -49.33 -10.59 -35.56
N LEU D 529 -48.26 -10.04 -36.13
CA LEU D 529 -48.44 -8.98 -37.14
C LEU D 529 -49.04 -9.54 -38.42
N ASN D 530 -48.65 -10.76 -38.81
CA ASN D 530 -49.20 -11.35 -40.02
C ASN D 530 -50.69 -11.60 -39.90
N CYS D 531 -51.15 -12.05 -38.72
CA CYS D 531 -52.58 -12.27 -38.52
C CYS D 531 -53.34 -10.95 -38.49
N LYS D 532 -52.77 -9.92 -37.86
CA LYS D 532 -53.33 -8.59 -37.96
C LYS D 532 -53.14 -7.96 -39.33
N ASN D 533 -52.39 -8.63 -40.22
CA ASN D 533 -52.13 -8.15 -41.58
C ASN D 533 -51.46 -6.78 -41.59
N ILE D 534 -50.61 -6.51 -40.59
CA ILE D 534 -49.69 -5.38 -40.69
C ILE D 534 -48.84 -5.52 -41.94
N PHE D 535 -48.32 -6.72 -42.16
CA PHE D 535 -47.79 -7.10 -43.46
C PHE D 535 -48.95 -7.49 -44.37
N SER D 536 -49.01 -6.86 -45.54
CA SER D 536 -50.07 -7.19 -46.49
C SER D 536 -49.96 -8.64 -46.93
N GLN D 537 -51.10 -9.33 -46.98
CA GLN D 537 -51.13 -10.70 -47.47
C GLN D 537 -50.57 -10.77 -48.89
N LYS D 538 -50.92 -9.79 -49.72
CA LYS D 538 -50.30 -9.68 -51.05
C LYS D 538 -48.80 -9.48 -50.93
N GLU D 539 -48.36 -8.67 -49.97
CA GLU D 539 -46.93 -8.41 -49.81
C GLU D 539 -46.19 -9.65 -49.35
N ILE D 540 -46.80 -10.43 -48.46
CA ILE D 540 -46.22 -11.73 -48.09
C ILE D 540 -46.15 -12.64 -49.31
N ASN D 541 -47.24 -12.67 -50.08
CA ASN D 541 -47.24 -13.45 -51.32
C ASN D 541 -46.20 -12.92 -52.30
N SER D 542 -46.07 -11.59 -52.40
CA SER D 542 -45.09 -10.99 -53.31
C SER D 542 -43.66 -11.44 -52.98
N TYR D 543 -43.41 -11.87 -51.75
CA TYR D 543 -42.12 -12.43 -51.39
C TYR D 543 -42.06 -13.94 -51.63
N CYS D 544 -43.09 -14.67 -51.20
CA CYS D 544 -43.11 -16.11 -51.35
C CYS D 544 -43.06 -16.51 -52.82
N GLN D 545 -43.90 -15.88 -53.64
CA GLN D 545 -43.87 -16.13 -55.08
C GLN D 545 -42.53 -15.75 -55.69
N SER D 546 -41.79 -14.84 -55.07
CA SER D 546 -40.48 -14.42 -55.54
C SER D 546 -39.36 -15.30 -55.01
N GLN D 547 -39.66 -16.23 -54.11
CA GLN D 547 -38.68 -17.18 -53.59
C GLN D 547 -38.99 -18.61 -54.02
N ASN D 548 -39.93 -18.81 -54.94
CA ASN D 548 -40.26 -20.12 -55.48
C ASN D 548 -40.76 -21.07 -54.39
N TYR D 549 -41.50 -20.52 -53.42
CA TYR D 549 -42.09 -21.33 -52.38
C TYR D 549 -43.43 -21.89 -52.85
N ASN D 550 -43.68 -23.16 -52.52
CA ASN D 550 -44.85 -23.87 -53.02
C ASN D 550 -46.05 -23.63 -52.12
N SER D 551 -47.20 -23.36 -52.73
CA SER D 551 -48.43 -23.13 -51.99
C SER D 551 -49.05 -24.45 -51.56
N GLY D 552 -49.87 -24.37 -50.51
CA GLY D 552 -50.58 -25.54 -50.01
C GLY D 552 -51.88 -25.11 -49.37
N GLN D 553 -52.65 -26.12 -48.95
CA GLN D 553 -53.95 -25.86 -48.33
C GLN D 553 -53.80 -25.00 -47.07
N ASN D 554 -52.84 -25.34 -46.22
CA ASN D 554 -52.64 -24.57 -45.00
C ASN D 554 -52.11 -23.18 -45.30
N GLY D 555 -51.13 -23.07 -46.19
CA GLY D 555 -50.55 -21.80 -46.56
C GLY D 555 -49.53 -21.91 -47.67
N TYR D 556 -48.57 -20.98 -47.71
CA TYR D 556 -47.55 -20.97 -48.75
C TYR D 556 -46.31 -21.76 -48.37
N GLN D 557 -46.39 -22.59 -47.33
CA GLN D 557 -45.31 -23.49 -46.92
C GLN D 557 -44.00 -22.74 -46.72
N THR D 558 -44.09 -21.62 -46.01
CA THR D 558 -42.94 -20.79 -45.68
C THR D 558 -42.81 -20.71 -44.17
N GLU D 559 -41.57 -20.54 -43.69
CA GLU D 559 -41.36 -20.27 -42.28
C GLU D 559 -42.13 -19.04 -41.83
N LEU D 560 -42.32 -18.07 -42.73
CA LEU D 560 -43.06 -16.86 -42.38
C LEU D 560 -44.53 -17.15 -42.18
N ASN D 561 -45.08 -18.13 -42.89
CA ASN D 561 -46.47 -18.52 -42.69
C ASN D 561 -46.61 -19.29 -41.39
N TRP D 562 -47.61 -18.91 -40.59
CA TRP D 562 -47.84 -19.58 -39.32
C TRP D 562 -48.69 -20.84 -39.48
N ASN D 563 -49.57 -20.87 -40.48
CA ASN D 563 -50.42 -22.05 -40.68
C ASN D 563 -49.59 -23.28 -41.02
N TYR D 564 -48.60 -23.13 -41.91
CA TYR D 564 -47.71 -24.24 -42.21
C TYR D 564 -46.87 -24.62 -40.99
N ILE D 565 -46.50 -23.64 -40.18
CA ILE D 565 -45.61 -23.89 -39.04
C ILE D 565 -46.38 -24.50 -37.87
N LYS D 566 -47.62 -24.07 -37.65
CA LYS D 566 -48.38 -24.50 -36.48
C LYS D 566 -48.47 -26.01 -36.37
N GLY D 567 -48.39 -26.73 -37.49
CA GLY D 567 -48.43 -28.17 -37.48
C GLY D 567 -47.26 -28.81 -38.21
N GLN D 568 -46.06 -28.27 -38.00
CA GLN D 568 -44.87 -28.82 -38.64
C GLN D 568 -43.87 -29.33 -37.61
N GLY D 569 -44.35 -30.08 -36.64
CA GLY D 569 -43.48 -30.67 -35.64
C GLY D 569 -44.06 -31.96 -35.11
N LYS D 570 -43.18 -32.84 -34.65
CA LYS D 570 -43.63 -34.11 -34.07
C LYS D 570 -44.39 -33.87 -32.77
N ASP D 571 -43.92 -32.94 -31.95
CA ASP D 571 -44.60 -32.53 -30.73
C ASP D 571 -45.07 -31.09 -30.91
N LEU D 572 -46.39 -30.90 -30.92
CA LEU D 572 -47.00 -29.59 -31.13
C LEU D 572 -47.48 -28.94 -29.84
N ARG D 573 -47.11 -29.50 -28.68
CA ARG D 573 -47.59 -28.97 -27.40
C ARG D 573 -47.26 -27.49 -27.24
N ALA D 574 -46.10 -27.05 -27.77
CA ALA D 574 -45.74 -25.64 -27.71
C ALA D 574 -46.51 -24.83 -28.75
N ASN D 575 -46.54 -25.31 -29.99
CA ASN D 575 -47.28 -24.62 -31.05
C ASN D 575 -48.73 -24.39 -30.65
N ASN D 576 -49.36 -25.43 -30.09
CA ASN D 576 -50.77 -25.32 -29.71
C ASN D 576 -51.00 -24.25 -28.65
N PHE D 577 -50.07 -24.13 -27.71
CA PHE D 577 -50.22 -23.13 -26.65
C PHE D 577 -50.24 -21.72 -27.22
N PHE D 578 -49.40 -21.45 -28.22
CA PHE D 578 -49.37 -20.13 -28.85
C PHE D 578 -50.46 -19.96 -29.89
N ASN D 579 -51.02 -21.06 -30.40
CA ASN D 579 -52.24 -20.97 -31.20
C ASN D 579 -53.39 -20.43 -30.37
N GLU D 580 -53.52 -20.92 -29.13
CA GLU D 580 -54.52 -20.41 -28.20
C GLU D 580 -54.39 -18.90 -28.02
N LEU D 581 -53.16 -18.41 -27.91
CA LEU D 581 -52.94 -16.99 -27.63
C LEU D 581 -53.14 -16.15 -28.87
N ILE D 582 -52.70 -16.64 -30.03
CA ILE D 582 -52.86 -15.87 -31.27
C ILE D 582 -54.34 -15.73 -31.61
N VAL D 583 -55.08 -16.84 -31.57
CA VAL D 583 -56.48 -16.82 -31.95
C VAL D 583 -57.28 -15.89 -31.05
N LYS D 584 -57.00 -15.92 -29.75
CA LYS D 584 -57.64 -15.03 -28.80
C LYS D 584 -57.05 -13.64 -28.79
N GLU D 585 -56.11 -13.34 -29.69
CA GLU D 585 -55.53 -11.99 -29.84
C GLU D 585 -54.85 -11.51 -28.56
N VAL D 586 -54.20 -12.44 -27.87
CA VAL D 586 -53.39 -12.09 -26.70
C VAL D 586 -52.03 -11.64 -27.21
N TRP D 587 -51.65 -10.40 -26.91
CA TRP D 587 -50.39 -9.85 -27.36
C TRP D 587 -49.35 -9.89 -26.25
N LEU D 588 -48.13 -10.28 -26.60
CA LEU D 588 -47.00 -10.29 -25.69
C LEU D 588 -46.09 -9.09 -25.88
N ILE D 589 -46.28 -8.32 -26.96
CA ILE D 589 -45.57 -7.08 -27.20
C ILE D 589 -46.61 -6.02 -27.50
N SER D 590 -46.50 -4.88 -26.82
CA SER D 590 -47.53 -3.84 -26.89
C SER D 590 -47.34 -2.99 -28.13
N CYS D 591 -48.35 -2.97 -29.01
CA CYS D 591 -48.32 -2.16 -30.22
C CYS D 591 -48.47 -0.67 -29.95
N GLY D 592 -48.70 -0.27 -28.70
CA GLY D 592 -48.99 1.12 -28.39
C GLY D 592 -50.48 1.39 -28.29
N GLU D 593 -50.81 2.58 -27.79
CA GLU D 593 -52.21 2.93 -27.59
C GLU D 593 -52.97 3.01 -28.91
N ASN D 594 -52.38 3.68 -29.90
CA ASN D 594 -53.00 3.81 -31.22
C ASN D 594 -52.40 2.86 -32.25
N GLU D 595 -51.73 1.80 -31.81
CA GLU D 595 -51.09 0.81 -32.68
C GLU D 595 -50.13 1.45 -33.68
N ASP D 596 -49.68 2.67 -33.40
CA ASP D 596 -48.71 3.37 -34.24
C ASP D 596 -47.27 3.15 -33.79
N PHE D 597 -47.06 2.23 -32.85
CA PHE D 597 -45.72 1.93 -32.30
C PHE D 597 -45.07 3.20 -31.75
N LYS D 598 -45.90 4.12 -31.26
CA LYS D 598 -45.45 5.34 -30.60
C LYS D 598 -45.84 5.29 -29.13
N TYR D 599 -44.97 5.78 -28.25
CA TYR D 599 -45.09 5.47 -26.83
C TYR D 599 -45.03 6.66 -25.88
N LEU D 600 -44.71 7.85 -26.34
CA LEU D 600 -44.58 9.00 -25.47
C LEU D 600 -45.88 9.80 -25.46
N ASN D 601 -46.36 10.15 -24.28
CA ASN D 601 -47.61 10.88 -24.12
C ASN D 601 -47.38 12.39 -24.12
N SER E 2 -27.44 33.10 -28.41
CA SER E 2 -26.79 31.82 -28.67
C SER E 2 -25.49 31.70 -27.87
N MET E 3 -24.65 30.73 -28.23
CA MET E 3 -23.40 30.51 -27.52
C MET E 3 -22.31 31.44 -28.02
N LYS E 4 -22.23 31.66 -29.33
CA LYS E 4 -21.27 32.60 -29.88
C LYS E 4 -21.70 34.05 -29.69
N LYS E 5 -23.00 34.28 -29.46
CA LYS E 5 -23.48 35.63 -29.18
C LYS E 5 -22.90 36.16 -27.87
N GLU E 6 -22.79 35.30 -26.86
CA GLU E 6 -22.23 35.71 -25.58
C GLU E 6 -20.70 35.76 -25.60
N PHE E 7 -20.06 35.01 -26.50
CA PHE E 7 -18.61 35.04 -26.59
C PHE E 7 -18.13 36.35 -27.19
N THR E 8 -18.67 36.70 -28.37
CA THR E 8 -18.24 37.90 -29.07
C THR E 8 -18.36 39.14 -28.21
N GLU E 9 -19.38 39.19 -27.34
CA GLU E 9 -19.54 40.35 -26.46
C GLU E 9 -18.48 40.37 -25.38
N LEU E 10 -18.06 39.18 -24.91
CA LEU E 10 -16.97 39.11 -23.95
C LEU E 10 -15.67 39.63 -24.54
N TYR E 11 -15.39 39.25 -25.80
CA TYR E 11 -14.07 39.51 -26.38
C TYR E 11 -13.95 40.93 -26.91
N ASP E 12 -15.00 41.46 -27.54
CA ASP E 12 -15.01 42.86 -27.93
C ASP E 12 -14.75 43.77 -26.72
N PHE E 13 -15.09 43.29 -25.53
CA PHE E 13 -14.87 44.02 -24.29
C PHE E 13 -13.46 43.84 -23.76
N ILE E 14 -12.97 42.59 -23.70
CA ILE E 14 -11.62 42.34 -23.19
C ILE E 14 -10.57 43.00 -24.07
N PHE E 15 -10.62 42.72 -25.38
CA PHE E 15 -9.56 43.17 -26.28
C PHE E 15 -9.67 44.67 -26.53
N ASP E 16 -9.40 45.43 -25.47
CA ASP E 16 -9.32 46.88 -25.50
C ASP E 16 -8.07 47.20 -24.68
N PRO E 17 -7.13 48.00 -25.22
CA PRO E 17 -5.85 48.17 -24.53
C PRO E 17 -5.97 48.81 -23.15
N ILE E 18 -6.96 49.68 -22.95
CA ILE E 18 -7.11 50.32 -21.65
C ILE E 18 -7.62 49.32 -20.62
N PHE E 19 -8.51 48.42 -21.02
CA PHE E 19 -8.95 47.35 -20.12
C PHE E 19 -7.81 46.39 -19.79
N LEU E 20 -6.96 46.09 -20.76
CA LEU E 20 -5.94 45.07 -20.60
C LEU E 20 -4.81 45.47 -19.67
N VAL E 21 -4.71 46.75 -19.31
CA VAL E 21 -3.73 47.20 -18.32
C VAL E 21 -4.39 47.55 -17.00
N ARG E 22 -5.56 48.19 -17.05
CA ARG E 22 -6.26 48.56 -15.83
C ARG E 22 -6.76 47.34 -15.07
N TYR E 23 -7.08 46.26 -15.79
CA TYR E 23 -7.53 45.03 -15.17
C TYR E 23 -6.68 43.82 -15.54
N GLY E 24 -5.75 43.95 -16.46
CA GLY E 24 -4.99 42.79 -16.92
C GLY E 24 -3.58 42.68 -16.38
N TYR E 25 -2.93 43.83 -16.13
CA TYR E 25 -1.56 43.79 -15.63
C TYR E 25 -1.47 43.00 -14.34
N TYR E 26 -2.29 43.34 -13.35
CA TYR E 26 -2.33 42.61 -12.10
C TYR E 26 -3.34 41.48 -12.13
N ASP E 27 -3.86 41.15 -13.32
CA ASP E 27 -4.77 40.01 -13.52
C ASP E 27 -6.01 40.13 -12.65
N ARG E 28 -6.70 41.26 -12.79
CA ARG E 28 -7.95 41.50 -12.09
C ARG E 28 -9.12 40.95 -12.90
N SER E 29 -10.31 41.01 -12.30
CA SER E 29 -11.52 40.46 -12.92
C SER E 29 -12.73 41.21 -12.40
N ILE E 30 -13.57 41.68 -13.31
CA ILE E 30 -14.81 42.39 -12.99
C ILE E 30 -15.99 41.59 -13.51
N LYS E 31 -17.09 41.63 -12.75
CA LYS E 31 -18.26 40.83 -13.06
C LYS E 31 -19.24 41.54 -13.99
N ASN E 32 -19.18 42.86 -14.09
CA ASN E 32 -20.10 43.63 -14.92
C ASN E 32 -19.32 44.62 -15.77
N LYS E 33 -19.81 44.83 -17.00
CA LYS E 33 -19.20 45.83 -17.87
C LYS E 33 -19.35 47.24 -17.32
N LYS E 34 -20.36 47.48 -16.47
CA LYS E 34 -20.54 48.79 -15.86
C LYS E 34 -19.41 49.15 -14.90
N MET E 35 -18.69 48.15 -14.39
CA MET E 35 -17.62 48.40 -13.44
C MET E 35 -16.43 49.11 -14.05
N ASN E 36 -16.34 49.17 -15.38
CA ASN E 36 -15.27 49.90 -16.06
C ASN E 36 -15.65 51.39 -16.10
N THR E 37 -15.68 51.99 -14.91
CA THR E 37 -16.06 53.38 -14.76
C THR E 37 -14.94 54.29 -15.24
N ALA E 38 -15.33 55.46 -15.76
CA ALA E 38 -14.35 56.47 -16.13
C ALA E 38 -13.62 57.02 -14.91
N LYS E 39 -14.31 57.08 -13.77
CA LYS E 39 -13.68 57.59 -12.56
C LYS E 39 -12.64 56.61 -12.05
N VAL E 40 -11.66 57.15 -11.32
CA VAL E 40 -10.66 56.32 -10.65
C VAL E 40 -11.28 55.78 -9.36
N GLU E 41 -11.43 54.46 -9.28
CA GLU E 41 -12.12 53.82 -8.15
C GLU E 41 -11.10 53.59 -7.03
N LEU E 42 -10.78 54.67 -6.33
CA LEU E 42 -9.77 54.59 -5.27
C LEU E 42 -10.25 53.76 -4.10
N ASP E 43 -11.50 53.91 -3.69
CA ASP E 43 -12.01 53.19 -2.52
C ASP E 43 -12.89 52.00 -2.89
N ASN E 44 -13.09 51.75 -4.18
CA ASN E 44 -13.97 50.68 -4.65
C ASN E 44 -13.12 49.55 -5.23
N GLU E 45 -13.15 48.40 -4.56
CA GLU E 45 -12.51 47.21 -5.10
C GLU E 45 -13.51 46.41 -5.90
N GLY E 47 -13.16 45.02 -8.73
CA GLY E 47 -12.53 43.84 -9.27
C GLY E 47 -12.02 42.87 -8.22
N LYS E 48 -11.69 41.67 -8.66
CA LYS E 48 -11.13 40.64 -7.80
C LYS E 48 -9.84 40.11 -8.41
N SER E 49 -8.82 39.98 -7.58
CA SER E 49 -7.52 39.49 -8.01
C SER E 49 -6.94 38.57 -6.94
N ASP E 50 -5.89 37.86 -7.31
CA ASP E 50 -5.21 36.95 -6.39
C ASP E 50 -3.72 37.24 -6.30
N SER E 51 -3.30 38.45 -6.65
CA SER E 51 -1.87 38.77 -6.79
C SER E 51 -1.46 39.91 -5.88
N PHE E 52 -1.83 41.15 -6.19
CA PHE E 52 -1.29 42.32 -5.50
C PHE E 52 -2.42 43.19 -4.97
N TYR E 53 -2.24 43.72 -3.78
CA TYR E 53 -3.28 44.49 -3.10
C TYR E 53 -3.66 45.71 -3.94
N PHE E 54 -4.95 45.81 -4.27
CA PHE E 54 -5.44 46.90 -5.11
C PHE E 54 -5.20 48.25 -4.46
N LYS E 55 -5.44 48.37 -3.15
CA LYS E 55 -5.33 49.63 -2.45
C LYS E 55 -3.91 50.21 -2.45
N VAL E 56 -2.91 49.43 -2.86
CA VAL E 56 -1.52 49.86 -2.85
C VAL E 56 -0.89 49.81 -4.23
N PHE E 57 -1.10 48.72 -4.96
CA PHE E 57 -0.53 48.52 -6.29
C PHE E 57 -1.66 48.38 -7.30
N ASN E 58 -1.88 49.42 -8.11
CA ASN E 58 -2.90 49.35 -9.14
C ASN E 58 -2.53 50.30 -10.28
N MET E 59 -3.29 50.20 -11.36
CA MET E 59 -3.05 50.97 -12.59
C MET E 59 -4.08 52.07 -12.80
N GLU E 60 -4.95 52.32 -11.82
CA GLU E 60 -6.06 53.25 -12.02
C GLU E 60 -5.59 54.63 -12.43
N SER E 61 -4.42 55.06 -11.95
CA SER E 61 -3.88 56.34 -12.37
C SER E 61 -3.35 56.27 -13.79
N PHE E 62 -2.64 55.19 -14.14
CA PHE E 62 -2.19 55.01 -15.51
C PHE E 62 -3.39 54.80 -16.44
N ALA E 63 -4.40 54.06 -15.99
CA ALA E 63 -5.62 53.92 -16.77
C ALA E 63 -6.28 55.28 -17.00
N ASP E 64 -6.22 56.16 -16.00
CA ASP E 64 -6.80 57.49 -16.15
C ASP E 64 -6.05 58.29 -17.21
N TYR E 65 -4.73 58.18 -17.25
CA TYR E 65 -3.94 58.88 -18.25
C TYR E 65 -4.25 58.37 -19.65
N LEU E 66 -4.60 57.09 -19.78
CA LEU E 66 -4.86 56.52 -21.10
C LEU E 66 -6.18 57.02 -21.67
N ARG E 67 -7.18 57.26 -20.82
CA ARG E 67 -8.46 57.76 -21.30
C ARG E 67 -8.34 59.16 -21.90
N SER E 68 -7.28 59.89 -21.56
CA SER E 68 -7.05 61.24 -22.08
C SER E 68 -6.07 61.28 -23.24
N HIS E 69 -4.98 60.51 -23.15
CA HIS E 69 -3.91 60.56 -24.13
C HIS E 69 -3.86 59.27 -24.95
N ASP E 70 -3.21 59.37 -26.11
CA ASP E 70 -3.05 58.24 -27.02
C ASP E 70 -1.57 57.87 -27.06
N LEU E 71 -1.24 56.69 -26.53
CA LEU E 71 0.14 56.24 -26.51
C LEU E 71 0.48 55.25 -27.61
N LYS E 72 -0.52 54.80 -28.39
CA LYS E 72 -0.23 54.04 -29.60
C LYS E 72 0.75 54.77 -30.50
N THR E 73 0.75 56.11 -30.45
CA THR E 73 1.73 56.89 -31.18
C THR E 73 3.14 56.66 -30.64
N HIS E 74 3.27 56.63 -29.31
CA HIS E 74 4.59 56.44 -28.69
C HIS E 74 5.17 55.06 -28.93
N PHE E 75 4.33 54.07 -29.26
CA PHE E 75 4.78 52.69 -29.33
C PHE E 75 4.96 52.17 -30.75
N ASN E 76 4.35 52.80 -31.74
CA ASN E 76 4.56 52.40 -33.12
C ASN E 76 6.04 52.49 -33.48
N GLY E 77 6.59 51.38 -33.98
CA GLY E 77 8.00 51.34 -34.33
C GLY E 77 8.43 49.94 -34.66
N LYS E 78 9.72 49.69 -34.50
CA LYS E 78 10.31 48.38 -34.76
C LYS E 78 11.32 48.09 -33.66
N LYS E 79 11.88 46.87 -33.70
CA LYS E 79 12.91 46.36 -32.80
C LYS E 79 12.68 46.86 -31.37
N PRO E 80 11.71 46.29 -30.65
CA PRO E 80 11.36 46.83 -29.33
C PRO E 80 12.53 46.74 -28.36
N LEU E 81 12.54 47.65 -27.39
CA LEU E 81 13.58 47.64 -26.37
C LEU E 81 13.36 46.46 -25.44
N SER E 82 14.43 45.74 -25.13
CA SER E 82 14.37 44.63 -24.20
C SER E 82 14.49 45.17 -22.77
N THR E 83 13.44 44.98 -21.98
CA THR E 83 13.43 45.42 -20.59
C THR E 83 13.53 44.21 -19.66
N ASP E 84 13.82 44.49 -18.39
CA ASP E 84 13.98 43.45 -17.38
C ASP E 84 12.82 43.51 -16.41
N PRO E 85 12.06 42.43 -16.25
CA PRO E 85 10.83 42.51 -15.44
C PRO E 85 11.07 42.46 -13.94
N VAL E 86 9.99 42.39 -13.18
CA VAL E 86 10.06 42.23 -11.73
C VAL E 86 9.95 40.74 -11.43
N TYR E 87 11.06 40.13 -11.00
CA TYR E 87 11.07 38.70 -10.69
C TYR E 87 10.42 38.51 -9.32
N PHE E 88 9.24 37.91 -9.31
CA PHE E 88 8.40 37.80 -8.12
C PHE E 88 7.98 36.34 -7.99
N ASN E 89 8.55 35.64 -7.02
CA ASN E 89 8.41 34.19 -6.92
C ASN E 89 7.43 33.83 -5.81
N ILE E 90 6.41 33.05 -6.15
CA ILE E 90 5.33 32.70 -5.24
C ILE E 90 5.36 31.21 -4.98
N PRO E 91 4.58 30.67 -4.03
CA PRO E 91 4.56 29.23 -3.84
C PRO E 91 3.54 28.52 -4.73
N LYS E 92 3.80 27.23 -4.95
CA LYS E 92 2.85 26.31 -5.57
C LYS E 92 2.18 25.41 -4.55
N ASN E 93 2.97 24.78 -3.68
CA ASN E 93 2.48 24.10 -2.49
C ASN E 93 3.47 24.39 -1.36
N ILE E 94 3.37 23.63 -0.27
CA ILE E 94 4.27 23.85 0.86
C ILE E 94 5.72 23.64 0.44
N GLU E 95 5.96 22.72 -0.49
CA GLU E 95 7.31 22.34 -0.89
C GLU E 95 7.69 22.80 -2.30
N ALA E 96 6.83 23.57 -2.97
CA ALA E 96 7.08 23.96 -4.35
C ALA E 96 6.85 25.45 -4.54
N ARG E 97 7.37 25.95 -5.67
CA ARG E 97 7.37 27.38 -5.98
C ARG E 97 6.93 27.61 -7.42
N ARG E 98 6.48 28.84 -7.69
CA ARG E 98 6.15 29.30 -9.03
C ARG E 98 6.83 30.65 -9.26
N GLN E 99 7.14 30.93 -10.52
CA GLN E 99 7.96 32.08 -10.90
C GLN E 99 7.14 33.06 -11.74
N TYR E 100 6.54 34.04 -11.08
CA TYR E 100 5.89 35.13 -11.78
C TYR E 100 6.92 36.16 -12.23
N LYS E 101 6.71 36.72 -13.42
CA LYS E 101 7.52 37.79 -13.96
C LYS E 101 6.61 38.97 -14.28
N MET E 102 6.77 40.08 -13.55
CA MET E 102 5.94 41.25 -13.75
C MET E 102 6.62 42.19 -14.74
N PRO E 103 6.09 42.35 -15.95
CA PRO E 103 6.84 43.06 -16.99
C PRO E 103 6.85 44.56 -16.82
N ASN E 104 7.96 45.17 -17.21
CA ASN E 104 8.08 46.60 -17.37
C ASN E 104 6.87 47.16 -18.12
N LEU E 105 6.31 48.25 -17.58
CA LEU E 105 5.10 48.84 -18.16
C LEU E 105 5.29 49.17 -19.63
N TYR E 106 6.46 49.72 -19.99
CA TYR E 106 6.72 50.07 -21.38
C TYR E 106 6.63 48.85 -22.28
N SER E 107 7.35 47.78 -21.91
CA SER E 107 7.30 46.55 -22.70
C SER E 107 5.91 45.93 -22.68
N TYR E 108 5.24 46.01 -21.52
CA TYR E 108 3.89 45.45 -21.40
C TYR E 108 2.91 46.14 -22.33
N MET E 109 2.90 47.48 -22.32
CA MET E 109 1.97 48.23 -23.16
C MET E 109 2.23 47.99 -24.64
N ALA E 110 3.50 47.81 -25.02
CA ALA E 110 3.82 47.52 -26.41
C ALA E 110 3.17 46.21 -26.85
N LEU E 111 3.25 45.18 -26.02
CA LEU E 111 2.56 43.93 -26.30
C LEU E 111 1.05 44.13 -26.29
N ASN E 112 0.55 44.94 -25.36
CA ASN E 112 -0.88 45.16 -25.24
C ASN E 112 -1.45 45.80 -26.51
N TYR E 113 -0.76 46.80 -27.07
CA TYR E 113 -1.25 47.47 -28.26
C TYR E 113 -1.21 46.55 -29.47
N TYR E 114 -0.17 45.70 -29.57
CA TYR E 114 -0.09 44.76 -30.68
C TYR E 114 -1.23 43.76 -30.65
N ILE E 115 -1.49 43.16 -29.48
CA ILE E 115 -2.55 42.18 -29.36
C ILE E 115 -3.90 42.78 -29.74
N CYS E 116 -4.12 44.05 -29.40
CA CYS E 116 -5.38 44.69 -29.73
C CYS E 116 -5.47 45.07 -31.20
N ASP E 117 -4.36 45.54 -31.79
CA ASP E 117 -4.35 45.79 -33.22
C ASP E 117 -4.56 44.52 -34.04
N ASN E 118 -4.23 43.37 -33.48
CA ASN E 118 -4.44 42.08 -34.12
C ASN E 118 -5.35 41.19 -33.25
N LYS E 119 -6.35 41.80 -32.61
CA LYS E 119 -7.30 41.00 -31.85
C LYS E 119 -8.03 40.00 -32.75
N LYS E 120 -8.20 40.35 -34.02
CA LYS E 120 -8.74 39.44 -35.03
C LYS E 120 -8.13 38.05 -34.95
N GLU E 121 -6.80 37.97 -34.86
CA GLU E 121 -6.12 36.68 -34.85
C GLU E 121 -6.36 35.91 -33.56
N PHE E 122 -6.76 36.59 -32.47
CA PHE E 122 -7.15 35.94 -31.23
C PHE E 122 -8.64 35.61 -31.19
N ILE E 123 -9.49 36.60 -31.49
CA ILE E 123 -10.94 36.43 -31.33
C ILE E 123 -11.46 35.37 -32.29
N GLU E 124 -11.02 35.41 -33.54
CA GLU E 124 -11.50 34.45 -34.54
C GLU E 124 -11.23 33.02 -34.09
N VAL E 125 -10.04 32.75 -33.54
CA VAL E 125 -9.73 31.42 -33.05
C VAL E 125 -10.53 31.11 -31.79
N PHE E 126 -10.79 32.13 -30.97
CA PHE E 126 -11.46 31.90 -29.69
C PHE E 126 -12.92 31.50 -29.88
N ILE E 127 -13.68 32.31 -30.63
CA ILE E 127 -15.10 31.99 -30.87
C ILE E 127 -15.23 30.60 -31.49
N ASP E 128 -14.37 30.31 -32.46
CA ASP E 128 -14.43 29.02 -33.16
C ASP E 128 -14.06 27.85 -32.26
N ASN E 129 -13.35 28.08 -31.15
CA ASN E 129 -12.89 27.00 -30.30
C ASN E 129 -14.06 26.31 -29.60
N LYS E 130 -13.88 25.03 -29.29
CA LYS E 130 -14.96 24.22 -28.74
C LYS E 130 -14.57 23.53 -27.43
N PHE E 131 -13.27 23.29 -27.23
CA PHE E 131 -12.82 22.44 -26.12
C PHE E 131 -12.37 23.21 -24.88
N SER E 132 -12.08 24.50 -25.01
CA SER E 132 -11.44 25.25 -23.93
C SER E 132 -12.48 25.95 -23.08
N THR E 133 -12.46 25.67 -21.77
CA THR E 133 -13.27 26.39 -20.80
C THR E 133 -12.47 27.45 -20.05
N SER E 134 -11.19 27.59 -20.36
CA SER E 134 -10.33 28.61 -19.76
C SER E 134 -10.20 29.85 -20.65
N LYS E 135 -10.79 29.82 -21.84
CA LYS E 135 -10.72 30.90 -22.80
C LYS E 135 -11.63 32.07 -22.46
N PHE E 136 -12.26 32.07 -21.29
CA PHE E 136 -13.08 33.18 -20.85
C PHE E 136 -12.42 34.01 -19.77
N PHE E 137 -11.32 33.55 -19.20
CA PHE E 137 -10.44 34.34 -18.32
C PHE E 137 -11.16 34.85 -17.08
N ASN E 138 -12.24 34.16 -16.68
CA ASN E 138 -12.96 34.45 -15.44
C ASN E 138 -13.49 35.89 -15.42
N GLN E 139 -14.10 36.30 -16.53
CA GLN E 139 -14.64 37.65 -16.67
C GLN E 139 -16.15 37.60 -16.87
N LEU E 140 -16.82 38.67 -16.45
CA LEU E 140 -18.25 38.88 -16.68
C LEU E 140 -19.02 37.68 -16.12
N ASN E 141 -20.11 37.31 -16.79
CA ASN E 141 -21.02 36.28 -16.27
C ASN E 141 -20.50 34.87 -16.51
N PHE E 142 -19.21 34.75 -16.80
CA PHE E 142 -18.59 33.46 -17.09
C PHE E 142 -17.92 32.94 -15.83
N ASP E 143 -18.75 32.43 -14.92
CA ASP E 143 -18.26 31.93 -13.63
C ASP E 143 -17.95 30.44 -13.71
N TYR E 144 -17.38 29.94 -12.61
CA TYR E 144 -17.06 28.52 -12.47
C TYR E 144 -18.24 27.59 -12.78
N PRO E 145 -19.46 27.83 -12.27
CA PRO E 145 -20.57 26.92 -12.63
C PRO E 145 -20.84 26.84 -14.12
N LYS E 146 -20.71 27.95 -14.85
CA LYS E 146 -20.92 27.92 -16.29
C LYS E 146 -19.83 27.12 -17.00
N THR E 147 -18.58 27.26 -16.56
CA THR E 147 -17.49 26.52 -17.18
C THR E 147 -17.63 25.02 -16.94
N GLN E 148 -18.09 24.64 -15.74
CA GLN E 148 -18.32 23.22 -15.46
C GLN E 148 -19.47 22.68 -16.30
N GLU E 149 -20.50 23.49 -16.52
CA GLU E 149 -21.60 23.06 -17.38
C GLU E 149 -21.14 22.81 -18.81
N ILE E 150 -20.19 23.61 -19.29
CA ILE E 150 -19.61 23.39 -20.61
C ILE E 150 -18.89 22.05 -20.64
N THR E 151 -18.11 21.76 -19.59
CA THR E 151 -17.34 20.53 -19.54
C THR E 151 -18.24 19.30 -19.51
N GLN E 152 -19.37 19.39 -18.80
CA GLN E 152 -20.24 18.23 -18.65
C GLN E 152 -20.81 17.77 -19.98
N THR E 153 -21.17 18.72 -20.86
CA THR E 153 -21.67 18.34 -22.18
C THR E 153 -20.57 17.81 -23.09
N LEU E 154 -19.30 18.05 -22.75
CA LEU E 154 -18.20 17.51 -23.54
C LEU E 154 -17.84 16.08 -23.14
N LEU E 155 -18.30 15.62 -21.99
CA LEU E 155 -17.95 14.31 -21.47
C LEU E 155 -19.05 13.28 -21.69
N TYR E 156 -20.11 13.63 -22.41
CA TYR E 156 -21.17 12.67 -22.72
C TYR E 156 -20.61 11.49 -23.51
N GLY E 157 -21.28 10.36 -23.38
CA GLY E 157 -20.83 9.15 -24.03
C GLY E 157 -19.55 8.57 -23.49
N GLY E 158 -19.10 9.02 -22.32
CA GLY E 158 -17.86 8.56 -21.74
C GLY E 158 -18.02 7.66 -20.52
N ILE E 159 -17.57 6.41 -20.64
CA ILE E 159 -17.52 5.52 -19.49
C ILE E 159 -16.30 5.82 -18.63
N LYS E 160 -15.24 6.35 -19.22
CA LYS E 160 -14.00 6.63 -18.52
C LYS E 160 -13.55 8.05 -18.83
N LYS E 161 -12.74 8.62 -17.94
CA LYS E 161 -12.13 9.92 -18.15
C LYS E 161 -10.61 9.79 -18.03
N LEU E 162 -9.90 10.22 -19.05
CA LEU E 162 -8.44 10.29 -19.02
C LEU E 162 -8.02 11.70 -18.62
N HIS E 163 -7.17 11.79 -17.61
CA HIS E 163 -6.69 13.06 -17.09
C HIS E 163 -5.23 13.25 -17.50
N LEU E 164 -4.93 14.43 -18.06
CA LEU E 164 -3.64 14.69 -18.67
C LEU E 164 -3.23 16.12 -18.33
N ASP E 165 -2.10 16.28 -17.64
CA ASP E 165 -1.60 17.59 -17.24
C ASP E 165 -0.24 17.84 -17.87
N LEU E 166 -0.03 19.07 -18.31
CA LEU E 166 1.23 19.49 -18.90
C LEU E 166 2.16 20.02 -17.81
N SER E 167 3.40 19.58 -17.83
CA SER E 167 4.33 19.85 -16.73
C SER E 167 4.96 21.23 -16.87
N ASN E 168 4.82 22.05 -15.82
CA ASN E 168 5.50 23.34 -15.70
C ASN E 168 5.30 24.17 -16.97
N PHE E 169 4.03 24.38 -17.33
CA PHE E 169 3.70 24.79 -18.69
C PHE E 169 4.24 26.19 -19.02
N TYR E 170 3.88 27.19 -18.20
CA TYR E 170 4.25 28.56 -18.52
C TYR E 170 5.76 28.76 -18.46
N HIS E 171 6.41 28.18 -17.45
CA HIS E 171 7.83 28.46 -17.22
C HIS E 171 8.72 27.72 -18.21
N THR E 172 8.32 26.54 -18.67
CA THR E 172 9.13 25.77 -19.62
C THR E 172 8.73 26.03 -21.07
N LEU E 173 7.68 26.80 -21.31
CA LEU E 173 7.21 27.05 -22.67
C LEU E 173 8.31 27.68 -23.52
N TYR E 174 8.74 26.96 -24.55
CA TYR E 174 9.69 27.50 -25.50
C TYR E 174 9.00 28.57 -26.34
N THR E 175 9.53 29.80 -26.30
CA THR E 175 8.85 30.92 -26.94
C THR E 175 8.82 30.75 -28.46
N HIS E 176 9.94 30.39 -29.06
CA HIS E 176 10.00 30.25 -30.52
C HIS E 176 9.02 29.22 -31.04
N SER E 177 8.47 28.38 -30.17
CA SER E 177 7.46 27.41 -30.58
C SER E 177 6.08 28.03 -30.76
N ILE E 178 5.92 29.32 -30.48
CA ILE E 178 4.63 29.99 -30.68
C ILE E 178 4.37 30.14 -32.18
N PRO E 179 5.36 30.55 -33.00
CA PRO E 179 5.15 30.42 -34.45
C PRO E 179 4.90 29.00 -34.91
N TRP E 180 5.46 28.01 -34.21
CA TRP E 180 5.30 26.63 -34.62
C TRP E 180 3.84 26.19 -34.54
N MET E 181 3.13 26.62 -33.50
CA MET E 181 1.77 26.15 -33.32
C MET E 181 0.76 26.97 -34.11
N ILE E 182 1.05 28.25 -34.33
CA ILE E 182 0.07 29.13 -34.96
C ILE E 182 0.12 29.00 -36.49
N ASP E 183 1.31 28.90 -37.06
CA ASP E 183 1.46 28.80 -38.51
C ASP E 183 2.18 27.56 -38.99
N GLY E 184 2.55 26.65 -38.10
CA GLY E 184 3.26 25.44 -38.51
C GLY E 184 4.76 25.53 -38.30
N LYS E 185 5.39 24.42 -37.92
CA LYS E 185 6.81 24.43 -37.61
C LYS E 185 7.66 24.48 -38.87
N SER E 186 7.29 23.69 -39.88
CA SER E 186 8.08 23.63 -41.11
C SER E 186 8.09 24.97 -41.84
N ALA E 187 6.97 25.70 -41.79
CA ALA E 187 6.92 27.01 -42.43
C ALA E 187 7.78 28.04 -41.70
N SER E 188 8.06 27.82 -40.41
CA SER E 188 8.81 28.77 -39.61
C SER E 188 10.30 28.76 -39.91
N LYS E 189 10.80 27.78 -40.66
CA LYS E 189 12.21 27.74 -40.99
C LYS E 189 12.63 28.97 -41.80
N GLN E 190 11.71 29.50 -42.60
CA GLN E 190 11.99 30.68 -43.41
C GLN E 190 12.21 31.90 -42.52
N LYS E 194 8.76 37.15 -40.70
CA LYS E 194 8.49 38.20 -39.74
C LYS E 194 7.02 38.60 -39.76
N GLY E 195 6.15 37.61 -39.63
CA GLY E 195 4.72 37.83 -39.68
C GLY E 195 4.12 38.17 -38.34
N PHE E 196 2.87 37.74 -38.14
CA PHE E 196 2.16 38.05 -36.90
C PHE E 196 2.79 37.32 -35.71
N SER E 197 2.84 35.99 -35.78
CA SER E 197 3.38 35.21 -34.66
C SER E 197 4.89 35.42 -34.49
N ASN E 198 5.62 35.63 -35.60
CA ASN E 198 7.05 35.84 -35.49
C ASN E 198 7.38 37.11 -34.71
N THR E 199 6.46 38.08 -34.70
CA THR E 199 6.66 39.33 -33.98
C THR E 199 6.09 39.27 -32.57
N LEU E 200 4.94 38.59 -32.39
CA LEU E 200 4.43 38.34 -31.04
C LEU E 200 5.49 37.67 -30.18
N ASP E 201 6.30 36.79 -30.79
CA ASP E 201 7.36 36.13 -30.06
C ASP E 201 8.42 37.14 -29.57
N THR E 202 8.82 38.07 -30.45
CA THR E 202 9.87 39.01 -30.09
C THR E 202 9.38 40.10 -29.15
N LEU E 203 8.09 40.46 -29.21
CA LEU E 203 7.53 41.34 -28.19
C LEU E 203 7.49 40.65 -26.83
N ILE E 204 7.21 39.34 -26.82
CA ILE E 204 7.18 38.58 -25.58
C ILE E 204 8.58 38.51 -24.97
N THR E 205 9.59 38.23 -25.81
CA THR E 205 10.95 38.07 -25.30
C THR E 205 11.46 39.38 -24.70
N ALA E 206 11.11 40.51 -25.30
CA ALA E 206 11.60 41.79 -24.82
C ALA E 206 11.07 42.14 -23.43
N CYS E 207 10.01 41.47 -22.98
CA CYS E 207 9.54 41.64 -21.61
C CYS E 207 10.41 40.92 -20.60
N GLN E 208 11.16 39.89 -21.01
CA GLN E 208 12.04 39.17 -20.12
C GLN E 208 13.48 39.18 -20.63
N TYR E 209 13.95 40.36 -21.04
CA TYR E 209 15.33 40.59 -21.47
C TYR E 209 15.77 39.57 -22.52
N ASP E 210 14.88 39.30 -23.48
CA ASP E 210 15.12 38.44 -24.63
C ASP E 210 15.32 36.97 -24.26
N GLU E 211 15.01 36.58 -23.03
CA GLU E 211 14.93 35.16 -22.71
C GLU E 211 13.88 34.49 -23.59
N THR E 212 14.20 33.30 -24.09
CA THR E 212 13.27 32.50 -24.85
C THR E 212 12.78 31.29 -24.07
N HIS E 213 13.11 31.21 -22.79
CA HIS E 213 12.67 30.13 -21.91
C HIS E 213 11.54 30.65 -21.03
N GLY E 214 10.31 30.25 -21.33
CA GLY E 214 9.16 30.61 -20.52
C GLY E 214 8.50 31.90 -20.96
N ILE E 215 7.32 32.13 -20.41
CA ILE E 215 6.51 33.31 -20.73
C ILE E 215 6.34 34.14 -19.47
N PRO E 216 6.36 35.48 -19.57
CA PRO E 216 6.10 36.32 -18.39
C PRO E 216 4.72 36.05 -17.82
N THR E 217 4.67 35.31 -16.71
CA THR E 217 3.43 34.78 -16.18
C THR E 217 2.99 35.57 -14.95
N GLY E 218 1.71 35.95 -14.92
CA GLY E 218 1.16 36.68 -13.81
C GLY E 218 0.22 37.80 -14.24
N ASN E 219 -0.03 37.91 -15.54
CA ASN E 219 -0.90 38.95 -16.08
C ASN E 219 -1.82 38.35 -17.13
N LEU E 220 -2.81 39.14 -17.56
CA LEU E 220 -3.83 38.63 -18.48
C LEU E 220 -3.27 38.45 -19.89
N LEU E 221 -2.35 39.33 -20.31
CA LEU E 221 -1.77 39.24 -21.64
C LEU E 221 -1.17 37.86 -21.89
N SER E 222 -0.41 37.35 -20.92
CA SER E 222 0.21 36.04 -21.07
C SER E 222 -0.83 34.92 -21.06
N ARG E 223 -1.95 35.12 -20.34
CA ARG E 223 -2.99 34.10 -20.35
C ARG E 223 -3.68 34.02 -21.70
N ILE E 224 -3.87 35.17 -22.36
CA ILE E 224 -4.47 35.17 -23.70
C ILE E 224 -3.51 34.56 -24.71
N ILE E 225 -2.22 34.92 -24.62
CA ILE E 225 -1.22 34.37 -25.52
C ILE E 225 -1.11 32.86 -25.32
N THR E 226 -1.00 32.42 -24.07
CA THR E 226 -1.03 31.00 -23.75
C THR E 226 -2.28 30.34 -24.32
N GLU E 227 -3.40 31.06 -24.32
CA GLU E 227 -4.66 30.47 -24.77
C GLU E 227 -4.66 30.24 -26.27
N LEU E 228 -4.18 31.21 -27.05
CA LEU E 228 -4.06 31.01 -28.50
C LEU E 228 -3.23 29.78 -28.81
N TYR E 229 -2.08 29.65 -28.15
CA TYR E 229 -1.21 28.49 -28.30
C TYR E 229 -1.99 27.19 -28.13
N MET E 230 -2.74 27.08 -27.03
CA MET E 230 -3.47 25.85 -26.76
C MET E 230 -4.72 25.73 -27.62
N CYS E 231 -5.30 26.85 -28.06
CA CYS E 231 -6.45 26.77 -28.97
C CYS E 231 -6.05 26.28 -30.35
N HIS E 232 -4.76 26.38 -30.71
CA HIS E 232 -4.27 25.74 -31.93
C HIS E 232 -3.97 24.27 -31.68
N PHE E 233 -3.42 23.95 -30.51
CA PHE E 233 -3.38 22.57 -30.04
C PHE E 233 -4.75 21.91 -30.19
N ASP E 234 -5.82 22.66 -29.92
CA ASP E 234 -7.16 22.11 -29.97
C ASP E 234 -7.61 21.86 -31.41
N LYS E 235 -7.33 22.81 -32.30
CA LYS E 235 -7.68 22.64 -33.71
C LYS E 235 -7.00 21.42 -34.31
N GLN E 236 -5.76 21.16 -33.91
CA GLN E 236 -5.04 19.99 -34.41
C GLN E 236 -5.71 18.70 -33.95
N MET E 237 -6.14 18.65 -32.69
CA MET E 237 -6.82 17.46 -32.18
C MET E 237 -8.24 17.36 -32.73
N GLU E 238 -8.88 18.49 -33.03
CA GLU E 238 -10.22 18.46 -33.59
C GLU E 238 -10.21 17.89 -35.01
N TYR E 239 -9.15 18.16 -35.77
CA TYR E 239 -9.01 17.60 -37.11
C TYR E 239 -8.87 16.08 -37.08
N LYS E 240 -8.48 15.52 -35.94
CA LYS E 240 -8.36 14.07 -35.78
C LYS E 240 -9.61 13.46 -35.13
N LYS E 241 -10.73 14.18 -35.15
CA LYS E 241 -12.02 13.67 -34.63
C LYS E 241 -11.92 13.29 -33.16
N PHE E 242 -11.20 14.10 -32.38
CA PHE E 242 -11.10 13.92 -30.95
C PHE E 242 -11.94 14.98 -30.24
N VAL E 243 -12.52 14.59 -29.10
CA VAL E 243 -13.28 15.50 -28.25
C VAL E 243 -12.77 15.38 -26.82
N TYR E 244 -12.61 16.51 -26.16
CA TYR E 244 -12.17 16.57 -24.78
C TYR E 244 -12.46 17.96 -24.23
N SER E 245 -12.19 18.14 -22.94
CA SER E 245 -12.33 19.42 -22.26
C SER E 245 -10.98 19.83 -21.71
N ARG E 246 -10.59 21.08 -21.95
CA ARG E 246 -9.30 21.58 -21.54
C ARG E 246 -9.46 22.88 -20.77
N TYR E 247 -8.73 22.99 -19.66
CA TYR E 247 -8.61 24.25 -18.91
C TYR E 247 -7.12 24.55 -18.77
N VAL E 248 -6.65 25.54 -19.54
CA VAL E 248 -5.23 25.87 -19.66
C VAL E 248 -4.47 24.64 -20.14
N ASP E 249 -3.83 23.92 -19.23
CA ASP E 249 -2.99 22.78 -19.59
C ASP E 249 -3.54 21.46 -19.07
N ASP E 250 -4.76 21.43 -18.57
CA ASP E 250 -5.35 20.24 -17.97
C ASP E 250 -6.45 19.70 -18.88
N PHE E 251 -6.28 18.46 -19.33
CA PHE E 251 -7.21 17.83 -20.26
C PHE E 251 -8.08 16.80 -19.55
N ILE E 252 -9.30 16.62 -20.06
CA ILE E 252 -10.18 15.54 -19.65
C ILE E 252 -10.71 14.89 -20.92
N PHE E 253 -10.22 13.69 -21.22
CA PHE E 253 -10.61 12.99 -22.44
C PHE E 253 -11.61 11.90 -22.12
N PRO E 254 -12.88 12.03 -22.49
CA PRO E 254 -13.83 10.93 -22.28
C PRO E 254 -13.68 9.89 -23.37
N PHE E 255 -13.85 8.63 -22.98
CA PHE E 255 -13.72 7.53 -23.93
C PHE E 255 -14.43 6.31 -23.35
N THR E 256 -14.39 5.21 -24.09
CA THR E 256 -15.09 3.99 -23.71
C THR E 256 -14.21 2.77 -23.92
N PHE E 257 -13.49 2.73 -25.04
CA PHE E 257 -12.65 1.61 -25.41
C PHE E 257 -11.18 1.99 -25.31
N GLU E 258 -10.35 1.04 -24.87
CA GLU E 258 -8.92 1.30 -24.75
C GLU E 258 -8.29 1.65 -26.08
N ASN E 259 -8.92 1.30 -27.19
CA ASN E 259 -8.52 1.79 -28.51
C ASN E 259 -8.49 3.32 -28.51
N GLU E 260 -9.61 3.94 -28.13
CA GLU E 260 -9.73 5.39 -28.16
C GLU E 260 -8.67 6.06 -27.29
N LYS E 261 -8.35 5.46 -26.14
CA LYS E 261 -7.37 6.06 -25.24
C LYS E 261 -5.99 6.10 -25.86
N GLN E 262 -5.48 4.94 -26.29
CA GLN E 262 -4.15 4.88 -26.90
C GLN E 262 -4.11 5.69 -28.20
N GLU E 263 -5.22 5.67 -28.95
CA GLU E 263 -5.34 6.54 -30.11
C GLU E 263 -5.12 8.00 -29.72
N PHE E 264 -5.78 8.44 -28.65
CA PHE E 264 -5.66 9.82 -28.20
C PHE E 264 -4.26 10.11 -27.66
N LEU E 265 -3.70 9.18 -26.88
CA LEU E 265 -2.40 9.42 -26.27
C LEU E 265 -1.30 9.53 -27.32
N ASN E 266 -1.36 8.72 -28.37
CA ASN E 266 -0.32 8.74 -29.40
C ASN E 266 -0.28 10.07 -30.10
N GLU E 267 -1.44 10.58 -30.52
CA GLU E 267 -1.49 11.89 -31.17
C GLU E 267 -1.09 12.99 -30.19
N PHE E 268 -1.59 12.91 -28.95
CA PHE E 268 -1.26 13.90 -27.94
C PHE E 268 0.25 14.03 -27.75
N ASN E 269 0.95 12.89 -27.68
CA ASN E 269 2.39 12.92 -27.48
C ASN E 269 3.11 13.52 -28.69
N LEU E 270 2.62 13.22 -29.90
CA LEU E 270 3.23 13.79 -31.10
C LEU E 270 3.17 15.30 -31.10
N ILE E 271 2.00 15.87 -30.74
CA ILE E 271 1.87 17.31 -30.65
C ILE E 271 2.83 17.86 -29.60
N CYS E 272 2.97 17.14 -28.48
CA CYS E 272 3.83 17.62 -27.40
C CYS E 272 5.30 17.54 -27.77
N ARG E 273 5.74 16.40 -28.31
CA ARG E 273 7.13 16.26 -28.73
C ARG E 273 7.52 17.30 -29.76
N GLU E 274 6.59 17.67 -30.65
CA GLU E 274 6.89 18.61 -31.71
C GLU E 274 7.15 20.02 -31.18
N ASN E 275 6.51 20.40 -30.08
CA ASN E 275 6.57 21.76 -29.56
C ASN E 275 7.27 21.84 -28.22
N ASN E 276 8.06 20.82 -27.87
CA ASN E 276 8.87 20.82 -26.63
C ASN E 276 8.00 20.95 -25.38
N LEU E 277 6.80 20.38 -25.43
CA LEU E 277 5.92 20.30 -24.26
C LEU E 277 6.19 18.99 -23.53
N ILE E 278 6.11 19.04 -22.20
CA ILE E 278 6.39 17.88 -21.36
C ILE E 278 5.13 17.52 -20.59
N ILE E 279 4.82 16.23 -20.55
CA ILE E 279 3.62 15.74 -19.87
C ILE E 279 3.98 15.39 -18.43
N ASN E 280 3.24 15.94 -17.48
CA ASN E 280 3.39 15.59 -16.07
C ASN E 280 2.80 14.20 -15.87
N ASP E 281 3.68 13.18 -15.86
CA ASP E 281 3.22 11.80 -15.83
C ASP E 281 2.60 11.41 -14.50
N ASN E 282 2.82 12.20 -13.44
CA ASN E 282 2.30 11.81 -12.13
C ASN E 282 0.80 12.10 -12.01
N LYS E 283 0.33 13.19 -12.63
CA LYS E 283 -1.09 13.53 -12.61
C LYS E 283 -1.87 12.84 -13.73
N THR E 284 -1.29 11.82 -14.36
CA THR E 284 -1.98 11.08 -15.41
C THR E 284 -2.78 9.94 -14.76
N LYS E 285 -4.10 10.03 -14.86
CA LYS E 285 -4.99 9.05 -14.26
C LYS E 285 -6.16 8.79 -15.19
N VAL E 286 -6.87 7.69 -14.92
CA VAL E 286 -8.11 7.36 -15.60
C VAL E 286 -9.17 7.11 -14.54
N ASP E 287 -10.31 7.80 -14.65
CA ASP E 287 -11.43 7.62 -13.75
C ASP E 287 -12.47 6.76 -14.46
N ASN E 288 -12.70 5.56 -13.93
CA ASN E 288 -13.77 4.71 -14.43
C ASN E 288 -15.09 5.09 -13.75
N PHE E 289 -16.18 4.85 -14.46
CA PHE E 289 -17.51 5.13 -13.95
C PHE E 289 -17.90 4.06 -12.93
N PRO E 290 -18.53 4.43 -11.80
CA PRO E 290 -18.99 5.76 -11.35
C PRO E 290 -17.83 6.74 -11.07
N PHE E 291 -17.95 7.95 -11.61
CA PHE E 291 -16.85 8.90 -11.57
C PHE E 291 -16.69 9.53 -10.20
N VAL E 292 -15.43 9.74 -9.81
CA VAL E 292 -15.13 10.51 -8.62
C VAL E 292 -15.54 11.96 -8.85
N ASP E 293 -15.90 12.63 -7.76
CA ASP E 293 -16.08 14.09 -7.79
C ASP E 293 -15.80 14.59 -6.37
N LYS E 294 -14.54 14.90 -6.11
CA LYS E 294 -14.09 15.35 -4.80
C LYS E 294 -14.19 16.86 -4.63
N SER E 295 -14.83 17.56 -5.57
CA SER E 295 -14.81 19.02 -5.60
C SER E 295 -16.18 19.65 -5.34
N SER E 296 -17.08 18.92 -4.68
CA SER E 296 -18.43 19.44 -4.43
C SER E 296 -18.42 20.32 -3.19
N LYS E 297 -18.87 21.57 -3.34
CA LYS E 297 -18.91 22.54 -2.26
C LYS E 297 -20.30 22.65 -1.64
N SER E 298 -21.19 21.70 -1.89
CA SER E 298 -22.57 21.81 -1.43
C SER E 298 -22.63 21.89 0.10
N ASP E 299 -21.81 21.07 0.78
CA ASP E 299 -21.81 21.08 2.24
C ASP E 299 -21.16 22.34 2.80
N ILE E 300 -20.23 22.94 2.06
CA ILE E 300 -19.57 24.16 2.52
C ILE E 300 -20.54 25.34 2.46
N PHE E 301 -21.25 25.50 1.33
CA PHE E 301 -22.12 26.65 1.16
C PHE E 301 -23.32 26.59 2.10
N SER E 302 -23.81 25.39 2.39
CA SER E 302 -24.89 25.20 3.36
C SER E 302 -24.38 24.95 4.77
N PHE E 303 -23.19 25.47 5.10
CA PHE E 303 -22.65 25.29 6.45
C PHE E 303 -23.41 26.12 7.47
N PHE E 304 -23.84 27.32 7.09
CA PHE E 304 -24.50 28.24 8.01
C PHE E 304 -26.01 28.26 7.84
N GLU E 305 -26.58 27.23 7.20
CA GLU E 305 -28.01 27.20 6.88
C GLU E 305 -28.86 27.08 8.14
N ASN E 306 -28.21 26.96 9.30
CA ASN E 306 -28.89 26.72 10.56
C ASN E 306 -28.73 27.84 11.57
N ILE E 307 -27.92 28.86 11.29
CA ILE E 307 -27.63 29.91 12.25
C ILE E 307 -28.32 31.20 11.79
N THR E 308 -28.65 32.05 12.77
CA THR E 308 -29.39 33.28 12.49
C THR E 308 -28.83 34.42 13.32
N SER E 309 -29.32 35.64 13.02
CA SER E 309 -28.90 36.82 13.76
C SER E 309 -29.39 36.78 15.22
N THR E 310 -30.44 36.02 15.51
CA THR E 310 -30.88 35.87 16.89
C THR E 310 -29.91 35.04 17.72
N ASN E 311 -29.02 34.30 17.08
CA ASN E 311 -28.07 33.48 17.80
C ASN E 311 -27.01 34.35 18.47
N SER E 312 -26.42 33.81 19.54
CA SER E 312 -25.44 34.56 20.31
C SER E 312 -24.21 34.87 19.48
N ASN E 313 -23.54 35.98 19.82
CA ASN E 313 -22.29 36.31 19.15
C ASN E 313 -21.23 35.25 19.39
N ASP E 314 -21.24 34.63 20.57
CA ASP E 314 -20.29 33.56 20.86
C ASP E 314 -20.53 32.34 19.98
N LYS E 315 -21.80 32.04 19.68
CA LYS E 315 -22.10 30.97 18.75
C LYS E 315 -21.55 31.28 17.36
N TRP E 316 -21.74 32.51 16.89
CA TRP E 316 -21.16 32.92 15.61
C TRP E 316 -19.64 32.79 15.64
N ILE E 317 -19.01 33.17 16.74
CA ILE E 317 -17.56 32.99 16.88
C ILE E 317 -17.19 31.52 16.75
N LYS E 318 -17.95 30.64 17.40
CA LYS E 318 -17.64 29.22 17.38
C LYS E 318 -17.88 28.62 16.00
N GLU E 319 -19.05 28.87 15.41
CA GLU E 319 -19.36 28.26 14.14
C GLU E 319 -18.44 28.75 13.03
N ILE E 320 -18.05 30.02 13.07
CA ILE E 320 -17.03 30.52 12.14
C ILE E 320 -15.71 29.79 12.35
N SER E 321 -15.29 29.68 13.60
CA SER E 321 -14.03 29.01 13.90
C SER E 321 -14.08 27.54 13.53
N ASN E 322 -15.22 26.89 13.75
CA ASN E 322 -15.38 25.51 13.31
C ASN E 322 -15.58 25.42 11.79
N PHE E 323 -16.02 26.50 11.15
CA PHE E 323 -16.15 26.49 9.70
C PHE E 323 -14.78 26.52 9.03
N ILE E 324 -13.86 27.32 9.57
CA ILE E 324 -12.51 27.39 9.00
C ILE E 324 -11.84 26.02 9.05
N ASP E 325 -12.08 25.28 10.13
CA ASP E 325 -11.50 23.95 10.27
C ASP E 325 -12.12 22.97 9.27
N TYR E 326 -13.42 23.11 9.03
CA TYR E 326 -14.10 22.24 8.07
C TYR E 326 -13.55 22.41 6.67
N CYS E 327 -13.24 23.65 6.27
CA CYS E 327 -12.76 23.91 4.92
C CYS E 327 -11.29 23.54 4.75
N VAL E 328 -10.46 23.82 5.75
CA VAL E 328 -9.06 23.44 5.68
C VAL E 328 -8.92 21.93 5.62
N ASN E 329 -9.79 21.20 6.33
CA ASN E 329 -9.79 19.74 6.23
C ASN E 329 -10.34 19.28 4.89
N GLU E 330 -11.30 20.01 4.32
CA GLU E 330 -11.85 19.62 3.02
C GLU E 330 -10.85 19.89 1.89
N GLU E 331 -10.04 20.95 2.01
CA GLU E 331 -8.94 21.12 1.08
C GLU E 331 -7.96 19.95 1.17
N HIS E 332 -7.74 19.45 2.37
CA HIS E 332 -6.86 18.29 2.57
C HIS E 332 -7.34 17.08 1.77
N LEU E 333 -8.64 16.81 1.81
CA LEU E 333 -9.19 15.63 1.14
C LEU E 333 -9.13 15.72 -0.37
N GLY E 334 -8.96 16.91 -0.92
CA GLY E 334 -8.92 17.09 -2.36
C GLY E 334 -9.98 18.01 -2.91
N ASN E 335 -10.83 18.59 -2.06
CA ASN E 335 -11.83 19.57 -2.49
C ASN E 335 -11.09 20.86 -2.83
N LYS E 336 -10.58 20.91 -4.06
CA LYS E 336 -9.68 21.98 -4.47
C LYS E 336 -10.37 23.35 -4.40
N GLY E 337 -9.70 24.31 -3.76
CA GLY E 337 -10.20 25.65 -3.58
C GLY E 337 -11.10 25.86 -2.38
N ALA E 338 -11.23 24.86 -1.50
CA ALA E 338 -12.16 24.98 -0.37
C ALA E 338 -11.74 26.08 0.60
N ILE E 339 -10.43 26.24 0.80
CA ILE E 339 -9.94 27.30 1.67
C ILE E 339 -10.30 28.67 1.10
N LYS E 340 -10.24 28.80 -0.24
CA LYS E 340 -10.56 30.07 -0.88
C LYS E 340 -12.02 30.46 -0.68
N CYS E 341 -12.88 29.51 -0.30
CA CYS E 341 -14.29 29.79 -0.07
C CYS E 341 -14.57 30.30 1.33
N ILE E 342 -13.61 30.16 2.25
CA ILE E 342 -13.84 30.56 3.65
C ILE E 342 -14.26 32.03 3.72
N PHE E 343 -13.47 32.91 3.10
CA PHE E 343 -13.76 34.34 3.18
C PHE E 343 -15.08 34.72 2.51
N PRO E 344 -15.39 34.27 1.29
CA PRO E 344 -16.64 34.73 0.66
C PRO E 344 -17.89 34.30 1.40
N VAL E 345 -17.98 33.04 1.85
CA VAL E 345 -19.26 32.60 2.41
C VAL E 345 -19.48 33.22 3.78
N ILE E 346 -18.40 33.45 4.55
CA ILE E 346 -18.54 34.17 5.82
C ILE E 346 -19.10 35.55 5.58
N THR E 347 -18.53 36.26 4.61
CA THR E 347 -19.04 37.58 4.25
C THR E 347 -20.47 37.51 3.74
N ASN E 348 -20.74 36.58 2.81
CA ASN E 348 -22.07 36.46 2.25
C ASN E 348 -23.09 35.98 3.28
N THR E 349 -22.65 35.17 4.25
CA THR E 349 -23.57 34.72 5.30
C THR E 349 -23.93 35.87 6.22
N LEU E 350 -22.92 36.61 6.69
CA LEU E 350 -23.15 37.78 7.53
C LEU E 350 -24.14 38.74 6.87
N LYS E 351 -23.93 39.02 5.59
CA LYS E 351 -24.83 39.92 4.86
C LYS E 351 -26.22 39.32 4.75
N GLN E 352 -26.32 38.06 4.30
CA GLN E 352 -27.63 37.47 4.06
C GLN E 352 -28.40 37.26 5.36
N LYS E 353 -27.74 36.73 6.38
CA LYS E 353 -28.41 36.54 7.67
C LYS E 353 -28.77 37.86 8.32
N LYS E 354 -28.33 38.99 7.76
CA LYS E 354 -28.67 40.32 8.24
C LYS E 354 -28.19 40.54 9.67
N VAL E 355 -26.88 40.43 9.90
CA VAL E 355 -26.30 40.59 11.24
C VAL E 355 -26.05 42.08 11.49
N ASP E 356 -26.41 42.56 12.68
CA ASP E 356 -26.29 43.96 13.02
C ASP E 356 -24.84 44.43 12.95
N THR E 357 -24.64 45.74 12.74
CA THR E 357 -23.30 46.30 12.60
C THR E 357 -22.52 46.23 13.91
N LYS E 358 -23.18 46.47 15.04
CA LYS E 358 -22.49 46.42 16.32
C LYS E 358 -22.12 44.99 16.69
N ASN E 359 -22.92 44.01 16.26
CA ASN E 359 -22.61 42.61 16.54
C ASN E 359 -21.36 42.17 15.79
N ILE E 360 -21.14 42.69 14.58
CA ILE E 360 -19.98 42.26 13.79
C ILE E 360 -18.68 42.76 14.43
N ASP E 361 -18.69 43.99 14.95
CA ASP E 361 -17.53 44.45 15.71
C ASP E 361 -17.24 43.53 16.89
N ASN E 362 -18.29 43.11 17.61
CA ASN E 362 -18.09 42.27 18.78
C ASN E 362 -17.70 40.85 18.40
N ILE E 363 -18.30 40.29 17.35
CA ILE E 363 -17.93 38.94 16.92
C ILE E 363 -16.45 38.88 16.58
N PHE E 364 -15.94 39.90 15.90
CA PHE E 364 -14.60 39.84 15.32
C PHE E 364 -13.53 40.52 16.16
N SER E 365 -13.89 41.28 17.18
CA SER E 365 -12.91 41.90 18.07
C SER E 365 -13.01 41.40 19.50
N LYS E 366 -13.75 40.34 19.75
CA LYS E 366 -13.89 39.81 21.10
C LYS E 366 -12.66 39.01 21.49
N ARG E 367 -12.18 39.22 22.71
CA ARG E 367 -11.07 38.47 23.28
C ARG E 367 -11.58 37.71 24.49
N ASN E 368 -11.62 36.38 24.38
CA ASN E 368 -11.99 35.55 25.52
C ASN E 368 -10.98 35.73 26.65
N MET E 369 -11.47 36.20 27.80
CA MET E 369 -10.58 36.34 28.95
C MET E 369 -10.00 35.00 29.36
N VAL E 370 -10.74 33.91 29.13
CA VAL E 370 -10.26 32.59 29.52
C VAL E 370 -9.19 32.09 28.55
N THR E 371 -9.45 32.22 27.25
CA THR E 371 -8.68 31.52 26.23
C THR E 371 -7.81 32.42 25.35
N ASN E 372 -7.94 33.74 25.47
CA ASN E 372 -7.26 34.71 24.60
C ASN E 372 -7.60 34.50 23.13
N PHE E 373 -8.70 33.82 22.82
CA PHE E 373 -9.03 33.50 21.44
C PHE E 373 -9.81 34.64 20.80
N ASN E 374 -9.33 35.10 19.65
CA ASN E 374 -10.04 36.05 18.82
C ASN E 374 -10.13 35.46 17.42
N VAL E 375 -11.34 35.47 16.85
CA VAL E 375 -11.56 34.75 15.60
C VAL E 375 -10.90 35.45 14.42
N PHE E 376 -10.79 36.78 14.46
CA PHE E 376 -10.12 37.49 13.37
C PHE E 376 -8.62 37.21 13.37
N GLU E 377 -8.02 37.11 14.57
CA GLU E 377 -6.63 36.71 14.68
C GLU E 377 -6.42 35.32 14.11
N LYS E 378 -7.41 34.42 14.28
CA LYS E 378 -7.33 33.10 13.66
C LYS E 378 -7.31 33.20 12.14
N ILE E 379 -8.26 33.95 11.57
CA ILE E 379 -8.32 34.09 10.12
C ILE E 379 -7.02 34.68 9.59
N LEU E 380 -6.49 35.69 10.26
CA LEU E 380 -5.18 36.25 9.89
C LEU E 380 -4.10 35.17 9.88
N ASP E 381 -3.99 34.42 10.98
CA ASP E 381 -2.98 33.36 11.07
C ASP E 381 -3.13 32.35 9.96
N LEU E 382 -4.37 32.02 9.59
CA LEU E 382 -4.62 31.14 8.46
C LEU E 382 -4.03 31.72 7.17
N SER E 383 -4.24 33.02 6.94
CA SER E 383 -3.76 33.67 5.72
C SER E 383 -2.24 33.62 5.59
N LEU E 384 -1.52 33.47 6.70
CA LEU E 384 -0.06 33.41 6.67
C LEU E 384 0.49 32.01 6.44
N LYS E 385 -0.39 31.03 6.20
CA LYS E 385 0.04 29.67 5.86
C LYS E 385 0.04 29.43 4.35
N ASP E 386 -0.34 30.45 3.57
CA ASP E 386 -0.29 30.37 2.11
C ASP E 386 -0.38 31.81 1.60
N SER E 387 0.78 32.40 1.30
CA SER E 387 0.85 33.81 0.92
C SER E 387 0.01 34.15 -0.30
N ARG E 388 -0.49 33.15 -1.03
CA ARG E 388 -1.43 33.35 -2.12
C ARG E 388 -2.84 33.71 -1.63
N LEU E 389 -2.98 33.89 -0.31
CA LEU E 389 -4.23 34.31 0.31
C LEU E 389 -4.17 35.73 0.83
N THR E 390 -3.08 36.46 0.58
CA THR E 390 -2.94 37.83 1.06
C THR E 390 -4.10 38.69 0.60
N ASN E 391 -4.42 38.64 -0.71
CA ASN E 391 -5.48 39.46 -1.25
C ASN E 391 -6.84 39.02 -0.73
N LYS E 392 -7.06 37.71 -0.62
CA LYS E 392 -8.31 37.19 -0.05
C LYS E 392 -8.55 37.73 1.35
N PHE E 393 -7.53 37.68 2.20
CA PHE E 393 -7.69 38.11 3.58
C PHE E 393 -7.97 39.60 3.68
N LEU E 394 -7.28 40.41 2.87
CA LEU E 394 -7.44 41.85 2.96
C LEU E 394 -8.78 42.30 2.39
N THR E 395 -9.21 41.68 1.28
CA THR E 395 -10.55 41.96 0.77
C THR E 395 -11.62 41.48 1.73
N PHE E 396 -11.34 40.40 2.46
CA PHE E 396 -12.26 39.94 3.50
C PHE E 396 -12.34 40.95 4.64
N PHE E 397 -11.19 41.45 5.09
CA PHE E 397 -11.19 42.49 6.11
C PHE E 397 -11.89 43.75 5.61
N GLU E 398 -11.62 44.13 4.35
CA GLU E 398 -12.30 45.28 3.77
C GLU E 398 -13.81 45.15 3.85
N ASN E 399 -14.32 43.91 3.79
CA ASN E 399 -15.76 43.70 3.76
C ASN E 399 -16.38 43.78 5.15
N ILE E 400 -15.78 43.12 6.15
CA ILE E 400 -16.33 43.22 7.49
C ILE E 400 -16.02 44.57 8.12
N ASN E 401 -14.99 45.27 7.62
CA ASN E 401 -14.80 46.67 7.99
C ASN E 401 -16.03 47.49 7.65
N GLU E 402 -16.48 47.41 6.38
CA GLU E 402 -17.65 48.13 5.94
C GLU E 402 -18.93 47.64 6.62
N PHE E 403 -18.91 46.43 7.17
CA PHE E 403 -20.07 45.89 7.88
C PHE E 403 -20.11 46.28 9.35
N GLY E 404 -18.99 46.74 9.92
CA GLY E 404 -19.01 47.19 11.29
C GLY E 404 -17.72 47.01 12.06
N PHE E 405 -16.92 46.00 11.67
CA PHE E 405 -15.69 45.68 12.37
C PHE E 405 -14.76 46.88 12.41
N SER E 406 -14.48 47.38 13.60
CA SER E 406 -13.74 48.62 13.76
C SER E 406 -12.32 48.49 13.21
N SER E 407 -11.93 49.45 12.37
CA SER E 407 -10.57 49.48 11.85
C SER E 407 -9.55 49.53 12.99
N LEU E 408 -9.88 50.23 14.08
CA LEU E 408 -8.99 50.29 15.23
C LEU E 408 -8.82 48.91 15.85
N SER E 409 -9.93 48.23 16.15
CA SER E 409 -9.86 46.91 16.77
C SER E 409 -9.06 45.94 15.90
N ALA E 410 -9.24 45.99 14.58
CA ALA E 410 -8.49 45.12 13.70
C ALA E 410 -7.00 45.40 13.78
N SER E 411 -6.62 46.67 13.73
CA SER E 411 -5.20 47.02 13.78
C SER E 411 -4.57 46.56 15.08
N ASN E 412 -5.31 46.66 16.20
CA ASN E 412 -4.79 46.20 17.48
C ASN E 412 -4.61 44.68 17.49
N ILE E 413 -5.54 43.95 16.87
CA ILE E 413 -5.48 42.49 16.88
C ILE E 413 -4.25 42.02 16.12
N VAL E 414 -4.01 42.57 14.93
CA VAL E 414 -2.84 42.21 14.15
C VAL E 414 -1.56 42.63 14.86
N LYS E 415 -1.56 43.82 15.45
CA LYS E 415 -0.41 44.29 16.22
C LYS E 415 -0.05 43.31 17.33
N LYS E 416 -1.06 42.74 18.00
CA LYS E 416 -0.81 41.79 19.07
C LYS E 416 -0.17 40.52 18.54
N TYR E 417 -0.73 39.98 17.45
CA TYR E 417 -0.15 38.84 16.75
C TYR E 417 1.35 39.04 16.51
N PHE E 418 1.69 40.16 15.86
CA PHE E 418 3.09 40.42 15.52
C PHE E 418 3.98 40.58 16.75
N SER E 419 3.40 40.94 17.89
CA SER E 419 4.17 41.01 19.13
C SER E 419 4.38 39.63 19.73
N ASN E 420 3.35 38.78 19.70
CA ASN E 420 3.48 37.43 20.24
C ASN E 420 4.49 36.62 19.45
N ASN E 421 4.52 36.80 18.13
CA ASN E 421 5.34 36.00 17.23
C ASN E 421 6.47 36.82 16.60
N SER E 422 7.09 37.70 17.38
CA SER E 422 8.25 38.43 16.87
C SER E 422 9.39 37.47 16.54
N LYS E 423 9.70 36.56 17.48
CA LYS E 423 10.73 35.56 17.24
C LYS E 423 10.49 34.80 15.94
N GLY E 424 9.29 34.22 15.78
CA GLY E 424 9.01 33.43 14.60
C GLY E 424 8.99 34.24 13.32
N LEU E 425 8.32 35.40 13.35
CA LEU E 425 8.19 36.21 12.14
C LEU E 425 9.54 36.73 11.66
N LYS E 426 10.41 37.15 12.57
CA LYS E 426 11.74 37.59 12.18
C LYS E 426 12.59 36.44 11.66
N GLU E 427 12.34 35.22 12.14
CA GLU E 427 12.99 34.05 11.56
C GLU E 427 12.52 33.82 10.13
N LYS E 428 11.20 33.94 9.90
CA LYS E 428 10.66 33.71 8.57
C LYS E 428 11.06 34.82 7.60
N ILE E 429 11.16 36.06 8.07
CA ILE E 429 11.58 37.16 7.21
C ILE E 429 12.99 36.93 6.70
N ASP E 430 13.92 36.66 7.61
CA ASP E 430 15.30 36.40 7.21
C ASP E 430 15.44 35.10 6.41
N HIS E 431 14.44 34.22 6.46
CA HIS E 431 14.45 33.03 5.63
C HIS E 431 14.04 33.34 4.20
N TYR E 432 12.91 34.02 4.03
CA TYR E 432 12.42 34.35 2.69
C TYR E 432 13.43 35.21 1.93
N ARG E 433 14.21 36.01 2.64
CA ARG E 433 15.28 36.77 2.00
C ARG E 433 16.32 35.86 1.38
N LYS E 434 16.86 34.93 2.18
CA LYS E 434 17.98 34.09 1.77
C LYS E 434 17.61 33.08 0.70
N ASN E 435 16.32 32.85 0.44
CA ASN E 435 15.89 31.87 -0.54
C ASN E 435 14.96 32.47 -1.59
N ASN E 436 14.80 33.79 -1.60
CA ASN E 436 14.01 34.49 -2.62
C ASN E 436 12.58 33.93 -2.71
N PHE E 437 12.03 33.58 -1.54
CA PHE E 437 10.58 33.41 -1.39
C PHE E 437 9.95 34.80 -1.22
N ASN E 438 10.09 35.61 -2.26
CA ASN E 438 9.87 37.06 -2.11
C ASN E 438 8.39 37.43 -1.99
N GLN E 439 7.46 36.54 -2.35
CA GLN E 439 6.07 36.82 -2.07
C GLN E 439 5.77 36.67 -0.58
N GLU E 440 6.24 35.59 0.03
CA GLU E 440 6.09 35.39 1.47
C GLU E 440 6.60 36.59 2.25
N LEU E 441 7.64 37.25 1.74
CA LEU E 441 8.14 38.48 2.36
C LEU E 441 7.19 39.64 2.11
N TYR E 442 6.67 39.76 0.88
CA TYR E 442 5.76 40.84 0.53
C TYR E 442 4.52 40.84 1.41
N GLN E 443 4.04 39.65 1.79
CA GLN E 443 2.84 39.56 2.62
C GLN E 443 3.07 40.16 4.00
N ILE E 444 4.13 39.72 4.69
CA ILE E 444 4.46 40.26 6.00
C ILE E 444 4.60 41.77 5.93
N LEU E 445 5.42 42.26 4.99
CA LEU E 445 5.63 43.69 4.85
C LEU E 445 4.34 44.42 4.54
N LEU E 446 3.46 43.80 3.74
CA LEU E 446 2.19 44.44 3.42
C LEU E 446 1.27 44.49 4.62
N TYR E 447 1.25 43.43 5.43
CA TYR E 447 0.45 43.46 6.65
C TYR E 447 0.93 44.54 7.60
N MET E 448 2.24 44.82 7.59
CA MET E 448 2.79 45.83 8.48
C MET E 448 2.39 47.24 8.05
N VAL E 449 2.50 47.54 6.74
CA VAL E 449 2.14 48.87 6.27
C VAL E 449 0.64 49.12 6.39
N VAL E 450 -0.17 48.09 6.13
CA VAL E 450 -1.62 48.25 6.17
C VAL E 450 -2.10 48.40 7.62
N PHE E 451 -1.63 47.52 8.51
CA PHE E 451 -2.11 47.49 9.89
C PHE E 451 -1.20 48.23 10.85
N GLU E 452 -0.22 49.00 10.35
CA GLU E 452 0.58 49.92 11.15
C GLU E 452 1.34 49.19 12.25
N ILE E 453 2.31 48.37 11.82
CA ILE E 453 3.10 47.54 12.73
C ILE E 453 4.46 48.21 12.85
N ASP E 454 4.61 49.06 13.87
CA ASP E 454 5.82 49.84 14.04
C ASP E 454 6.77 49.25 15.09
N ASP E 455 6.45 48.10 15.68
CA ASP E 455 7.21 47.57 16.80
C ASP E 455 7.93 46.26 16.48
N LEU E 456 8.02 45.89 15.21
CA LEU E 456 8.62 44.60 14.83
C LEU E 456 10.07 44.75 14.40
N LEU E 457 10.31 45.52 13.34
CA LEU E 457 11.66 45.71 12.81
C LEU E 457 12.21 47.05 13.22
N ASN E 458 13.44 47.06 13.74
CA ASN E 458 14.09 48.32 14.09
C ASN E 458 14.67 48.97 12.83
N GLN E 459 15.34 50.11 13.02
CA GLN E 459 15.85 50.87 11.89
C GLN E 459 16.83 50.05 11.06
N GLU E 460 17.78 49.39 11.73
CA GLU E 460 18.79 48.61 11.02
C GLU E 460 18.15 47.45 10.25
N GLU E 461 17.23 46.74 10.90
CA GLU E 461 16.58 45.59 10.25
C GLU E 461 15.82 46.01 9.00
N LEU E 462 15.22 47.21 9.03
CA LEU E 462 14.52 47.72 7.85
C LEU E 462 15.51 48.07 6.74
N LEU E 463 16.61 48.74 7.09
CA LEU E 463 17.61 49.10 6.10
C LEU E 463 18.17 47.87 5.39
N ASN E 464 18.33 46.76 6.14
CA ASN E 464 18.84 45.53 5.55
C ASN E 464 17.83 44.85 4.62
N LEU E 465 16.65 45.43 4.42
CA LEU E 465 15.74 44.96 3.39
C LEU E 465 16.03 45.60 2.03
N ILE E 466 16.70 46.74 2.01
CA ILE E 466 16.96 47.47 0.76
C ILE E 466 18.22 46.86 0.17
N ASP E 467 18.05 45.70 -0.46
CA ASP E 467 19.18 44.93 -0.98
C ASP E 467 18.76 44.25 -2.27
N LEU E 468 19.70 43.51 -2.86
CA LEU E 468 19.41 42.68 -4.01
C LEU E 468 18.72 41.40 -3.57
N ASN E 469 18.22 40.65 -4.56
CA ASN E 469 17.39 39.46 -4.35
C ASN E 469 16.10 39.79 -3.61
N ILE E 470 15.72 41.06 -3.60
CA ILE E 470 14.46 41.52 -3.02
C ILE E 470 13.62 42.10 -4.16
N ASP E 471 12.38 41.63 -4.27
CA ASP E 471 11.54 42.09 -5.37
C ASP E 471 11.15 43.55 -5.16
N ASP E 472 10.76 44.20 -6.27
CA ASP E 472 10.41 45.62 -6.21
C ASP E 472 9.28 45.88 -5.23
N TYR E 473 8.29 44.99 -5.19
CA TYR E 473 7.10 45.24 -4.39
C TYR E 473 7.42 45.25 -2.90
N SER E 474 8.12 44.23 -2.41
CA SER E 474 8.54 44.24 -1.01
C SER E 474 9.53 45.35 -0.75
N LEU E 475 10.34 45.72 -1.75
CA LEU E 475 11.22 46.86 -1.62
C LEU E 475 10.44 48.15 -1.38
N ILE E 476 9.38 48.35 -2.17
CA ILE E 476 8.52 49.52 -1.98
C ILE E 476 7.90 49.52 -0.60
N LEU E 477 7.39 48.35 -0.18
CA LEU E 477 6.78 48.26 1.15
C LEU E 477 7.79 48.52 2.26
N GLY E 478 8.98 47.94 2.15
CA GLY E 478 10.00 48.19 3.15
C GLY E 478 10.41 49.65 3.22
N THR E 479 10.46 50.31 2.06
CA THR E 479 10.74 51.74 2.05
C THR E 479 9.61 52.53 2.72
N ILE E 480 8.36 52.16 2.43
CA ILE E 480 7.21 52.81 3.06
C ILE E 480 7.29 52.67 4.58
N LEU E 481 7.59 51.45 5.05
CA LEU E 481 7.74 51.23 6.49
C LEU E 481 8.77 52.16 7.10
N TYR E 482 9.90 52.35 6.43
CA TYR E 482 10.91 53.28 6.91
C TYR E 482 10.37 54.71 6.96
N LEU E 483 9.67 55.12 5.90
CA LEU E 483 9.16 56.49 5.83
C LEU E 483 8.09 56.75 6.89
N LYS E 484 7.26 55.75 7.18
CA LYS E 484 6.18 55.93 8.14
C LYS E 484 6.69 56.19 9.57
N ASN E 485 8.00 56.11 9.80
CA ASN E 485 8.59 56.38 11.11
C ASN E 485 9.35 57.69 10.99
N SER E 486 8.86 58.72 11.71
CA SER E 486 9.42 60.05 11.54
C SER E 486 10.83 60.15 12.12
N SER E 487 11.09 59.41 13.20
CA SER E 487 12.36 59.55 13.91
C SER E 487 13.52 58.88 13.19
N TYR E 488 13.26 58.15 12.12
CA TYR E 488 14.35 57.57 11.33
C TYR E 488 14.88 58.59 10.33
N LYS E 489 16.19 58.80 10.36
CA LYS E 489 16.80 59.80 9.50
C LYS E 489 16.81 59.34 8.06
N LEU E 490 16.26 60.18 7.17
CA LEU E 490 16.18 59.86 5.75
C LEU E 490 17.55 59.67 5.11
N GLU E 491 18.64 60.05 5.80
CA GLU E 491 19.96 59.97 5.19
C GLU E 491 20.41 58.52 5.01
N LYS E 492 20.22 57.69 6.04
CA LYS E 492 20.65 56.30 5.95
C LYS E 492 19.88 55.54 4.88
N LEU E 493 18.59 55.86 4.71
CA LEU E 493 17.79 55.17 3.71
C LEU E 493 18.29 55.46 2.30
N LEU E 494 18.68 56.71 2.03
CA LEU E 494 19.23 57.06 0.72
C LEU E 494 20.49 56.26 0.42
N LYS E 495 21.40 56.17 1.40
CA LYS E 495 22.65 55.45 1.21
C LYS E 495 22.40 53.99 0.85
N LYS E 496 21.32 53.40 1.36
CA LYS E 496 20.97 52.04 0.99
C LYS E 496 20.32 51.97 -0.39
N ILE E 497 19.57 53.02 -0.77
CA ILE E 497 18.91 53.03 -2.06
C ILE E 497 19.91 53.39 -3.17
N ASP E 498 20.74 54.40 -2.94
CA ASP E 498 21.75 54.78 -3.92
C ASP E 498 22.72 53.63 -4.17
N GLN E 499 23.19 52.99 -3.10
CA GLN E 499 24.05 51.81 -3.25
C GLN E 499 23.35 50.73 -4.05
N LEU E 500 22.05 50.57 -3.84
CA LEU E 500 21.31 49.51 -4.52
C LEU E 500 21.16 49.82 -6.01
N PHE E 501 20.75 51.04 -6.34
CA PHE E 501 20.64 51.44 -7.74
C PHE E 501 22.01 51.35 -8.44
N ILE E 502 23.06 51.79 -7.76
CA ILE E 502 24.40 51.78 -8.36
C ILE E 502 24.84 50.34 -8.63
N ASN E 503 24.53 49.42 -7.73
CA ASN E 503 25.04 48.06 -7.84
C ASN E 503 24.37 47.28 -8.97
N THR E 504 23.08 47.52 -9.19
CA THR E 504 22.39 46.78 -10.25
C THR E 504 22.67 47.35 -11.64
N HIS E 505 22.96 48.65 -11.74
CA HIS E 505 23.37 49.21 -13.03
C HIS E 505 24.72 48.66 -13.47
N ALA E 506 25.57 48.27 -12.53
CA ALA E 506 26.89 47.76 -12.87
C ALA E 506 26.84 46.48 -13.69
N ASN E 507 25.70 45.78 -13.70
CA ASN E 507 25.55 44.53 -14.43
C ASN E 507 25.11 44.71 -15.87
N TYR E 508 25.19 45.93 -16.40
CA TYR E 508 24.70 46.21 -17.73
C TYR E 508 25.77 46.96 -18.53
N ASP E 509 25.66 46.84 -19.86
CA ASP E 509 26.34 47.77 -20.74
C ASP E 509 26.02 49.19 -20.30
N VAL E 510 27.08 49.98 -20.07
CA VAL E 510 26.91 51.30 -19.47
C VAL E 510 25.97 52.17 -20.30
N LYS E 511 25.72 51.81 -21.55
CA LYS E 511 24.79 52.52 -22.41
C LYS E 511 23.34 52.08 -22.22
N THR E 512 23.05 51.25 -21.21
CA THR E 512 21.69 50.79 -20.95
C THR E 512 20.95 51.81 -20.09
N SER E 513 19.70 52.11 -20.46
CA SER E 513 18.88 53.02 -19.70
C SER E 513 18.35 52.33 -18.44
N ARG E 514 18.28 53.08 -17.34
CA ARG E 514 17.88 52.49 -16.07
C ARG E 514 16.45 51.98 -16.11
N MET E 515 15.55 52.72 -16.77
CA MET E 515 14.16 52.29 -16.86
C MET E 515 13.97 51.09 -17.78
N ALA E 516 15.05 50.55 -18.34
CA ALA E 516 15.01 49.29 -19.05
C ALA E 516 15.60 48.13 -18.26
N GLU E 517 16.19 48.41 -17.09
CA GLU E 517 16.84 47.41 -16.28
C GLU E 517 15.86 46.83 -15.27
N LYS E 518 16.39 46.06 -14.32
CA LYS E 518 15.60 45.58 -13.20
C LYS E 518 15.32 46.74 -12.24
N LEU E 519 14.41 46.50 -11.29
CA LEU E 519 14.01 47.49 -10.30
C LEU E 519 13.37 48.71 -10.94
N TRP E 520 12.72 48.53 -12.09
CA TRP E 520 12.09 49.65 -12.77
C TRP E 520 10.93 50.21 -11.95
N LEU E 521 10.22 49.37 -11.21
CA LEU E 521 9.11 49.84 -10.38
C LEU E 521 9.62 50.60 -9.16
N PHE E 522 10.58 50.01 -8.45
CA PHE E 522 11.18 50.69 -7.30
C PHE E 522 11.81 52.00 -7.71
N ARG E 523 12.49 52.02 -8.85
CA ARG E 523 13.04 53.27 -9.37
C ARG E 523 11.95 54.29 -9.61
N TYR E 524 10.86 53.87 -10.26
CA TYR E 524 9.74 54.77 -10.51
C TYR E 524 9.14 55.28 -9.19
N PHE E 525 8.95 54.36 -8.23
CA PHE E 525 8.39 54.75 -6.94
C PHE E 525 9.26 55.82 -6.28
N PHE E 526 10.57 55.61 -6.26
CA PHE E 526 11.48 56.56 -5.63
C PHE E 526 11.49 57.89 -6.39
N TYR E 527 11.60 57.83 -7.72
CA TYR E 527 11.68 59.06 -8.51
C TYR E 527 10.40 59.89 -8.37
N PHE E 528 9.25 59.23 -8.38
CA PHE E 528 7.98 59.94 -8.21
C PHE E 528 7.94 60.69 -6.88
N LEU E 529 8.45 60.06 -5.82
CA LEU E 529 8.44 60.71 -4.51
C LEU E 529 9.39 61.90 -4.48
N ASN E 530 10.57 61.77 -5.11
CA ASN E 530 11.51 62.88 -5.13
C ASN E 530 10.97 64.06 -5.94
N CYS E 531 10.25 63.78 -7.03
CA CYS E 531 9.62 64.85 -7.79
C CYS E 531 8.48 65.49 -7.00
N LYS E 532 7.69 64.67 -6.29
CA LYS E 532 6.68 65.18 -5.37
C LYS E 532 7.29 65.86 -4.15
N ASN E 533 8.62 65.84 -4.02
CA ASN E 533 9.40 66.43 -2.92
C ASN E 533 9.12 65.77 -1.59
N ILE E 534 8.51 64.58 -1.58
CA ILE E 534 8.41 63.79 -0.35
C ILE E 534 9.79 63.60 0.26
N PHE E 535 10.75 63.16 -0.56
CA PHE E 535 12.16 63.24 -0.21
C PHE E 535 12.55 64.71 -0.29
N SER E 536 12.72 65.33 0.88
CA SER E 536 13.06 66.76 0.93
C SER E 536 14.26 67.05 0.07
N GLN E 537 14.07 67.91 -0.93
CA GLN E 537 15.15 68.20 -1.87
C GLN E 537 16.35 68.83 -1.17
N LYS E 538 16.11 69.52 -0.05
CA LYS E 538 17.22 69.93 0.80
C LYS E 538 17.91 68.74 1.42
N GLU E 539 17.13 67.74 1.85
CA GLU E 539 17.69 66.50 2.39
C GLU E 539 18.23 65.59 1.30
N ILE E 540 18.00 65.91 0.04
CA ILE E 540 18.64 65.19 -1.06
C ILE E 540 20.00 65.78 -1.39
N ASN E 541 20.08 67.10 -1.48
CA ASN E 541 21.35 67.77 -1.75
C ASN E 541 22.35 67.58 -0.61
N SER E 542 21.87 67.29 0.60
CA SER E 542 22.77 67.03 1.71
C SER E 542 23.51 65.71 1.51
N TYR E 543 22.78 64.64 1.18
CA TYR E 543 23.42 63.34 0.97
C TYR E 543 24.39 63.37 -0.20
N CYS E 544 24.03 64.08 -1.28
CA CYS E 544 24.89 64.09 -2.46
C CYS E 544 26.20 64.81 -2.18
N GLN E 545 26.15 65.94 -1.46
CA GLN E 545 27.39 66.59 -1.06
C GLN E 545 28.24 65.70 -0.17
N SER E 546 27.61 64.77 0.55
CA SER E 546 28.38 63.83 1.36
C SER E 546 29.15 62.85 0.49
N GLN E 547 28.55 62.40 -0.62
CA GLN E 547 29.22 61.50 -1.55
C GLN E 547 30.13 62.24 -2.53
N ASN E 548 30.28 63.55 -2.39
CA ASN E 548 31.08 64.37 -3.30
C ASN E 548 30.66 64.15 -4.76
N TYR E 549 29.35 64.05 -4.98
CA TYR E 549 28.83 63.90 -6.32
C TYR E 549 28.93 65.22 -7.08
N ASN E 550 29.22 65.12 -8.38
CA ASN E 550 29.30 66.31 -9.22
C ASN E 550 27.90 66.80 -9.59
N SER E 551 27.81 68.09 -9.90
CA SER E 551 26.54 68.72 -10.25
C SER E 551 26.62 69.29 -11.66
N GLY E 552 25.57 69.06 -12.44
CA GLY E 552 25.54 69.52 -13.81
C GLY E 552 24.29 70.31 -14.18
N GLN E 553 23.98 70.38 -15.48
CA GLN E 553 22.85 71.17 -15.94
C GLN E 553 21.52 70.60 -15.47
N ASN E 554 21.43 69.28 -15.28
CA ASN E 554 20.18 68.66 -14.89
C ASN E 554 20.06 68.46 -13.39
N GLY E 555 21.19 68.30 -12.68
CA GLY E 555 21.13 68.12 -11.24
C GLY E 555 22.45 67.65 -10.66
N TYR E 556 22.39 66.78 -9.65
CA TYR E 556 23.56 66.37 -8.90
C TYR E 556 24.15 65.05 -9.37
N GLN E 557 23.82 64.62 -10.59
CA GLN E 557 24.51 63.52 -11.29
C GLN E 557 24.64 62.27 -10.43
N THR E 558 23.51 61.82 -9.89
CA THR E 558 23.45 60.56 -9.17
C THR E 558 22.29 59.74 -9.72
N GLU E 559 22.24 58.47 -9.31
CA GLU E 559 21.09 57.64 -9.63
C GLU E 559 19.81 58.24 -9.08
N LEU E 560 19.90 58.96 -7.97
CA LEU E 560 18.72 59.50 -7.31
C LEU E 560 18.08 60.61 -8.13
N ASN E 561 18.88 61.42 -8.82
CA ASN E 561 18.34 62.49 -9.65
C ASN E 561 17.78 61.91 -10.93
N TRP E 562 16.46 61.99 -11.09
CA TRP E 562 15.84 61.48 -12.31
C TRP E 562 16.21 62.34 -13.52
N ASN E 563 16.28 63.66 -13.33
CA ASN E 563 16.57 64.56 -14.45
C ASN E 563 17.86 64.20 -15.15
N TYR E 564 18.86 63.73 -14.38
CA TYR E 564 20.10 63.26 -14.97
C TYR E 564 19.93 61.86 -15.56
N ILE E 565 19.32 60.96 -14.79
CA ILE E 565 19.10 59.58 -15.26
C ILE E 565 18.18 59.55 -16.47
N LYS E 566 17.28 60.53 -16.58
CA LYS E 566 16.29 60.65 -17.65
C LYS E 566 16.89 60.40 -19.02
N GLY E 567 18.09 60.89 -19.27
CA GLY E 567 18.69 60.75 -20.59
C GLY E 567 20.13 60.27 -20.58
N GLN E 568 20.39 59.12 -19.98
CA GLN E 568 21.74 58.56 -19.93
C GLN E 568 21.77 57.15 -20.48
N GLY E 569 21.22 56.95 -21.67
CA GLY E 569 21.25 55.64 -22.30
C GLY E 569 21.19 55.77 -23.80
N LYS E 570 21.65 54.71 -24.47
CA LYS E 570 21.66 54.70 -25.92
C LYS E 570 20.24 54.70 -26.48
N ASP E 571 19.38 53.86 -25.93
CA ASP E 571 17.96 53.82 -26.28
C ASP E 571 17.17 54.37 -25.11
N LEU E 572 16.57 55.54 -25.29
CA LEU E 572 15.83 56.22 -24.23
C LEU E 572 14.31 56.06 -24.36
N ARG E 573 13.84 55.26 -25.32
CA ARG E 573 12.40 55.08 -25.51
C ARG E 573 11.72 54.67 -24.20
N ALA E 574 12.40 53.87 -23.38
CA ALA E 574 11.84 53.49 -22.09
C ALA E 574 11.82 54.67 -21.13
N ASN E 575 12.95 55.34 -20.96
CA ASN E 575 13.01 56.50 -20.07
C ASN E 575 12.03 57.58 -20.51
N ASN E 576 11.95 57.84 -21.81
CA ASN E 576 11.02 58.84 -22.32
C ASN E 576 9.57 58.47 -22.03
N PHE E 577 9.27 57.17 -21.99
CA PHE E 577 7.92 56.73 -21.64
C PHE E 577 7.62 57.04 -20.17
N PHE E 578 8.51 56.64 -19.27
CA PHE E 578 8.29 56.88 -17.84
C PHE E 578 8.41 58.35 -17.48
N ASN E 579 9.22 59.11 -18.23
CA ASN E 579 9.34 60.54 -17.95
C ASN E 579 8.01 61.26 -18.16
N GLU E 580 7.29 60.91 -19.22
CA GLU E 580 5.96 61.47 -19.43
C GLU E 580 5.03 61.15 -18.27
N LEU E 581 5.13 59.93 -17.72
CA LEU E 581 4.27 59.53 -16.62
C LEU E 581 4.58 60.34 -15.36
N ILE E 582 5.86 60.56 -15.07
CA ILE E 582 6.23 61.35 -13.89
C ILE E 582 5.73 62.78 -14.02
N VAL E 583 5.89 63.36 -15.22
CA VAL E 583 5.53 64.76 -15.42
C VAL E 583 4.02 64.96 -15.23
N LYS E 584 3.22 64.05 -15.77
CA LYS E 584 1.77 64.13 -15.66
C LYS E 584 1.25 63.60 -14.32
N GLU E 585 2.13 63.33 -13.37
CA GLU E 585 1.74 62.91 -12.01
C GLU E 585 0.91 61.63 -12.04
N VAL E 586 1.30 60.70 -12.91
CA VAL E 586 0.69 59.37 -12.94
C VAL E 586 1.42 58.50 -11.92
N TRP E 587 0.66 57.93 -10.99
CA TRP E 587 1.23 57.10 -9.94
C TRP E 587 0.93 55.64 -10.19
N LEU E 588 1.94 54.80 -9.96
CA LEU E 588 1.78 53.36 -10.00
C LEU E 588 1.66 52.76 -8.61
N ILE E 589 1.82 53.56 -7.56
CA ILE E 589 1.69 53.14 -6.17
C ILE E 589 0.89 54.20 -5.45
N SER E 590 -0.16 53.78 -4.74
CA SER E 590 -1.05 54.72 -4.08
C SER E 590 -0.45 55.16 -2.76
N CYS E 591 -0.25 56.46 -2.59
CA CYS E 591 0.27 57.01 -1.35
C CYS E 591 -0.76 57.04 -0.23
N GLY E 592 -2.02 56.72 -0.51
CA GLY E 592 -3.06 56.78 0.49
C GLY E 592 -3.98 57.97 0.28
N GLU E 593 -5.10 57.94 1.03
CA GLU E 593 -6.10 59.00 0.92
C GLU E 593 -5.52 60.35 1.34
N ASN E 594 -4.75 60.38 2.43
CA ASN E 594 -4.10 61.59 2.89
C ASN E 594 -2.60 61.60 2.60
N GLU E 595 -2.15 60.72 1.70
CA GLU E 595 -0.73 60.61 1.34
C GLU E 595 0.14 60.41 2.57
N ASP E 596 -0.41 59.74 3.58
CA ASP E 596 0.32 59.39 4.79
C ASP E 596 0.72 57.92 4.81
N PHE E 597 0.57 57.22 3.69
CA PHE E 597 0.83 55.78 3.59
C PHE E 597 0.02 54.98 4.61
N LYS E 598 -1.19 55.46 4.90
CA LYS E 598 -2.17 54.76 5.73
C LYS E 598 -3.32 54.31 4.85
N TYR E 599 -3.85 53.12 5.14
CA TYR E 599 -4.81 52.50 4.23
C TYR E 599 -6.05 51.95 4.94
N LEU E 600 -6.26 52.29 6.21
CA LEU E 600 -7.46 51.87 6.92
C LEU E 600 -8.49 53.00 6.91
N ASN E 601 -9.75 52.61 7.04
CA ASN E 601 -10.86 53.57 6.96
C ASN E 601 -10.77 54.63 8.06
N SER F 2 25.20 -37.21 28.19
CA SER F 2 23.78 -36.89 28.20
C SER F 2 23.58 -35.38 28.19
N MET F 3 22.32 -34.96 28.04
CA MET F 3 22.01 -33.54 27.95
C MET F 3 22.24 -32.83 29.26
N LYS F 4 21.71 -33.38 30.36
CA LYS F 4 21.78 -32.70 31.65
C LYS F 4 23.23 -32.51 32.11
N LYS F 5 24.10 -33.47 31.80
CA LYS F 5 25.49 -33.37 32.22
C LYS F 5 26.19 -32.22 31.50
N GLU F 6 26.10 -32.19 30.17
CA GLU F 6 26.71 -31.08 29.43
C GLU F 6 26.06 -29.75 29.81
N PHE F 7 24.82 -29.79 30.29
CA PHE F 7 24.21 -28.58 30.86
C PHE F 7 24.88 -28.21 32.18
N THR F 8 24.97 -29.18 33.11
CA THR F 8 25.57 -28.91 34.42
C THR F 8 27.03 -28.48 34.27
N GLU F 9 27.78 -29.16 33.40
CA GLU F 9 29.17 -28.78 33.15
C GLU F 9 29.27 -27.31 32.76
N LEU F 10 28.34 -26.84 31.94
CA LEU F 10 28.35 -25.45 31.50
C LEU F 10 28.08 -24.50 32.67
N TYR F 11 27.03 -24.77 33.44
CA TYR F 11 26.62 -23.83 34.48
C TYR F 11 27.57 -23.84 35.68
N ASP F 12 28.15 -25.00 36.02
CA ASP F 12 29.14 -25.04 37.08
C ASP F 12 30.40 -24.27 36.70
N PHE F 13 30.69 -24.16 35.39
CA PHE F 13 31.77 -23.32 34.93
C PHE F 13 31.37 -21.84 34.95
N ILE F 14 30.13 -21.55 34.53
CA ILE F 14 29.68 -20.15 34.44
C ILE F 14 29.53 -19.55 35.83
N PHE F 15 28.89 -20.28 36.74
CA PHE F 15 28.56 -19.77 38.08
C PHE F 15 29.78 -19.84 39.01
N ASP F 16 30.85 -19.17 38.59
CA ASP F 16 32.04 -19.01 39.40
C ASP F 16 32.30 -17.52 39.58
N PRO F 17 32.55 -17.05 40.81
CA PRO F 17 32.68 -15.60 41.02
C PRO F 17 33.76 -14.94 40.17
N ILE F 18 34.87 -15.63 39.92
CA ILE F 18 35.95 -15.04 39.14
C ILE F 18 35.62 -15.04 37.66
N PHE F 19 34.94 -16.09 37.17
CA PHE F 19 34.51 -16.09 35.77
C PHE F 19 33.50 -14.98 35.52
N LEU F 20 32.53 -14.82 36.42
CA LEU F 20 31.47 -13.85 36.24
C LEU F 20 31.96 -12.41 36.28
N VAL F 21 33.24 -12.18 36.59
CA VAL F 21 33.78 -10.83 36.60
C VAL F 21 34.86 -10.69 35.53
N ARG F 22 35.63 -11.75 35.29
CA ARG F 22 36.66 -11.67 34.26
C ARG F 22 36.06 -11.59 32.87
N TYR F 23 35.12 -12.48 32.57
CA TYR F 23 34.39 -12.42 31.31
C TYR F 23 32.98 -11.87 31.46
N GLY F 24 32.42 -11.93 32.67
CA GLY F 24 31.03 -11.56 32.85
C GLY F 24 30.77 -10.08 32.96
N TYR F 25 31.72 -9.31 33.52
CA TYR F 25 31.45 -7.90 33.77
C TYR F 25 31.21 -7.13 32.49
N TYR F 26 31.95 -7.46 31.42
CA TYR F 26 31.80 -6.78 30.14
C TYR F 26 31.04 -7.63 29.13
N ASP F 27 30.32 -8.65 29.59
CA ASP F 27 29.57 -9.56 28.73
C ASP F 27 30.47 -10.18 27.66
N ARG F 28 31.54 -10.81 28.13
CA ARG F 28 32.46 -11.49 27.24
C ARG F 28 32.06 -12.96 27.08
N SER F 29 32.68 -13.61 26.09
CA SER F 29 32.34 -14.98 25.71
C SER F 29 33.61 -15.72 25.35
N ILE F 30 33.76 -16.93 25.88
CA ILE F 30 34.91 -17.78 25.60
C ILE F 30 34.42 -19.09 24.99
N LYS F 31 35.02 -19.46 23.86
CA LYS F 31 34.65 -20.68 23.16
C LYS F 31 35.04 -21.95 23.91
N ASN F 32 36.00 -21.87 24.83
CA ASN F 32 36.59 -23.08 25.39
C ASN F 32 36.95 -22.85 26.85
N LYS F 33 36.81 -23.91 27.66
CA LYS F 33 37.16 -23.84 29.08
C LYS F 33 38.64 -23.55 29.31
N LYS F 34 39.50 -23.91 28.35
CA LYS F 34 40.94 -23.74 28.54
C LYS F 34 41.42 -22.31 28.30
N MET F 35 40.58 -21.45 27.71
CA MET F 35 40.95 -20.04 27.63
C MET F 35 40.90 -19.34 28.97
N ASN F 36 40.38 -19.99 30.02
CA ASN F 36 40.33 -19.43 31.36
C ASN F 36 41.68 -19.70 32.05
N THR F 37 42.71 -19.01 31.55
CA THR F 37 44.06 -19.18 32.05
C THR F 37 44.23 -18.44 33.37
N ALA F 38 45.32 -18.76 34.07
CA ALA F 38 45.66 -18.12 35.33
C ALA F 38 46.54 -16.89 35.16
N LYS F 39 46.97 -16.59 33.94
CA LYS F 39 47.73 -15.38 33.67
C LYS F 39 46.78 -14.22 33.40
N VAL F 40 47.36 -13.03 33.19
CA VAL F 40 46.53 -11.89 32.80
C VAL F 40 46.13 -11.98 31.34
N GLU F 41 47.04 -12.47 30.49
CA GLU F 41 46.76 -12.75 29.08
C GLU F 41 46.21 -11.51 28.37
N LEU F 42 47.01 -10.45 28.38
CA LEU F 42 46.58 -9.19 27.77
C LEU F 42 46.83 -9.16 26.27
N ASP F 43 47.87 -9.86 25.79
CA ASP F 43 48.19 -9.83 24.37
C ASP F 43 47.09 -10.49 23.55
N ASN F 44 46.69 -11.70 23.93
CA ASN F 44 45.67 -12.45 23.20
C ASN F 44 44.28 -12.05 23.69
N GLU F 45 43.37 -11.81 22.75
CA GLU F 45 41.97 -11.67 23.09
C GLU F 45 41.27 -13.00 22.85
N GLY F 47 38.66 -14.05 24.47
CA GLY F 47 37.23 -13.77 24.51
C GLY F 47 36.76 -12.88 23.37
N LYS F 48 35.44 -12.82 23.20
CA LYS F 48 34.81 -12.00 22.17
C LYS F 48 33.68 -11.20 22.80
N SER F 49 33.78 -9.88 22.74
CA SER F 49 32.75 -8.99 23.27
C SER F 49 32.39 -7.96 22.20
N ASP F 50 31.14 -7.53 22.22
CA ASP F 50 30.64 -6.52 21.29
C ASP F 50 30.49 -5.15 21.96
N SER F 51 31.20 -4.91 23.06
CA SER F 51 30.99 -3.70 23.84
C SER F 51 32.26 -2.88 23.99
N PHE F 52 33.13 -3.27 24.92
CA PHE F 52 34.25 -2.44 25.34
C PHE F 52 35.56 -3.08 24.92
N TYR F 53 36.48 -2.25 24.39
CA TYR F 53 37.76 -2.75 23.90
C TYR F 53 38.55 -3.38 25.03
N PHE F 54 38.90 -4.66 24.85
CA PHE F 54 39.56 -5.42 25.90
C PHE F 54 40.95 -4.88 26.21
N LYS F 55 41.68 -4.44 25.18
CA LYS F 55 43.05 -3.97 25.36
C LYS F 55 43.15 -2.76 26.27
N VAL F 56 42.05 -2.07 26.57
CA VAL F 56 42.04 -0.92 27.46
C VAL F 56 41.23 -1.22 28.72
N PHE F 57 40.03 -1.76 28.56
CA PHE F 57 39.12 -2.00 29.68
C PHE F 57 38.91 -3.51 29.83
N ASN F 58 39.37 -4.06 30.96
CA ASN F 58 39.16 -5.46 31.25
C ASN F 58 39.40 -5.70 32.73
N MET F 59 38.89 -6.83 33.22
CA MET F 59 39.05 -7.25 34.59
C MET F 59 40.13 -8.31 34.76
N GLU F 60 41.00 -8.50 33.75
CA GLU F 60 42.05 -9.50 33.84
C GLU F 60 42.96 -9.26 35.02
N SER F 61 43.19 -7.99 35.38
CA SER F 61 43.99 -7.68 36.55
C SER F 61 43.22 -7.91 37.84
N PHE F 62 41.95 -7.51 37.88
CA PHE F 62 41.14 -7.77 39.05
C PHE F 62 40.85 -9.26 39.21
N ALA F 63 40.74 -9.99 38.09
CA ALA F 63 40.59 -11.44 38.17
C ALA F 63 41.85 -12.09 38.71
N ASP F 64 43.02 -11.67 38.22
CA ASP F 64 44.28 -12.23 38.69
C ASP F 64 44.46 -12.00 40.19
N TYR F 65 44.05 -10.83 40.68
CA TYR F 65 44.03 -10.59 42.12
C TYR F 65 43.06 -11.54 42.82
N LEU F 66 41.86 -11.71 42.23
CA LEU F 66 40.82 -12.52 42.85
C LEU F 66 41.22 -13.99 42.98
N ARG F 67 42.15 -14.46 42.15
CA ARG F 67 42.53 -15.87 42.21
C ARG F 67 43.28 -16.20 43.49
N SER F 68 44.24 -15.35 43.87
CA SER F 68 45.06 -15.58 45.04
C SER F 68 44.60 -14.79 46.26
N HIS F 69 43.38 -14.26 46.23
CA HIS F 69 42.85 -13.48 47.34
C HIS F 69 41.34 -13.65 47.37
N ASP F 70 40.81 -13.87 48.57
CA ASP F 70 39.37 -14.06 48.77
C ASP F 70 38.79 -12.89 49.54
N LEU F 71 37.73 -12.29 49.00
CA LEU F 71 37.02 -11.22 49.69
C LEU F 71 35.52 -11.45 49.74
N LYS F 72 35.05 -12.68 49.50
CA LYS F 72 33.65 -13.00 49.73
C LYS F 72 33.28 -12.79 51.19
N THR F 73 34.27 -12.88 52.09
CA THR F 73 34.06 -12.55 53.49
C THR F 73 33.84 -11.06 53.70
N HIS F 74 34.46 -10.23 52.86
CA HIS F 74 34.28 -8.79 52.93
C HIS F 74 32.87 -8.34 52.56
N PHE F 75 32.06 -9.23 51.99
CA PHE F 75 30.73 -8.87 51.51
C PHE F 75 29.59 -9.42 52.35
N ASN F 76 29.78 -10.55 53.04
CA ASN F 76 28.72 -11.16 53.82
C ASN F 76 28.20 -10.19 54.87
N GLY F 77 26.90 -9.91 54.81
CA GLY F 77 26.28 -9.01 55.76
C GLY F 77 24.85 -8.71 55.37
N LYS F 78 24.29 -7.70 56.03
CA LYS F 78 22.93 -7.25 55.79
C LYS F 78 22.95 -5.82 55.25
N LYS F 79 21.88 -5.48 54.51
CA LYS F 79 21.67 -4.13 53.98
C LYS F 79 22.87 -3.66 53.15
N PRO F 80 22.99 -4.09 51.90
CA PRO F 80 24.16 -3.71 51.09
C PRO F 80 24.12 -2.25 50.68
N LEU F 81 25.31 -1.71 50.44
CA LEU F 81 25.45 -0.31 50.04
C LEU F 81 24.80 -0.07 48.69
N SER F 82 24.25 1.12 48.51
CA SER F 82 23.66 1.55 47.25
C SER F 82 24.64 2.48 46.55
N THR F 83 25.11 2.07 45.38
CA THR F 83 26.12 2.80 44.62
C THR F 83 25.51 3.35 43.34
N ASP F 84 26.27 4.25 42.69
CA ASP F 84 25.83 4.82 41.42
C ASP F 84 26.59 4.18 40.27
N PRO F 85 25.91 3.75 39.22
CA PRO F 85 26.60 3.04 38.14
C PRO F 85 27.15 3.98 37.08
N VAL F 86 27.59 3.42 35.96
CA VAL F 86 28.06 4.18 34.81
C VAL F 86 26.95 4.15 33.76
N TYR F 87 26.36 5.31 33.49
CA TYR F 87 25.29 5.42 32.51
C TYR F 87 25.90 5.50 31.12
N PHE F 88 25.59 4.51 30.27
CA PHE F 88 26.23 4.37 28.97
C PHE F 88 25.15 4.09 27.93
N ASN F 89 24.82 5.10 27.12
CA ASN F 89 23.76 4.98 26.12
C ASN F 89 24.35 4.60 24.78
N ILE F 90 23.80 3.55 24.17
CA ILE F 90 24.23 3.05 22.87
C ILE F 90 23.02 3.10 21.93
N PRO F 91 23.19 2.94 20.62
CA PRO F 91 22.05 3.04 19.72
C PRO F 91 21.35 1.69 19.52
N LYS F 92 20.13 1.77 18.99
CA LYS F 92 19.36 0.60 18.60
C LYS F 92 19.11 0.59 17.10
N ASN F 93 18.38 1.56 16.58
CA ASN F 93 18.31 1.84 15.15
C ASN F 93 19.23 3.00 14.84
N ILE F 94 19.05 3.59 13.66
CA ILE F 94 19.56 4.93 13.43
C ILE F 94 18.68 5.96 14.14
N GLU F 95 17.47 5.56 14.54
CA GLU F 95 16.50 6.47 15.13
C GLU F 95 15.91 5.90 16.42
N ALA F 96 16.76 5.29 17.26
CA ALA F 96 16.34 4.80 18.57
C ALA F 96 17.58 4.46 19.38
N ARG F 97 17.44 4.49 20.71
CA ARG F 97 18.55 4.27 21.62
C ARG F 97 18.21 3.19 22.64
N ARG F 98 19.25 2.67 23.28
CA ARG F 98 19.14 1.66 24.32
C ARG F 98 20.07 2.02 25.47
N GLN F 99 19.58 1.85 26.69
CA GLN F 99 20.26 2.34 27.89
C GLN F 99 20.96 1.19 28.60
N TYR F 100 22.29 1.24 28.65
CA TYR F 100 23.08 0.38 29.52
C TYR F 100 23.36 1.09 30.84
N LYS F 101 23.60 0.29 31.88
CA LYS F 101 24.06 0.80 33.18
C LYS F 101 25.12 -0.15 33.70
N MET F 102 26.38 0.32 33.73
CA MET F 102 27.48 -0.52 34.17
C MET F 102 27.66 -0.37 35.67
N PRO F 103 27.47 -1.43 36.46
CA PRO F 103 27.43 -1.28 37.92
C PRO F 103 28.80 -0.95 38.51
N ASN F 104 28.76 -0.24 39.64
CA ASN F 104 29.93 -0.08 40.48
C ASN F 104 30.53 -1.46 40.79
N LEU F 105 31.87 -1.53 40.74
CA LEU F 105 32.53 -2.83 40.88
C LEU F 105 32.23 -3.46 42.23
N TYR F 106 32.21 -2.66 43.29
CA TYR F 106 31.88 -3.20 44.62
C TYR F 106 30.48 -3.78 44.64
N SER F 107 29.47 -2.96 44.31
CA SER F 107 28.09 -3.42 44.34
C SER F 107 27.86 -4.55 43.34
N TYR F 108 28.67 -4.61 42.29
CA TYR F 108 28.63 -5.74 41.36
C TYR F 108 29.01 -7.03 42.06
N MET F 109 30.21 -7.07 42.66
CA MET F 109 30.71 -8.29 43.29
C MET F 109 29.78 -8.80 44.37
N ALA F 110 29.03 -7.91 45.02
CA ALA F 110 28.07 -8.33 46.03
C ALA F 110 26.98 -9.21 45.41
N LEU F 111 26.38 -8.76 44.31
CA LEU F 111 25.40 -9.58 43.62
C LEU F 111 26.05 -10.82 43.01
N ASN F 112 27.27 -10.68 42.48
CA ASN F 112 28.03 -11.82 41.95
C ASN F 112 28.14 -12.93 42.99
N TYR F 113 28.60 -12.60 44.20
CA TYR F 113 28.78 -13.60 45.23
C TYR F 113 27.46 -14.21 45.67
N TYR F 114 26.40 -13.40 45.73
CA TYR F 114 25.11 -13.91 46.18
C TYR F 114 24.57 -14.98 45.23
N ILE F 115 24.74 -14.76 43.91
CA ILE F 115 24.23 -15.72 42.94
C ILE F 115 25.00 -17.03 43.03
N CYS F 116 26.31 -16.96 43.21
CA CYS F 116 27.12 -18.17 43.29
C CYS F 116 26.79 -18.97 44.55
N ASP F 117 26.67 -18.29 45.69
CA ASP F 117 26.25 -18.95 46.92
C ASP F 117 24.83 -19.47 46.85
N ASN F 118 24.07 -19.12 45.81
CA ASN F 118 22.73 -19.64 45.55
C ASN F 118 22.62 -20.14 44.12
N LYS F 119 23.70 -20.75 43.60
CA LYS F 119 23.68 -21.22 42.22
C LYS F 119 22.56 -22.22 41.97
N LYS F 120 22.23 -23.04 42.97
CA LYS F 120 21.19 -24.04 42.82
C LYS F 120 19.84 -23.41 42.48
N GLU F 121 19.60 -22.17 42.92
CA GLU F 121 18.34 -21.51 42.62
C GLU F 121 18.21 -21.17 41.14
N PHE F 122 19.31 -21.17 40.39
CA PHE F 122 19.32 -20.90 38.96
C PHE F 122 19.51 -22.14 38.11
N ILE F 123 20.39 -23.06 38.52
CA ILE F 123 20.74 -24.19 37.67
C ILE F 123 19.62 -25.21 37.65
N GLU F 124 18.95 -25.41 38.79
CA GLU F 124 17.86 -26.40 38.86
C GLU F 124 16.75 -26.08 37.88
N VAL F 125 16.48 -24.80 37.66
CA VAL F 125 15.41 -24.39 36.76
C VAL F 125 15.89 -24.25 35.32
N PHE F 126 17.14 -23.80 35.12
CA PHE F 126 17.68 -23.71 33.76
C PHE F 126 17.66 -25.07 33.06
N ILE F 127 17.85 -26.15 33.82
CA ILE F 127 17.98 -27.47 33.22
C ILE F 127 16.61 -28.04 32.87
N ASP F 128 15.66 -27.97 33.81
CA ASP F 128 14.31 -28.42 33.52
C ASP F 128 13.61 -27.57 32.47
N ASN F 129 14.19 -26.41 32.12
CA ASN F 129 13.61 -25.56 31.10
C ASN F 129 13.75 -26.20 29.73
N LYS F 130 12.69 -26.09 28.92
CA LYS F 130 12.65 -26.71 27.61
C LYS F 130 12.51 -25.74 26.45
N PHE F 131 12.13 -24.48 26.71
CA PHE F 131 11.75 -23.55 25.66
C PHE F 131 12.81 -22.50 25.36
N SER F 132 13.86 -22.38 26.17
CA SER F 132 14.82 -21.31 26.03
C SER F 132 16.02 -21.74 25.20
N THR F 133 16.43 -20.86 24.28
CA THR F 133 17.70 -20.97 23.58
C THR F 133 18.71 -19.94 24.05
N SER F 134 18.37 -19.15 25.06
CA SER F 134 19.26 -18.12 25.60
C SER F 134 19.88 -18.51 26.93
N LYS F 135 19.48 -19.63 27.53
CA LYS F 135 20.02 -20.02 28.83
C LYS F 135 21.50 -20.33 28.77
N PHE F 136 22.03 -20.62 27.58
CA PHE F 136 23.43 -20.99 27.44
C PHE F 136 24.36 -19.78 27.41
N PHE F 137 23.81 -18.60 27.13
CA PHE F 137 24.53 -17.33 27.23
C PHE F 137 25.68 -17.24 26.22
N ASN F 138 25.52 -17.86 25.05
CA ASN F 138 26.49 -17.83 23.96
C ASN F 138 27.89 -18.27 24.40
N GLN F 139 27.96 -19.08 25.45
CA GLN F 139 29.22 -19.51 26.04
C GLN F 139 29.63 -20.89 25.53
N LEU F 140 30.94 -21.17 25.64
CA LEU F 140 31.55 -22.46 25.30
C LEU F 140 31.12 -22.84 23.88
N ASN F 141 30.68 -24.08 23.64
CA ASN F 141 30.29 -24.58 22.32
C ASN F 141 28.79 -24.49 22.08
N PHE F 142 28.16 -23.40 22.50
CA PHE F 142 26.73 -23.18 22.32
C PHE F 142 26.55 -21.99 21.39
N ASP F 143 26.90 -22.18 20.13
CA ASP F 143 26.83 -21.14 19.12
C ASP F 143 25.43 -21.08 18.52
N TYR F 144 25.24 -20.08 17.64
CA TYR F 144 24.03 -19.84 16.84
C TYR F 144 23.49 -21.12 16.21
N PRO F 145 24.32 -21.97 15.60
CA PRO F 145 23.78 -23.22 15.04
C PRO F 145 23.12 -24.13 16.05
N LYS F 146 23.80 -24.45 17.16
CA LYS F 146 23.24 -25.39 18.13
C LYS F 146 21.91 -24.90 18.70
N THR F 147 21.73 -23.59 18.83
CA THR F 147 20.49 -23.06 19.39
C THR F 147 19.36 -23.13 18.36
N GLN F 148 19.65 -22.83 17.10
CA GLN F 148 18.64 -22.97 16.06
C GLN F 148 18.25 -24.43 15.86
N GLU F 149 19.16 -25.36 16.17
CA GLU F 149 18.81 -26.78 16.18
C GLU F 149 17.74 -27.06 17.23
N ILE F 150 17.84 -26.41 18.40
CA ILE F 150 16.85 -26.60 19.45
C ILE F 150 15.50 -26.06 19.00
N THR F 151 15.49 -24.86 18.41
CA THR F 151 14.24 -24.26 17.97
C THR F 151 13.55 -25.10 16.90
N GLN F 152 14.35 -25.75 16.03
CA GLN F 152 13.79 -26.56 14.96
C GLN F 152 12.90 -27.67 15.51
N THR F 153 13.38 -28.39 16.52
CA THR F 153 12.59 -29.46 17.11
C THR F 153 11.38 -28.91 17.87
N LEU F 154 11.46 -27.68 18.34
CA LEU F 154 10.36 -27.10 19.11
C LEU F 154 9.22 -26.61 18.23
N LEU F 155 9.46 -26.44 16.93
CA LEU F 155 8.46 -25.92 16.01
C LEU F 155 7.78 -27.01 15.19
N TYR F 156 8.04 -28.28 15.50
CA TYR F 156 7.44 -29.36 14.73
C TYR F 156 5.92 -29.36 14.85
N GLY F 157 5.27 -29.91 13.84
CA GLY F 157 3.83 -30.03 13.82
C GLY F 157 3.07 -28.74 13.58
N GLY F 158 3.77 -27.67 13.20
CA GLY F 158 3.14 -26.36 13.07
C GLY F 158 3.00 -25.85 11.65
N ILE F 159 1.76 -25.65 11.21
CA ILE F 159 1.53 -25.03 9.92
C ILE F 159 1.74 -23.52 9.98
N LYS F 160 1.74 -22.94 11.18
CA LYS F 160 1.87 -21.50 11.35
C LYS F 160 2.79 -21.21 12.53
N LYS F 161 3.37 -20.01 12.54
CA LYS F 161 4.25 -19.57 13.62
C LYS F 161 3.79 -18.20 14.09
N LEU F 162 3.47 -18.08 15.38
CA LEU F 162 3.17 -16.78 15.97
C LEU F 162 4.42 -16.19 16.60
N HIS F 163 4.74 -14.96 16.22
CA HIS F 163 5.85 -14.22 16.83
C HIS F 163 5.31 -13.26 17.88
N LEU F 164 6.14 -12.98 18.88
CA LEU F 164 5.70 -12.23 20.05
C LEU F 164 6.92 -11.66 20.75
N ASP F 165 7.03 -10.34 20.77
CA ASP F 165 8.12 -9.65 21.44
C ASP F 165 7.59 -8.83 22.60
N LEU F 166 8.47 -8.58 23.57
CA LEU F 166 8.18 -7.71 24.69
C LEU F 166 8.83 -6.36 24.45
N SER F 167 8.26 -5.32 25.06
CA SER F 167 8.67 -3.94 24.82
C SER F 167 9.60 -3.48 25.93
N ASN F 168 10.84 -3.14 25.57
CA ASN F 168 11.84 -2.63 26.50
C ASN F 168 11.90 -3.48 27.77
N PHE F 169 12.06 -4.79 27.57
CA PHE F 169 11.92 -5.73 28.68
C PHE F 169 12.92 -5.43 29.79
N TYR F 170 14.20 -5.27 29.43
CA TYR F 170 15.23 -5.00 30.43
C TYR F 170 15.02 -3.65 31.11
N HIS F 171 14.62 -2.64 30.33
CA HIS F 171 14.60 -1.28 30.85
C HIS F 171 13.32 -0.95 31.61
N THR F 172 12.19 -1.53 31.22
CA THR F 172 10.92 -1.26 31.87
C THR F 172 10.48 -2.38 32.82
N LEU F 173 11.37 -3.29 33.17
CA LEU F 173 11.02 -4.36 34.08
C LEU F 173 10.89 -3.82 35.51
N TYR F 174 9.92 -4.35 36.24
CA TYR F 174 9.75 -4.02 37.65
C TYR F 174 10.59 -5.00 38.46
N THR F 175 11.56 -4.47 39.21
CA THR F 175 12.42 -5.34 40.00
C THR F 175 11.63 -6.10 41.07
N HIS F 176 10.63 -5.44 41.67
CA HIS F 176 9.78 -6.11 42.63
C HIS F 176 8.92 -7.19 41.99
N SER F 177 8.77 -7.17 40.67
CA SER F 177 8.02 -8.22 39.99
C SER F 177 8.79 -9.54 39.95
N ILE F 178 10.10 -9.49 40.19
CA ILE F 178 10.89 -10.73 40.18
C ILE F 178 10.38 -11.73 41.21
N PRO F 179 10.13 -11.37 42.47
CA PRO F 179 9.54 -12.34 43.40
C PRO F 179 8.16 -12.83 42.97
N TRP F 180 7.32 -11.95 42.39
CA TRP F 180 6.03 -12.41 41.90
C TRP F 180 6.20 -13.50 40.85
N MET F 181 7.25 -13.41 40.04
CA MET F 181 7.48 -14.39 38.98
C MET F 181 8.13 -15.66 39.52
N ILE F 182 8.93 -15.54 40.58
CA ILE F 182 9.65 -16.70 41.12
C ILE F 182 8.82 -17.44 42.16
N ASP F 183 8.13 -16.71 43.04
CA ASP F 183 7.40 -17.32 44.15
C ASP F 183 5.89 -17.13 44.08
N GLY F 184 5.38 -16.37 43.11
CA GLY F 184 3.96 -16.07 43.06
C GLY F 184 3.63 -14.71 43.63
N LYS F 185 2.66 -14.02 43.03
CA LYS F 185 2.28 -12.69 43.51
C LYS F 185 1.70 -12.75 44.91
N SER F 186 0.94 -13.80 45.21
CA SER F 186 0.35 -13.95 46.54
C SER F 186 1.42 -14.13 47.61
N ALA F 187 2.41 -14.97 47.34
CA ALA F 187 3.44 -15.28 48.32
C ALA F 187 4.34 -14.08 48.64
N SER F 188 4.20 -12.97 47.92
CA SER F 188 5.09 -11.84 48.11
C SER F 188 4.68 -10.97 49.30
N LYS F 189 3.38 -10.88 49.60
CA LYS F 189 2.94 -10.06 50.72
C LYS F 189 3.48 -10.61 52.04
N GLN F 190 3.41 -11.92 52.22
CA GLN F 190 4.05 -12.58 53.34
C GLN F 190 5.49 -12.91 52.99
N ASN F 191 6.27 -13.28 54.01
CA ASN F 191 7.71 -13.49 53.86
C ASN F 191 8.34 -12.31 53.13
N ARG F 192 8.01 -11.11 53.60
CA ARG F 192 8.34 -9.90 52.87
C ARG F 192 9.84 -9.68 52.74
N LYS F 193 10.63 -10.12 53.72
CA LYS F 193 12.08 -9.94 53.69
C LYS F 193 12.78 -11.26 53.94
N LYS F 194 14.09 -11.26 53.66
CA LYS F 194 15.01 -12.36 53.95
C LYS F 194 14.89 -13.53 52.97
N GLY F 195 13.78 -13.61 52.23
CA GLY F 195 13.67 -14.62 51.20
C GLY F 195 14.69 -14.42 50.10
N PHE F 196 15.01 -15.51 49.40
CA PHE F 196 16.02 -15.44 48.34
C PHE F 196 15.61 -14.45 47.27
N SER F 197 14.40 -14.59 46.73
CA SER F 197 13.95 -13.73 45.65
C SER F 197 13.85 -12.28 46.11
N ASN F 198 13.40 -12.07 47.35
CA ASN F 198 13.33 -10.71 47.89
C ASN F 198 14.72 -10.15 48.14
N THR F 199 15.64 -10.97 48.65
CA THR F 199 17.03 -10.51 48.81
C THR F 199 17.65 -10.21 47.46
N LEU F 200 17.43 -11.08 46.47
CA LEU F 200 17.91 -10.81 45.12
C LEU F 200 17.33 -9.51 44.58
N ASP F 201 16.10 -9.18 44.96
CA ASP F 201 15.50 -7.91 44.55
C ASP F 201 16.35 -6.73 45.04
N THR F 202 16.66 -6.70 46.34
CA THR F 202 17.42 -5.59 46.89
C THR F 202 18.88 -5.61 46.45
N LEU F 203 19.44 -6.80 46.20
CA LEU F 203 20.81 -6.88 45.70
C LEU F 203 20.97 -6.19 44.35
N ILE F 204 19.91 -6.19 43.54
CA ILE F 204 19.98 -5.59 42.21
C ILE F 204 19.85 -4.08 42.31
N THR F 205 18.80 -3.60 42.97
CA THR F 205 18.55 -2.16 43.05
C THR F 205 19.74 -1.40 43.61
N ALA F 206 20.55 -2.05 44.45
CA ALA F 206 21.73 -1.40 45.02
C ALA F 206 22.76 -1.07 43.95
N CYS F 207 22.72 -1.71 42.78
CA CYS F 207 23.62 -1.36 41.70
C CYS F 207 23.18 -0.09 40.98
N GLN F 208 21.90 0.27 41.06
CA GLN F 208 21.39 1.45 40.37
C GLN F 208 20.76 2.42 41.36
N TYR F 209 21.50 2.77 42.42
CA TYR F 209 21.10 3.69 43.48
C TYR F 209 19.64 3.48 43.89
N ASP F 210 19.25 2.22 44.03
CA ASP F 210 17.94 1.81 44.56
C ASP F 210 16.78 2.11 43.61
N GLU F 211 17.07 2.34 42.33
CA GLU F 211 16.02 2.42 41.34
C GLU F 211 15.38 1.06 41.13
N THR F 212 14.06 1.02 41.06
CA THR F 212 13.32 -0.22 40.85
C THR F 212 12.70 -0.33 39.47
N HIS F 213 12.96 0.64 38.59
CA HIS F 213 12.47 0.63 37.22
C HIS F 213 13.56 0.06 36.32
N GLY F 214 13.40 -1.19 35.91
CA GLY F 214 14.35 -1.83 35.04
C GLY F 214 15.52 -2.46 35.78
N ILE F 215 16.19 -3.36 35.07
CA ILE F 215 17.38 -4.05 35.56
C ILE F 215 18.57 -3.47 34.79
N PRO F 216 19.72 -3.27 35.43
CA PRO F 216 20.89 -2.78 34.71
C PRO F 216 21.24 -3.73 33.57
N THR F 217 21.84 -3.16 32.52
CA THR F 217 22.03 -3.88 31.27
C THR F 217 23.49 -3.79 30.86
N GLY F 218 23.98 -4.86 30.25
CA GLY F 218 25.33 -4.92 29.74
C GLY F 218 26.26 -5.84 30.48
N ASN F 219 25.76 -6.57 31.47
CA ASN F 219 26.57 -7.50 32.25
C ASN F 219 25.92 -8.88 32.24
N LEU F 220 26.76 -9.91 32.37
CA LEU F 220 26.26 -11.28 32.29
C LEU F 220 25.28 -11.59 33.42
N LEU F 221 25.47 -11.00 34.59
CA LEU F 221 24.57 -11.24 35.71
C LEU F 221 23.14 -10.85 35.36
N SER F 222 22.97 -9.66 34.77
CA SER F 222 21.64 -9.23 34.37
C SER F 222 21.01 -10.19 33.37
N ARG F 223 21.82 -10.72 32.45
CA ARG F 223 21.32 -11.75 31.54
C ARG F 223 20.89 -12.99 32.30
N ILE F 224 21.71 -13.43 33.26
CA ILE F 224 21.38 -14.60 34.06
C ILE F 224 20.07 -14.39 34.81
N ILE F 225 19.97 -13.27 35.53
CA ILE F 225 18.78 -12.98 36.32
C ILE F 225 17.54 -12.93 35.42
N THR F 226 17.67 -12.29 34.26
CA THR F 226 16.56 -12.20 33.32
C THR F 226 16.14 -13.59 32.84
N GLU F 227 17.11 -14.47 32.58
CA GLU F 227 16.79 -15.82 32.13
C GLU F 227 15.99 -16.57 33.18
N LEU F 228 16.40 -16.48 34.45
CA LEU F 228 15.63 -17.07 35.54
C LEU F 228 14.21 -16.53 35.57
N TYR F 229 14.07 -15.22 35.48
CA TYR F 229 12.75 -14.58 35.45
C TYR F 229 11.87 -15.19 34.36
N MET F 230 12.41 -15.35 33.16
CA MET F 230 11.61 -15.83 32.03
C MET F 230 11.52 -17.35 31.97
N CYS F 231 12.39 -18.08 32.67
CA CYS F 231 12.21 -19.52 32.77
C CYS F 231 11.05 -19.86 33.69
N HIS F 232 10.73 -18.99 34.65
CA HIS F 232 9.51 -19.16 35.43
C HIS F 232 8.28 -18.83 34.60
N PHE F 233 8.40 -17.85 33.70
CA PHE F 233 7.39 -17.65 32.66
C PHE F 233 7.14 -18.94 31.91
N ASP F 234 8.21 -19.60 31.47
CA ASP F 234 8.09 -20.85 30.71
C ASP F 234 7.40 -21.92 31.54
N LYS F 235 7.72 -21.99 32.83
CA LYS F 235 7.10 -22.98 33.71
C LYS F 235 5.59 -22.79 33.79
N GLN F 236 5.13 -21.54 33.73
CA GLN F 236 3.69 -21.28 33.79
C GLN F 236 3.02 -21.68 32.48
N MET F 237 3.64 -21.35 31.34
CA MET F 237 3.09 -21.78 30.06
C MET F 237 3.14 -23.29 29.92
N GLU F 238 4.19 -23.91 30.45
CA GLU F 238 4.33 -25.37 30.41
C GLU F 238 3.14 -26.05 31.09
N TYR F 239 2.90 -25.70 32.36
CA TYR F 239 1.83 -26.36 33.12
C TYR F 239 0.48 -26.20 32.44
N LYS F 240 0.30 -25.14 31.66
CA LYS F 240 -0.92 -24.95 30.90
C LYS F 240 -0.85 -25.56 29.51
N LYS F 241 0.11 -26.47 29.29
CA LYS F 241 0.17 -27.32 28.10
C LYS F 241 0.36 -26.51 26.82
N PHE F 242 1.39 -25.67 26.81
CA PHE F 242 1.84 -24.94 25.64
C PHE F 242 3.27 -25.33 25.31
N VAL F 243 3.64 -25.18 24.04
CA VAL F 243 5.00 -25.42 23.59
C VAL F 243 5.41 -24.30 22.65
N TYR F 244 6.60 -23.73 22.86
CA TYR F 244 7.12 -22.69 22.00
C TYR F 244 8.65 -22.64 22.17
N SER F 245 9.28 -21.74 21.44
CA SER F 245 10.70 -21.47 21.57
C SER F 245 10.88 -20.02 21.98
N ARG F 246 11.81 -19.78 22.90
CA ARG F 246 12.02 -18.47 23.50
C ARG F 246 13.49 -18.11 23.47
N TYR F 247 13.80 -16.88 23.03
CA TYR F 247 15.14 -16.32 23.13
C TYR F 247 15.00 -14.95 23.80
N VAL F 248 15.38 -14.88 25.08
CA VAL F 248 15.16 -13.72 25.93
C VAL F 248 13.67 -13.39 25.93
N ASP F 249 13.26 -12.37 25.20
CA ASP F 249 11.86 -11.93 25.17
C ASP F 249 11.21 -12.14 23.80
N ASP F 250 11.89 -12.82 22.88
CA ASP F 250 11.33 -13.13 21.57
C ASP F 250 10.72 -14.53 21.59
N PHE F 251 9.46 -14.62 21.21
CA PHE F 251 8.71 -15.87 21.27
C PHE F 251 8.37 -16.36 19.87
N ILE F 252 8.39 -17.68 19.70
CA ILE F 252 7.94 -18.33 18.47
C ILE F 252 6.96 -19.43 18.87
N PHE F 253 5.67 -19.17 18.72
CA PHE F 253 4.65 -20.16 19.04
C PHE F 253 4.24 -20.91 17.78
N PRO F 254 4.55 -22.21 17.67
CA PRO F 254 4.05 -22.97 16.51
C PRO F 254 2.65 -23.51 16.76
N PHE F 255 1.76 -23.37 15.78
CA PHE F 255 0.39 -23.83 15.94
C PHE F 255 -0.17 -24.23 14.58
N THR F 256 -1.38 -24.76 14.61
CA THR F 256 -2.10 -25.24 13.42
C THR F 256 -3.50 -24.66 13.32
N PHE F 257 -4.23 -24.60 14.43
CA PHE F 257 -5.59 -24.09 14.46
C PHE F 257 -5.62 -22.76 15.19
N GLU F 258 -6.46 -21.84 14.68
CA GLU F 258 -6.56 -20.52 15.30
C GLU F 258 -7.03 -20.61 16.74
N ASN F 259 -7.85 -21.62 17.05
CA ASN F 259 -8.23 -21.89 18.44
C ASN F 259 -7.01 -21.96 19.33
N GLU F 260 -5.96 -22.64 18.87
CA GLU F 260 -4.73 -22.74 19.65
C GLU F 260 -4.05 -21.38 19.80
N LYS F 261 -4.20 -20.49 18.82
CA LYS F 261 -3.51 -19.20 18.90
C LYS F 261 -4.15 -18.30 19.94
N GLN F 262 -5.48 -18.19 19.93
CA GLN F 262 -6.17 -17.37 20.92
C GLN F 262 -6.01 -17.94 22.32
N GLU F 263 -6.16 -19.26 22.46
CA GLU F 263 -5.90 -19.95 23.71
C GLU F 263 -4.54 -19.57 24.28
N PHE F 264 -3.55 -19.37 23.40
CA PHE F 264 -2.21 -19.01 23.82
C PHE F 264 -2.06 -17.53 24.09
N LEU F 265 -2.76 -16.67 23.34
CA LEU F 265 -2.67 -15.23 23.56
C LEU F 265 -3.37 -14.82 24.86
N ASN F 266 -4.56 -15.39 25.12
CA ASN F 266 -5.28 -15.08 26.34
C ASN F 266 -4.44 -15.38 27.57
N GLU F 267 -3.76 -16.53 27.57
CA GLU F 267 -2.93 -16.89 28.72
C GLU F 267 -1.66 -16.05 28.76
N PHE F 268 -1.07 -15.78 27.60
CA PHE F 268 0.16 -14.98 27.56
C PHE F 268 -0.09 -13.58 28.11
N ASN F 269 -1.25 -13.00 27.81
CA ASN F 269 -1.52 -11.62 28.23
C ASN F 269 -1.74 -11.53 29.73
N LEU F 270 -2.38 -12.54 30.33
CA LEU F 270 -2.63 -12.51 31.77
C LEU F 270 -1.33 -12.52 32.56
N ILE F 271 -0.38 -13.37 32.16
CA ILE F 271 0.91 -13.41 32.85
C ILE F 271 1.64 -12.09 32.71
N CYS F 272 1.57 -11.48 31.53
CA CYS F 272 2.21 -10.18 31.32
C CYS F 272 1.58 -9.10 32.18
N ARG F 273 0.25 -9.07 32.26
CA ARG F 273 -0.43 -8.09 33.10
C ARG F 273 -0.07 -8.28 34.56
N GLU F 274 0.04 -9.53 35.01
CA GLU F 274 0.32 -9.78 36.43
C GLU F 274 1.71 -9.28 36.80
N ASN F 275 2.68 -9.45 35.91
CA ASN F 275 4.07 -9.11 36.21
C ASN F 275 4.52 -7.81 35.54
N ASN F 276 3.56 -6.98 35.13
CA ASN F 276 3.82 -5.65 34.57
C ASN F 276 4.81 -5.73 33.40
N LEU F 277 4.42 -6.52 32.39
CA LEU F 277 5.17 -6.65 31.16
C LEU F 277 4.28 -6.19 30.00
N ILE F 278 4.87 -5.47 29.05
CA ILE F 278 4.13 -4.91 27.93
C ILE F 278 4.57 -5.61 26.64
N ILE F 279 3.60 -5.93 25.80
CA ILE F 279 3.85 -6.61 24.53
C ILE F 279 4.09 -5.57 23.46
N ASN F 280 5.16 -5.75 22.68
CA ASN F 280 5.43 -4.91 21.51
C ASN F 280 4.57 -5.42 20.37
N ASP F 281 3.46 -4.73 20.10
CA ASP F 281 2.48 -5.18 19.13
C ASP F 281 2.89 -4.89 17.69
N ASN F 282 3.97 -4.13 17.48
CA ASN F 282 4.47 -3.96 16.11
C ASN F 282 5.08 -5.25 15.58
N LYS F 283 5.77 -6.00 16.43
CA LYS F 283 6.47 -7.22 16.04
C LYS F 283 5.59 -8.47 16.13
N THR F 284 4.29 -8.31 16.34
CA THR F 284 3.38 -9.45 16.45
C THR F 284 2.90 -9.83 15.06
N LYS F 285 3.33 -10.99 14.59
CA LYS F 285 2.98 -11.46 13.26
C LYS F 285 2.94 -12.98 13.27
N VAL F 286 2.09 -13.54 12.42
CA VAL F 286 2.09 -14.97 12.15
C VAL F 286 2.74 -15.21 10.79
N ASP F 287 3.60 -16.22 10.73
CA ASP F 287 4.15 -16.70 9.47
C ASP F 287 3.39 -17.95 9.07
N ASN F 288 2.71 -17.90 7.94
CA ASN F 288 2.05 -19.07 7.40
C ASN F 288 3.03 -19.89 6.57
N PHE F 289 2.66 -21.13 6.29
CA PHE F 289 3.50 -22.02 5.52
C PHE F 289 3.21 -21.87 4.02
N PRO F 290 4.22 -21.80 3.13
CA PRO F 290 5.68 -21.92 3.33
C PRO F 290 6.31 -20.80 4.16
N PHE F 291 7.21 -21.19 5.06
CA PHE F 291 7.74 -20.26 6.06
C PHE F 291 8.80 -19.34 5.50
N VAL F 292 8.77 -18.08 5.94
CA VAL F 292 9.83 -17.13 5.62
C VAL F 292 11.12 -17.55 6.34
N ASP F 293 12.25 -17.12 5.78
CA ASP F 293 13.54 -17.22 6.47
C ASP F 293 14.52 -16.31 5.75
N LYS F 294 14.63 -15.08 6.23
CA LYS F 294 15.54 -14.08 5.67
C LYS F 294 16.95 -14.18 6.25
N SER F 295 17.22 -15.21 7.05
CA SER F 295 18.44 -15.27 7.86
C SER F 295 19.56 -16.08 7.23
N SER F 296 19.41 -16.57 6.01
CA SER F 296 20.42 -17.42 5.39
C SER F 296 21.70 -16.64 5.16
N LYS F 297 22.81 -17.15 5.71
CA LYS F 297 24.12 -16.55 5.52
C LYS F 297 25.02 -17.39 4.62
N SER F 298 24.46 -18.37 3.92
CA SER F 298 25.27 -19.26 3.09
C SER F 298 25.88 -18.52 1.91
N ASP F 299 25.11 -17.62 1.28
CA ASP F 299 25.67 -16.81 0.20
C ASP F 299 26.76 -15.88 0.72
N ILE F 300 26.62 -15.40 1.96
CA ILE F 300 27.60 -14.47 2.51
C ILE F 300 28.92 -15.20 2.80
N PHE F 301 28.83 -16.39 3.39
CA PHE F 301 30.05 -17.13 3.72
C PHE F 301 30.78 -17.64 2.48
N SER F 302 30.03 -17.98 1.43
CA SER F 302 30.61 -18.47 0.18
C SER F 302 30.91 -17.34 -0.80
N PHE F 303 31.02 -16.11 -0.32
CA PHE F 303 31.25 -14.98 -1.22
C PHE F 303 32.64 -15.05 -1.84
N PHE F 304 33.63 -15.48 -1.07
CA PHE F 304 35.02 -15.49 -1.51
C PHE F 304 35.52 -16.86 -1.95
N GLU F 305 34.61 -17.78 -2.30
CA GLU F 305 35.07 -19.14 -2.61
C GLU F 305 35.86 -19.18 -3.92
N ASN F 306 35.50 -18.34 -4.89
CA ASN F 306 36.19 -18.32 -6.19
C ASN F 306 37.30 -17.27 -6.18
N ILE F 307 38.31 -17.52 -5.33
CA ILE F 307 39.46 -16.63 -5.23
C ILE F 307 40.59 -17.43 -4.61
N THR F 308 41.82 -17.04 -4.92
CA THR F 308 43.00 -17.75 -4.42
C THR F 308 44.12 -16.76 -4.19
N SER F 309 45.23 -17.29 -3.64
CA SER F 309 46.43 -16.48 -3.46
C SER F 309 46.98 -16.04 -4.81
N THR F 310 46.84 -16.89 -5.83
CA THR F 310 47.32 -16.57 -7.17
C THR F 310 46.62 -15.35 -7.76
N ASN F 311 45.49 -14.94 -7.19
CA ASN F 311 44.78 -13.76 -7.67
C ASN F 311 45.63 -12.51 -7.47
N SER F 312 45.33 -11.49 -8.28
CA SER F 312 46.03 -10.22 -8.18
C SER F 312 45.73 -9.55 -6.84
N ASN F 313 46.55 -8.55 -6.50
CA ASN F 313 46.30 -7.78 -5.30
C ASN F 313 45.10 -6.86 -5.48
N ASP F 314 44.99 -6.22 -6.65
CA ASP F 314 43.88 -5.33 -6.92
C ASP F 314 42.55 -6.07 -7.02
N LYS F 315 42.58 -7.39 -7.23
CA LYS F 315 41.35 -8.16 -7.24
C LYS F 315 40.83 -8.39 -5.83
N TRP F 316 41.71 -8.80 -4.91
CA TRP F 316 41.33 -8.94 -3.51
C TRP F 316 40.76 -7.64 -2.97
N ILE F 317 41.32 -6.51 -3.39
CA ILE F 317 40.82 -5.21 -2.93
C ILE F 317 39.38 -5.00 -3.36
N LYS F 318 39.08 -5.24 -4.64
CA LYS F 318 37.76 -4.94 -5.17
C LYS F 318 36.71 -5.94 -4.66
N GLU F 319 37.10 -7.21 -4.45
CA GLU F 319 36.14 -8.19 -3.98
C GLU F 319 35.82 -7.99 -2.50
N ILE F 320 36.82 -7.60 -1.70
CA ILE F 320 36.55 -7.21 -0.32
C ILE F 320 35.61 -6.01 -0.28
N SER F 321 35.94 -4.96 -1.03
CA SER F 321 35.11 -3.77 -1.08
C SER F 321 33.70 -4.10 -1.56
N ASN F 322 33.59 -5.00 -2.53
CA ASN F 322 32.27 -5.44 -3.00
C ASN F 322 31.56 -6.24 -1.93
N PHE F 323 32.31 -7.06 -1.19
CA PHE F 323 31.72 -7.88 -0.14
C PHE F 323 30.99 -7.03 0.90
N ILE F 324 31.57 -5.88 1.24
CA ILE F 324 31.01 -5.03 2.30
C ILE F 324 29.62 -4.54 1.89
N ASP F 325 29.46 -4.11 0.65
CA ASP F 325 28.16 -3.60 0.20
C ASP F 325 27.14 -4.71 0.02
N TYR F 326 27.60 -5.94 -0.28
CA TYR F 326 26.68 -7.07 -0.30
C TYR F 326 26.04 -7.29 1.06
N CYS F 327 26.87 -7.28 2.11
CA CYS F 327 26.36 -7.57 3.46
C CYS F 327 25.50 -6.43 3.98
N VAL F 328 25.96 -5.18 3.79
CA VAL F 328 25.17 -4.03 4.20
C VAL F 328 23.77 -4.09 3.60
N ASN F 329 23.70 -4.42 2.31
CA ASN F 329 22.41 -4.56 1.64
C ASN F 329 21.61 -5.71 2.24
N GLU F 330 22.29 -6.81 2.59
CA GLU F 330 21.58 -7.93 3.21
C GLU F 330 20.99 -7.53 4.56
N GLU F 331 21.74 -6.80 5.38
CA GLU F 331 21.19 -6.23 6.60
C GLU F 331 19.98 -5.36 6.29
N HIS F 332 20.04 -4.60 5.20
CA HIS F 332 18.90 -3.77 4.81
C HIS F 332 17.69 -4.61 4.45
N LEU F 333 17.90 -5.84 3.97
CA LEU F 333 16.81 -6.70 3.54
C LEU F 333 16.23 -7.54 4.66
N GLY F 334 16.73 -7.40 5.89
CA GLY F 334 16.25 -8.19 7.01
C GLY F 334 17.12 -9.38 7.38
N ASN F 335 18.30 -9.53 6.76
CA ASN F 335 19.22 -10.61 7.08
C ASN F 335 20.00 -10.19 8.33
N LYS F 336 19.38 -10.45 9.48
CA LYS F 336 19.92 -9.97 10.76
C LYS F 336 21.34 -10.47 10.99
N GLY F 337 22.23 -9.56 11.36
CA GLY F 337 23.61 -9.90 11.62
C GLY F 337 24.49 -10.00 10.40
N ALA F 338 24.01 -9.56 9.23
CA ALA F 338 24.83 -9.65 8.03
C ALA F 338 26.08 -8.78 8.13
N ILE F 339 25.93 -7.57 8.66
CA ILE F 339 27.08 -6.67 8.76
C ILE F 339 28.09 -7.19 9.78
N LYS F 340 27.60 -7.81 10.87
CA LYS F 340 28.49 -8.40 11.86
C LYS F 340 29.34 -9.52 11.28
N CYS F 341 28.98 -10.06 10.11
CA CYS F 341 29.71 -11.14 9.49
C CYS F 341 30.84 -10.65 8.58
N ILE F 342 30.86 -9.36 8.24
CA ILE F 342 31.87 -8.83 7.32
C ILE F 342 33.28 -9.12 7.84
N PHE F 343 33.55 -8.66 9.06
CA PHE F 343 34.90 -8.82 9.63
C PHE F 343 35.29 -10.28 9.83
N PRO F 344 34.44 -11.16 10.39
CA PRO F 344 34.86 -12.56 10.56
C PRO F 344 35.25 -13.25 9.27
N VAL F 345 34.43 -13.17 8.23
CA VAL F 345 34.74 -14.00 7.06
C VAL F 345 35.91 -13.42 6.28
N ILE F 346 36.10 -12.09 6.29
CA ILE F 346 37.28 -11.51 5.64
C ILE F 346 38.54 -12.09 6.26
N THR F 347 38.61 -12.09 7.59
CA THR F 347 39.73 -12.71 8.30
C THR F 347 39.83 -14.19 7.95
N ASN F 348 38.76 -14.94 8.20
CA ASN F 348 38.79 -16.38 7.95
C ASN F 348 39.07 -16.71 6.49
N THR F 349 38.58 -15.90 5.56
CA THR F 349 38.87 -16.13 4.15
C THR F 349 40.35 -15.89 3.85
N LEU F 350 40.92 -14.82 4.41
CA LEU F 350 42.32 -14.50 4.12
C LEU F 350 43.26 -15.61 4.56
N LYS F 351 42.97 -16.26 5.69
CA LYS F 351 43.83 -17.35 6.13
C LYS F 351 43.46 -18.68 5.49
N GLN F 352 42.17 -18.90 5.19
CA GLN F 352 41.79 -20.13 4.50
C GLN F 352 42.34 -20.14 3.09
N LYS F 353 42.38 -18.98 2.43
CA LYS F 353 43.02 -18.88 1.13
C LYS F 353 44.53 -18.78 1.22
N LYS F 354 45.07 -18.67 2.45
CA LYS F 354 46.50 -18.67 2.70
C LYS F 354 47.22 -17.58 1.90
N VAL F 355 46.72 -16.35 2.04
CA VAL F 355 47.33 -15.21 1.37
C VAL F 355 48.66 -14.88 2.03
N ASP F 356 49.68 -14.60 1.21
CA ASP F 356 51.00 -14.30 1.72
C ASP F 356 50.97 -13.03 2.57
N THR F 357 51.92 -12.93 3.50
CA THR F 357 51.97 -11.80 4.42
C THR F 357 52.22 -10.49 3.68
N LYS F 358 53.21 -10.47 2.79
CA LYS F 358 53.54 -9.24 2.06
C LYS F 358 52.40 -8.80 1.17
N ASN F 359 51.62 -9.75 0.63
CA ASN F 359 50.46 -9.40 -0.17
C ASN F 359 49.38 -8.72 0.67
N ILE F 360 49.30 -9.07 1.95
CA ILE F 360 48.26 -8.51 2.82
C ILE F 360 48.55 -7.05 3.13
N ASP F 361 49.81 -6.71 3.40
CA ASP F 361 50.15 -5.32 3.66
C ASP F 361 49.78 -4.44 2.47
N ASN F 362 50.10 -4.89 1.26
CA ASN F 362 49.74 -4.11 0.07
C ASN F 362 48.24 -4.01 -0.10
N ILE F 363 47.50 -5.09 0.18
CA ILE F 363 46.05 -5.08 0.02
C ILE F 363 45.44 -3.96 0.85
N PHE F 364 45.91 -3.78 2.09
CA PHE F 364 45.34 -2.79 2.99
C PHE F 364 46.13 -1.50 3.07
N SER F 365 47.34 -1.45 2.50
CA SER F 365 48.07 -0.19 2.41
C SER F 365 47.78 0.56 1.11
N LYS F 366 47.44 -0.17 0.05
CA LYS F 366 47.32 0.43 -1.28
C LYS F 366 46.29 1.55 -1.29
N ARG F 367 46.75 2.78 -1.52
CA ARG F 367 45.89 3.88 -1.88
C ARG F 367 46.09 4.17 -3.36
N ASN F 368 45.08 3.85 -4.16
CA ASN F 368 45.18 3.95 -5.61
C ASN F 368 45.42 5.40 -6.02
N MET F 369 46.44 5.61 -6.86
CA MET F 369 46.99 6.94 -7.09
C MET F 369 45.92 7.94 -7.54
N VAL F 370 44.96 7.47 -8.34
CA VAL F 370 44.01 8.39 -8.97
C VAL F 370 42.75 8.56 -8.13
N THR F 371 42.25 7.48 -7.53
CA THR F 371 41.01 7.55 -6.76
C THR F 371 41.24 7.81 -5.28
N ASN F 372 42.48 7.69 -4.80
CA ASN F 372 42.81 7.88 -3.39
C ASN F 372 41.96 6.96 -2.51
N PHE F 373 41.72 5.75 -2.99
CA PHE F 373 40.88 4.79 -2.31
C PHE F 373 41.72 3.78 -1.54
N ASN F 374 41.17 3.30 -0.42
CA ASN F 374 41.86 2.33 0.42
C ASN F 374 40.80 1.50 1.15
N VAL F 375 40.95 0.18 1.11
CA VAL F 375 39.95 -0.70 1.69
C VAL F 375 39.85 -0.50 3.19
N PHE F 376 40.99 -0.34 3.87
CA PHE F 376 40.96 -0.15 5.32
C PHE F 376 40.20 1.13 5.69
N GLU F 377 40.48 2.22 4.97
CA GLU F 377 39.74 3.46 5.18
C GLU F 377 38.24 3.24 5.03
N LYS F 378 37.84 2.44 4.04
CA LYS F 378 36.43 2.15 3.85
C LYS F 378 35.86 1.36 5.02
N ILE F 379 36.57 0.31 5.45
CA ILE F 379 36.12 -0.46 6.61
C ILE F 379 36.06 0.43 7.85
N LEU F 380 37.09 1.26 8.05
CA LEU F 380 37.08 2.21 9.14
C LEU F 380 35.83 3.08 9.11
N ASP F 381 35.54 3.69 7.96
CA ASP F 381 34.36 4.53 7.83
C ASP F 381 33.07 3.73 8.03
N LEU F 382 33.10 2.44 7.72
CA LEU F 382 31.93 1.59 7.95
C LEU F 382 31.67 1.38 9.43
N SER F 383 32.72 1.17 10.22
CA SER F 383 32.53 0.97 11.66
C SER F 383 31.90 2.19 12.31
N LEU F 384 32.27 3.39 11.84
CA LEU F 384 31.69 4.63 12.36
C LEU F 384 30.20 4.77 12.04
N LYS F 385 29.66 3.93 11.17
CA LYS F 385 28.22 3.97 10.90
C LYS F 385 27.43 3.49 12.12
N ASP F 386 27.92 2.45 12.80
CA ASP F 386 27.27 1.90 13.98
C ASP F 386 28.32 1.67 15.05
N SER F 387 28.19 2.38 16.18
CA SER F 387 29.21 2.31 17.23
C SER F 387 29.34 0.91 17.80
N ARG F 388 28.27 0.12 17.78
CA ARG F 388 28.32 -1.26 18.26
C ARG F 388 29.32 -2.10 17.47
N LEU F 389 29.84 -1.58 16.36
CA LEU F 389 30.86 -2.23 15.56
C LEU F 389 32.27 -1.85 15.99
N THR F 390 32.43 -1.18 17.14
CA THR F 390 33.74 -0.72 17.58
C THR F 390 34.68 -1.89 17.85
N ASN F 391 34.27 -2.81 18.72
CA ASN F 391 35.11 -3.96 19.01
C ASN F 391 35.35 -4.81 17.76
N LYS F 392 34.30 -5.02 16.95
CA LYS F 392 34.45 -5.82 15.74
C LYS F 392 35.52 -5.25 14.82
N PHE F 393 35.54 -3.93 14.65
CA PHE F 393 36.56 -3.32 13.80
C PHE F 393 37.94 -3.42 14.43
N LEU F 394 38.04 -3.17 15.73
CA LEU F 394 39.35 -3.18 16.39
C LEU F 394 39.90 -4.60 16.52
N THR F 395 39.05 -5.56 16.89
CA THR F 395 39.49 -6.95 16.88
C THR F 395 39.81 -7.42 15.46
N PHE F 396 39.16 -6.84 14.45
CA PHE F 396 39.51 -7.13 13.07
C PHE F 396 40.90 -6.61 12.75
N PHE F 397 41.16 -5.33 13.06
CA PHE F 397 42.49 -4.76 12.85
C PHE F 397 43.54 -5.50 13.67
N GLU F 398 43.16 -6.01 14.85
CA GLU F 398 44.07 -6.82 15.65
C GLU F 398 44.59 -8.01 14.85
N ASN F 399 43.67 -8.71 14.17
CA ASN F 399 44.07 -9.92 13.45
C ASN F 399 44.88 -9.60 12.21
N ILE F 400 44.50 -8.56 11.46
CA ILE F 400 45.21 -8.28 10.21
C ILE F 400 46.61 -7.75 10.48
N ASN F 401 46.82 -7.11 11.64
CA ASN F 401 48.18 -6.70 12.01
C ASN F 401 49.08 -7.91 12.20
N GLU F 402 48.56 -8.96 12.84
CA GLU F 402 49.29 -10.21 12.94
C GLU F 402 49.48 -10.85 11.56
N PHE F 403 48.49 -10.71 10.68
CA PHE F 403 48.61 -11.22 9.32
C PHE F 403 49.68 -10.51 8.51
N GLY F 404 50.01 -9.27 8.85
CA GLY F 404 51.08 -8.58 8.16
C GLY F 404 50.84 -7.10 7.88
N PHE F 405 49.64 -6.61 8.19
CA PHE F 405 49.36 -5.20 7.98
C PHE F 405 50.22 -4.37 8.92
N SER F 406 50.84 -3.32 8.37
CA SER F 406 51.73 -2.48 9.14
C SER F 406 50.94 -1.58 10.09
N SER F 407 51.31 -1.61 11.38
CA SER F 407 50.67 -0.73 12.35
C SER F 407 50.84 0.73 11.97
N LEU F 408 52.02 1.11 11.47
CA LEU F 408 52.26 2.48 11.05
C LEU F 408 51.37 2.85 9.86
N SER F 409 51.25 1.95 8.89
CA SER F 409 50.38 2.21 7.74
C SER F 409 48.95 2.47 8.18
N ALA F 410 48.42 1.62 9.06
CA ALA F 410 47.05 1.80 9.54
C ALA F 410 46.88 3.13 10.25
N SER F 411 47.80 3.46 11.16
CA SER F 411 47.71 4.73 11.87
C SER F 411 47.74 5.91 10.90
N ASN F 412 48.55 5.83 9.85
CA ASN F 412 48.58 6.89 8.85
C ASN F 412 47.25 7.00 8.13
N ILE F 413 46.64 5.87 7.77
CA ILE F 413 45.37 5.88 7.06
C ILE F 413 44.28 6.51 7.93
N VAL F 414 44.26 6.17 9.22
CA VAL F 414 43.25 6.73 10.11
C VAL F 414 43.54 8.21 10.38
N LYS F 415 44.81 8.56 10.57
CA LYS F 415 45.14 9.97 10.80
C LYS F 415 44.84 10.81 9.57
N LYS F 416 44.89 10.22 8.38
CA LYS F 416 44.45 10.93 7.18
C LYS F 416 42.94 11.05 7.15
N TYR F 417 42.23 9.98 7.49
CA TYR F 417 40.77 10.03 7.53
C TYR F 417 40.26 11.07 8.53
N PHE F 418 41.02 11.32 9.59
CA PHE F 418 40.57 12.27 10.61
C PHE F 418 40.83 13.71 10.19
N SER F 419 41.94 13.96 9.49
CA SER F 419 42.22 15.31 9.02
C SER F 419 41.29 15.70 7.87
N ASN F 420 40.97 14.74 6.99
CA ASN F 420 40.04 15.00 5.91
C ASN F 420 38.67 15.39 6.45
N ASN F 421 38.11 14.58 7.34
CA ASN F 421 36.82 14.85 7.97
C ASN F 421 36.99 15.52 9.33
N SER F 422 37.99 16.39 9.48
CA SER F 422 38.15 17.14 10.72
C SER F 422 36.91 17.98 11.01
N LYS F 423 36.47 18.76 10.02
CA LYS F 423 35.34 19.66 10.21
C LYS F 423 34.04 18.92 10.51
N GLY F 424 33.94 17.66 10.10
CA GLY F 424 32.72 16.89 10.33
C GLY F 424 32.74 16.07 11.60
N LEU F 425 33.87 15.44 11.91
CA LEU F 425 34.01 14.66 13.13
C LEU F 425 33.81 15.53 14.36
N LYS F 426 34.49 16.68 14.39
CA LYS F 426 34.29 17.63 15.49
C LYS F 426 32.83 18.05 15.60
N GLU F 427 32.21 18.33 14.45
CA GLU F 427 30.78 18.64 14.42
C GLU F 427 29.96 17.49 15.01
N LYS F 428 30.37 16.25 14.75
CA LYS F 428 29.66 15.10 15.29
C LYS F 428 29.91 14.95 16.79
N ILE F 429 31.14 15.20 17.23
CA ILE F 429 31.49 15.04 18.65
C ILE F 429 30.58 15.89 19.53
N ASP F 430 30.34 17.14 19.13
CA ASP F 430 29.53 18.02 19.95
C ASP F 430 28.07 17.61 19.95
N HIS F 431 27.58 17.02 18.85
CA HIS F 431 26.21 16.51 18.83
C HIS F 431 26.05 15.36 19.82
N TYR F 432 27.03 14.47 19.90
CA TYR F 432 26.98 13.38 20.86
C TYR F 432 26.99 13.89 22.29
N ARG F 433 27.84 14.90 22.56
CA ARG F 433 27.92 15.46 23.90
C ARG F 433 26.61 16.08 24.34
N LYS F 434 25.96 16.82 23.45
CA LYS F 434 24.72 17.50 23.80
C LYS F 434 23.58 16.52 24.08
N ASN F 435 23.52 15.42 23.32
CA ASN F 435 22.42 14.47 23.42
C ASN F 435 22.79 13.22 24.21
N ASN F 436 23.97 13.20 24.83
CA ASN F 436 24.41 12.08 25.69
C ASN F 436 24.39 10.76 24.93
N PHE F 437 24.87 10.78 23.69
CA PHE F 437 25.19 9.56 22.95
C PHE F 437 26.62 9.19 23.34
N ASN F 438 26.76 8.19 24.22
CA ASN F 438 28.05 7.91 24.82
C ASN F 438 28.93 7.06 23.91
N GLN F 439 28.40 5.94 23.40
CA GLN F 439 29.21 5.02 22.61
C GLN F 439 29.74 5.70 21.34
N GLU F 440 28.93 6.55 20.71
CA GLU F 440 29.38 7.25 19.52
C GLU F 440 30.59 8.12 19.83
N LEU F 441 30.59 8.76 21.00
CA LEU F 441 31.73 9.57 21.43
C LEU F 441 32.89 8.71 21.89
N TYR F 442 32.58 7.64 22.63
CA TYR F 442 33.62 6.69 23.06
C TYR F 442 34.36 6.10 21.87
N GLN F 443 33.68 5.93 20.74
CA GLN F 443 34.34 5.35 19.55
C GLN F 443 35.41 6.28 19.01
N ILE F 444 35.04 7.54 18.72
CA ILE F 444 35.99 8.49 18.15
C ILE F 444 37.18 8.66 19.09
N LEU F 445 36.91 8.82 20.38
CA LEU F 445 38.00 8.97 21.35
C LEU F 445 38.86 7.71 21.43
N LEU F 446 38.25 6.53 21.22
CA LEU F 446 39.03 5.30 21.25
C LEU F 446 39.90 5.17 20.02
N TYR F 447 39.37 5.51 18.83
CA TYR F 447 40.19 5.46 17.64
C TYR F 447 41.35 6.45 17.71
N MET F 448 41.15 7.58 18.37
CA MET F 448 42.23 8.57 18.49
C MET F 448 43.37 8.03 19.34
N VAL F 449 43.07 7.33 20.43
CA VAL F 449 44.14 6.85 21.31
C VAL F 449 44.79 5.60 20.72
N VAL F 450 44.06 4.79 19.97
CA VAL F 450 44.65 3.59 19.39
C VAL F 450 45.57 3.93 18.22
N PHE F 451 45.20 4.90 17.39
CA PHE F 451 45.95 5.21 16.18
C PHE F 451 46.75 6.51 16.29
N GLU F 452 47.03 6.98 17.51
CA GLU F 452 47.93 8.11 17.75
C GLU F 452 47.49 9.36 16.98
N ILE F 453 46.27 9.80 17.25
CA ILE F 453 45.67 10.92 16.54
C ILE F 453 45.77 12.15 17.43
N ASP F 454 46.56 13.14 16.99
CA ASP F 454 46.77 14.37 17.76
C ASP F 454 45.97 15.54 17.21
N ASP F 455 46.15 15.85 15.92
CA ASP F 455 45.71 17.11 15.34
C ASP F 455 44.19 17.24 15.20
N LEU F 456 43.41 16.21 15.56
CA LEU F 456 41.96 16.35 15.42
C LEU F 456 41.41 17.34 16.44
N LEU F 457 41.90 17.29 17.68
CA LEU F 457 41.50 18.21 18.73
C LEU F 457 42.73 18.92 19.27
N ASN F 458 42.60 20.23 19.49
CA ASN F 458 43.67 21.00 20.12
C ASN F 458 43.62 20.81 21.63
N GLN F 459 44.29 21.69 22.38
CA GLN F 459 44.32 21.54 23.84
C GLN F 459 42.98 21.91 24.46
N GLU F 460 42.42 23.05 24.06
CA GLU F 460 41.15 23.50 24.65
C GLU F 460 40.03 22.54 24.35
N GLU F 461 39.90 22.10 23.09
CA GLU F 461 38.79 21.22 22.71
C GLU F 461 38.87 19.89 23.45
N LEU F 462 40.07 19.45 23.84
CA LEU F 462 40.19 18.24 24.64
C LEU F 462 39.67 18.48 26.06
N LEU F 463 40.06 19.61 26.66
CA LEU F 463 39.71 19.87 28.06
C LEU F 463 38.20 20.03 28.24
N ASN F 464 37.50 20.53 27.23
CA ASN F 464 36.05 20.65 27.29
C ASN F 464 35.36 19.30 27.41
N LEU F 465 36.07 18.20 27.20
CA LEU F 465 35.48 16.87 27.32
C LEU F 465 35.30 16.46 28.77
N ILE F 466 36.18 16.92 29.67
CA ILE F 466 36.07 16.62 31.08
C ILE F 466 34.93 17.45 31.66
N ASP F 467 33.70 17.00 31.46
CA ASP F 467 32.52 17.76 31.80
C ASP F 467 31.43 16.83 32.31
N LEU F 468 30.30 17.41 32.69
CA LEU F 468 29.16 16.63 33.14
C LEU F 468 28.43 16.02 31.94
N ASN F 469 27.64 14.99 32.23
CA ASN F 469 26.91 14.22 31.21
C ASN F 469 27.83 13.52 30.22
N ILE F 470 29.10 13.34 30.58
CA ILE F 470 30.04 12.53 29.83
C ILE F 470 30.26 11.23 30.60
N ASP F 471 30.37 10.12 29.88
CA ASP F 471 30.48 8.83 30.52
C ASP F 471 31.90 8.58 31.03
N ASP F 472 32.02 7.59 31.91
CA ASP F 472 33.31 7.28 32.53
C ASP F 472 34.35 6.85 31.51
N TYR F 473 33.93 6.10 30.49
CA TYR F 473 34.90 5.57 29.52
C TYR F 473 35.40 6.67 28.59
N SER F 474 34.54 7.62 28.22
CA SER F 474 35.01 8.76 27.42
C SER F 474 35.92 9.66 28.25
N LEU F 475 35.59 9.86 29.53
CA LEU F 475 36.43 10.68 30.39
C LEU F 475 37.82 10.06 30.55
N ILE F 476 37.89 8.74 30.68
CA ILE F 476 39.18 8.06 30.75
C ILE F 476 39.95 8.26 29.46
N LEU F 477 39.27 8.17 28.32
CA LEU F 477 39.97 8.24 27.03
C LEU F 477 40.41 9.67 26.72
N GLY F 478 39.56 10.65 27.02
CA GLY F 478 39.98 12.04 26.84
C GLY F 478 41.15 12.40 27.74
N THR F 479 41.17 11.85 28.96
CA THR F 479 42.32 12.04 29.83
C THR F 479 43.59 11.49 29.19
N ILE F 480 43.50 10.31 28.57
CA ILE F 480 44.66 9.71 27.93
C ILE F 480 45.11 10.56 26.74
N LEU F 481 44.17 11.06 25.95
CA LEU F 481 44.54 11.89 24.80
C LEU F 481 45.25 13.17 25.24
N TYR F 482 44.98 13.63 26.47
CA TYR F 482 45.69 14.78 27.01
C TYR F 482 47.06 14.37 27.56
N LEU F 483 47.14 13.19 28.19
CA LEU F 483 48.40 12.74 28.77
C LEU F 483 49.44 12.43 27.70
N LYS F 484 49.01 11.91 26.54
CA LYS F 484 49.94 11.52 25.49
C LYS F 484 50.53 12.70 24.74
N ASN F 485 50.13 13.92 25.06
CA ASN F 485 50.74 15.12 24.50
C ASN F 485 51.61 15.75 25.59
N SER F 486 52.92 15.47 25.52
CA SER F 486 53.85 16.00 26.51
C SER F 486 53.84 17.53 26.54
N SER F 487 53.49 18.16 25.41
CA SER F 487 53.44 19.61 25.36
C SER F 487 52.36 20.17 26.29
N TYR F 488 51.22 19.49 26.39
CA TYR F 488 50.12 19.96 27.22
C TYR F 488 50.51 19.90 28.69
N LYS F 489 50.10 20.92 29.44
CA LYS F 489 50.44 21.05 30.85
C LYS F 489 49.40 20.35 31.71
N LEU F 490 49.86 19.51 32.64
CA LEU F 490 48.96 18.70 33.45
C LEU F 490 48.10 19.56 34.38
N GLU F 491 48.57 20.75 34.74
CA GLU F 491 47.85 21.57 35.71
C GLU F 491 46.47 21.95 35.20
N LYS F 492 46.35 22.29 33.91
CA LYS F 492 45.05 22.64 33.35
C LYS F 492 44.08 21.46 33.40
N LEU F 493 44.57 20.27 33.07
CA LEU F 493 43.74 19.07 33.17
C LEU F 493 43.38 18.77 34.63
N LEU F 494 44.34 18.91 35.54
CA LEU F 494 44.06 18.70 36.97
C LEU F 494 42.96 19.64 37.45
N LYS F 495 42.94 20.87 36.94
CA LYS F 495 41.86 21.80 37.28
C LYS F 495 40.52 21.27 36.79
N LYS F 496 40.47 20.80 35.53
CA LYS F 496 39.22 20.35 34.96
C LYS F 496 38.72 19.07 35.63
N ILE F 497 39.64 18.26 36.18
CA ILE F 497 39.24 17.00 36.80
C ILE F 497 38.78 17.22 38.23
N ASP F 498 39.54 18.00 39.01
CA ASP F 498 39.11 18.35 40.35
C ASP F 498 37.77 19.08 40.33
N GLN F 499 37.53 19.88 39.28
CA GLN F 499 36.24 20.55 39.15
C GLN F 499 35.10 19.56 38.97
N LEU F 500 35.34 18.48 38.21
CA LEU F 500 34.28 17.54 37.91
C LEU F 500 33.91 16.70 39.14
N PHE F 501 34.91 16.30 39.94
CA PHE F 501 34.62 15.54 41.15
C PHE F 501 33.75 16.35 42.12
N ILE F 502 34.10 17.62 42.31
CA ILE F 502 33.41 18.46 43.28
C ILE F 502 31.97 18.73 42.86
N ASN F 503 31.73 18.86 41.56
CA ASN F 503 30.39 19.19 41.09
C ASN F 503 29.42 18.01 41.24
N THR F 504 29.87 16.80 40.87
CA THR F 504 28.99 15.64 40.97
C THR F 504 28.77 15.24 42.41
N HIS F 505 29.79 15.38 43.26
CA HIS F 505 29.62 15.11 44.69
C HIS F 505 28.60 16.05 45.33
N ALA F 506 28.34 17.21 44.72
CA ALA F 506 27.41 18.16 45.31
C ALA F 506 25.98 17.65 45.26
N ASN F 507 25.66 16.77 44.32
CA ASN F 507 24.29 16.30 44.15
C ASN F 507 23.87 15.28 45.20
N TYR F 508 24.81 14.78 46.00
CA TYR F 508 24.52 13.79 47.02
C TYR F 508 24.53 14.45 48.41
N ASP F 509 24.27 13.63 49.43
CA ASP F 509 24.51 14.05 50.79
C ASP F 509 26.00 14.23 51.03
N VAL F 510 26.34 15.05 52.02
CA VAL F 510 27.76 15.31 52.28
C VAL F 510 28.42 14.07 52.88
N LYS F 511 27.69 13.29 53.67
CA LYS F 511 28.22 12.07 54.27
C LYS F 511 28.27 10.90 53.29
N THR F 512 27.99 11.14 52.02
CA THR F 512 28.05 10.10 51.01
C THR F 512 29.50 9.89 50.57
N SER F 513 29.94 8.63 50.57
CA SER F 513 31.28 8.31 50.12
C SER F 513 31.38 8.46 48.61
N ARG F 514 32.55 8.93 48.15
CA ARG F 514 32.71 9.25 46.74
C ARG F 514 32.61 8.01 45.85
N MET F 515 33.17 6.90 46.30
CA MET F 515 33.17 5.69 45.49
C MET F 515 31.80 5.06 45.32
N ALA F 516 30.78 5.57 46.03
CA ALA F 516 29.42 5.12 45.84
C ALA F 516 28.63 6.04 44.92
N GLU F 517 29.30 6.98 44.28
CA GLU F 517 28.67 7.97 43.42
C GLU F 517 29.05 7.71 41.97
N LYS F 518 28.50 8.55 41.08
CA LYS F 518 28.89 8.50 39.68
C LYS F 518 30.37 8.83 39.54
N LEU F 519 30.89 8.59 38.34
CA LEU F 519 32.31 8.79 38.01
C LEU F 519 33.23 7.90 38.82
N TRP F 520 32.71 6.80 39.38
CA TRP F 520 33.52 5.95 40.25
C TRP F 520 34.68 5.31 39.50
N LEU F 521 34.48 4.97 38.22
CA LEU F 521 35.53 4.33 37.45
C LEU F 521 36.59 5.34 37.02
N PHE F 522 36.16 6.54 36.60
CA PHE F 522 37.11 7.62 36.36
C PHE F 522 37.86 7.98 37.63
N ARG F 523 37.17 7.96 38.77
CA ARG F 523 37.83 8.20 40.06
C ARG F 523 38.91 7.15 40.31
N TYR F 524 38.58 5.88 40.08
CA TYR F 524 39.57 4.82 40.30
C TYR F 524 40.74 4.96 39.34
N PHE F 525 40.48 5.35 38.09
CA PHE F 525 41.57 5.53 37.14
C PHE F 525 42.48 6.66 37.55
N PHE F 526 41.91 7.80 37.94
CA PHE F 526 42.72 8.96 38.32
C PHE F 526 43.55 8.67 39.56
N TYR F 527 42.89 8.14 40.61
CA TYR F 527 43.61 7.81 41.83
C TYR F 527 44.72 6.80 41.57
N PHE F 528 44.46 5.83 40.70
CA PHE F 528 45.46 4.82 40.38
C PHE F 528 46.71 5.43 39.77
N LEU F 529 46.58 6.59 39.11
CA LEU F 529 47.73 7.26 38.52
C LEU F 529 48.47 8.15 39.52
N ASN F 530 47.72 8.90 40.34
CA ASN F 530 48.36 9.70 41.38
C ASN F 530 49.08 8.83 42.40
N CYS F 531 48.55 7.63 42.66
CA CYS F 531 49.18 6.69 43.58
C CYS F 531 50.29 5.89 42.91
N LYS F 532 50.17 5.60 41.62
CA LYS F 532 51.34 5.15 40.87
C LYS F 532 52.30 6.29 40.58
N ASN F 533 51.98 7.49 41.10
CA ASN F 533 52.81 8.69 40.94
C ASN F 533 53.12 8.97 39.47
N ILE F 534 52.23 8.57 38.57
CA ILE F 534 52.24 9.12 37.22
C ILE F 534 51.92 10.60 37.27
N PHE F 535 50.98 10.99 38.13
CA PHE F 535 50.81 12.38 38.52
C PHE F 535 51.79 12.66 39.65
N SER F 536 52.92 13.27 39.31
CA SER F 536 53.92 13.62 40.31
C SER F 536 53.30 14.47 41.41
N GLN F 537 53.58 14.09 42.67
CA GLN F 537 53.13 14.91 43.79
C GLN F 537 53.70 16.33 43.72
N LYS F 538 54.74 16.54 42.91
CA LYS F 538 55.28 17.88 42.70
C LYS F 538 54.41 18.72 41.78
N GLU F 539 53.78 18.12 40.77
CA GLU F 539 52.74 18.81 40.03
C GLU F 539 51.38 18.71 40.72
N ILE F 540 51.19 17.68 41.55
CA ILE F 540 49.95 17.57 42.32
C ILE F 540 49.88 18.67 43.36
N ASN F 541 50.97 18.89 44.11
CA ASN F 541 50.98 19.91 45.15
C ASN F 541 50.88 21.31 44.54
N SER F 542 51.56 21.54 43.41
CA SER F 542 51.53 22.84 42.77
C SER F 542 50.10 23.29 42.47
N TYR F 543 49.24 22.36 42.05
CA TYR F 543 47.87 22.74 41.71
C TYR F 543 47.06 23.05 42.97
N CYS F 544 47.22 22.27 44.03
CA CYS F 544 46.40 22.46 45.22
C CYS F 544 46.73 23.78 45.93
N GLN F 545 47.98 24.24 45.84
CA GLN F 545 48.33 25.55 46.39
C GLN F 545 47.67 26.69 45.62
N SER F 546 47.32 26.48 44.36
CA SER F 546 46.58 27.47 43.56
C SER F 546 45.14 27.64 44.00
N GLN F 547 44.69 26.89 45.02
CA GLN F 547 43.32 26.98 45.50
C GLN F 547 43.24 27.15 47.01
N ASN F 548 44.36 27.47 47.68
CA ASN F 548 44.42 27.62 49.13
C ASN F 548 43.85 26.38 49.84
N TYR F 549 44.08 25.21 49.25
CA TYR F 549 43.57 23.97 49.80
C TYR F 549 44.21 23.68 51.15
N ASN F 550 43.44 23.05 52.03
CA ASN F 550 43.90 22.71 53.36
C ASN F 550 44.66 21.40 53.35
N SER F 551 45.37 21.13 54.44
CA SER F 551 46.12 19.90 54.62
C SER F 551 45.69 19.24 55.92
N GLY F 552 46.24 18.05 56.17
CA GLY F 552 45.90 17.32 57.36
C GLY F 552 46.78 16.11 57.53
N GLN F 553 46.25 15.13 58.27
CA GLN F 553 47.00 13.90 58.53
C GLN F 553 47.35 13.16 57.23
N ASN F 554 46.47 13.23 56.23
CA ASN F 554 46.63 12.47 55.00
C ASN F 554 46.87 13.37 53.80
N GLY F 555 47.54 14.49 53.99
CA GLY F 555 47.90 15.35 52.88
C GLY F 555 46.86 16.39 52.51
N TYR F 556 46.78 16.73 51.23
CA TYR F 556 45.90 17.79 50.78
C TYR F 556 44.45 17.33 50.77
N GLN F 557 43.57 18.13 51.39
CA GLN F 557 42.15 17.81 51.47
C GLN F 557 41.47 18.20 50.15
N THR F 558 41.85 17.46 49.11
CA THR F 558 41.35 17.67 47.76
C THR F 558 40.66 16.41 47.26
N GLU F 559 39.67 16.60 46.39
CA GLU F 559 39.04 15.48 45.71
C GLU F 559 40.02 14.68 44.86
N LEU F 560 41.23 15.19 44.64
CA LEU F 560 42.24 14.48 43.87
C LEU F 560 43.06 13.51 44.71
N ASN F 561 43.30 13.83 45.98
CA ASN F 561 44.12 12.99 46.84
C ASN F 561 43.28 11.81 47.35
N TRP F 562 43.69 10.60 46.99
CA TRP F 562 42.92 9.42 47.39
C TRP F 562 43.03 9.16 48.88
N ASN F 563 44.19 9.44 49.48
CA ASN F 563 44.39 9.20 50.90
C ASN F 563 43.41 9.98 51.76
N TYR F 564 42.78 11.03 51.21
CA TYR F 564 41.81 11.82 51.94
C TYR F 564 40.38 11.34 51.73
N ILE F 565 39.97 11.16 50.46
CA ILE F 565 38.62 10.67 50.16
C ILE F 565 38.45 9.23 50.64
N LYS F 566 39.55 8.50 50.80
CA LYS F 566 39.50 7.12 51.28
C LYS F 566 38.65 6.98 52.54
N GLY F 567 38.74 7.95 53.46
CA GLY F 567 38.08 7.82 54.74
C GLY F 567 36.95 8.81 54.97
N GLN F 568 36.39 9.35 53.90
CA GLN F 568 35.27 10.29 53.99
C GLN F 568 33.95 9.56 53.78
N GLY F 569 32.96 9.91 54.57
CA GLY F 569 31.62 9.37 54.42
C GLY F 569 31.27 8.41 55.55
N LYS F 570 29.96 8.24 55.74
CA LYS F 570 29.48 7.37 56.81
C LYS F 570 29.73 5.91 56.49
N ASP F 571 29.40 5.48 55.28
CA ASP F 571 29.60 4.10 54.84
C ASP F 571 30.85 4.03 53.96
N LEU F 572 31.88 3.37 54.48
CA LEU F 572 33.17 3.27 53.80
C LEU F 572 33.44 1.87 53.26
N ARG F 573 32.42 1.00 53.22
CA ARG F 573 32.62 -0.36 52.71
C ARG F 573 33.11 -0.33 51.27
N ALA F 574 32.55 0.57 50.45
CA ALA F 574 32.98 0.66 49.06
C ALA F 574 34.38 1.27 48.96
N ASN F 575 34.64 2.32 49.74
CA ASN F 575 35.94 2.99 49.67
C ASN F 575 37.07 2.05 50.09
N ASN F 576 36.84 1.21 51.10
CA ASN F 576 37.85 0.25 51.51
C ASN F 576 38.10 -0.80 50.42
N PHE F 577 37.04 -1.24 49.76
CA PHE F 577 37.16 -2.17 48.63
C PHE F 577 38.15 -1.65 47.60
N PHE F 578 37.87 -0.47 47.04
CA PHE F 578 38.75 0.10 46.03
C PHE F 578 40.11 0.47 46.61
N ASN F 579 40.17 0.80 47.90
CA ASN F 579 41.45 1.09 48.54
C ASN F 579 42.40 -0.10 48.45
N GLU F 580 41.91 -1.29 48.85
CA GLU F 580 42.72 -2.50 48.78
C GLU F 580 43.19 -2.76 47.35
N LEU F 581 42.34 -2.44 46.37
CA LEU F 581 42.73 -2.62 44.97
C LEU F 581 43.89 -1.69 44.60
N ILE F 582 43.77 -0.41 44.95
CA ILE F 582 44.85 0.54 44.69
C ILE F 582 46.08 0.18 45.52
N VAL F 583 45.88 -0.34 46.73
CA VAL F 583 47.00 -0.78 47.55
C VAL F 583 47.77 -1.90 46.85
N LYS F 584 47.04 -2.84 46.23
CA LYS F 584 47.66 -3.98 45.55
C LYS F 584 47.88 -3.74 44.06
N GLU F 585 47.89 -2.49 43.62
CA GLU F 585 48.16 -2.12 42.23
C GLU F 585 47.29 -2.93 41.26
N VAL F 586 45.99 -2.90 41.51
CA VAL F 586 45.02 -3.66 40.72
C VAL F 586 44.46 -2.67 39.70
N TRP F 587 45.08 -2.59 38.53
CA TRP F 587 44.57 -1.71 37.50
C TRP F 587 43.26 -2.26 36.95
N LEU F 588 42.30 -1.35 36.74
CA LEU F 588 41.08 -1.67 36.02
C LEU F 588 41.09 -1.16 34.59
N ILE F 589 41.99 -0.23 34.28
CA ILE F 589 42.20 0.28 32.92
C ILE F 589 43.63 -0.01 32.56
N SER F 590 43.83 -0.77 31.49
CA SER F 590 45.17 -1.16 31.07
C SER F 590 45.88 0.00 30.38
N CYS F 591 47.15 0.20 30.74
CA CYS F 591 47.95 1.27 30.16
C CYS F 591 48.79 0.82 28.98
N GLY F 592 48.64 -0.42 28.52
CA GLY F 592 49.44 -0.95 27.45
C GLY F 592 50.64 -1.72 27.96
N GLU F 593 51.29 -2.42 27.01
CA GLU F 593 52.43 -3.27 27.37
C GLU F 593 53.60 -2.44 27.88
N ASN F 594 53.87 -1.31 27.23
CA ASN F 594 54.94 -0.42 27.66
C ASN F 594 54.45 0.67 28.63
N GLU F 595 53.21 0.57 29.10
CA GLU F 595 52.63 1.54 30.04
C GLU F 595 52.73 2.97 29.51
N ASP F 596 52.48 3.14 28.21
CA ASP F 596 52.56 4.44 27.56
C ASP F 596 51.26 4.78 26.82
N PHE F 597 50.19 4.06 27.11
CA PHE F 597 48.90 4.27 26.43
C PHE F 597 49.04 4.16 24.92
N LYS F 598 49.87 3.22 24.48
CA LYS F 598 50.05 2.88 23.07
C LYS F 598 49.69 1.41 22.90
N TYR F 599 48.80 1.13 21.94
CA TYR F 599 48.23 -0.21 21.79
C TYR F 599 48.40 -0.74 20.37
N LEU F 600 49.47 -0.37 19.68
CA LEU F 600 49.77 -0.88 18.35
C LEU F 600 50.98 -1.80 18.44
N ASN F 601 50.79 -3.06 18.04
CA ASN F 601 51.87 -4.04 18.08
C ASN F 601 52.37 -4.38 16.68
#